data_2DMF
#
_entry.id   2DMF
#
_entity_poly.entity_id   1
_entity_poly.type   'polypeptide(L)'
_entity_poly.pdbx_seq_one_letter_code
;GSSGSSGEEDWVLPSEVEVLESIYLDELQVIKGNGRTSPWEIYITLHPATAEDQDSQYVCFTLVLQVPAEYPHEVPQISI
RNPRGLSDEQIHTILQVLGHVAKAGLGTAMLYELIEKGKEILTDNNIPHGQSGPSSG
;
_entity_poly.pdbx_strand_id   A
#
# COMPACT_ATOMS: atom_id res chain seq x y z
N GLY A 1 -8.35 15.75 -17.76
CA GLY A 1 -9.41 16.33 -18.57
C GLY A 1 -10.13 17.47 -17.87
N SER A 2 -9.40 18.54 -17.58
CA SER A 2 -9.97 19.69 -16.89
C SER A 2 -9.04 20.89 -16.98
N SER A 3 -9.46 21.91 -17.74
CA SER A 3 -8.66 23.12 -17.92
C SER A 3 -8.22 23.67 -16.56
N GLY A 4 -6.95 23.52 -16.24
CA GLY A 4 -6.43 24.01 -14.98
C GLY A 4 -5.30 25.00 -15.17
N SER A 5 -5.63 26.25 -15.42
CA SER A 5 -4.63 27.30 -15.63
C SER A 5 -3.65 27.34 -14.46
N SER A 6 -4.18 27.42 -13.24
CA SER A 6 -3.35 27.47 -12.04
C SER A 6 -4.18 27.18 -10.80
N GLY A 7 -3.55 26.55 -9.81
CA GLY A 7 -4.25 26.22 -8.58
C GLY A 7 -3.60 26.85 -7.35
N GLU A 8 -3.38 26.05 -6.32
CA GLU A 8 -2.76 26.53 -5.10
C GLU A 8 -1.56 25.68 -4.72
N GLU A 9 -0.72 26.21 -3.84
CA GLU A 9 0.48 25.50 -3.40
C GLU A 9 0.18 24.66 -2.16
N ASP A 10 -0.97 24.00 -2.16
CA ASP A 10 -1.36 23.16 -1.04
C ASP A 10 -1.31 21.67 -1.42
N TRP A 11 -1.03 20.83 -0.44
CA TRP A 11 -0.95 19.39 -0.68
C TRP A 11 -1.06 18.62 0.64
N VAL A 12 -2.11 17.82 0.75
CA VAL A 12 -2.34 17.02 1.95
C VAL A 12 -1.48 15.76 1.95
N LEU A 13 -1.11 15.30 0.75
CA LEU A 13 -0.29 14.11 0.61
C LEU A 13 0.89 14.13 1.58
N PRO A 14 1.63 15.23 1.57
CA PRO A 14 2.80 15.41 2.44
C PRO A 14 2.41 15.58 3.90
N SER A 15 1.32 16.32 4.14
CA SER A 15 0.84 16.57 5.48
C SER A 15 0.58 15.25 6.22
N GLU A 16 0.21 14.23 5.46
CA GLU A 16 -0.07 12.91 6.03
C GLU A 16 1.21 12.08 6.14
N VAL A 17 2.10 12.25 5.17
CA VAL A 17 3.36 11.52 5.16
C VAL A 17 4.23 11.88 6.35
N GLU A 18 4.40 13.18 6.58
CA GLU A 18 5.20 13.66 7.69
C GLU A 18 4.86 12.91 8.97
N VAL A 19 3.60 12.50 9.10
CA VAL A 19 3.13 11.79 10.28
C VAL A 19 3.47 10.30 10.17
N LEU A 20 3.15 9.71 9.01
CA LEU A 20 3.41 8.30 8.78
C LEU A 20 4.91 7.98 8.95
N GLU A 21 5.76 8.88 8.48
CA GLU A 21 7.20 8.69 8.58
C GLU A 21 7.62 8.52 10.04
N SER A 22 6.80 9.05 10.95
CA SER A 22 7.10 8.95 12.38
C SER A 22 6.58 7.65 12.96
N ILE A 23 5.44 7.18 12.43
CA ILE A 23 4.84 5.94 12.89
C ILE A 23 5.47 4.74 12.20
N TYR A 24 5.38 4.70 10.87
CA TYR A 24 5.95 3.60 10.10
C TYR A 24 7.35 3.95 9.61
N LEU A 25 8.05 4.78 10.37
CA LEU A 25 9.40 5.20 10.01
C LEU A 25 10.13 4.08 9.26
N ASP A 26 10.04 2.87 9.78
CA ASP A 26 10.68 1.72 9.16
C ASP A 26 9.65 0.79 8.52
N GLU A 27 8.55 0.56 9.23
CA GLU A 27 7.49 -0.30 8.73
C GLU A 27 7.09 0.09 7.30
N LEU A 28 7.36 1.34 6.94
CA LEU A 28 7.03 1.83 5.61
C LEU A 28 8.11 2.78 5.11
N GLN A 29 8.31 2.80 3.79
CA GLN A 29 9.31 3.67 3.18
C GLN A 29 8.67 4.64 2.21
N VAL A 30 9.09 5.90 2.26
CA VAL A 30 8.55 6.93 1.38
C VAL A 30 9.62 7.43 0.41
N ILE A 31 9.20 7.75 -0.81
CA ILE A 31 10.12 8.26 -1.83
C ILE A 31 9.59 9.54 -2.46
N LYS A 32 10.48 10.51 -2.66
CA LYS A 32 10.10 11.77 -3.27
C LYS A 32 10.49 11.81 -4.74
N GLY A 33 9.91 12.75 -5.48
CA GLY A 33 10.22 12.88 -6.89
C GLY A 33 10.65 14.28 -7.27
N ASN A 34 10.71 14.56 -8.56
CA ASN A 34 11.11 15.87 -9.06
C ASN A 34 10.50 16.16 -10.42
N GLY A 35 10.24 17.44 -10.69
CA GLY A 35 9.66 17.83 -11.96
C GLY A 35 8.21 18.23 -11.82
N ARG A 36 7.41 17.95 -12.86
CA ARG A 36 6.00 18.29 -12.85
C ARG A 36 5.20 17.26 -12.05
N THR A 37 5.22 16.01 -12.51
CA THR A 37 4.50 14.94 -11.83
C THR A 37 4.99 14.77 -10.39
N SER A 38 6.30 14.79 -10.21
CA SER A 38 6.90 14.64 -8.89
C SER A 38 6.07 13.67 -8.04
N PRO A 39 5.83 12.47 -8.58
CA PRO A 39 5.06 11.43 -7.89
C PRO A 39 5.82 10.85 -6.70
N TRP A 40 5.11 10.70 -5.58
CA TRP A 40 5.72 10.16 -4.36
C TRP A 40 5.44 8.66 -4.24
N GLU A 41 6.48 7.86 -4.35
CA GLU A 41 6.34 6.41 -4.25
C GLU A 41 6.58 5.94 -2.81
N ILE A 42 5.64 5.15 -2.29
CA ILE A 42 5.75 4.64 -0.93
C ILE A 42 5.56 3.12 -0.91
N TYR A 43 6.30 2.45 -0.04
CA TYR A 43 6.21 1.01 0.08
C TYR A 43 5.99 0.59 1.53
N ILE A 44 5.45 -0.61 1.73
CA ILE A 44 5.18 -1.11 3.07
C ILE A 44 4.78 -2.58 3.03
N THR A 45 5.28 -3.36 4.00
CA THR A 45 4.97 -4.78 4.06
C THR A 45 4.10 -5.09 5.28
N LEU A 46 2.83 -5.35 5.02
CA LEU A 46 1.88 -5.66 6.09
C LEU A 46 1.94 -7.14 6.45
N HIS A 47 1.44 -7.48 7.63
CA HIS A 47 1.43 -8.86 8.09
C HIS A 47 0.18 -9.15 8.92
N PRO A 48 -0.33 -10.39 8.81
CA PRO A 48 -1.52 -10.82 9.54
C PRO A 48 -1.27 -10.95 11.04
N ALA A 49 -2.36 -10.96 11.81
CA ALA A 49 -2.26 -11.07 13.26
C ALA A 49 -2.16 -12.53 13.69
N THR A 50 -1.62 -13.36 12.81
CA THR A 50 -1.47 -14.78 13.10
C THR A 50 -0.51 -15.00 14.27
N ALA A 51 -0.65 -16.16 14.92
CA ALA A 51 0.20 -16.49 16.05
C ALA A 51 1.64 -16.71 15.61
N GLU A 52 1.85 -17.69 14.74
CA GLU A 52 3.18 -18.00 14.24
C GLU A 52 4.00 -16.73 14.03
N ASP A 53 3.31 -15.65 13.68
CA ASP A 53 3.96 -14.37 13.44
C ASP A 53 4.99 -14.08 14.52
N GLN A 54 4.62 -14.31 15.78
CA GLN A 54 5.52 -14.07 16.90
C GLN A 54 6.96 -14.40 16.52
N ASP A 55 7.14 -15.41 15.70
CA ASP A 55 8.46 -15.83 15.25
C ASP A 55 8.75 -15.30 13.86
N SER A 56 7.99 -15.79 12.88
CA SER A 56 8.18 -15.38 11.48
C SER A 56 6.83 -15.21 10.80
N GLN A 57 6.83 -14.50 9.67
CA GLN A 57 5.62 -14.26 8.91
C GLN A 57 5.72 -14.87 7.51
N TYR A 58 5.22 -16.09 7.37
CA TYR A 58 5.25 -16.78 6.09
C TYR A 58 4.66 -15.91 4.98
N VAL A 59 3.45 -15.41 5.22
CA VAL A 59 2.77 -14.57 4.25
C VAL A 59 3.12 -13.10 4.47
N CYS A 60 3.42 -12.40 3.37
CA CYS A 60 3.77 -10.98 3.44
C CYS A 60 3.73 -10.35 2.05
N PHE A 61 3.25 -9.11 1.98
CA PHE A 61 3.16 -8.40 0.71
C PHE A 61 3.54 -6.94 0.89
N THR A 62 4.45 -6.47 0.03
CA THR A 62 4.91 -5.09 0.09
C THR A 62 3.92 -4.15 -0.61
N LEU A 63 2.87 -3.77 0.10
CA LEU A 63 1.86 -2.87 -0.45
C LEU A 63 2.50 -1.62 -1.04
N VAL A 64 2.44 -1.52 -2.37
CA VAL A 64 3.01 -0.37 -3.06
C VAL A 64 1.97 0.73 -3.25
N LEU A 65 2.34 1.95 -2.88
CA LEU A 65 1.44 3.09 -3.02
C LEU A 65 2.12 4.23 -3.78
N GLN A 66 1.74 4.39 -5.04
CA GLN A 66 2.31 5.44 -5.88
C GLN A 66 1.38 6.65 -5.94
N VAL A 67 1.75 7.71 -5.22
CA VAL A 67 0.95 8.93 -5.19
C VAL A 67 1.36 9.88 -6.31
N PRO A 68 0.47 10.02 -7.30
CA PRO A 68 0.71 10.91 -8.46
C PRO A 68 0.68 12.38 -8.07
N ALA A 69 0.65 13.25 -9.09
CA ALA A 69 0.61 14.68 -8.86
C ALA A 69 -0.81 15.15 -8.54
N GLU A 70 -1.80 14.49 -9.14
CA GLU A 70 -3.19 14.84 -8.93
C GLU A 70 -3.60 14.56 -7.49
N TYR A 71 -3.15 13.45 -6.95
CA TYR A 71 -3.47 13.08 -5.57
C TYR A 71 -3.64 14.30 -4.69
N PRO A 72 -4.62 14.25 -3.78
CA PRO A 72 -5.48 13.07 -3.62
C PRO A 72 -6.44 12.89 -4.79
N HIS A 73 -6.76 13.99 -5.46
CA HIS A 73 -7.67 13.95 -6.60
C HIS A 73 -7.57 12.62 -7.33
N GLU A 74 -6.35 12.10 -7.45
CA GLU A 74 -6.12 10.83 -8.13
C GLU A 74 -5.63 9.78 -7.14
N VAL A 75 -6.30 8.63 -7.14
CA VAL A 75 -5.92 7.53 -6.24
C VAL A 75 -4.52 7.02 -6.56
N PRO A 76 -3.79 6.64 -5.51
CA PRO A 76 -2.42 6.12 -5.63
C PRO A 76 -2.39 4.73 -6.29
N GLN A 77 -1.51 4.57 -7.27
CA GLN A 77 -1.37 3.30 -7.97
C GLN A 77 -1.04 2.17 -6.99
N ILE A 78 -2.03 1.32 -6.74
CA ILE A 78 -1.85 0.20 -5.82
C ILE A 78 -1.37 -1.04 -6.57
N SER A 79 -0.30 -1.65 -6.06
CA SER A 79 0.25 -2.85 -6.69
C SER A 79 0.95 -3.73 -5.64
N ILE A 80 0.73 -5.03 -5.75
CA ILE A 80 1.32 -5.99 -4.82
C ILE A 80 2.72 -6.38 -5.26
N ARG A 81 3.71 -6.15 -4.40
CA ARG A 81 5.09 -6.49 -4.69
C ARG A 81 5.61 -7.57 -3.76
N ASN A 82 6.26 -8.58 -4.33
CA ASN A 82 6.81 -9.67 -3.55
C ASN A 82 5.70 -10.39 -2.77
N PRO A 83 4.64 -10.78 -3.48
CA PRO A 83 3.50 -11.48 -2.88
C PRO A 83 3.85 -12.90 -2.44
N ARG A 84 3.96 -13.09 -1.12
CA ARG A 84 4.29 -14.39 -0.56
C ARG A 84 3.04 -15.09 -0.04
N GLY A 85 2.89 -16.38 -0.36
CA GLY A 85 1.74 -17.14 0.08
C GLY A 85 0.51 -16.86 -0.75
N LEU A 86 0.27 -15.59 -1.05
CA LEU A 86 -0.89 -15.19 -1.84
C LEU A 86 -0.73 -15.63 -3.30
N SER A 87 -1.85 -15.86 -3.96
CA SER A 87 -1.83 -16.28 -5.36
C SER A 87 -2.44 -15.22 -6.26
N ASP A 88 -2.15 -15.30 -7.56
CA ASP A 88 -2.67 -14.34 -8.52
C ASP A 88 -4.12 -13.99 -8.20
N GLU A 89 -4.92 -15.00 -7.89
CA GLU A 89 -6.34 -14.79 -7.57
C GLU A 89 -6.49 -13.92 -6.33
N GLN A 90 -5.94 -14.39 -5.21
CA GLN A 90 -6.03 -13.65 -3.95
C GLN A 90 -5.52 -12.22 -4.13
N ILE A 91 -4.32 -12.09 -4.68
CA ILE A 91 -3.72 -10.77 -4.91
C ILE A 91 -4.70 -9.85 -5.63
N HIS A 92 -5.26 -10.35 -6.72
CA HIS A 92 -6.22 -9.57 -7.51
C HIS A 92 -7.24 -8.89 -6.61
N THR A 93 -7.84 -9.66 -5.71
CA THR A 93 -8.84 -9.15 -4.79
C THR A 93 -8.27 -8.01 -3.94
N ILE A 94 -7.15 -8.28 -3.28
CA ILE A 94 -6.51 -7.29 -2.43
C ILE A 94 -6.46 -5.93 -3.12
N LEU A 95 -6.02 -5.92 -4.37
CA LEU A 95 -5.93 -4.68 -5.14
C LEU A 95 -7.30 -4.04 -5.29
N GLN A 96 -8.21 -4.74 -5.94
CA GLN A 96 -9.57 -4.24 -6.15
C GLN A 96 -10.09 -3.56 -4.89
N VAL A 97 -10.05 -4.27 -3.77
CA VAL A 97 -10.52 -3.74 -2.51
C VAL A 97 -9.76 -2.47 -2.13
N LEU A 98 -8.47 -2.61 -1.89
CA LEU A 98 -7.63 -1.46 -1.53
C LEU A 98 -7.97 -0.24 -2.37
N GLY A 99 -8.15 -0.46 -3.67
CA GLY A 99 -8.48 0.63 -4.57
C GLY A 99 -9.80 1.29 -4.22
N HIS A 100 -10.82 0.47 -4.00
CA HIS A 100 -12.15 0.98 -3.66
C HIS A 100 -12.06 2.02 -2.53
N VAL A 101 -11.29 1.69 -1.50
CA VAL A 101 -11.13 2.60 -0.37
C VAL A 101 -10.64 3.97 -0.82
N ALA A 102 -9.66 3.98 -1.72
CA ALA A 102 -9.11 5.23 -2.23
C ALA A 102 -10.18 6.04 -2.96
N LYS A 103 -10.73 5.47 -4.02
CA LYS A 103 -11.77 6.14 -4.80
C LYS A 103 -12.82 6.76 -3.89
N ALA A 104 -13.17 6.04 -2.82
CA ALA A 104 -14.17 6.51 -1.87
C ALA A 104 -13.60 7.63 -1.00
N GLY A 105 -12.29 7.61 -0.81
CA GLY A 105 -11.64 8.62 0.01
C GLY A 105 -10.83 9.60 -0.82
N LEU A 106 -11.35 9.96 -1.99
CA LEU A 106 -10.67 10.89 -2.87
C LEU A 106 -10.71 12.31 -2.31
N GLY A 107 -9.72 13.12 -2.68
CA GLY A 107 -9.66 14.49 -2.20
C GLY A 107 -9.06 14.59 -0.81
N THR A 108 -9.32 13.58 0.03
CA THR A 108 -8.79 13.57 1.38
C THR A 108 -7.76 12.46 1.56
N ALA A 109 -6.99 12.54 2.64
CA ALA A 109 -5.98 11.53 2.93
C ALA A 109 -6.56 10.13 2.86
N MET A 110 -5.84 9.23 2.20
CA MET A 110 -6.29 7.84 2.07
C MET A 110 -5.14 6.88 2.34
N LEU A 111 -3.95 7.24 1.89
CA LEU A 111 -2.77 6.39 2.08
C LEU A 111 -2.86 5.63 3.41
N TYR A 112 -2.77 6.38 4.51
CA TYR A 112 -2.84 5.77 5.83
C TYR A 112 -3.89 4.68 5.88
N GLU A 113 -5.11 5.01 5.47
CA GLU A 113 -6.21 4.05 5.47
C GLU A 113 -5.89 2.86 4.56
N LEU A 114 -5.69 3.14 3.27
CA LEU A 114 -5.39 2.10 2.30
C LEU A 114 -4.50 1.03 2.92
N ILE A 115 -3.51 1.46 3.70
CA ILE A 115 -2.60 0.53 4.36
C ILE A 115 -3.34 -0.38 5.34
N GLU A 116 -4.12 0.24 6.22
CA GLU A 116 -4.88 -0.51 7.21
C GLU A 116 -5.64 -1.66 6.56
N LYS A 117 -6.45 -1.33 5.56
CA LYS A 117 -7.23 -2.35 4.84
C LYS A 117 -6.38 -3.58 4.53
N GLY A 118 -5.25 -3.35 3.89
CA GLY A 118 -4.36 -4.45 3.54
C GLY A 118 -4.22 -5.46 4.67
N LYS A 119 -4.00 -4.95 5.88
CA LYS A 119 -3.84 -5.81 7.05
C LYS A 119 -5.06 -6.70 7.23
N GLU A 120 -6.23 -6.09 7.34
CA GLU A 120 -7.47 -6.84 7.52
C GLU A 120 -7.65 -7.87 6.41
N ILE A 121 -7.68 -7.41 5.18
CA ILE A 121 -7.84 -8.30 4.03
C ILE A 121 -7.08 -9.61 4.24
N LEU A 122 -5.76 -9.50 4.39
CA LEU A 122 -4.92 -10.67 4.60
C LEU A 122 -5.44 -11.51 5.77
N THR A 123 -5.62 -10.87 6.92
CA THR A 123 -6.11 -11.55 8.11
C THR A 123 -7.14 -12.62 7.74
N ASP A 124 -8.00 -12.30 6.78
CA ASP A 124 -9.02 -13.22 6.34
C ASP A 124 -8.43 -14.34 5.48
N ASN A 125 -7.76 -13.95 4.40
CA ASN A 125 -7.15 -14.91 3.50
C ASN A 125 -5.70 -15.16 3.87
N ASN A 126 -5.46 -15.37 5.16
CA ASN A 126 -4.10 -15.62 5.66
C ASN A 126 -3.59 -16.97 5.17
N ILE A 127 -4.39 -18.00 5.35
CA ILE A 127 -4.02 -19.35 4.92
C ILE A 127 -3.76 -19.41 3.43
N PRO A 128 -2.68 -20.10 3.03
CA PRO A 128 -2.30 -20.25 1.62
C PRO A 128 -3.28 -21.13 0.84
N HIS A 129 -3.34 -20.92 -0.47
CA HIS A 129 -4.23 -21.70 -1.32
C HIS A 129 -3.91 -23.19 -1.24
N GLY A 130 -4.93 -23.99 -0.96
CA GLY A 130 -4.74 -25.42 -0.86
C GLY A 130 -5.21 -26.16 -2.09
N GLN A 131 -6.28 -26.93 -1.95
CA GLN A 131 -6.83 -27.70 -3.06
C GLN A 131 -7.19 -26.78 -4.22
N SER A 132 -6.87 -27.21 -5.44
CA SER A 132 -7.16 -26.43 -6.64
C SER A 132 -8.65 -26.42 -6.93
N GLY A 133 -9.24 -25.23 -6.93
CA GLY A 133 -10.67 -25.11 -7.21
C GLY A 133 -11.41 -24.45 -6.07
N PRO A 134 -12.17 -23.39 -6.39
CA PRO A 134 -12.96 -22.64 -5.41
C PRO A 134 -14.14 -23.45 -4.88
N SER A 135 -14.06 -23.84 -3.61
CA SER A 135 -15.13 -24.62 -2.98
C SER A 135 -16.49 -24.04 -3.32
N SER A 136 -16.63 -22.72 -3.16
CA SER A 136 -17.89 -22.04 -3.44
C SER A 136 -17.96 -21.62 -4.90
N GLY A 137 -19.15 -21.70 -5.48
CA GLY A 137 -19.33 -21.32 -6.88
C GLY A 137 -20.55 -21.96 -7.50
N GLY A 1 11.46 29.50 -15.32
CA GLY A 1 11.62 28.59 -14.20
C GLY A 1 11.22 27.17 -14.55
N SER A 2 12.18 26.25 -14.45
CA SER A 2 11.93 24.85 -14.77
C SER A 2 12.43 23.95 -13.65
N SER A 3 12.18 24.36 -12.40
CA SER A 3 12.61 23.59 -11.24
C SER A 3 11.44 23.34 -10.29
N GLY A 4 10.77 24.42 -9.89
CA GLY A 4 9.64 24.30 -8.99
C GLY A 4 8.50 25.21 -9.38
N SER A 5 7.39 24.61 -9.83
CA SER A 5 6.23 25.38 -10.24
C SER A 5 4.96 24.79 -9.64
N SER A 6 4.41 25.48 -8.64
CA SER A 6 3.19 25.02 -7.99
C SER A 6 2.06 26.04 -8.17
N GLY A 7 0.82 25.54 -8.16
CA GLY A 7 -0.33 26.40 -8.32
C GLY A 7 -1.56 25.88 -7.61
N GLU A 8 -1.39 25.45 -6.36
CA GLU A 8 -2.50 24.91 -5.59
C GLU A 8 -2.48 25.46 -4.16
N GLU A 9 -3.62 25.37 -3.48
CA GLU A 9 -3.73 25.86 -2.11
C GLU A 9 -2.73 25.15 -1.21
N ASP A 10 -2.83 23.83 -1.13
CA ASP A 10 -1.93 23.04 -0.30
C ASP A 10 -1.97 21.58 -0.70
N TRP A 11 -1.00 20.80 -0.21
CA TRP A 11 -0.93 19.39 -0.52
C TRP A 11 -0.99 18.54 0.74
N VAL A 12 -2.02 17.72 0.85
CA VAL A 12 -2.21 16.86 2.02
C VAL A 12 -1.35 15.61 1.92
N LEU A 13 -0.99 15.24 0.68
CA LEU A 13 -0.17 14.06 0.46
C LEU A 13 1.07 14.08 1.35
N PRO A 14 1.81 15.19 1.33
CA PRO A 14 3.02 15.36 2.13
C PRO A 14 2.71 15.47 3.62
N SER A 15 1.76 16.32 3.97
CA SER A 15 1.37 16.52 5.36
C SER A 15 1.05 15.19 6.03
N GLU A 16 0.24 14.38 5.36
CA GLU A 16 -0.16 13.08 5.88
C GLU A 16 1.06 12.18 6.07
N VAL A 17 2.03 12.32 5.18
CA VAL A 17 3.25 11.52 5.25
C VAL A 17 4.03 11.81 6.51
N GLU A 18 4.09 13.07 6.89
CA GLU A 18 4.80 13.47 8.10
C GLU A 18 4.41 12.59 9.28
N VAL A 19 3.11 12.44 9.50
CA VAL A 19 2.61 11.63 10.60
C VAL A 19 2.88 10.15 10.35
N LEU A 20 2.89 9.76 9.08
CA LEU A 20 3.14 8.37 8.70
C LEU A 20 4.59 7.98 8.97
N GLU A 21 5.50 8.92 8.76
CA GLU A 21 6.92 8.67 8.98
C GLU A 21 7.21 8.46 10.47
N SER A 22 6.41 9.12 11.32
CA SER A 22 6.58 8.99 12.77
C SER A 22 6.15 7.62 13.25
N ILE A 23 5.09 7.09 12.64
CA ILE A 23 4.58 5.78 13.02
C ILE A 23 5.27 4.67 12.24
N TYR A 24 5.19 4.75 10.91
CA TYR A 24 5.81 3.75 10.05
C TYR A 24 7.16 4.24 9.53
N LEU A 25 7.95 4.82 10.43
CA LEU A 25 9.27 5.33 10.06
C LEU A 25 10.00 4.35 9.15
N ASP A 26 10.08 3.09 9.57
CA ASP A 26 10.74 2.06 8.78
C ASP A 26 9.72 1.14 8.12
N GLU A 27 8.78 0.65 8.91
CA GLU A 27 7.74 -0.24 8.40
C GLU A 27 7.27 0.20 7.02
N LEU A 28 7.42 1.49 6.74
CA LEU A 28 7.01 2.05 5.45
C LEU A 28 8.09 2.95 4.88
N GLN A 29 8.32 2.85 3.57
CA GLN A 29 9.33 3.67 2.91
C GLN A 29 8.67 4.78 2.10
N VAL A 30 9.21 6.00 2.24
CA VAL A 30 8.67 7.14 1.51
C VAL A 30 9.72 7.73 0.57
N ILE A 31 9.38 7.84 -0.70
CA ILE A 31 10.29 8.39 -1.70
C ILE A 31 9.71 9.66 -2.33
N LYS A 32 10.59 10.62 -2.60
CA LYS A 32 10.16 11.88 -3.20
C LYS A 32 10.56 11.94 -4.67
N GLY A 33 9.86 12.77 -5.44
CA GLY A 33 10.15 12.89 -6.86
C GLY A 33 10.61 14.29 -7.23
N ASN A 34 11.00 14.47 -8.48
CA ASN A 34 11.46 15.77 -8.96
C ASN A 34 10.99 16.02 -10.39
N GLY A 35 10.51 17.23 -10.63
CA GLY A 35 10.03 17.58 -11.96
C GLY A 35 8.55 17.95 -11.97
N ARG A 36 7.86 17.53 -13.02
CA ARG A 36 6.43 17.83 -13.14
C ARG A 36 5.60 16.87 -12.31
N THR A 37 5.50 15.62 -12.78
CA THR A 37 4.73 14.61 -12.08
C THR A 37 5.22 14.43 -10.65
N SER A 38 6.53 14.43 -10.46
CA SER A 38 7.13 14.28 -9.14
C SER A 38 6.28 13.35 -8.28
N PRO A 39 6.00 12.14 -8.81
CA PRO A 39 5.21 11.14 -8.10
C PRO A 39 5.95 10.55 -6.90
N TRP A 40 5.25 10.46 -5.77
CA TRP A 40 5.85 9.91 -4.55
C TRP A 40 5.58 8.42 -4.44
N GLU A 41 6.65 7.63 -4.42
CA GLU A 41 6.52 6.17 -4.32
C GLU A 41 6.69 5.72 -2.87
N ILE A 42 5.66 5.05 -2.35
CA ILE A 42 5.70 4.56 -0.97
C ILE A 42 5.53 3.05 -0.93
N TYR A 43 6.30 2.40 -0.07
CA TYR A 43 6.25 0.95 0.07
C TYR A 43 5.85 0.55 1.50
N ILE A 44 5.39 -0.68 1.65
CA ILE A 44 4.98 -1.18 2.96
C ILE A 44 4.67 -2.68 2.90
N THR A 45 5.14 -3.40 3.91
CA THR A 45 4.91 -4.85 3.98
C THR A 45 4.07 -5.22 5.19
N LEU A 46 2.79 -5.49 4.96
CA LEU A 46 1.88 -5.86 6.04
C LEU A 46 2.13 -7.29 6.49
N HIS A 47 1.90 -7.55 7.78
CA HIS A 47 2.09 -8.89 8.34
C HIS A 47 0.88 -9.30 9.17
N PRO A 48 0.58 -10.61 9.13
CA PRO A 48 -0.56 -11.16 9.88
C PRO A 48 -0.33 -11.16 11.39
N ALA A 49 -1.24 -11.78 12.13
CA ALA A 49 -1.13 -11.85 13.58
C ALA A 49 -1.38 -13.26 14.08
N THR A 50 -0.33 -14.08 14.07
CA THR A 50 -0.42 -15.46 14.52
C THR A 50 0.62 -15.76 15.60
N ALA A 51 0.25 -16.61 16.55
CA ALA A 51 1.14 -16.97 17.63
C ALA A 51 2.59 -17.05 17.15
N GLU A 52 2.83 -17.94 16.19
CA GLU A 52 4.17 -18.12 15.63
C GLU A 52 4.41 -17.17 14.46
N ASP A 53 4.20 -15.88 14.71
CA ASP A 53 4.39 -14.87 13.68
C ASP A 53 5.25 -13.72 14.20
N GLN A 54 4.97 -13.28 15.42
CA GLN A 54 5.72 -12.19 16.03
C GLN A 54 7.20 -12.27 15.66
N ASP A 55 7.68 -13.48 15.44
CA ASP A 55 9.08 -13.69 15.08
C ASP A 55 9.29 -13.51 13.58
N SER A 56 8.50 -14.22 12.79
CA SER A 56 8.60 -14.14 11.34
C SER A 56 7.22 -14.19 10.69
N GLN A 57 7.08 -13.49 9.58
CA GLN A 57 5.80 -13.45 8.86
C GLN A 57 5.87 -14.26 7.57
N TYR A 58 5.52 -15.55 7.66
CA TYR A 58 5.54 -16.43 6.51
C TYR A 58 4.80 -15.81 5.33
N VAL A 59 3.61 -15.27 5.61
CA VAL A 59 2.80 -14.65 4.57
C VAL A 59 2.82 -13.13 4.69
N CYS A 60 3.23 -12.46 3.62
CA CYS A 60 3.30 -11.01 3.61
C CYS A 60 3.36 -10.47 2.18
N PHE A 61 2.73 -9.32 1.96
CA PHE A 61 2.70 -8.71 0.64
C PHE A 61 3.07 -7.24 0.72
N THR A 62 4.03 -6.83 -0.11
CA THR A 62 4.49 -5.43 -0.13
C THR A 62 3.47 -4.54 -0.82
N LEU A 63 2.65 -3.86 -0.02
CA LEU A 63 1.62 -2.97 -0.55
C LEU A 63 2.26 -1.72 -1.17
N VAL A 64 2.41 -1.73 -2.48
CA VAL A 64 2.99 -0.59 -3.19
C VAL A 64 1.98 0.53 -3.36
N LEU A 65 2.33 1.72 -2.86
CA LEU A 65 1.46 2.88 -2.95
C LEU A 65 2.12 4.00 -3.73
N GLN A 66 1.72 4.18 -4.99
CA GLN A 66 2.28 5.23 -5.84
C GLN A 66 1.35 6.44 -5.89
N VAL A 67 1.77 7.52 -5.25
CA VAL A 67 0.97 8.75 -5.23
C VAL A 67 1.36 9.67 -6.37
N PRO A 68 0.48 9.78 -7.38
CA PRO A 68 0.70 10.63 -8.55
C PRO A 68 0.65 12.12 -8.21
N ALA A 69 0.69 12.95 -9.24
CA ALA A 69 0.65 14.39 -9.06
C ALA A 69 -0.77 14.86 -8.74
N GLU A 70 -1.76 14.23 -9.37
CA GLU A 70 -3.15 14.58 -9.16
C GLU A 70 -3.54 14.39 -7.70
N TYR A 71 -3.07 13.30 -7.10
CA TYR A 71 -3.38 13.00 -5.71
C TYR A 71 -3.51 14.28 -4.89
N PRO A 72 -4.49 14.31 -3.97
CA PRO A 72 -5.40 13.17 -3.75
C PRO A 72 -6.36 12.97 -4.91
N HIS A 73 -6.67 14.05 -5.63
CA HIS A 73 -7.57 13.98 -6.77
C HIS A 73 -7.49 12.63 -7.45
N GLU A 74 -6.27 12.13 -7.62
CA GLU A 74 -6.06 10.84 -8.26
C GLU A 74 -5.60 9.79 -7.25
N VAL A 75 -6.30 8.66 -7.21
CA VAL A 75 -5.96 7.58 -6.29
C VAL A 75 -4.58 7.01 -6.60
N PRO A 76 -3.86 6.60 -5.54
CA PRO A 76 -2.52 6.03 -5.67
C PRO A 76 -2.54 4.65 -6.31
N GLN A 77 -1.72 4.46 -7.33
CA GLN A 77 -1.64 3.18 -8.04
C GLN A 77 -1.25 2.07 -7.07
N ILE A 78 -2.20 1.20 -6.75
CA ILE A 78 -1.95 0.08 -5.84
C ILE A 78 -1.52 -1.16 -6.60
N SER A 79 -0.43 -1.77 -6.16
CA SER A 79 0.09 -2.97 -6.81
C SER A 79 0.84 -3.85 -5.81
N ILE A 80 0.69 -5.16 -5.96
CA ILE A 80 1.34 -6.12 -5.07
C ILE A 80 2.72 -6.50 -5.61
N ARG A 81 3.76 -6.19 -4.85
CA ARG A 81 5.13 -6.52 -5.26
C ARG A 81 5.75 -7.50 -4.28
N ASN A 82 6.56 -8.43 -4.81
CA ASN A 82 7.22 -9.42 -3.98
C ASN A 82 6.21 -10.20 -3.15
N PRO A 83 5.15 -10.68 -3.80
CA PRO A 83 4.09 -11.45 -3.15
C PRO A 83 4.56 -12.83 -2.70
N ARG A 84 4.45 -13.11 -1.40
CA ARG A 84 4.87 -14.39 -0.86
C ARG A 84 3.66 -15.18 -0.34
N GLY A 85 3.51 -16.40 -0.82
CA GLY A 85 2.40 -17.23 -0.38
C GLY A 85 1.14 -16.97 -1.18
N LEU A 86 0.84 -15.70 -1.41
CA LEU A 86 -0.35 -15.32 -2.16
C LEU A 86 -0.19 -15.65 -3.65
N SER A 87 -1.31 -15.68 -4.37
CA SER A 87 -1.28 -15.98 -5.80
C SER A 87 -1.94 -14.86 -6.59
N ASP A 88 -1.92 -15.00 -7.92
CA ASP A 88 -2.52 -13.99 -8.80
C ASP A 88 -3.97 -13.73 -8.41
N GLU A 89 -4.71 -14.81 -8.12
CA GLU A 89 -6.11 -14.70 -7.75
C GLU A 89 -6.27 -13.83 -6.51
N GLN A 90 -5.58 -14.20 -5.43
CA GLN A 90 -5.65 -13.46 -4.18
C GLN A 90 -5.32 -11.99 -4.40
N ILE A 91 -4.18 -11.74 -5.03
CA ILE A 91 -3.75 -10.37 -5.30
C ILE A 91 -4.82 -9.60 -6.06
N HIS A 92 -5.45 -10.26 -7.03
CA HIS A 92 -6.50 -9.63 -7.83
C HIS A 92 -7.56 -9.00 -6.92
N THR A 93 -7.99 -9.76 -5.91
CA THR A 93 -9.00 -9.29 -4.99
C THR A 93 -8.48 -8.13 -4.13
N ILE A 94 -7.32 -8.34 -3.52
CA ILE A 94 -6.71 -7.32 -2.68
C ILE A 94 -6.71 -5.95 -3.39
N LEU A 95 -6.23 -5.93 -4.61
CA LEU A 95 -6.17 -4.70 -5.40
C LEU A 95 -7.51 -3.99 -5.37
N GLN A 96 -8.54 -4.64 -5.91
CA GLN A 96 -9.88 -4.06 -5.94
C GLN A 96 -10.20 -3.37 -4.63
N VAL A 97 -10.05 -4.09 -3.53
CA VAL A 97 -10.33 -3.54 -2.21
C VAL A 97 -9.56 -2.25 -1.97
N LEU A 98 -8.25 -2.37 -1.84
CA LEU A 98 -7.39 -1.20 -1.61
C LEU A 98 -7.80 -0.05 -2.51
N GLY A 99 -8.12 -0.36 -3.76
CA GLY A 99 -8.52 0.67 -4.70
C GLY A 99 -9.84 1.32 -4.32
N HIS A 100 -10.82 0.51 -3.96
CA HIS A 100 -12.13 1.01 -3.57
C HIS A 100 -12.00 2.07 -2.49
N VAL A 101 -11.22 1.78 -1.46
CA VAL A 101 -11.01 2.71 -0.36
C VAL A 101 -10.48 4.04 -0.87
N ALA A 102 -9.53 3.98 -1.79
CA ALA A 102 -8.93 5.19 -2.37
C ALA A 102 -9.98 6.02 -3.09
N LYS A 103 -10.56 5.45 -4.14
CA LYS A 103 -11.59 6.14 -4.92
C LYS A 103 -12.63 6.77 -4.02
N ALA A 104 -13.04 6.03 -2.99
CA ALA A 104 -14.05 6.51 -2.05
C ALA A 104 -13.48 7.63 -1.17
N GLY A 105 -12.17 7.61 -0.99
CA GLY A 105 -11.52 8.63 -0.18
C GLY A 105 -10.71 9.61 -1.00
N LEU A 106 -11.25 10.00 -2.15
CA LEU A 106 -10.57 10.94 -3.03
C LEU A 106 -10.56 12.34 -2.44
N GLY A 107 -9.75 13.21 -3.02
CA GLY A 107 -9.66 14.59 -2.54
C GLY A 107 -9.35 14.65 -1.06
N THR A 108 -8.91 13.53 -0.49
CA THR A 108 -8.58 13.47 0.93
C THR A 108 -7.44 12.49 1.18
N ALA A 109 -7.10 12.29 2.45
CA ALA A 109 -6.03 11.38 2.82
C ALA A 109 -6.53 9.94 2.86
N MET A 110 -5.86 9.06 2.11
CA MET A 110 -6.24 7.66 2.05
C MET A 110 -5.04 6.77 2.35
N LEU A 111 -3.86 7.20 1.91
CA LEU A 111 -2.63 6.44 2.13
C LEU A 111 -2.69 5.68 3.46
N TYR A 112 -2.82 6.43 4.54
CA TYR A 112 -2.88 5.83 5.88
C TYR A 112 -3.92 4.71 5.92
N GLU A 113 -5.15 5.05 5.51
CA GLU A 113 -6.23 4.07 5.51
C GLU A 113 -5.86 2.85 4.68
N LEU A 114 -5.61 3.08 3.39
CA LEU A 114 -5.25 1.99 2.49
C LEU A 114 -4.39 0.94 3.19
N ILE A 115 -3.41 1.42 3.97
CA ILE A 115 -2.53 0.53 4.71
C ILE A 115 -3.32 -0.38 5.64
N GLU A 116 -4.13 0.22 6.50
CA GLU A 116 -4.94 -0.54 7.45
C GLU A 116 -5.72 -1.64 6.74
N LYS A 117 -6.57 -1.25 5.78
CA LYS A 117 -7.36 -2.21 5.03
C LYS A 117 -6.56 -3.45 4.69
N GLY A 118 -5.44 -3.25 3.98
CA GLY A 118 -4.60 -4.37 3.61
C GLY A 118 -4.42 -5.37 4.73
N LYS A 119 -4.14 -4.86 5.92
CA LYS A 119 -3.95 -5.72 7.09
C LYS A 119 -5.16 -6.62 7.32
N GLU A 120 -6.32 -5.99 7.53
CA GLU A 120 -7.55 -6.74 7.76
C GLU A 120 -7.70 -7.86 6.74
N ILE A 121 -7.40 -7.56 5.48
CA ILE A 121 -7.51 -8.54 4.41
C ILE A 121 -6.61 -9.75 4.68
N LEU A 122 -5.35 -9.50 4.96
CA LEU A 122 -4.39 -10.56 5.24
C LEU A 122 -4.84 -11.37 6.46
N THR A 123 -5.17 -10.67 7.54
CA THR A 123 -5.61 -11.32 8.77
C THR A 123 -6.86 -12.15 8.53
N ASP A 124 -7.78 -11.62 7.73
CA ASP A 124 -9.03 -12.32 7.43
C ASP A 124 -8.75 -13.70 6.85
N ASN A 125 -8.01 -13.74 5.76
CA ASN A 125 -7.66 -15.01 5.11
C ASN A 125 -6.51 -15.69 5.82
N ASN A 126 -5.31 -15.12 5.67
CA ASN A 126 -4.12 -15.68 6.30
C ASN A 126 -3.93 -17.14 5.91
N ILE A 127 -4.45 -17.50 4.74
CA ILE A 127 -4.33 -18.87 4.26
C ILE A 127 -3.49 -18.93 2.99
N PRO A 128 -2.45 -19.78 3.01
CA PRO A 128 -1.54 -19.95 1.87
C PRO A 128 -2.21 -20.65 0.69
N HIS A 129 -2.73 -19.85 -0.24
CA HIS A 129 -3.41 -20.40 -1.41
C HIS A 129 -2.61 -21.55 -2.03
N GLY A 130 -1.38 -21.24 -2.43
CA GLY A 130 -0.53 -22.26 -3.02
C GLY A 130 0.77 -21.69 -3.55
N GLN A 131 1.37 -22.39 -4.51
CA GLN A 131 2.63 -21.95 -5.10
C GLN A 131 2.43 -21.47 -6.53
N SER A 132 3.09 -20.38 -6.90
CA SER A 132 2.97 -19.82 -8.24
C SER A 132 3.78 -20.64 -9.24
N GLY A 133 3.28 -20.74 -10.46
CA GLY A 133 3.96 -21.49 -11.49
C GLY A 133 3.13 -21.64 -12.75
N PRO A 134 3.67 -22.38 -13.73
CA PRO A 134 2.98 -22.62 -15.00
C PRO A 134 1.76 -23.53 -14.85
N SER A 135 0.98 -23.65 -15.91
CA SER A 135 -0.22 -24.49 -15.89
C SER A 135 0.07 -25.86 -16.47
N SER A 136 0.37 -26.82 -15.59
CA SER A 136 0.66 -28.18 -16.02
C SER A 136 1.84 -28.21 -16.98
N GLY A 137 2.87 -27.41 -16.68
CA GLY A 137 4.04 -27.35 -17.54
C GLY A 137 5.03 -26.30 -17.08
N GLY A 1 -10.74 35.20 1.25
CA GLY A 1 -11.59 35.93 0.33
C GLY A 1 -10.90 36.23 -0.98
N SER A 2 -11.28 37.34 -1.61
CA SER A 2 -10.69 37.73 -2.88
C SER A 2 -10.86 36.62 -3.93
N SER A 3 -12.03 36.00 -3.93
CA SER A 3 -12.32 34.92 -4.87
C SER A 3 -11.39 33.73 -4.63
N GLY A 4 -11.11 33.45 -3.36
CA GLY A 4 -10.23 32.35 -3.02
C GLY A 4 -8.88 32.46 -3.69
N SER A 5 -8.12 33.50 -3.32
CA SER A 5 -6.79 33.71 -3.90
C SER A 5 -5.83 32.60 -3.47
N SER A 6 -5.02 32.13 -4.42
CA SER A 6 -4.06 31.07 -4.15
C SER A 6 -3.02 31.53 -3.14
N GLY A 7 -2.68 30.65 -2.20
CA GLY A 7 -1.69 30.98 -1.19
C GLY A 7 -0.61 29.92 -1.07
N GLU A 8 -1.03 28.67 -0.95
CA GLU A 8 -0.08 27.57 -0.82
C GLU A 8 -0.55 26.36 -1.63
N GLU A 9 0.34 25.38 -1.80
CA GLU A 9 0.03 24.18 -2.55
C GLU A 9 -1.15 23.44 -1.91
N ASP A 10 -1.33 23.63 -0.61
CA ASP A 10 -2.42 22.98 0.11
C ASP A 10 -2.44 21.49 -0.16
N TRP A 11 -1.26 20.89 -0.26
CA TRP A 11 -1.14 19.46 -0.53
C TRP A 11 -1.28 18.66 0.76
N VAL A 12 -2.19 17.68 0.74
CA VAL A 12 -2.42 16.84 1.91
C VAL A 12 -1.61 15.55 1.82
N LEU A 13 -1.19 15.20 0.61
CA LEU A 13 -0.40 13.99 0.39
C LEU A 13 0.74 13.89 1.39
N PRO A 14 1.52 14.97 1.52
CA PRO A 14 2.65 15.03 2.45
C PRO A 14 2.21 15.07 3.90
N SER A 15 1.20 15.89 4.19
CA SER A 15 0.69 16.02 5.55
C SER A 15 0.50 14.64 6.20
N GLU A 16 -0.02 13.70 5.41
CA GLU A 16 -0.25 12.35 5.91
C GLU A 16 1.06 11.61 6.11
N VAL A 17 2.03 11.90 5.24
CA VAL A 17 3.34 11.26 5.32
C VAL A 17 4.01 11.55 6.66
N GLU A 18 4.03 12.81 7.05
CA GLU A 18 4.64 13.22 8.31
C GLU A 18 4.14 12.34 9.46
N VAL A 19 2.84 12.10 9.50
CA VAL A 19 2.24 11.28 10.55
C VAL A 19 2.63 9.83 10.39
N LEU A 20 2.59 9.34 9.16
CA LEU A 20 2.94 7.95 8.87
C LEU A 20 4.39 7.66 9.26
N GLU A 21 5.32 8.39 8.67
CA GLU A 21 6.73 8.22 8.96
C GLU A 21 6.97 8.04 10.46
N SER A 22 6.03 8.55 11.25
CA SER A 22 6.13 8.45 12.71
C SER A 22 5.65 7.09 13.20
N ILE A 23 4.56 6.60 12.60
CA ILE A 23 4.00 5.32 12.98
C ILE A 23 4.66 4.18 12.19
N TYR A 24 4.65 4.30 10.87
CA TYR A 24 5.24 3.29 10.00
C TYR A 24 6.67 3.67 9.62
N LEU A 25 7.35 4.38 10.52
CA LEU A 25 8.72 4.81 10.27
C LEU A 25 9.47 3.79 9.42
N ASP A 26 9.46 2.54 9.88
CA ASP A 26 10.14 1.46 9.17
C ASP A 26 9.13 0.63 8.37
N GLU A 27 8.00 0.33 8.99
CA GLU A 27 6.96 -0.46 8.34
C GLU A 27 6.65 0.08 6.95
N LEU A 28 7.01 1.33 6.72
CA LEU A 28 6.78 1.98 5.43
C LEU A 28 7.93 2.91 5.06
N GLN A 29 8.09 3.15 3.76
CA GLN A 29 9.15 4.02 3.28
C GLN A 29 8.60 5.07 2.32
N VAL A 30 9.21 6.24 2.33
CA VAL A 30 8.79 7.34 1.46
C VAL A 30 9.95 7.87 0.63
N ILE A 31 9.85 7.72 -0.68
CA ILE A 31 10.89 8.18 -1.60
C ILE A 31 10.45 9.44 -2.34
N LYS A 32 10.86 10.60 -1.83
CA LYS A 32 10.52 11.87 -2.45
C LYS A 32 10.88 11.87 -3.93
N GLY A 33 9.97 12.39 -4.75
CA GLY A 33 10.22 12.45 -6.18
C GLY A 33 10.34 13.87 -6.70
N ASN A 34 10.75 14.01 -7.95
CA ASN A 34 10.91 15.32 -8.56
C ASN A 34 11.25 15.20 -10.05
N GLY A 35 10.32 15.63 -10.89
CA GLY A 35 10.53 15.55 -12.33
C GLY A 35 9.31 15.98 -13.12
N ARG A 36 8.67 15.02 -13.77
CA ARG A 36 7.47 15.30 -14.57
C ARG A 36 6.31 15.71 -13.68
N THR A 37 5.87 14.79 -12.83
CA THR A 37 4.76 15.06 -11.91
C THR A 37 5.20 14.97 -10.46
N SER A 38 6.51 14.88 -10.25
CA SER A 38 7.06 14.78 -8.90
C SER A 38 6.25 13.81 -8.05
N PRO A 39 6.00 12.61 -8.60
CA PRO A 39 5.23 11.57 -7.91
C PRO A 39 5.98 10.99 -6.72
N TRP A 40 5.26 10.73 -5.64
CA TRP A 40 5.86 10.16 -4.43
C TRP A 40 5.59 8.66 -4.34
N GLU A 41 6.67 7.88 -4.25
CA GLU A 41 6.55 6.44 -4.17
C GLU A 41 6.69 5.97 -2.71
N ILE A 42 5.72 5.19 -2.25
CA ILE A 42 5.72 4.68 -0.89
C ILE A 42 5.56 3.17 -0.86
N TYR A 43 6.35 2.50 -0.04
CA TYR A 43 6.29 1.04 0.07
C TYR A 43 5.90 0.63 1.48
N ILE A 44 5.35 -0.58 1.61
CA ILE A 44 4.95 -1.10 2.91
C ILE A 44 4.71 -2.61 2.84
N THR A 45 5.11 -3.30 3.90
CA THR A 45 4.94 -4.75 3.97
C THR A 45 3.93 -5.14 5.05
N LEU A 46 2.74 -5.54 4.62
CA LEU A 46 1.69 -5.94 5.54
C LEU A 46 2.03 -7.26 6.23
N HIS A 47 1.64 -7.39 7.49
CA HIS A 47 1.91 -8.60 8.25
C HIS A 47 0.67 -9.03 9.04
N PRO A 48 0.51 -10.35 9.20
CA PRO A 48 -0.63 -10.92 9.93
C PRO A 48 -0.57 -10.65 11.43
N ALA A 49 -1.73 -10.50 12.06
CA ALA A 49 -1.79 -10.24 13.49
C ALA A 49 -1.13 -11.36 14.28
N THR A 50 0.11 -11.14 14.69
CA THR A 50 0.85 -12.14 15.46
C THR A 50 1.86 -11.48 16.39
N ALA A 51 2.17 -12.15 17.50
CA ALA A 51 3.12 -11.63 18.47
C ALA A 51 4.44 -11.26 17.79
N GLU A 52 5.42 -10.86 18.59
CA GLU A 52 6.72 -10.48 18.07
C GLU A 52 7.57 -11.71 17.74
N ASP A 53 6.95 -12.67 17.06
CA ASP A 53 7.64 -13.90 16.68
C ASP A 53 7.44 -14.20 15.19
N GLN A 54 8.22 -13.50 14.36
CA GLN A 54 8.12 -13.69 12.91
C GLN A 54 9.52 -13.85 12.30
N ASP A 55 9.79 -15.05 11.80
CA ASP A 55 11.09 -15.33 11.18
C ASP A 55 10.91 -15.77 9.73
N SER A 56 10.01 -16.72 9.51
CA SER A 56 9.75 -17.24 8.17
C SER A 56 9.16 -16.14 7.28
N GLN A 57 7.99 -15.65 7.66
CA GLN A 57 7.32 -14.60 6.90
C GLN A 57 6.81 -15.15 5.57
N TYR A 58 6.17 -16.31 5.61
CA TYR A 58 5.63 -16.93 4.41
C TYR A 58 4.64 -16.01 3.70
N VAL A 59 3.80 -15.36 4.49
CA VAL A 59 2.80 -14.44 3.95
C VAL A 59 3.26 -13.00 4.07
N CYS A 60 3.48 -12.36 2.93
CA CYS A 60 3.92 -10.96 2.91
C CYS A 60 3.80 -10.37 1.51
N PHE A 61 3.15 -9.22 1.40
CA PHE A 61 2.98 -8.56 0.12
C PHE A 61 3.32 -7.08 0.22
N THR A 62 4.36 -6.67 -0.51
CA THR A 62 4.80 -5.28 -0.50
C THR A 62 3.79 -4.39 -1.23
N LEU A 63 2.87 -3.79 -0.48
CA LEU A 63 1.86 -2.91 -1.06
C LEU A 63 2.51 -1.63 -1.60
N VAL A 64 2.72 -1.59 -2.91
CA VAL A 64 3.31 -0.43 -3.55
C VAL A 64 2.28 0.66 -3.77
N LEU A 65 2.52 1.83 -3.17
CA LEU A 65 1.61 2.96 -3.29
C LEU A 65 2.28 4.11 -4.05
N GLN A 66 1.87 4.30 -5.30
CA GLN A 66 2.43 5.37 -6.12
C GLN A 66 1.50 6.58 -6.16
N VAL A 67 1.76 7.55 -5.29
CA VAL A 67 0.94 8.75 -5.22
C VAL A 67 1.39 9.79 -6.25
N PRO A 68 0.56 10.00 -7.28
CA PRO A 68 0.84 10.96 -8.35
C PRO A 68 0.78 12.40 -7.87
N ALA A 69 0.80 13.34 -8.81
CA ALA A 69 0.75 14.75 -8.48
C ALA A 69 -0.69 15.21 -8.25
N GLU A 70 -1.63 14.61 -9.00
CA GLU A 70 -3.04 14.96 -8.88
C GLU A 70 -3.55 14.68 -7.47
N TYR A 71 -3.12 13.55 -6.92
CA TYR A 71 -3.53 13.16 -5.57
C TYR A 71 -3.70 14.38 -4.67
N PRO A 72 -4.72 14.34 -3.80
CA PRO A 72 -5.64 13.21 -3.71
C PRO A 72 -6.55 13.10 -4.94
N HIS A 73 -6.80 14.24 -5.58
CA HIS A 73 -7.65 14.27 -6.77
C HIS A 73 -7.54 12.97 -7.55
N GLU A 74 -6.33 12.43 -7.63
CA GLU A 74 -6.09 11.18 -8.34
C GLU A 74 -5.62 10.08 -7.40
N VAL A 75 -6.22 8.91 -7.53
CA VAL A 75 -5.88 7.77 -6.68
C VAL A 75 -4.50 7.24 -7.02
N PRO A 76 -3.74 6.84 -5.98
CA PRO A 76 -2.38 6.30 -6.14
C PRO A 76 -2.38 4.93 -6.80
N GLN A 77 -1.52 4.76 -7.80
CA GLN A 77 -1.42 3.50 -8.51
C GLN A 77 -0.99 2.38 -7.57
N ILE A 78 -1.94 1.57 -7.13
CA ILE A 78 -1.65 0.46 -6.23
C ILE A 78 -1.19 -0.78 -6.99
N SER A 79 -0.12 -1.40 -6.52
CA SER A 79 0.42 -2.59 -7.16
C SER A 79 1.13 -3.48 -6.15
N ILE A 80 0.96 -4.79 -6.29
CA ILE A 80 1.59 -5.75 -5.39
C ILE A 80 2.96 -6.18 -5.92
N ARG A 81 3.89 -6.39 -5.01
CA ARG A 81 5.24 -6.81 -5.39
C ARG A 81 5.80 -7.80 -4.36
N ASN A 82 6.43 -8.86 -4.87
CA ASN A 82 7.01 -9.89 -4.00
C ASN A 82 5.93 -10.55 -3.15
N PRO A 83 4.81 -10.90 -3.79
CA PRO A 83 3.68 -11.55 -3.11
C PRO A 83 4.00 -12.98 -2.69
N ARG A 84 3.97 -13.24 -1.38
CA ARG A 84 4.26 -14.56 -0.86
C ARG A 84 3.08 -15.09 -0.05
N GLY A 85 2.81 -16.39 -0.19
CA GLY A 85 1.70 -16.99 0.53
C GLY A 85 0.38 -16.81 -0.17
N LEU A 86 0.12 -15.61 -0.67
CA LEU A 86 -1.13 -15.31 -1.36
C LEU A 86 -1.13 -15.95 -2.74
N SER A 87 -2.33 -16.17 -3.28
CA SER A 87 -2.48 -16.78 -4.60
C SER A 87 -2.98 -15.74 -5.61
N ASP A 88 -2.64 -15.97 -6.89
CA ASP A 88 -3.05 -15.07 -7.95
C ASP A 88 -4.45 -14.50 -7.68
N GLU A 89 -5.36 -15.38 -7.27
CA GLU A 89 -6.73 -14.97 -6.98
C GLU A 89 -6.77 -13.99 -5.81
N GLN A 90 -6.42 -14.47 -4.63
CA GLN A 90 -6.41 -13.63 -3.43
C GLN A 90 -5.83 -12.26 -3.74
N ILE A 91 -4.67 -12.24 -4.39
CA ILE A 91 -4.01 -10.98 -4.73
C ILE A 91 -4.98 -10.04 -5.44
N HIS A 92 -5.45 -10.45 -6.61
CA HIS A 92 -6.39 -9.63 -7.38
C HIS A 92 -7.36 -8.91 -6.47
N THR A 93 -7.93 -9.63 -5.51
CA THR A 93 -8.88 -9.05 -4.57
C THR A 93 -8.24 -7.90 -3.79
N ILE A 94 -7.08 -8.15 -3.22
CA ILE A 94 -6.37 -7.13 -2.45
C ILE A 94 -6.46 -5.77 -3.13
N LEU A 95 -6.18 -5.74 -4.43
CA LEU A 95 -6.23 -4.50 -5.20
C LEU A 95 -7.64 -3.93 -5.20
N GLN A 96 -8.58 -4.67 -5.75
CA GLN A 96 -9.97 -4.22 -5.81
C GLN A 96 -10.38 -3.51 -4.53
N VAL A 97 -9.80 -3.94 -3.41
CA VAL A 97 -10.11 -3.35 -2.12
C VAL A 97 -9.28 -2.07 -1.90
N LEU A 98 -7.99 -2.24 -1.66
CA LEU A 98 -7.09 -1.11 -1.44
C LEU A 98 -7.44 0.05 -2.37
N GLY A 99 -7.68 -0.28 -3.64
CA GLY A 99 -8.02 0.75 -4.61
C GLY A 99 -9.36 1.38 -4.34
N HIS A 100 -10.35 0.56 -4.01
CA HIS A 100 -11.70 1.04 -3.72
C HIS A 100 -11.66 2.14 -2.66
N VAL A 101 -10.92 1.89 -1.58
CA VAL A 101 -10.80 2.85 -0.49
C VAL A 101 -10.35 4.22 -1.01
N ALA A 102 -9.40 4.20 -1.94
CA ALA A 102 -8.88 5.44 -2.52
C ALA A 102 -9.99 6.22 -3.23
N LYS A 103 -10.60 5.58 -4.22
CA LYS A 103 -11.67 6.22 -4.99
C LYS A 103 -12.79 6.68 -4.06
N ALA A 104 -12.93 6.02 -2.93
CA ALA A 104 -13.96 6.37 -1.95
C ALA A 104 -13.48 7.50 -1.04
N GLY A 105 -12.17 7.72 -1.00
CA GLY A 105 -11.62 8.76 -0.17
C GLY A 105 -10.88 9.82 -0.96
N LEU A 106 -11.41 10.15 -2.14
CA LEU A 106 -10.79 11.14 -3.02
C LEU A 106 -10.99 12.55 -2.45
N GLY A 107 -10.03 13.42 -2.72
CA GLY A 107 -10.11 14.79 -2.23
C GLY A 107 -9.53 14.96 -0.84
N THR A 108 -9.33 13.83 -0.16
CA THR A 108 -8.77 13.86 1.19
C THR A 108 -7.68 12.80 1.35
N ALA A 109 -7.09 12.74 2.54
CA ALA A 109 -6.04 11.78 2.83
C ALA A 109 -6.57 10.35 2.77
N MET A 110 -5.84 9.48 2.07
CA MET A 110 -6.24 8.09 1.94
C MET A 110 -5.09 7.15 2.29
N LEU A 111 -3.89 7.54 1.88
CA LEU A 111 -2.69 6.74 2.14
C LEU A 111 -2.84 5.97 3.46
N TYR A 112 -2.84 6.71 4.57
CA TYR A 112 -2.96 6.10 5.89
C TYR A 112 -4.01 5.00 5.87
N GLU A 113 -5.17 5.28 5.29
CA GLU A 113 -6.25 4.32 5.20
C GLU A 113 -5.86 3.12 4.33
N LEU A 114 -5.52 3.40 3.08
CA LEU A 114 -5.12 2.36 2.15
C LEU A 114 -4.34 1.26 2.86
N ILE A 115 -3.53 1.66 3.83
CA ILE A 115 -2.73 0.71 4.59
C ILE A 115 -3.59 -0.08 5.58
N GLU A 116 -4.13 0.62 6.57
CA GLU A 116 -4.97 -0.01 7.57
C GLU A 116 -5.85 -1.09 6.94
N LYS A 117 -6.49 -0.76 5.83
CA LYS A 117 -7.36 -1.70 5.13
C LYS A 117 -6.63 -3.02 4.85
N GLY A 118 -5.53 -2.93 4.11
CA GLY A 118 -4.76 -4.12 3.80
C GLY A 118 -4.50 -4.98 5.01
N LYS A 119 -4.17 -4.35 6.13
CA LYS A 119 -3.89 -5.06 7.37
C LYS A 119 -4.96 -6.12 7.63
N GLU A 120 -6.22 -5.71 7.53
CA GLU A 120 -7.34 -6.63 7.76
C GLU A 120 -7.28 -7.80 6.78
N ILE A 121 -7.22 -7.49 5.49
CA ILE A 121 -7.18 -8.51 4.44
C ILE A 121 -6.22 -9.63 4.84
N LEU A 122 -4.95 -9.30 4.98
CA LEU A 122 -3.94 -10.29 5.35
C LEU A 122 -4.48 -11.26 6.39
N THR A 123 -4.92 -10.73 7.53
CA THR A 123 -5.47 -11.57 8.59
C THR A 123 -6.43 -12.61 8.04
N ASP A 124 -7.51 -12.15 7.44
CA ASP A 124 -8.52 -13.03 6.87
C ASP A 124 -7.85 -14.21 6.15
N ASN A 125 -6.83 -13.91 5.35
CA ASN A 125 -6.11 -14.94 4.61
C ASN A 125 -4.61 -14.78 4.77
N ASN A 126 -4.08 -15.24 5.90
CA ASN A 126 -2.65 -15.14 6.17
C ASN A 126 -2.00 -16.53 6.21
N ILE A 127 -2.72 -17.48 6.78
CA ILE A 127 -2.21 -18.85 6.88
C ILE A 127 -2.22 -19.54 5.53
N PRO A 128 -1.16 -20.30 5.23
CA PRO A 128 -1.02 -21.02 3.96
C PRO A 128 -2.00 -22.19 3.86
N HIS A 129 -2.93 -22.11 2.93
CA HIS A 129 -3.91 -23.16 2.72
C HIS A 129 -3.82 -23.74 1.31
N GLY A 130 -4.29 -24.97 1.15
CA GLY A 130 -4.25 -25.61 -0.16
C GLY A 130 -3.64 -26.99 -0.10
N GLN A 131 -4.39 -27.95 0.45
CA GLN A 131 -3.91 -29.32 0.56
C GLN A 131 -2.65 -29.39 1.42
N SER A 132 -2.66 -28.66 2.53
CA SER A 132 -1.52 -28.64 3.44
C SER A 132 -1.70 -29.65 4.57
N GLY A 133 -2.90 -29.68 5.14
CA GLY A 133 -3.19 -30.60 6.22
C GLY A 133 -3.35 -29.90 7.55
N PRO A 134 -3.33 -30.68 8.64
CA PRO A 134 -3.48 -30.14 9.99
C PRO A 134 -2.28 -29.32 10.43
N SER A 135 -2.35 -28.01 10.23
CA SER A 135 -1.27 -27.11 10.61
C SER A 135 -0.95 -27.23 12.09
N SER A 136 -1.99 -27.22 12.92
CA SER A 136 -1.82 -27.33 14.37
C SER A 136 -1.33 -28.71 14.76
N GLY A 137 -0.30 -28.75 15.59
CA GLY A 137 0.26 -30.02 16.03
C GLY A 137 1.67 -29.89 16.56
N GLY A 1 19.58 15.21 -2.10
CA GLY A 1 19.32 15.32 -3.53
C GLY A 1 19.18 16.76 -3.99
N SER A 2 19.83 17.09 -5.10
CA SER A 2 19.78 18.44 -5.63
C SER A 2 18.38 18.77 -6.16
N SER A 3 17.76 19.80 -5.59
CA SER A 3 16.42 20.20 -6.00
C SER A 3 16.32 21.73 -6.11
N GLY A 4 15.55 22.20 -7.06
CA GLY A 4 15.38 23.63 -7.25
C GLY A 4 13.93 24.02 -7.49
N SER A 5 13.07 23.71 -6.54
CA SER A 5 11.65 24.02 -6.66
C SER A 5 11.17 24.83 -5.46
N SER A 6 10.36 25.85 -5.72
CA SER A 6 9.84 26.71 -4.67
C SER A 6 8.94 25.91 -3.72
N GLY A 7 8.15 25.00 -4.29
CA GLY A 7 7.25 24.19 -3.49
C GLY A 7 6.24 25.02 -2.73
N GLU A 8 4.98 24.60 -2.77
CA GLU A 8 3.91 25.32 -2.08
C GLU A 8 3.30 24.45 -0.99
N GLU A 9 2.45 25.06 -0.17
CA GLU A 9 1.79 24.34 0.93
C GLU A 9 0.36 23.99 0.55
N ASP A 10 0.16 23.53 -0.68
CA ASP A 10 -1.16 23.15 -1.15
C ASP A 10 -1.22 21.67 -1.50
N TRP A 11 -0.69 20.84 -0.61
CA TRP A 11 -0.67 19.39 -0.81
C TRP A 11 -0.70 18.66 0.53
N VAL A 12 -1.77 17.92 0.77
CA VAL A 12 -1.91 17.16 2.01
C VAL A 12 -1.13 15.86 1.95
N LEU A 13 -0.88 15.38 0.73
CA LEU A 13 -0.13 14.14 0.54
C LEU A 13 1.13 14.12 1.39
N PRO A 14 1.92 15.20 1.28
CA PRO A 14 3.18 15.34 2.03
C PRO A 14 2.94 15.55 3.52
N SER A 15 1.97 16.40 3.84
CA SER A 15 1.64 16.69 5.23
C SER A 15 1.34 15.40 6.00
N GLU A 16 0.46 14.58 5.46
CA GLU A 16 0.09 13.32 6.10
C GLU A 16 1.31 12.42 6.27
N VAL A 17 2.11 12.32 5.21
CA VAL A 17 3.31 11.48 5.23
C VAL A 17 4.17 11.79 6.46
N GLU A 18 4.25 13.07 6.81
CA GLU A 18 5.03 13.50 7.97
C GLU A 18 4.68 12.68 9.20
N VAL A 19 3.38 12.51 9.45
CA VAL A 19 2.91 11.74 10.59
C VAL A 19 3.21 10.26 10.42
N LEU A 20 2.89 9.73 9.25
CA LEU A 20 3.12 8.32 8.95
C LEU A 20 4.56 7.93 9.28
N GLU A 21 5.51 8.61 8.66
CA GLU A 21 6.92 8.35 8.89
C GLU A 21 7.21 8.17 10.38
N SER A 22 6.47 8.89 11.21
CA SER A 22 6.63 8.81 12.65
C SER A 22 6.14 7.48 13.20
N ILE A 23 5.08 6.96 12.59
CA ILE A 23 4.50 5.69 13.01
C ILE A 23 5.17 4.52 12.28
N TYR A 24 5.11 4.54 10.96
CA TYR A 24 5.71 3.48 10.15
C TYR A 24 7.08 3.90 9.63
N LEU A 25 7.88 4.53 10.49
CA LEU A 25 9.20 4.98 10.12
C LEU A 25 9.92 3.93 9.28
N ASP A 26 9.87 2.68 9.73
CA ASP A 26 10.51 1.58 9.03
C ASP A 26 9.48 0.71 8.32
N GLU A 27 8.44 0.33 9.04
CA GLU A 27 7.38 -0.51 8.49
C GLU A 27 7.02 -0.05 7.07
N LEU A 28 7.20 1.23 6.80
CA LEU A 28 6.91 1.78 5.48
C LEU A 28 8.01 2.73 5.03
N GLN A 29 8.15 2.87 3.71
CA GLN A 29 9.17 3.75 3.15
C GLN A 29 8.56 4.71 2.13
N VAL A 30 8.92 5.99 2.22
CA VAL A 30 8.41 6.99 1.30
C VAL A 30 9.51 7.50 0.38
N ILE A 31 9.19 7.61 -0.91
CA ILE A 31 10.16 8.08 -1.89
C ILE A 31 9.58 9.23 -2.71
N LYS A 32 10.32 10.34 -2.77
CA LYS A 32 9.89 11.50 -3.53
C LYS A 32 10.42 11.46 -4.96
N GLY A 33 9.62 11.94 -5.90
CA GLY A 33 10.03 11.94 -7.29
C GLY A 33 9.34 13.04 -8.09
N ASN A 34 10.08 13.64 -9.02
CA ASN A 34 9.55 14.71 -9.85
C ASN A 34 8.98 14.16 -11.15
N GLY A 35 9.77 13.35 -11.84
CA GLY A 35 9.34 12.77 -13.10
C GLY A 35 8.38 13.66 -13.86
N ARG A 36 7.25 13.12 -14.25
CA ARG A 36 6.24 13.88 -14.99
C ARG A 36 5.15 14.40 -14.05
N THR A 37 4.50 13.48 -13.35
CA THR A 37 3.44 13.84 -12.42
C THR A 37 3.95 13.89 -10.98
N SER A 38 5.26 14.05 -10.84
CA SER A 38 5.88 14.11 -9.52
C SER A 38 5.23 13.12 -8.57
N PRO A 39 5.10 11.85 -9.03
CA PRO A 39 4.49 10.78 -8.23
C PRO A 39 5.37 10.37 -7.06
N TRP A 40 4.73 9.88 -5.99
CA TRP A 40 5.46 9.45 -4.80
C TRP A 40 5.23 7.96 -4.53
N GLU A 41 6.31 7.20 -4.57
CA GLU A 41 6.23 5.76 -4.33
C GLU A 41 6.43 5.44 -2.86
N ILE A 42 5.49 4.70 -2.29
CA ILE A 42 5.55 4.32 -0.88
C ILE A 42 5.39 2.81 -0.71
N TYR A 43 6.34 2.19 -0.03
CA TYR A 43 6.29 0.75 0.22
C TYR A 43 5.96 0.45 1.68
N ILE A 44 5.31 -0.68 1.90
CA ILE A 44 4.95 -1.09 3.25
C ILE A 44 4.65 -2.59 3.32
N THR A 45 5.37 -3.28 4.20
CA THR A 45 5.20 -4.72 4.36
C THR A 45 4.22 -5.03 5.49
N LEU A 46 2.96 -5.25 5.12
CA LEU A 46 1.93 -5.56 6.11
C LEU A 46 2.11 -6.96 6.67
N HIS A 47 1.69 -7.17 7.91
CA HIS A 47 1.80 -8.46 8.57
C HIS A 47 0.47 -8.89 9.16
N PRO A 48 0.19 -10.21 9.11
CA PRO A 48 -1.06 -10.77 9.64
C PRO A 48 -1.11 -10.72 11.16
N ALA A 49 -2.22 -11.19 11.72
CA ALA A 49 -2.40 -11.19 13.17
C ALA A 49 -2.68 -12.60 13.68
N THR A 50 -2.16 -13.60 12.96
CA THR A 50 -2.36 -15.00 13.35
C THR A 50 -2.18 -15.18 14.85
N ALA A 51 -2.71 -16.28 15.36
CA ALA A 51 -2.62 -16.59 16.78
C ALA A 51 -1.25 -16.20 17.34
N GLU A 52 -0.22 -16.94 16.92
CA GLU A 52 1.13 -16.68 17.38
C GLU A 52 2.06 -16.43 16.20
N ASP A 53 1.86 -17.17 15.12
CA ASP A 53 2.67 -17.04 13.92
C ASP A 53 3.12 -15.59 13.73
N GLN A 54 2.19 -14.66 13.91
CA GLN A 54 2.47 -13.24 13.76
C GLN A 54 3.90 -12.92 14.20
N ASP A 55 4.26 -13.42 15.37
CA ASP A 55 5.60 -13.19 15.92
C ASP A 55 6.65 -13.19 14.81
N SER A 56 6.75 -14.32 14.10
CA SER A 56 7.71 -14.45 13.01
C SER A 56 7.16 -13.88 11.71
N GLN A 57 7.99 -13.82 10.69
CA GLN A 57 7.59 -13.29 9.39
C GLN A 57 7.58 -14.39 8.33
N TYR A 58 6.40 -14.88 8.01
CA TYR A 58 6.26 -15.93 7.00
C TYR A 58 5.56 -15.40 5.75
N VAL A 59 4.32 -14.95 5.92
CA VAL A 59 3.53 -14.41 4.81
C VAL A 59 3.47 -12.90 4.86
N CYS A 60 3.67 -12.26 3.72
CA CYS A 60 3.64 -10.81 3.63
C CYS A 60 3.59 -10.35 2.18
N PHE A 61 3.18 -9.10 1.98
CA PHE A 61 3.08 -8.53 0.63
C PHE A 61 3.36 -7.04 0.65
N THR A 62 4.44 -6.63 -0.02
CA THR A 62 4.81 -5.22 -0.08
C THR A 62 3.75 -4.40 -0.81
N LEU A 63 2.92 -3.71 -0.04
CA LEU A 63 1.87 -2.88 -0.62
C LEU A 63 2.44 -1.61 -1.23
N VAL A 64 2.58 -1.59 -2.55
CA VAL A 64 3.11 -0.44 -3.26
C VAL A 64 2.05 0.66 -3.40
N LEU A 65 2.41 1.87 -2.96
CA LEU A 65 1.49 2.99 -3.04
C LEU A 65 2.12 4.16 -3.80
N GLN A 66 1.62 4.39 -5.01
CA GLN A 66 2.13 5.47 -5.86
C GLN A 66 1.17 6.65 -5.87
N VAL A 67 1.51 7.70 -5.12
CA VAL A 67 0.67 8.89 -5.05
C VAL A 67 1.10 9.91 -6.09
N PRO A 68 0.28 10.06 -7.14
CA PRO A 68 0.56 11.02 -8.22
C PRO A 68 0.40 12.47 -7.78
N ALA A 69 0.54 13.39 -8.72
CA ALA A 69 0.41 14.81 -8.42
C ALA A 69 -1.05 15.18 -8.12
N GLU A 70 -1.96 14.69 -8.95
CA GLU A 70 -3.38 14.96 -8.77
C GLU A 70 -3.82 14.67 -7.35
N TYR A 71 -3.38 13.52 -6.83
CA TYR A 71 -3.74 13.11 -5.47
C TYR A 71 -3.89 14.32 -4.56
N PRO A 72 -4.86 14.25 -3.64
CA PRO A 72 -5.73 13.08 -3.50
C PRO A 72 -6.70 12.93 -4.66
N HIS A 73 -7.03 14.05 -5.30
CA HIS A 73 -7.95 14.05 -6.44
C HIS A 73 -7.84 12.74 -7.21
N GLU A 74 -6.61 12.26 -7.38
CA GLU A 74 -6.36 11.02 -8.11
C GLU A 74 -5.86 9.92 -7.16
N VAL A 75 -6.52 8.77 -7.21
CA VAL A 75 -6.16 7.64 -6.37
C VAL A 75 -4.78 7.09 -6.76
N PRO A 76 -4.00 6.69 -5.74
CA PRO A 76 -2.65 6.14 -5.95
C PRO A 76 -2.69 4.77 -6.59
N GLN A 77 -1.69 4.48 -7.42
CA GLN A 77 -1.60 3.19 -8.10
C GLN A 77 -1.19 2.09 -7.12
N ILE A 78 -2.17 1.29 -6.69
CA ILE A 78 -1.90 0.19 -5.76
C ILE A 78 -1.50 -1.08 -6.51
N SER A 79 -0.39 -1.67 -6.09
CA SER A 79 0.11 -2.88 -6.71
C SER A 79 0.83 -3.76 -5.69
N ILE A 80 0.74 -5.07 -5.88
CA ILE A 80 1.37 -6.02 -4.98
C ILE A 80 2.79 -6.35 -5.44
N ARG A 81 3.76 -6.13 -4.55
CA ARG A 81 5.16 -6.40 -4.87
C ARG A 81 5.72 -7.48 -3.94
N ASN A 82 6.67 -8.26 -4.46
CA ASN A 82 7.29 -9.32 -3.68
C ASN A 82 6.24 -10.19 -3.00
N PRO A 83 5.27 -10.68 -3.80
CA PRO A 83 4.18 -11.52 -3.30
C PRO A 83 4.68 -12.91 -2.88
N ARG A 84 4.53 -13.23 -1.60
CA ARG A 84 4.95 -14.51 -1.06
C ARG A 84 3.80 -15.21 -0.35
N GLY A 85 3.53 -16.45 -0.76
CA GLY A 85 2.45 -17.21 -0.14
C GLY A 85 1.13 -17.00 -0.85
N LEU A 86 0.82 -15.74 -1.15
CA LEU A 86 -0.44 -15.40 -1.82
C LEU A 86 -0.43 -15.90 -3.26
N SER A 87 -1.55 -15.71 -3.94
CA SER A 87 -1.68 -16.15 -5.33
C SER A 87 -2.43 -15.11 -6.16
N ASP A 88 -2.33 -15.23 -7.47
CA ASP A 88 -2.99 -14.29 -8.38
C ASP A 88 -4.39 -13.96 -7.88
N GLU A 89 -5.18 -14.99 -7.57
CA GLU A 89 -6.54 -14.80 -7.09
C GLU A 89 -6.57 -13.81 -5.92
N GLN A 90 -5.80 -14.12 -4.88
CA GLN A 90 -5.73 -13.27 -3.70
C GLN A 90 -5.37 -11.84 -4.09
N ILE A 91 -4.20 -11.68 -4.70
CA ILE A 91 -3.72 -10.37 -5.13
C ILE A 91 -4.82 -9.59 -5.83
N HIS A 92 -5.47 -10.22 -6.81
CA HIS A 92 -6.54 -9.59 -7.56
C HIS A 92 -7.54 -8.93 -6.62
N THR A 93 -8.02 -9.69 -5.64
CA THR A 93 -8.99 -9.18 -4.67
C THR A 93 -8.39 -8.07 -3.82
N ILE A 94 -7.21 -8.33 -3.27
CA ILE A 94 -6.52 -7.34 -2.43
C ILE A 94 -6.46 -5.99 -3.12
N LEU A 95 -6.13 -5.99 -4.41
CA LEU A 95 -6.04 -4.76 -5.19
C LEU A 95 -7.41 -4.08 -5.28
N GLN A 96 -8.38 -4.78 -5.87
CA GLN A 96 -9.72 -4.24 -6.01
C GLN A 96 -10.14 -3.48 -4.76
N VAL A 97 -10.05 -4.13 -3.61
CA VAL A 97 -10.44 -3.51 -2.35
C VAL A 97 -9.63 -2.24 -2.11
N LEU A 98 -8.32 -2.40 -1.91
CA LEU A 98 -7.44 -1.27 -1.67
C LEU A 98 -7.76 -0.10 -2.59
N GLY A 99 -8.12 -0.42 -3.84
CA GLY A 99 -8.47 0.62 -4.79
C GLY A 99 -9.75 1.33 -4.44
N HIS A 100 -10.78 0.56 -4.07
CA HIS A 100 -12.07 1.13 -3.70
C HIS A 100 -11.91 2.16 -2.59
N VAL A 101 -11.09 1.83 -1.59
CA VAL A 101 -10.85 2.73 -0.47
C VAL A 101 -10.37 4.09 -0.95
N ALA A 102 -9.55 4.08 -2.00
CA ALA A 102 -9.01 5.31 -2.56
C ALA A 102 -10.11 6.17 -3.17
N LYS A 103 -10.80 5.62 -4.17
CA LYS A 103 -11.88 6.34 -4.83
C LYS A 103 -12.91 6.84 -3.83
N ALA A 104 -13.17 6.03 -2.81
CA ALA A 104 -14.13 6.39 -1.77
C ALA A 104 -13.55 7.44 -0.83
N GLY A 105 -12.23 7.49 -0.76
CA GLY A 105 -11.57 8.46 0.12
C GLY A 105 -10.85 9.53 -0.66
N LEU A 106 -11.49 10.04 -1.70
CA LEU A 106 -10.90 11.09 -2.54
C LEU A 106 -10.99 12.44 -1.85
N GLY A 107 -10.04 13.31 -2.15
CA GLY A 107 -10.02 14.64 -1.56
C GLY A 107 -9.36 14.66 -0.19
N THR A 108 -9.57 13.59 0.57
CA THR A 108 -8.99 13.49 1.91
C THR A 108 -7.85 12.47 1.94
N ALA A 109 -7.14 12.43 3.06
CA ALA A 109 -6.02 11.51 3.22
C ALA A 109 -6.50 10.05 3.21
N MET A 110 -6.05 9.30 2.21
CA MET A 110 -6.43 7.89 2.09
C MET A 110 -5.26 6.97 2.42
N LEU A 111 -4.06 7.41 2.08
CA LEU A 111 -2.85 6.63 2.34
C LEU A 111 -3.00 5.82 3.62
N TYR A 112 -3.11 6.53 4.75
CA TYR A 112 -3.25 5.87 6.05
C TYR A 112 -4.30 4.76 5.98
N GLU A 113 -5.46 5.09 5.40
CA GLU A 113 -6.54 4.12 5.28
C GLU A 113 -6.12 2.93 4.43
N LEU A 114 -5.79 3.18 3.17
CA LEU A 114 -5.37 2.14 2.25
C LEU A 114 -4.53 1.09 2.98
N ILE A 115 -3.61 1.55 3.82
CA ILE A 115 -2.75 0.66 4.58
C ILE A 115 -3.56 -0.24 5.50
N GLU A 116 -4.34 0.37 6.38
CA GLU A 116 -5.17 -0.37 7.32
C GLU A 116 -5.86 -1.54 6.62
N LYS A 117 -6.71 -1.22 5.65
CA LYS A 117 -7.43 -2.24 4.90
C LYS A 117 -6.55 -3.45 4.63
N GLY A 118 -5.46 -3.23 3.90
CA GLY A 118 -4.55 -4.31 3.57
C GLY A 118 -4.34 -5.26 4.74
N LYS A 119 -4.11 -4.70 5.92
CA LYS A 119 -3.90 -5.50 7.12
C LYS A 119 -5.04 -6.50 7.31
N GLU A 120 -6.27 -6.00 7.25
CA GLU A 120 -7.44 -6.86 7.43
C GLU A 120 -7.49 -7.95 6.36
N ILE A 121 -7.47 -7.53 5.10
CA ILE A 121 -7.52 -8.47 3.98
C ILE A 121 -6.65 -9.70 4.27
N LEU A 122 -5.36 -9.46 4.46
CA LEU A 122 -4.41 -10.54 4.74
C LEU A 122 -4.94 -11.45 5.84
N THR A 123 -5.27 -10.86 6.99
CA THR A 123 -5.79 -11.62 8.12
C THR A 123 -6.70 -12.74 7.65
N ASP A 124 -7.70 -12.41 6.85
CA ASP A 124 -8.64 -13.39 6.33
C ASP A 124 -7.94 -14.38 5.39
N ASN A 125 -7.00 -13.87 4.61
CA ASN A 125 -6.25 -14.70 3.67
C ASN A 125 -4.76 -14.73 4.03
N ASN A 126 -4.42 -15.56 5.01
CA ASN A 126 -3.04 -15.69 5.45
C ASN A 126 -2.48 -17.06 5.10
N ILE A 127 -3.29 -18.09 5.32
CA ILE A 127 -2.87 -19.46 5.01
C ILE A 127 -2.27 -19.56 3.62
N PRO A 128 -1.08 -20.18 3.53
CA PRO A 128 -0.36 -20.36 2.26
C PRO A 128 -1.06 -21.36 1.35
N HIS A 129 -0.58 -21.46 0.11
CA HIS A 129 -1.15 -22.38 -0.86
C HIS A 129 -0.08 -22.90 -1.81
N GLY A 130 -0.11 -24.20 -2.07
CA GLY A 130 0.87 -24.81 -2.97
C GLY A 130 0.22 -25.55 -4.11
N GLN A 131 1.02 -25.90 -5.12
CA GLN A 131 0.51 -26.62 -6.28
C GLN A 131 1.66 -27.16 -7.13
N SER A 132 1.41 -28.27 -7.81
CA SER A 132 2.43 -28.89 -8.65
C SER A 132 1.83 -29.35 -9.98
N GLY A 133 2.70 -29.70 -10.92
CA GLY A 133 2.24 -30.14 -12.22
C GLY A 133 2.49 -31.61 -12.46
N PRO A 134 1.62 -32.25 -13.26
CA PRO A 134 1.74 -33.68 -13.58
C PRO A 134 2.93 -33.98 -14.47
N SER A 135 3.07 -33.20 -15.55
CA SER A 135 4.17 -33.39 -16.49
C SER A 135 4.97 -32.09 -16.64
N SER A 136 6.06 -31.99 -15.88
CA SER A 136 6.91 -30.80 -15.93
C SER A 136 7.99 -30.96 -17.00
N GLY A 137 8.07 -29.98 -17.90
CA GLY A 137 9.05 -30.02 -18.96
C GLY A 137 10.46 -30.25 -18.43
N GLY A 1 12.16 20.34 -16.41
CA GLY A 1 12.95 19.83 -17.52
C GLY A 1 14.38 19.51 -17.11
N SER A 2 15.22 20.53 -17.01
CA SER A 2 16.60 20.35 -16.63
C SER A 2 16.90 21.03 -15.30
N SER A 3 17.10 20.23 -14.25
CA SER A 3 17.38 20.76 -12.93
C SER A 3 16.39 21.86 -12.55
N GLY A 4 15.12 21.63 -12.87
CA GLY A 4 14.09 22.61 -12.56
C GLY A 4 13.20 22.17 -11.41
N SER A 5 13.30 22.86 -10.29
CA SER A 5 12.51 22.53 -9.11
C SER A 5 11.05 22.93 -9.31
N SER A 6 10.14 22.15 -8.75
CA SER A 6 8.71 22.40 -8.88
C SER A 6 8.04 22.40 -7.51
N GLY A 7 6.76 22.79 -7.48
CA GLY A 7 6.03 22.82 -6.23
C GLY A 7 4.58 23.21 -6.43
N GLU A 8 3.84 23.31 -5.32
CA GLU A 8 2.43 23.68 -5.38
C GLU A 8 2.06 24.59 -4.21
N GLU A 9 0.79 25.00 -4.17
CA GLU A 9 0.31 25.86 -3.10
C GLU A 9 -0.09 25.05 -1.87
N ASP A 10 -0.95 24.06 -2.08
CA ASP A 10 -1.41 23.21 -0.99
C ASP A 10 -1.35 21.74 -1.39
N TRP A 11 -1.12 20.87 -0.40
CA TRP A 11 -1.03 19.44 -0.65
C TRP A 11 -1.19 18.66 0.65
N VAL A 12 -2.11 17.70 0.65
CA VAL A 12 -2.36 16.87 1.83
C VAL A 12 -1.51 15.60 1.80
N LEU A 13 -0.95 15.30 0.62
CA LEU A 13 -0.13 14.12 0.46
C LEU A 13 1.11 14.18 1.36
N PRO A 14 1.86 15.29 1.25
CA PRO A 14 3.08 15.49 2.04
C PRO A 14 2.77 15.73 3.52
N SER A 15 1.71 16.49 3.79
CA SER A 15 1.31 16.79 5.15
C SER A 15 1.01 15.51 5.93
N GLU A 16 0.40 14.54 5.26
CA GLU A 16 0.07 13.27 5.88
C GLU A 16 1.32 12.45 6.16
N VAL A 17 2.10 12.20 5.11
CA VAL A 17 3.33 11.42 5.25
C VAL A 17 4.10 11.83 6.51
N GLU A 18 4.15 13.13 6.77
CA GLU A 18 4.85 13.64 7.93
C GLU A 18 4.50 12.84 9.18
N VAL A 19 3.22 12.55 9.36
CA VAL A 19 2.75 11.79 10.50
C VAL A 19 3.17 10.33 10.40
N LEU A 20 2.88 9.71 9.26
CA LEU A 20 3.23 8.32 9.04
C LEU A 20 4.70 8.06 9.38
N GLU A 21 5.59 8.83 8.78
CA GLU A 21 7.02 8.69 9.02
C GLU A 21 7.30 8.51 10.51
N SER A 22 6.46 9.12 11.35
CA SER A 22 6.62 9.03 12.79
C SER A 22 6.17 7.64 13.30
N ILE A 23 5.13 7.11 12.70
CA ILE A 23 4.60 5.81 13.09
C ILE A 23 5.30 4.68 12.33
N TYR A 24 5.19 4.71 11.00
CA TYR A 24 5.82 3.70 10.17
C TYR A 24 7.23 4.13 9.75
N LEU A 25 7.91 4.82 10.65
CA LEU A 25 9.27 5.29 10.38
C LEU A 25 10.06 4.25 9.59
N ASP A 26 10.01 3.00 10.05
CA ASP A 26 10.72 1.92 9.38
C ASP A 26 9.74 0.97 8.70
N GLU A 27 8.63 0.69 9.37
CA GLU A 27 7.61 -0.20 8.83
C GLU A 27 7.20 0.22 7.42
N LEU A 28 7.55 1.45 7.06
CA LEU A 28 7.22 1.98 5.74
C LEU A 28 8.33 2.88 5.22
N GLN A 29 8.45 2.97 3.90
CA GLN A 29 9.47 3.80 3.28
C GLN A 29 8.84 4.84 2.36
N VAL A 30 9.32 6.07 2.44
CA VAL A 30 8.80 7.15 1.61
C VAL A 30 9.92 7.80 0.80
N ILE A 31 9.70 7.94 -0.51
CA ILE A 31 10.68 8.55 -1.39
C ILE A 31 10.10 9.75 -2.12
N LYS A 32 10.96 10.70 -2.47
CA LYS A 32 10.53 11.91 -3.17
C LYS A 32 11.12 11.96 -4.57
N GLY A 33 10.33 12.47 -5.51
CA GLY A 33 10.77 12.56 -6.89
C GLY A 33 11.09 11.20 -7.49
N ASN A 34 10.56 10.95 -8.67
CA ASN A 34 10.79 9.68 -9.35
C ASN A 34 11.16 9.89 -10.81
N GLY A 35 10.30 10.60 -11.55
CA GLY A 35 10.56 10.87 -12.95
C GLY A 35 10.16 12.26 -13.36
N ARG A 36 9.23 12.35 -14.30
CA ARG A 36 8.75 13.64 -14.78
C ARG A 36 7.84 14.30 -13.75
N THR A 37 6.61 13.80 -13.63
CA THR A 37 5.66 14.35 -12.69
C THR A 37 6.22 14.35 -11.26
N SER A 38 7.33 13.65 -11.08
CA SER A 38 7.97 13.57 -9.77
C SER A 38 7.01 13.02 -8.73
N PRO A 39 6.43 11.83 -9.02
CA PRO A 39 5.48 11.17 -8.12
C PRO A 39 6.15 10.65 -6.85
N TRP A 40 5.36 10.50 -5.79
CA TRP A 40 5.87 10.01 -4.51
C TRP A 40 5.61 8.52 -4.36
N GLU A 41 6.68 7.75 -4.17
CA GLU A 41 6.57 6.30 -4.01
C GLU A 41 6.62 5.92 -2.54
N ILE A 42 5.76 4.99 -2.15
CA ILE A 42 5.71 4.52 -0.76
C ILE A 42 5.52 3.01 -0.69
N TYR A 43 6.47 2.33 -0.05
CA TYR A 43 6.40 0.89 0.08
C TYR A 43 6.04 0.48 1.52
N ILE A 44 5.46 -0.70 1.67
CA ILE A 44 5.07 -1.20 2.98
C ILE A 44 4.78 -2.70 2.94
N THR A 45 5.25 -3.40 3.96
CA THR A 45 5.05 -4.85 4.05
C THR A 45 4.07 -5.20 5.16
N LEU A 46 2.93 -5.76 4.78
CA LEU A 46 1.91 -6.15 5.75
C LEU A 46 2.15 -7.56 6.26
N HIS A 47 1.66 -7.86 7.45
CA HIS A 47 1.81 -9.18 8.05
C HIS A 47 0.59 -9.55 8.88
N PRO A 48 0.26 -10.85 8.90
CA PRO A 48 -0.88 -11.37 9.65
C PRO A 48 -0.67 -11.30 11.17
N ALA A 49 -1.69 -11.68 11.92
CA ALA A 49 -1.61 -11.66 13.37
C ALA A 49 -2.24 -12.92 13.98
N THR A 50 -1.54 -13.52 14.92
CA THR A 50 -2.02 -14.74 15.58
C THR A 50 -1.64 -14.75 17.06
N ALA A 51 -2.21 -15.69 17.80
CA ALA A 51 -1.93 -15.82 19.22
C ALA A 51 -0.45 -16.07 19.47
N GLU A 52 -0.08 -16.21 20.74
CA GLU A 52 1.30 -16.46 21.11
C GLU A 52 1.67 -17.94 20.95
N ASP A 53 1.28 -18.50 19.81
CA ASP A 53 1.56 -19.91 19.53
C ASP A 53 2.70 -20.04 18.51
N GLN A 54 2.67 -19.18 17.49
CA GLN A 54 3.69 -19.21 16.45
C GLN A 54 4.26 -17.82 16.22
N ASP A 55 5.58 -17.69 16.38
CA ASP A 55 6.26 -16.41 16.19
C ASP A 55 7.16 -16.45 14.95
N SER A 56 6.55 -16.21 13.78
CA SER A 56 7.30 -16.22 12.54
C SER A 56 6.47 -15.61 11.41
N GLN A 57 7.14 -14.90 10.51
CA GLN A 57 6.48 -14.26 9.38
C GLN A 57 6.76 -15.00 8.08
N TYR A 58 5.71 -15.49 7.43
CA TYR A 58 5.85 -16.22 6.18
C TYR A 58 5.13 -15.50 5.04
N VAL A 59 3.85 -15.20 5.27
CA VAL A 59 3.04 -14.52 4.26
C VAL A 59 3.14 -13.01 4.42
N CYS A 60 3.45 -12.32 3.32
CA CYS A 60 3.58 -10.87 3.33
C CYS A 60 3.53 -10.31 1.92
N PHE A 61 2.95 -9.13 1.77
CA PHE A 61 2.84 -8.48 0.48
C PHE A 61 3.25 -7.01 0.56
N THR A 62 4.29 -6.65 -0.20
CA THR A 62 4.78 -5.28 -0.21
C THR A 62 3.81 -4.35 -0.92
N LEU A 63 2.80 -3.88 -0.20
CA LEU A 63 1.80 -2.98 -0.77
C LEU A 63 2.46 -1.71 -1.31
N VAL A 64 2.57 -1.63 -2.64
CA VAL A 64 3.17 -0.47 -3.28
C VAL A 64 2.16 0.65 -3.45
N LEU A 65 2.46 1.82 -2.87
CA LEU A 65 1.57 2.97 -2.96
C LEU A 65 2.25 4.11 -3.70
N GLN A 66 1.86 4.30 -4.96
CA GLN A 66 2.42 5.37 -5.78
C GLN A 66 1.49 6.57 -5.83
N VAL A 67 1.88 7.65 -5.17
CA VAL A 67 1.08 8.87 -5.14
C VAL A 67 1.39 9.76 -6.33
N PRO A 68 0.44 9.88 -7.25
CA PRO A 68 0.60 10.70 -8.46
C PRO A 68 0.59 12.19 -8.14
N ALA A 69 0.80 13.01 -9.18
CA ALA A 69 0.82 14.46 -9.00
C ALA A 69 -0.58 15.00 -8.76
N GLU A 70 -1.59 14.27 -9.22
CA GLU A 70 -2.97 14.67 -9.06
C GLU A 70 -3.44 14.45 -7.62
N TYR A 71 -3.01 13.33 -7.04
CA TYR A 71 -3.39 13.00 -5.67
C TYR A 71 -3.55 14.25 -4.82
N PRO A 72 -4.54 14.24 -3.93
CA PRO A 72 -5.45 13.10 -3.76
C PRO A 72 -6.38 12.92 -4.96
N HIS A 73 -6.68 14.03 -5.64
CA HIS A 73 -7.56 14.00 -6.80
C HIS A 73 -7.44 12.66 -7.54
N GLU A 74 -6.22 12.15 -7.63
CA GLU A 74 -5.96 10.89 -8.31
C GLU A 74 -5.50 9.83 -7.32
N VAL A 75 -6.24 8.73 -7.25
CA VAL A 75 -5.91 7.64 -6.35
C VAL A 75 -4.51 7.08 -6.64
N PRO A 76 -3.80 6.65 -5.59
CA PRO A 76 -2.46 6.11 -5.72
C PRO A 76 -2.45 4.74 -6.40
N GLN A 77 -1.54 4.56 -7.35
CA GLN A 77 -1.44 3.31 -8.08
C GLN A 77 -1.02 2.17 -7.15
N ILE A 78 -1.99 1.35 -6.76
CA ILE A 78 -1.73 0.22 -5.87
C ILE A 78 -1.23 -0.99 -6.65
N SER A 79 -0.19 -1.63 -6.13
CA SER A 79 0.39 -2.81 -6.78
C SER A 79 1.12 -3.69 -5.76
N ILE A 80 0.99 -5.00 -5.92
CA ILE A 80 1.64 -5.94 -5.03
C ILE A 80 3.05 -6.29 -5.52
N ARG A 81 4.03 -6.11 -4.65
CA ARG A 81 5.41 -6.40 -4.99
C ARG A 81 5.95 -7.55 -4.14
N ASN A 82 6.59 -8.53 -4.79
CA ASN A 82 7.14 -9.68 -4.09
C ASN A 82 6.07 -10.39 -3.28
N PRO A 83 4.97 -10.76 -3.95
CA PRO A 83 3.85 -11.46 -3.31
C PRO A 83 4.21 -12.89 -2.90
N ARG A 84 4.21 -13.15 -1.60
CA ARG A 84 4.54 -14.48 -1.09
C ARG A 84 3.31 -15.12 -0.45
N GLY A 85 3.01 -16.34 -0.88
CA GLY A 85 1.87 -17.06 -0.34
C GLY A 85 0.60 -16.81 -1.15
N LEU A 86 0.30 -15.54 -1.40
CA LEU A 86 -0.88 -15.16 -2.15
C LEU A 86 -0.67 -15.40 -3.65
N SER A 87 -1.75 -15.78 -4.33
CA SER A 87 -1.69 -16.03 -5.77
C SER A 87 -2.46 -14.97 -6.54
N ASP A 88 -2.43 -15.08 -7.87
CA ASP A 88 -3.13 -14.14 -8.73
C ASP A 88 -4.55 -13.90 -8.23
N GLU A 89 -5.26 -14.99 -7.92
CA GLU A 89 -6.62 -14.90 -7.44
C GLU A 89 -6.70 -14.05 -6.16
N GLN A 90 -6.07 -14.55 -5.10
CA GLN A 90 -6.06 -13.85 -3.82
C GLN A 90 -5.71 -12.38 -4.02
N ILE A 91 -4.56 -12.11 -4.61
CA ILE A 91 -4.10 -10.75 -4.85
C ILE A 91 -5.19 -9.93 -5.53
N HIS A 92 -5.64 -10.40 -6.69
CA HIS A 92 -6.68 -9.71 -7.44
C HIS A 92 -7.69 -9.05 -6.51
N THR A 93 -8.14 -9.79 -5.51
CA THR A 93 -9.11 -9.28 -4.55
C THR A 93 -8.52 -8.11 -3.76
N ILE A 94 -7.34 -8.32 -3.18
CA ILE A 94 -6.67 -7.29 -2.40
C ILE A 94 -6.75 -5.94 -3.11
N LEU A 95 -6.30 -5.91 -4.37
CA LEU A 95 -6.31 -4.68 -5.16
C LEU A 95 -7.72 -4.12 -5.28
N GLN A 96 -8.62 -4.92 -5.85
CA GLN A 96 -10.01 -4.50 -6.01
C GLN A 96 -10.48 -3.69 -4.82
N VAL A 97 -10.21 -4.20 -3.62
CA VAL A 97 -10.61 -3.51 -2.38
C VAL A 97 -9.80 -2.24 -2.18
N LEU A 98 -8.51 -2.40 -1.89
CA LEU A 98 -7.64 -1.26 -1.67
C LEU A 98 -8.03 -0.08 -2.55
N GLY A 99 -8.21 -0.35 -3.84
CA GLY A 99 -8.59 0.68 -4.78
C GLY A 99 -9.91 1.33 -4.43
N HIS A 100 -10.91 0.50 -4.13
CA HIS A 100 -12.24 1.00 -3.77
C HIS A 100 -12.15 2.03 -2.65
N VAL A 101 -11.38 1.69 -1.61
CA VAL A 101 -11.21 2.60 -0.47
C VAL A 101 -10.67 3.95 -0.92
N ALA A 102 -9.65 3.92 -1.76
CA ALA A 102 -9.04 5.16 -2.27
C ALA A 102 -10.05 5.96 -3.10
N LYS A 103 -10.68 5.29 -4.06
CA LYS A 103 -11.65 5.94 -4.92
C LYS A 103 -12.78 6.55 -4.10
N ALA A 104 -13.07 5.95 -2.96
CA ALA A 104 -14.12 6.43 -2.07
C ALA A 104 -13.61 7.53 -1.16
N GLY A 105 -12.29 7.65 -1.05
CA GLY A 105 -11.69 8.66 -0.20
C GLY A 105 -10.86 9.65 -0.98
N LEU A 106 -11.37 10.06 -2.13
CA LEU A 106 -10.66 11.03 -2.98
C LEU A 106 -10.73 12.42 -2.39
N GLY A 107 -9.74 13.25 -2.72
CA GLY A 107 -9.70 14.60 -2.21
C GLY A 107 -9.10 14.69 -0.81
N THR A 108 -9.37 13.67 0.00
CA THR A 108 -8.85 13.63 1.36
C THR A 108 -7.76 12.58 1.51
N ALA A 109 -7.16 12.51 2.70
CA ALA A 109 -6.11 11.55 2.97
C ALA A 109 -6.64 10.11 2.89
N MET A 110 -5.92 9.26 2.18
CA MET A 110 -6.31 7.87 2.02
C MET A 110 -5.14 6.93 2.32
N LEU A 111 -3.93 7.37 1.98
CA LEU A 111 -2.74 6.58 2.20
C LEU A 111 -2.86 5.76 3.48
N TYR A 112 -2.91 6.44 4.62
CA TYR A 112 -3.02 5.77 5.91
C TYR A 112 -4.13 4.72 5.87
N GLU A 113 -5.28 5.08 5.32
CA GLU A 113 -6.40 4.17 5.23
C GLU A 113 -6.04 2.94 4.39
N LEU A 114 -5.76 3.16 3.11
CA LEU A 114 -5.39 2.09 2.21
C LEU A 114 -4.56 1.03 2.93
N ILE A 115 -3.58 1.47 3.70
CA ILE A 115 -2.71 0.58 4.45
C ILE A 115 -3.52 -0.27 5.43
N GLU A 116 -4.24 0.39 6.32
CA GLU A 116 -5.06 -0.30 7.31
C GLU A 116 -5.83 -1.45 6.67
N LYS A 117 -6.70 -1.12 5.72
CA LYS A 117 -7.50 -2.11 5.03
C LYS A 117 -6.68 -3.37 4.76
N GLY A 118 -5.64 -3.23 3.96
CA GLY A 118 -4.80 -4.37 3.64
C GLY A 118 -4.50 -5.23 4.85
N LYS A 119 -4.42 -4.61 6.02
CA LYS A 119 -4.14 -5.33 7.25
C LYS A 119 -5.26 -6.32 7.57
N GLU A 120 -6.50 -5.88 7.40
CA GLU A 120 -7.66 -6.73 7.66
C GLU A 120 -7.70 -7.91 6.69
N ILE A 121 -7.51 -7.61 5.41
CA ILE A 121 -7.53 -8.64 4.38
C ILE A 121 -6.56 -9.77 4.71
N LEU A 122 -5.28 -9.42 4.82
CA LEU A 122 -4.25 -10.41 5.13
C LEU A 122 -4.73 -11.39 6.17
N THR A 123 -5.11 -10.87 7.35
CA THR A 123 -5.60 -11.71 8.43
C THR A 123 -6.44 -12.87 7.90
N ASP A 124 -7.45 -12.54 7.10
CA ASP A 124 -8.33 -13.56 6.53
C ASP A 124 -7.54 -14.53 5.65
N ASN A 125 -6.73 -13.98 4.74
CA ASN A 125 -5.93 -14.80 3.85
C ASN A 125 -4.44 -14.62 4.14
N ASN A 126 -3.94 -15.37 5.12
CA ASN A 126 -2.53 -15.29 5.50
C ASN A 126 -1.83 -16.63 5.23
N ILE A 127 -2.40 -17.70 5.75
CA ILE A 127 -1.83 -19.04 5.57
C ILE A 127 -2.16 -19.60 4.20
N PRO A 128 -1.16 -20.20 3.55
CA PRO A 128 -1.32 -20.80 2.22
C PRO A 128 -2.21 -22.05 2.25
N HIS A 129 -2.41 -22.64 1.08
CA HIS A 129 -3.24 -23.84 0.96
C HIS A 129 -4.63 -23.60 1.53
N GLY A 130 -5.26 -22.50 1.10
CA GLY A 130 -6.59 -22.18 1.57
C GLY A 130 -7.66 -23.01 0.89
N GLN A 131 -7.63 -23.04 -0.44
CA GLN A 131 -8.61 -23.80 -1.20
C GLN A 131 -7.99 -25.09 -1.73
N SER A 132 -7.25 -25.79 -0.87
CA SER A 132 -6.60 -27.04 -1.26
C SER A 132 -7.63 -28.15 -1.45
N GLY A 133 -8.12 -28.29 -2.68
CA GLY A 133 -9.11 -29.31 -2.98
C GLY A 133 -10.26 -29.31 -1.98
N PRO A 134 -11.02 -30.41 -1.96
CA PRO A 134 -12.17 -30.57 -1.05
C PRO A 134 -11.73 -30.70 0.41
N SER A 135 -10.66 -31.45 0.63
CA SER A 135 -10.14 -31.66 1.98
C SER A 135 -8.62 -31.69 1.99
N SER A 136 -8.04 -31.24 3.10
CA SER A 136 -6.59 -31.21 3.24
C SER A 136 -5.95 -32.47 2.65
N GLY A 137 -5.00 -32.28 1.75
CA GLY A 137 -4.33 -33.41 1.13
C GLY A 137 -5.01 -33.87 -0.14
N GLY A 1 19.22 15.37 -0.28
CA GLY A 1 17.80 15.65 -0.39
C GLY A 1 17.46 16.49 -1.60
N SER A 2 16.83 15.87 -2.59
CA SER A 2 16.45 16.57 -3.82
C SER A 2 14.98 16.34 -4.15
N SER A 3 14.12 17.22 -3.63
CA SER A 3 12.68 17.11 -3.86
C SER A 3 12.06 18.49 -4.08
N GLY A 4 10.78 18.51 -4.40
CA GLY A 4 10.09 19.76 -4.63
C GLY A 4 8.59 19.59 -4.79
N SER A 5 7.86 20.69 -4.76
CA SER A 5 6.41 20.65 -4.89
C SER A 5 5.94 21.60 -6.00
N SER A 6 6.67 21.62 -7.10
CA SER A 6 6.35 22.50 -8.22
C SER A 6 4.92 22.24 -8.71
N GLY A 7 4.56 20.95 -8.81
CA GLY A 7 3.23 20.60 -9.27
C GLY A 7 2.17 21.57 -8.79
N GLU A 8 2.23 21.93 -7.52
CA GLU A 8 1.27 22.86 -6.95
C GLU A 8 1.72 23.33 -5.56
N GLU A 9 0.99 24.29 -5.00
CA GLU A 9 1.32 24.84 -3.69
C GLU A 9 0.61 24.05 -2.58
N ASP A 10 -0.65 23.71 -2.83
CA ASP A 10 -1.44 22.97 -1.85
C ASP A 10 -1.34 21.46 -2.11
N TRP A 11 -1.02 20.71 -1.07
CA TRP A 11 -0.90 19.26 -1.19
C TRP A 11 -0.92 18.60 0.20
N VAL A 12 -1.96 17.82 0.44
CA VAL A 12 -2.09 17.13 1.73
C VAL A 12 -1.24 15.86 1.76
N LEU A 13 -0.98 15.29 0.58
CA LEU A 13 -0.19 14.08 0.47
C LEU A 13 1.03 14.14 1.41
N PRO A 14 1.81 15.21 1.28
CA PRO A 14 3.01 15.43 2.10
C PRO A 14 2.67 15.71 3.56
N SER A 15 1.61 16.49 3.78
CA SER A 15 1.18 16.84 5.11
C SER A 15 0.85 15.60 5.94
N GLU A 16 0.56 14.50 5.23
CA GLU A 16 0.23 13.25 5.89
C GLU A 16 1.48 12.41 6.14
N VAL A 17 2.42 12.47 5.20
CA VAL A 17 3.66 11.72 5.33
C VAL A 17 4.40 12.08 6.61
N GLU A 18 4.61 13.37 6.83
CA GLU A 18 5.31 13.84 8.02
C GLU A 18 4.84 13.08 9.26
N VAL A 19 3.57 12.70 9.27
CA VAL A 19 2.99 11.96 10.39
C VAL A 19 3.19 10.46 10.21
N LEU A 20 2.88 9.97 9.02
CA LEU A 20 3.02 8.54 8.73
C LEU A 20 4.46 8.09 8.94
N GLU A 21 5.40 9.03 8.84
CA GLU A 21 6.81 8.72 9.02
C GLU A 21 7.15 8.53 10.50
N SER A 22 6.50 9.32 11.35
CA SER A 22 6.73 9.24 12.79
C SER A 22 6.20 7.92 13.35
N ILE A 23 5.12 7.42 12.75
CA ILE A 23 4.51 6.17 13.19
C ILE A 23 5.14 4.98 12.48
N TYR A 24 5.11 5.00 11.16
CA TYR A 24 5.68 3.92 10.36
C TYR A 24 7.06 4.29 9.84
N LEU A 25 7.84 4.96 10.68
CA LEU A 25 9.19 5.37 10.31
C LEU A 25 9.91 4.26 9.54
N ASP A 26 9.93 3.07 10.12
CA ASP A 26 10.58 1.92 9.50
C ASP A 26 9.55 0.98 8.88
N GLU A 27 8.46 0.75 9.59
CA GLU A 27 7.40 -0.13 9.10
C GLU A 27 7.03 0.21 7.66
N LEU A 28 7.21 1.48 7.30
CA LEU A 28 6.89 1.94 5.95
C LEU A 28 8.00 2.83 5.41
N GLN A 29 8.12 2.88 4.09
CA GLN A 29 9.14 3.70 3.44
C GLN A 29 8.51 4.70 2.48
N VAL A 30 9.18 5.83 2.29
CA VAL A 30 8.69 6.88 1.41
C VAL A 30 9.80 7.40 0.50
N ILE A 31 9.44 7.71 -0.74
CA ILE A 31 10.41 8.22 -1.71
C ILE A 31 9.90 9.51 -2.36
N LYS A 32 10.80 10.44 -2.61
CA LYS A 32 10.46 11.71 -3.24
C LYS A 32 10.92 11.74 -4.69
N GLY A 33 10.02 12.15 -5.58
CA GLY A 33 10.34 12.21 -7.00
C GLY A 33 10.80 10.88 -7.54
N ASN A 34 9.98 10.29 -8.42
CA ASN A 34 10.30 9.01 -9.02
C ASN A 34 10.04 9.03 -10.52
N GLY A 35 8.76 9.12 -10.89
CA GLY A 35 8.40 9.14 -12.30
C GLY A 35 8.65 10.50 -12.93
N ARG A 36 7.83 10.85 -13.92
CA ARG A 36 7.97 12.12 -14.60
C ARG A 36 7.27 13.24 -13.84
N THR A 37 6.12 12.92 -13.25
CA THR A 37 5.35 13.90 -12.49
C THR A 37 5.87 14.01 -11.06
N SER A 38 7.15 13.71 -10.88
CA SER A 38 7.77 13.78 -9.55
C SER A 38 6.81 13.27 -8.48
N PRO A 39 6.23 12.09 -8.70
CA PRO A 39 5.28 11.47 -7.77
C PRO A 39 5.96 11.01 -6.48
N TRP A 40 5.16 10.60 -5.51
CA TRP A 40 5.67 10.13 -4.23
C TRP A 40 5.36 8.65 -4.02
N GLU A 41 6.39 7.82 -4.03
CA GLU A 41 6.21 6.39 -3.84
C GLU A 41 6.34 6.01 -2.36
N ILE A 42 5.55 5.04 -1.94
CA ILE A 42 5.57 4.59 -0.54
C ILE A 42 5.36 3.08 -0.45
N TYR A 43 6.27 2.40 0.21
CA TYR A 43 6.19 0.95 0.37
C TYR A 43 5.89 0.58 1.83
N ILE A 44 5.55 -0.69 2.04
CA ILE A 44 5.24 -1.17 3.39
C ILE A 44 5.08 -2.69 3.40
N THR A 45 5.46 -3.30 4.51
CA THR A 45 5.36 -4.76 4.65
C THR A 45 4.34 -5.13 5.71
N LEU A 46 3.24 -5.75 5.27
CA LEU A 46 2.19 -6.17 6.18
C LEU A 46 2.36 -7.64 6.59
N HIS A 47 1.94 -7.95 7.81
CA HIS A 47 2.04 -9.32 8.31
C HIS A 47 0.73 -9.77 8.93
N PRO A 48 0.34 -11.03 8.68
CA PRO A 48 -0.89 -11.61 9.20
C PRO A 48 -0.84 -11.83 10.71
N ALA A 49 -1.93 -12.34 11.28
CA ALA A 49 -2.00 -12.60 12.71
C ALA A 49 -0.73 -13.25 13.21
N THR A 50 0.19 -12.43 13.72
CA THR A 50 1.46 -12.93 14.25
C THR A 50 1.26 -14.21 15.03
N ALA A 51 2.22 -15.12 14.91
CA ALA A 51 2.15 -16.41 15.62
C ALA A 51 3.05 -16.39 16.85
N GLU A 52 2.68 -15.58 17.82
CA GLU A 52 3.45 -15.47 19.07
C GLU A 52 4.95 -15.51 18.78
N ASP A 53 5.35 -14.93 17.65
CA ASP A 53 6.75 -14.90 17.26
C ASP A 53 7.42 -16.24 17.54
N GLN A 54 6.73 -17.33 17.22
CA GLN A 54 7.25 -18.67 17.43
C GLN A 54 7.94 -19.19 16.18
N ASP A 55 7.32 -18.96 15.03
CA ASP A 55 7.87 -19.41 13.75
C ASP A 55 8.17 -18.22 12.84
N SER A 56 8.72 -18.51 11.67
CA SER A 56 9.05 -17.47 10.71
C SER A 56 7.85 -17.11 9.84
N GLN A 57 7.79 -15.86 9.39
CA GLN A 57 6.69 -15.40 8.57
C GLN A 57 6.88 -15.84 7.11
N TYR A 58 5.90 -16.56 6.59
CA TYR A 58 5.96 -17.05 5.22
C TYR A 58 5.26 -16.09 4.26
N VAL A 59 3.93 -15.99 4.39
CA VAL A 59 3.15 -15.11 3.56
C VAL A 59 3.51 -13.65 3.78
N CYS A 60 3.64 -12.89 2.70
CA CYS A 60 3.99 -11.48 2.78
C CYS A 60 3.79 -10.79 1.45
N PHE A 61 3.14 -9.63 1.47
CA PHE A 61 2.88 -8.87 0.26
C PHE A 61 3.20 -7.39 0.46
N THR A 62 4.20 -6.90 -0.26
CA THR A 62 4.60 -5.50 -0.16
C THR A 62 3.59 -4.58 -0.82
N LEU A 63 2.73 -3.96 -0.03
CA LEU A 63 1.71 -3.05 -0.54
C LEU A 63 2.34 -1.76 -1.05
N VAL A 64 2.41 -1.62 -2.37
CA VAL A 64 2.99 -0.43 -2.99
C VAL A 64 1.94 0.65 -3.18
N LEU A 65 2.26 1.86 -2.75
CA LEU A 65 1.35 2.99 -2.87
C LEU A 65 2.00 4.15 -3.61
N GLN A 66 1.63 4.32 -4.88
CA GLN A 66 2.18 5.38 -5.70
C GLN A 66 1.26 6.60 -5.71
N VAL A 67 1.70 7.67 -5.07
CA VAL A 67 0.92 8.91 -5.01
C VAL A 67 1.28 9.86 -6.13
N PRO A 68 0.38 9.97 -7.13
CA PRO A 68 0.58 10.84 -8.29
C PRO A 68 0.51 12.32 -7.93
N ALA A 69 0.59 13.18 -8.93
CA ALA A 69 0.52 14.62 -8.72
C ALA A 69 -0.90 15.07 -8.43
N GLU A 70 -1.86 14.39 -9.05
CA GLU A 70 -3.27 14.71 -8.85
C GLU A 70 -3.71 14.44 -7.42
N TYR A 71 -3.24 13.32 -6.88
CA TYR A 71 -3.59 12.94 -5.50
C TYR A 71 -3.75 14.17 -4.63
N PRO A 72 -4.73 14.11 -3.71
CA PRO A 72 -5.60 12.95 -3.55
C PRO A 72 -6.56 12.77 -4.73
N HIS A 73 -6.91 13.89 -5.37
CA HIS A 73 -7.81 13.86 -6.51
C HIS A 73 -7.69 12.54 -7.27
N GLU A 74 -6.46 12.09 -7.47
CA GLU A 74 -6.21 10.84 -8.18
C GLU A 74 -5.76 9.74 -7.21
N VAL A 75 -6.48 8.64 -7.21
CA VAL A 75 -6.15 7.51 -6.34
C VAL A 75 -4.74 6.98 -6.63
N PRO A 76 -4.03 6.58 -5.57
CA PRO A 76 -2.67 6.04 -5.70
C PRO A 76 -2.64 4.67 -6.35
N GLN A 77 -1.72 4.49 -7.29
CA GLN A 77 -1.60 3.21 -8.00
C GLN A 77 -1.18 2.10 -7.05
N ILE A 78 -2.14 1.27 -6.65
CA ILE A 78 -1.87 0.17 -5.74
C ILE A 78 -1.39 -1.07 -6.50
N SER A 79 -0.21 -1.57 -6.12
CA SER A 79 0.35 -2.74 -6.76
C SER A 79 1.08 -3.63 -5.75
N ILE A 80 0.94 -4.95 -5.93
CA ILE A 80 1.58 -5.90 -5.02
C ILE A 80 2.98 -6.26 -5.50
N ARG A 81 3.95 -6.20 -4.59
CA ARG A 81 5.32 -6.53 -4.92
C ARG A 81 5.84 -7.66 -4.04
N ASN A 82 6.50 -8.64 -4.66
CA ASN A 82 7.04 -9.77 -3.93
C ASN A 82 5.94 -10.57 -3.26
N PRO A 83 4.89 -10.91 -4.03
CA PRO A 83 3.76 -11.69 -3.53
C PRO A 83 4.13 -13.13 -3.21
N ARG A 84 3.98 -13.50 -1.94
CA ARG A 84 4.29 -14.86 -1.51
C ARG A 84 3.07 -15.55 -0.94
N GLY A 85 2.82 -16.78 -1.38
CA GLY A 85 1.68 -17.53 -0.91
C GLY A 85 0.40 -17.18 -1.67
N LEU A 86 0.11 -15.90 -1.78
CA LEU A 86 -1.08 -15.43 -2.48
C LEU A 86 -0.93 -15.61 -3.98
N SER A 87 -1.99 -16.11 -4.63
CA SER A 87 -1.96 -16.32 -6.06
C SER A 87 -2.72 -15.21 -6.79
N ASP A 88 -2.65 -15.23 -8.12
CA ASP A 88 -3.33 -14.24 -8.94
C ASP A 88 -4.75 -13.99 -8.43
N GLU A 89 -5.46 -15.07 -8.14
CA GLU A 89 -6.82 -14.97 -7.64
C GLU A 89 -6.89 -14.14 -6.36
N GLN A 90 -6.34 -14.69 -5.28
CA GLN A 90 -6.33 -14.00 -3.99
C GLN A 90 -5.90 -12.56 -4.15
N ILE A 91 -4.74 -12.35 -4.79
CA ILE A 91 -4.22 -11.01 -5.01
C ILE A 91 -5.27 -10.10 -5.61
N HIS A 92 -5.80 -10.49 -6.76
CA HIS A 92 -6.83 -9.71 -7.44
C HIS A 92 -7.74 -9.00 -6.43
N THR A 93 -8.21 -9.77 -5.44
CA THR A 93 -9.08 -9.22 -4.41
C THR A 93 -8.39 -8.12 -3.62
N ILE A 94 -7.17 -8.41 -3.18
CA ILE A 94 -6.40 -7.44 -2.40
C ILE A 94 -6.40 -6.08 -3.08
N LEU A 95 -6.06 -6.07 -4.37
CA LEU A 95 -6.02 -4.82 -5.14
C LEU A 95 -7.39 -4.18 -5.21
N GLN A 96 -8.33 -4.87 -5.86
CA GLN A 96 -9.69 -4.37 -6.00
C GLN A 96 -10.12 -3.61 -4.76
N VAL A 97 -9.97 -4.24 -3.59
CA VAL A 97 -10.34 -3.62 -2.32
C VAL A 97 -9.54 -2.34 -2.09
N LEU A 98 -8.26 -2.51 -1.77
CA LEU A 98 -7.39 -1.37 -1.51
C LEU A 98 -7.71 -0.20 -2.43
N GLY A 99 -7.99 -0.52 -3.69
CA GLY A 99 -8.32 0.51 -4.66
C GLY A 99 -9.64 1.18 -4.36
N HIS A 100 -10.67 0.37 -4.08
CA HIS A 100 -11.99 0.89 -3.78
C HIS A 100 -11.93 1.92 -2.66
N VAL A 101 -11.10 1.64 -1.66
CA VAL A 101 -10.94 2.55 -0.52
C VAL A 101 -10.47 3.93 -0.97
N ALA A 102 -9.52 3.94 -1.90
CA ALA A 102 -8.98 5.19 -2.41
C ALA A 102 -10.05 5.99 -3.16
N LYS A 103 -10.57 5.40 -4.23
CA LYS A 103 -11.60 6.05 -5.03
C LYS A 103 -12.73 6.58 -4.15
N ALA A 104 -13.08 5.80 -3.14
CA ALA A 104 -14.14 6.19 -2.21
C ALA A 104 -13.68 7.31 -1.28
N GLY A 105 -12.38 7.31 -0.98
CA GLY A 105 -11.83 8.33 -0.10
C GLY A 105 -10.99 9.34 -0.84
N LEU A 106 -11.49 9.80 -1.99
CA LEU A 106 -10.78 10.78 -2.80
C LEU A 106 -10.84 12.16 -2.15
N GLY A 107 -9.85 12.99 -2.46
CA GLY A 107 -9.81 14.33 -1.90
C GLY A 107 -9.19 14.37 -0.51
N THR A 108 -9.50 13.36 0.30
CA THR A 108 -8.97 13.28 1.65
C THR A 108 -7.84 12.25 1.75
N ALA A 109 -7.06 12.33 2.82
CA ALA A 109 -5.96 11.41 3.03
C ALA A 109 -6.44 9.97 3.05
N MET A 110 -6.05 9.20 2.03
CA MET A 110 -6.44 7.80 1.93
C MET A 110 -5.29 6.88 2.33
N LEU A 111 -4.07 7.28 1.98
CA LEU A 111 -2.89 6.50 2.29
C LEU A 111 -3.05 5.78 3.63
N TYR A 112 -3.09 6.54 4.71
CA TYR A 112 -3.23 5.98 6.04
C TYR A 112 -4.31 4.88 6.06
N GLU A 113 -5.41 5.14 5.36
CA GLU A 113 -6.50 4.17 5.29
C GLU A 113 -6.10 2.96 4.46
N LEU A 114 -5.88 3.18 3.16
CA LEU A 114 -5.49 2.10 2.26
C LEU A 114 -4.56 1.11 2.96
N ILE A 115 -3.62 1.64 3.73
CA ILE A 115 -2.67 0.80 4.46
C ILE A 115 -3.38 -0.09 5.47
N GLU A 116 -4.27 0.51 6.27
CA GLU A 116 -5.01 -0.23 7.27
C GLU A 116 -5.73 -1.41 6.65
N LYS A 117 -6.74 -1.13 5.83
CA LYS A 117 -7.51 -2.18 5.18
C LYS A 117 -6.62 -3.34 4.78
N GLY A 118 -5.62 -3.06 3.94
CA GLY A 118 -4.70 -4.09 3.50
C GLY A 118 -4.38 -5.08 4.60
N LYS A 119 -4.22 -4.59 5.82
CA LYS A 119 -3.90 -5.43 6.96
C LYS A 119 -5.03 -6.43 7.23
N GLU A 120 -6.27 -5.95 7.16
CA GLU A 120 -7.43 -6.79 7.40
C GLU A 120 -7.60 -7.80 6.28
N ILE A 121 -7.27 -7.40 5.06
CA ILE A 121 -7.39 -8.28 3.90
C ILE A 121 -6.46 -9.48 4.03
N LEU A 122 -5.23 -9.22 4.44
CA LEU A 122 -4.25 -10.29 4.61
C LEU A 122 -4.53 -11.11 5.86
N THR A 123 -4.90 -10.42 6.94
CA THR A 123 -5.22 -11.08 8.20
C THR A 123 -6.20 -12.23 8.00
N ASP A 124 -7.12 -12.05 7.06
CA ASP A 124 -8.13 -13.06 6.77
C ASP A 124 -7.51 -14.21 5.97
N ASN A 125 -6.84 -13.87 4.87
CA ASN A 125 -6.21 -14.86 4.01
C ASN A 125 -4.74 -15.05 4.39
N ASN A 126 -4.46 -15.05 5.69
CA ASN A 126 -3.10 -15.22 6.18
C ASN A 126 -2.51 -16.53 5.69
N ILE A 127 -3.36 -17.51 5.46
CA ILE A 127 -2.92 -18.82 4.99
C ILE A 127 -2.90 -18.87 3.46
N PRO A 128 -1.77 -19.28 2.89
CA PRO A 128 -1.59 -19.38 1.44
C PRO A 128 -2.40 -20.52 0.84
N HIS A 129 -2.51 -21.63 1.58
CA HIS A 129 -3.26 -22.79 1.12
C HIS A 129 -4.57 -22.35 0.47
N GLY A 130 -5.37 -21.59 1.19
CA GLY A 130 -6.64 -21.12 0.66
C GLY A 130 -7.82 -21.89 1.22
N GLN A 131 -8.94 -21.85 0.50
CA GLN A 131 -10.15 -22.55 0.94
C GLN A 131 -10.21 -23.95 0.34
N SER A 132 -10.07 -24.04 -0.99
CA SER A 132 -10.10 -25.32 -1.68
C SER A 132 -8.72 -25.69 -2.19
N GLY A 133 -8.15 -24.83 -3.02
CA GLY A 133 -6.83 -25.09 -3.57
C GLY A 133 -6.83 -25.14 -5.08
N PRO A 134 -5.65 -24.94 -5.70
CA PRO A 134 -5.50 -24.96 -7.15
C PRO A 134 -5.67 -26.36 -7.73
N SER A 135 -5.93 -27.32 -6.86
CA SER A 135 -6.11 -28.71 -7.30
C SER A 135 -7.59 -29.06 -7.39
N SER A 136 -8.11 -29.09 -8.61
CA SER A 136 -9.52 -29.41 -8.84
C SER A 136 -9.66 -30.55 -9.84
N GLY A 137 -10.05 -31.72 -9.35
CA GLY A 137 -10.22 -32.88 -10.20
C GLY A 137 -11.63 -32.99 -10.75
N GLY A 1 21.92 19.82 2.98
CA GLY A 1 20.52 20.06 2.65
C GLY A 1 20.30 21.46 2.09
N SER A 2 20.56 21.61 0.80
CA SER A 2 20.39 22.90 0.14
C SER A 2 18.97 23.43 0.32
N SER A 3 18.84 24.54 1.04
CA SER A 3 17.55 25.15 1.29
C SER A 3 17.17 26.13 0.19
N GLY A 4 15.89 26.46 0.11
CA GLY A 4 15.42 27.39 -0.91
C GLY A 4 13.93 27.30 -1.13
N SER A 5 13.54 26.65 -2.22
CA SER A 5 12.12 26.49 -2.56
C SER A 5 11.87 25.15 -3.23
N SER A 6 10.88 24.42 -2.74
CA SER A 6 10.53 23.12 -3.29
C SER A 6 9.16 22.66 -2.79
N GLY A 7 8.54 21.75 -3.53
CA GLY A 7 7.23 21.24 -3.14
C GLY A 7 6.11 22.18 -3.53
N GLU A 8 4.96 22.01 -2.89
CA GLU A 8 3.81 22.85 -3.16
C GLU A 8 3.27 23.49 -1.88
N GLU A 9 2.31 24.41 -2.03
CA GLU A 9 1.73 25.08 -0.89
C GLU A 9 0.58 24.26 -0.31
N ASP A 10 -0.42 23.97 -1.14
CA ASP A 10 -1.57 23.20 -0.70
C ASP A 10 -1.45 21.74 -1.15
N TRP A 11 -1.26 20.85 -0.18
CA TRP A 11 -1.12 19.42 -0.48
C TRP A 11 -1.10 18.61 0.82
N VAL A 12 -2.11 17.75 0.99
CA VAL A 12 -2.20 16.92 2.17
C VAL A 12 -1.34 15.67 2.04
N LEU A 13 -1.05 15.29 0.80
CA LEU A 13 -0.22 14.11 0.54
C LEU A 13 1.03 14.13 1.40
N PRO A 14 1.77 15.25 1.36
CA PRO A 14 3.00 15.40 2.15
C PRO A 14 2.73 15.52 3.65
N SER A 15 1.75 16.34 4.01
CA SER A 15 1.39 16.54 5.40
C SER A 15 1.11 15.20 6.09
N GLU A 16 0.27 14.39 5.46
CA GLU A 16 -0.09 13.09 6.02
C GLU A 16 1.15 12.22 6.19
N VAL A 17 2.05 12.28 5.20
CA VAL A 17 3.28 11.51 5.25
C VAL A 17 4.12 11.86 6.48
N GLU A 18 4.11 13.13 6.84
CA GLU A 18 4.86 13.61 8.00
C GLU A 18 4.48 12.83 9.25
N VAL A 19 3.20 12.50 9.36
CA VAL A 19 2.70 11.75 10.52
C VAL A 19 3.09 10.28 10.43
N LEU A 20 2.99 9.72 9.23
CA LEU A 20 3.33 8.32 9.02
C LEU A 20 4.82 8.08 9.25
N GLU A 21 5.65 8.93 8.67
CA GLU A 21 7.09 8.82 8.82
C GLU A 21 7.48 8.71 10.29
N SER A 22 6.56 9.08 11.17
CA SER A 22 6.80 9.03 12.61
C SER A 22 6.37 7.69 13.18
N ILE A 23 5.20 7.22 12.76
CA ILE A 23 4.66 5.94 13.24
C ILE A 23 5.37 4.76 12.55
N TYR A 24 5.41 4.79 11.23
CA TYR A 24 6.04 3.74 10.46
C TYR A 24 7.41 4.18 9.93
N LEU A 25 8.08 5.04 10.70
CA LEU A 25 9.38 5.54 10.32
C LEU A 25 10.17 4.49 9.54
N ASP A 26 10.12 3.26 10.03
CA ASP A 26 10.83 2.15 9.38
C ASP A 26 9.84 1.19 8.72
N GLU A 27 8.83 0.76 9.48
CA GLU A 27 7.83 -0.16 8.97
C GLU A 27 7.48 0.16 7.52
N LEU A 28 7.39 1.46 7.22
CA LEU A 28 7.06 1.89 5.86
C LEU A 28 8.15 2.81 5.30
N GLN A 29 8.29 2.82 3.99
CA GLN A 29 9.30 3.64 3.33
C GLN A 29 8.64 4.66 2.41
N VAL A 30 9.16 5.90 2.43
CA VAL A 30 8.63 6.97 1.61
C VAL A 30 9.70 7.53 0.67
N ILE A 31 9.33 7.76 -0.58
CA ILE A 31 10.27 8.30 -1.56
C ILE A 31 9.80 9.66 -2.07
N LYS A 32 10.75 10.58 -2.24
CA LYS A 32 10.44 11.92 -2.72
C LYS A 32 10.83 12.07 -4.18
N GLY A 33 10.09 12.89 -4.91
CA GLY A 33 10.38 13.12 -6.31
C GLY A 33 10.52 14.59 -6.65
N ASN A 34 10.45 14.90 -7.94
CA ASN A 34 10.57 16.29 -8.40
C ASN A 34 10.19 16.42 -9.87
N GLY A 35 9.54 17.52 -10.20
CA GLY A 35 9.13 17.74 -11.59
C GLY A 35 7.62 17.86 -11.72
N ARG A 36 7.17 18.16 -12.94
CA ARG A 36 5.74 18.31 -13.20
C ARG A 36 4.93 17.29 -12.40
N THR A 37 5.14 16.01 -12.69
CA THR A 37 4.43 14.94 -12.00
C THR A 37 4.92 14.81 -10.56
N SER A 38 6.23 14.85 -10.38
CA SER A 38 6.83 14.72 -9.06
C SER A 38 6.03 13.75 -8.19
N PRO A 39 5.80 12.54 -8.72
CA PRO A 39 5.04 11.50 -8.02
C PRO A 39 5.80 10.93 -6.82
N TRP A 40 5.10 10.81 -5.70
CA TRP A 40 5.72 10.27 -4.48
C TRP A 40 5.47 8.78 -4.35
N GLU A 41 6.56 8.01 -4.33
CA GLU A 41 6.46 6.55 -4.21
C GLU A 41 6.55 6.12 -2.76
N ILE A 42 5.78 5.10 -2.40
CA ILE A 42 5.78 4.59 -1.04
C ILE A 42 5.60 3.07 -1.02
N TYR A 43 6.24 2.42 -0.06
CA TYR A 43 6.17 0.97 0.06
C TYR A 43 5.86 0.56 1.50
N ILE A 44 5.46 -0.69 1.68
CA ILE A 44 5.14 -1.20 3.01
C ILE A 44 4.89 -2.71 2.96
N THR A 45 5.32 -3.40 4.02
CA THR A 45 5.16 -4.84 4.11
C THR A 45 4.18 -5.22 5.23
N LEU A 46 3.02 -5.69 4.85
CA LEU A 46 1.99 -6.09 5.82
C LEU A 46 2.42 -7.35 6.58
N HIS A 47 2.00 -7.45 7.83
CA HIS A 47 2.34 -8.60 8.66
C HIS A 47 1.18 -8.95 9.60
N PRO A 48 0.65 -10.17 9.43
CA PRO A 48 -0.47 -10.66 10.25
C PRO A 48 -0.06 -10.93 11.70
N ALA A 49 -0.95 -11.55 12.45
CA ALA A 49 -0.67 -11.87 13.85
C ALA A 49 0.51 -12.83 13.97
N THR A 50 1.69 -12.28 14.25
CA THR A 50 2.89 -13.09 14.40
C THR A 50 2.60 -14.37 15.16
N ALA A 51 3.09 -15.49 14.64
CA ALA A 51 2.88 -16.78 15.28
C ALA A 51 3.83 -16.97 16.46
N GLU A 52 3.52 -16.30 17.56
CA GLU A 52 4.35 -16.39 18.76
C GLU A 52 5.83 -16.46 18.40
N ASP A 53 6.18 -15.86 17.27
CA ASP A 53 7.56 -15.84 16.82
C ASP A 53 8.01 -17.24 16.39
N GLN A 54 7.22 -17.88 15.54
CA GLN A 54 7.53 -19.23 15.07
C GLN A 54 8.12 -19.18 13.66
N ASP A 55 7.52 -18.35 12.81
CA ASP A 55 7.99 -18.22 11.43
C ASP A 55 8.62 -16.85 11.19
N SER A 56 9.13 -16.64 9.98
CA SER A 56 9.77 -15.38 9.64
C SER A 56 8.85 -14.54 8.74
N GLN A 57 7.59 -14.44 9.13
CA GLN A 57 6.61 -13.67 8.36
C GLN A 57 6.50 -14.20 6.93
N TYR A 58 6.40 -15.52 6.80
CA TYR A 58 6.30 -16.16 5.50
C TYR A 58 5.36 -15.38 4.59
N VAL A 59 4.11 -15.24 5.01
CA VAL A 59 3.10 -14.51 4.25
C VAL A 59 3.29 -13.01 4.39
N CYS A 60 3.49 -12.34 3.25
CA CYS A 60 3.68 -10.89 3.24
C CYS A 60 3.59 -10.34 1.83
N PHE A 61 3.00 -9.15 1.70
CA PHE A 61 2.85 -8.51 0.39
C PHE A 61 3.22 -7.04 0.46
N THR A 62 4.28 -6.67 -0.25
CA THR A 62 4.74 -5.28 -0.27
C THR A 62 3.73 -4.38 -0.97
N LEU A 63 2.82 -3.80 -0.20
CA LEU A 63 1.80 -2.91 -0.74
C LEU A 63 2.44 -1.66 -1.34
N VAL A 64 2.48 -1.61 -2.67
CA VAL A 64 3.06 -0.47 -3.37
C VAL A 64 2.03 0.65 -3.52
N LEU A 65 2.34 1.81 -2.95
CA LEU A 65 1.44 2.96 -3.04
C LEU A 65 2.11 4.11 -3.78
N GLN A 66 1.70 4.30 -5.03
CA GLN A 66 2.25 5.37 -5.86
C GLN A 66 1.33 6.58 -5.88
N VAL A 67 1.77 7.66 -5.24
CA VAL A 67 0.98 8.89 -5.18
C VAL A 67 1.31 9.82 -6.34
N PRO A 68 0.38 9.92 -7.30
CA PRO A 68 0.55 10.77 -8.49
C PRO A 68 0.51 12.26 -8.15
N ALA A 69 0.51 13.10 -9.17
CA ALA A 69 0.47 14.53 -8.98
C ALA A 69 -0.95 15.01 -8.64
N GLU A 70 -1.93 14.40 -9.28
CA GLU A 70 -3.33 14.75 -9.06
C GLU A 70 -3.72 14.52 -7.60
N TYR A 71 -3.23 13.43 -7.03
CA TYR A 71 -3.53 13.09 -5.64
C TYR A 71 -3.65 14.35 -4.79
N PRO A 72 -4.61 14.34 -3.86
CA PRO A 72 -5.51 13.20 -3.66
C PRO A 72 -6.49 13.02 -4.82
N HIS A 73 -6.81 14.12 -5.49
CA HIS A 73 -7.74 14.08 -6.62
C HIS A 73 -7.65 12.74 -7.34
N GLU A 74 -6.43 12.23 -7.48
CA GLU A 74 -6.22 10.95 -8.15
C GLU A 74 -5.75 9.88 -7.17
N VAL A 75 -6.39 8.72 -7.22
CA VAL A 75 -6.05 7.62 -6.34
C VAL A 75 -4.68 7.05 -6.68
N PRO A 76 -3.93 6.65 -5.64
CA PRO A 76 -2.59 6.08 -5.81
C PRO A 76 -2.62 4.69 -6.44
N GLN A 77 -1.74 4.46 -7.39
CA GLN A 77 -1.67 3.17 -8.08
C GLN A 77 -1.25 2.06 -7.11
N ILE A 78 -2.21 1.21 -6.76
CA ILE A 78 -1.93 0.10 -5.84
C ILE A 78 -1.50 -1.15 -6.59
N SER A 79 -0.32 -1.65 -6.27
CA SER A 79 0.21 -2.84 -6.92
C SER A 79 0.85 -3.77 -5.90
N ILE A 80 0.67 -5.07 -6.11
CA ILE A 80 1.23 -6.07 -5.21
C ILE A 80 2.63 -6.49 -5.65
N ARG A 81 3.62 -6.25 -4.79
CA ARG A 81 4.99 -6.60 -5.09
C ARG A 81 5.52 -7.64 -4.10
N ASN A 82 6.41 -8.50 -4.59
CA ASN A 82 6.99 -9.55 -3.74
C ASN A 82 5.90 -10.32 -3.02
N PRO A 83 4.92 -10.84 -3.79
CA PRO A 83 3.81 -11.61 -3.24
C PRO A 83 4.25 -12.97 -2.72
N ARG A 84 3.84 -13.30 -1.49
CA ARG A 84 4.19 -14.57 -0.88
C ARG A 84 2.99 -15.19 -0.19
N GLY A 85 2.80 -16.50 -0.39
CA GLY A 85 1.68 -17.18 0.22
C GLY A 85 0.39 -17.01 -0.55
N LEU A 86 0.14 -15.79 -1.02
CA LEU A 86 -1.07 -15.49 -1.78
C LEU A 86 -0.94 -15.98 -3.22
N SER A 87 -2.08 -16.14 -3.89
CA SER A 87 -2.10 -16.62 -5.26
C SER A 87 -2.59 -15.52 -6.21
N ASP A 88 -2.34 -15.70 -7.50
CA ASP A 88 -2.76 -14.74 -8.51
C ASP A 88 -4.17 -14.26 -8.24
N GLU A 89 -5.06 -15.19 -7.91
CA GLU A 89 -6.46 -14.85 -7.62
C GLU A 89 -6.57 -14.00 -6.37
N GLN A 90 -6.30 -14.61 -5.22
CA GLN A 90 -6.38 -13.91 -3.94
C GLN A 90 -5.80 -12.50 -4.06
N ILE A 91 -4.55 -12.42 -4.53
CA ILE A 91 -3.89 -11.13 -4.69
C ILE A 91 -4.78 -10.14 -5.42
N HIS A 92 -5.10 -10.45 -6.69
CA HIS A 92 -5.94 -9.58 -7.49
C HIS A 92 -7.01 -8.91 -6.64
N THR A 93 -7.74 -9.71 -5.87
CA THR A 93 -8.79 -9.19 -5.00
C THR A 93 -8.27 -8.07 -4.10
N ILE A 94 -7.13 -8.33 -3.46
CA ILE A 94 -6.53 -7.34 -2.57
C ILE A 94 -6.45 -5.98 -3.24
N LEU A 95 -5.94 -5.94 -4.45
CA LEU A 95 -5.81 -4.69 -5.20
C LEU A 95 -7.16 -4.01 -5.34
N GLN A 96 -8.04 -4.60 -6.14
CA GLN A 96 -9.38 -4.04 -6.35
C GLN A 96 -9.90 -3.37 -5.08
N VAL A 97 -9.93 -4.14 -4.00
CA VAL A 97 -10.40 -3.63 -2.72
C VAL A 97 -9.69 -2.34 -2.34
N LEU A 98 -8.41 -2.45 -1.99
CA LEU A 98 -7.61 -1.30 -1.61
C LEU A 98 -7.97 -0.08 -2.46
N GLY A 99 -8.15 -0.31 -3.76
CA GLY A 99 -8.49 0.77 -4.66
C GLY A 99 -9.81 1.42 -4.31
N HIS A 100 -10.81 0.60 -4.04
CA HIS A 100 -12.14 1.10 -3.69
C HIS A 100 -12.05 2.12 -2.56
N VAL A 101 -11.23 1.82 -1.55
CA VAL A 101 -11.06 2.70 -0.41
C VAL A 101 -10.54 4.07 -0.85
N ALA A 102 -9.66 4.06 -1.85
CA ALA A 102 -9.09 5.30 -2.37
C ALA A 102 -10.15 6.16 -3.03
N LYS A 103 -10.75 5.63 -4.10
CA LYS A 103 -11.78 6.36 -4.83
C LYS A 103 -12.82 6.94 -3.87
N ALA A 104 -13.18 6.16 -2.86
CA ALA A 104 -14.16 6.61 -1.87
C ALA A 104 -13.59 7.71 -0.99
N GLY A 105 -12.27 7.72 -0.85
CA GLY A 105 -11.62 8.73 -0.02
C GLY A 105 -10.84 9.74 -0.85
N LEU A 106 -11.41 10.14 -1.98
CA LEU A 106 -10.75 11.10 -2.86
C LEU A 106 -10.79 12.50 -2.25
N GLY A 107 -9.83 13.33 -2.64
CA GLY A 107 -9.76 14.68 -2.12
C GLY A 107 -9.39 14.72 -0.65
N THR A 108 -8.96 13.59 -0.11
CA THR A 108 -8.59 13.50 1.29
C THR A 108 -7.44 12.51 1.49
N ALA A 109 -7.06 12.29 2.75
CA ALA A 109 -5.99 11.37 3.07
C ALA A 109 -6.45 9.92 2.99
N MET A 110 -5.84 9.15 2.09
CA MET A 110 -6.21 7.76 1.91
C MET A 110 -5.02 6.85 2.24
N LEU A 111 -3.82 7.31 1.94
CA LEU A 111 -2.61 6.54 2.20
C LEU A 111 -2.76 5.71 3.47
N TYR A 112 -2.80 6.37 4.62
CA TYR A 112 -2.93 5.69 5.90
C TYR A 112 -4.07 4.67 5.84
N GLU A 113 -5.19 5.07 5.27
CA GLU A 113 -6.35 4.18 5.15
C GLU A 113 -5.99 2.94 4.34
N LEU A 114 -5.73 3.13 3.05
CA LEU A 114 -5.38 2.04 2.16
C LEU A 114 -4.54 0.99 2.89
N ILE A 115 -3.57 1.45 3.67
CA ILE A 115 -2.71 0.55 4.42
C ILE A 115 -3.51 -0.27 5.42
N GLU A 116 -4.33 0.41 6.22
CA GLU A 116 -5.15 -0.27 7.22
C GLU A 116 -5.91 -1.43 6.60
N LYS A 117 -6.69 -1.14 5.56
CA LYS A 117 -7.46 -2.16 4.87
C LYS A 117 -6.65 -3.44 4.69
N GLY A 118 -5.55 -3.33 3.96
CA GLY A 118 -4.70 -4.48 3.71
C GLY A 118 -4.46 -5.30 4.96
N LYS A 119 -4.15 -4.62 6.06
CA LYS A 119 -3.89 -5.29 7.33
C LYS A 119 -5.00 -6.28 7.65
N GLU A 120 -6.24 -5.87 7.43
CA GLU A 120 -7.39 -6.73 7.69
C GLU A 120 -7.45 -7.88 6.69
N ILE A 121 -7.65 -7.54 5.42
CA ILE A 121 -7.73 -8.54 4.37
C ILE A 121 -6.80 -9.71 4.64
N LEU A 122 -5.52 -9.40 4.86
CA LEU A 122 -4.53 -10.43 5.14
C LEU A 122 -4.98 -11.32 6.30
N THR A 123 -5.24 -10.70 7.44
CA THR A 123 -5.67 -11.44 8.63
C THR A 123 -6.59 -12.60 8.24
N ASP A 124 -7.54 -12.33 7.36
CA ASP A 124 -8.48 -13.35 6.91
C ASP A 124 -7.75 -14.48 6.20
N ASN A 125 -6.97 -14.13 5.18
CA ASN A 125 -6.21 -15.13 4.42
C ASN A 125 -4.72 -14.98 4.67
N ASN A 126 -4.25 -15.53 5.79
CA ASN A 126 -2.84 -15.46 6.15
C ASN A 126 -2.22 -16.85 6.18
N ILE A 127 -2.82 -17.75 6.96
CA ILE A 127 -2.34 -19.11 7.07
C ILE A 127 -2.11 -19.73 5.70
N PRO A 128 -0.99 -20.45 5.55
CA PRO A 128 -0.63 -21.11 4.29
C PRO A 128 -1.55 -22.30 3.99
N HIS A 129 -2.18 -22.26 2.82
CA HIS A 129 -3.09 -23.34 2.41
C HIS A 129 -3.39 -23.25 0.91
N GLY A 130 -3.20 -24.36 0.21
CA GLY A 130 -3.46 -24.39 -1.22
C GLY A 130 -2.19 -24.53 -2.03
N GLN A 131 -2.32 -24.44 -3.35
CA GLN A 131 -1.17 -24.57 -4.24
C GLN A 131 -0.85 -23.23 -4.90
N SER A 132 0.33 -23.14 -5.50
CA SER A 132 0.76 -21.92 -6.16
C SER A 132 0.57 -22.01 -7.67
N GLY A 133 0.31 -20.88 -8.31
CA GLY A 133 0.11 -20.85 -9.74
C GLY A 133 0.36 -19.49 -10.34
N PRO A 134 1.64 -19.17 -10.57
CA PRO A 134 2.04 -17.87 -11.15
C PRO A 134 1.65 -17.75 -12.62
N SER A 135 1.13 -18.84 -13.19
CA SER A 135 0.72 -18.85 -14.58
C SER A 135 -0.42 -17.86 -14.82
N SER A 136 -0.06 -16.65 -15.20
CA SER A 136 -1.06 -15.60 -15.45
C SER A 136 -0.57 -14.65 -16.55
N GLY A 137 -1.53 -13.96 -17.17
CA GLY A 137 -1.18 -13.01 -18.23
C GLY A 137 -1.49 -11.58 -17.85
N GLY A 1 14.37 23.15 -9.09
CA GLY A 1 15.40 24.17 -9.21
C GLY A 1 14.81 25.54 -9.50
N SER A 2 15.33 26.21 -10.52
CA SER A 2 14.87 27.53 -10.89
C SER A 2 13.42 27.49 -11.36
N SER A 3 13.14 26.63 -12.33
CA SER A 3 11.79 26.49 -12.87
C SER A 3 10.89 25.75 -11.89
N GLY A 4 10.23 26.50 -11.00
CA GLY A 4 9.35 25.89 -10.02
C GLY A 4 7.89 26.20 -10.29
N SER A 5 7.09 25.16 -10.45
CA SER A 5 5.66 25.32 -10.71
C SER A 5 4.90 25.61 -9.42
N SER A 6 5.21 24.87 -8.38
CA SER A 6 4.55 25.05 -7.08
C SER A 6 4.66 26.50 -6.61
N GLY A 7 3.55 27.04 -6.12
CA GLY A 7 3.54 28.41 -5.64
C GLY A 7 3.32 28.51 -4.15
N GLU A 8 2.29 27.83 -3.65
CA GLU A 8 1.97 27.85 -2.23
C GLU A 8 2.05 26.44 -1.65
N GLU A 9 1.86 26.34 -0.33
CA GLU A 9 1.92 25.06 0.35
C GLU A 9 0.51 24.49 0.53
N ASP A 10 -0.03 23.90 -0.54
CA ASP A 10 -1.36 23.32 -0.49
C ASP A 10 -1.33 21.86 -0.96
N TRP A 11 -1.22 20.95 0.00
CA TRP A 11 -1.18 19.52 -0.30
C TRP A 11 -1.24 18.69 0.97
N VAL A 12 -2.23 17.81 1.05
CA VAL A 12 -2.39 16.94 2.21
C VAL A 12 -1.56 15.68 2.08
N LEU A 13 -1.11 15.39 0.86
CA LEU A 13 -0.31 14.21 0.61
C LEU A 13 0.98 14.22 1.44
N PRO A 14 1.70 15.35 1.39
CA PRO A 14 2.95 15.52 2.13
C PRO A 14 2.71 15.62 3.64
N SER A 15 1.61 16.26 4.02
CA SER A 15 1.28 16.43 5.43
C SER A 15 0.97 15.08 6.08
N GLU A 16 0.57 14.11 5.26
CA GLU A 16 0.24 12.78 5.76
C GLU A 16 1.49 11.91 5.83
N VAL A 17 2.51 12.29 5.07
CA VAL A 17 3.76 11.54 5.05
C VAL A 17 4.61 11.85 6.29
N GLU A 18 4.61 13.11 6.69
CA GLU A 18 5.38 13.53 7.85
C GLU A 18 4.92 12.80 9.11
N VAL A 19 3.60 12.68 9.28
CA VAL A 19 3.03 12.01 10.43
C VAL A 19 3.21 10.49 10.31
N LEU A 20 2.94 9.96 9.13
CA LEU A 20 3.08 8.53 8.90
C LEU A 20 4.51 8.06 9.14
N GLU A 21 5.46 8.71 8.48
CA GLU A 21 6.87 8.36 8.63
C GLU A 21 7.26 8.27 10.10
N SER A 22 6.52 8.99 10.95
CA SER A 22 6.78 9.00 12.38
C SER A 22 6.22 7.74 13.04
N ILE A 23 5.16 7.20 12.46
CA ILE A 23 4.52 6.00 12.98
C ILE A 23 5.06 4.74 12.31
N TYR A 24 4.96 4.71 10.98
CA TYR A 24 5.44 3.56 10.21
C TYR A 24 6.85 3.81 9.70
N LEU A 25 7.66 4.51 10.50
CA LEU A 25 9.03 4.81 10.12
C LEU A 25 9.63 3.68 9.29
N ASP A 26 9.51 2.45 9.80
CA ASP A 26 10.04 1.28 9.10
C ASP A 26 8.92 0.53 8.39
N GLU A 27 7.87 0.20 9.13
CA GLU A 27 6.75 -0.52 8.56
C GLU A 27 6.43 -0.02 7.15
N LEU A 28 6.75 1.24 6.89
CA LEU A 28 6.49 1.84 5.58
C LEU A 28 7.66 2.72 5.15
N GLN A 29 7.96 2.70 3.86
CA GLN A 29 9.06 3.50 3.32
C GLN A 29 8.52 4.65 2.46
N VAL A 30 9.29 5.72 2.37
CA VAL A 30 8.91 6.88 1.58
C VAL A 30 10.02 7.28 0.61
N ILE A 31 9.65 7.53 -0.64
CA ILE A 31 10.60 7.93 -1.66
C ILE A 31 10.15 9.20 -2.39
N LYS A 32 10.65 10.34 -1.93
CA LYS A 32 10.30 11.62 -2.53
C LYS A 32 10.79 11.70 -3.97
N GLY A 33 10.01 12.33 -4.84
CA GLY A 33 10.39 12.45 -6.23
C GLY A 33 9.78 13.68 -6.89
N ASN A 34 10.31 14.06 -8.05
CA ASN A 34 9.81 15.22 -8.77
C ASN A 34 9.91 15.00 -10.29
N GLY A 35 8.97 15.58 -11.02
CA GLY A 35 8.96 15.43 -12.46
C GLY A 35 7.61 15.75 -13.07
N ARG A 36 7.32 15.13 -14.21
CA ARG A 36 6.05 15.34 -14.90
C ARG A 36 4.91 15.52 -13.89
N THR A 37 4.52 14.42 -13.25
CA THR A 37 3.45 14.45 -12.26
C THR A 37 4.00 14.36 -10.85
N SER A 38 5.31 14.56 -10.71
CA SER A 38 5.95 14.50 -9.40
C SER A 38 5.35 13.40 -8.54
N PRO A 39 5.26 12.18 -9.13
CA PRO A 39 4.70 11.02 -8.43
C PRO A 39 5.60 10.53 -7.30
N TRP A 40 5.02 10.32 -6.12
CA TRP A 40 5.76 9.86 -4.97
C TRP A 40 5.62 8.35 -4.79
N GLU A 41 6.73 7.68 -4.51
CA GLU A 41 6.72 6.23 -4.32
C GLU A 41 6.83 5.87 -2.84
N ILE A 42 5.91 5.03 -2.38
CA ILE A 42 5.90 4.61 -0.99
C ILE A 42 5.60 3.11 -0.87
N TYR A 43 6.35 2.45 0.00
CA TYR A 43 6.16 1.01 0.21
C TYR A 43 5.69 0.72 1.63
N ILE A 44 5.32 -0.53 1.88
CA ILE A 44 4.85 -0.93 3.20
C ILE A 44 4.81 -2.46 3.32
N THR A 45 5.09 -2.95 4.53
CA THR A 45 5.09 -4.39 4.78
C THR A 45 4.11 -4.75 5.88
N LEU A 46 2.92 -5.20 5.49
CA LEU A 46 1.89 -5.59 6.44
C LEU A 46 1.97 -7.07 6.77
N HIS A 47 1.62 -7.43 7.99
CA HIS A 47 1.65 -8.82 8.44
C HIS A 47 0.31 -9.22 9.04
N PRO A 48 -0.08 -10.49 8.81
CA PRO A 48 -1.34 -11.03 9.33
C PRO A 48 -1.32 -11.21 10.85
N ALA A 49 -2.35 -11.87 11.37
CA ALA A 49 -2.45 -12.10 12.81
C ALA A 49 -2.85 -13.55 13.09
N THR A 50 -1.86 -14.42 13.26
CA THR A 50 -2.11 -15.83 13.54
C THR A 50 -1.54 -16.23 14.89
N ALA A 51 -2.04 -17.34 15.43
CA ALA A 51 -1.57 -17.83 16.72
C ALA A 51 -0.06 -17.99 16.74
N GLU A 52 0.48 -18.54 15.66
CA GLU A 52 1.92 -18.76 15.55
C GLU A 52 2.59 -17.58 14.84
N ASP A 53 2.25 -16.37 15.26
CA ASP A 53 2.81 -15.17 14.66
C ASP A 53 3.70 -14.43 15.65
N GLN A 54 3.97 -15.08 16.79
CA GLN A 54 4.81 -14.49 17.82
C GLN A 54 6.26 -14.43 17.38
N ASP A 55 6.69 -13.26 16.91
CA ASP A 55 8.06 -13.07 16.45
C ASP A 55 8.37 -14.00 15.27
N SER A 56 7.34 -14.31 14.49
CA SER A 56 7.50 -15.19 13.34
C SER A 56 6.45 -14.88 12.28
N GLN A 57 6.89 -14.64 11.05
CA GLN A 57 5.98 -14.34 9.95
C GLN A 57 6.36 -15.12 8.70
N TYR A 58 5.35 -15.47 7.90
CA TYR A 58 5.58 -16.23 6.67
C TYR A 58 4.95 -15.53 5.47
N VAL A 59 3.63 -15.43 5.49
CA VAL A 59 2.89 -14.79 4.40
C VAL A 59 2.94 -13.27 4.54
N CYS A 60 3.07 -12.58 3.41
CA CYS A 60 3.14 -11.13 3.40
C CYS A 60 2.97 -10.59 1.98
N PHE A 61 2.69 -9.29 1.88
CA PHE A 61 2.49 -8.65 0.59
C PHE A 61 2.81 -7.16 0.67
N THR A 62 3.83 -6.73 -0.09
CA THR A 62 4.23 -5.34 -0.10
C THR A 62 3.24 -4.48 -0.86
N LEU A 63 2.41 -3.74 -0.13
CA LEU A 63 1.40 -2.89 -0.76
C LEU A 63 2.04 -1.58 -1.27
N VAL A 64 2.36 -1.56 -2.56
CA VAL A 64 2.96 -0.39 -3.17
C VAL A 64 1.92 0.70 -3.42
N LEU A 65 2.17 1.89 -2.88
CA LEU A 65 1.26 3.01 -3.05
C LEU A 65 1.94 4.16 -3.78
N GLN A 66 1.56 4.36 -5.04
CA GLN A 66 2.13 5.43 -5.85
C GLN A 66 1.20 6.64 -5.89
N VAL A 67 1.55 7.67 -5.13
CA VAL A 67 0.75 8.89 -5.09
C VAL A 67 1.19 9.88 -6.16
N PRO A 68 0.35 10.04 -7.20
CA PRO A 68 0.63 10.96 -8.31
C PRO A 68 0.55 12.42 -7.89
N ALA A 69 0.57 13.32 -8.87
CA ALA A 69 0.49 14.75 -8.61
C ALA A 69 -0.95 15.18 -8.34
N GLU A 70 -1.88 14.52 -8.99
CA GLU A 70 -3.30 14.83 -8.83
C GLU A 70 -3.75 14.58 -7.39
N TYR A 71 -3.31 13.45 -6.83
CA TYR A 71 -3.67 13.09 -5.47
C TYR A 71 -3.82 14.33 -4.60
N PRO A 72 -4.82 14.30 -3.70
CA PRO A 72 -5.72 13.16 -3.54
C PRO A 72 -6.66 13.00 -4.75
N HIS A 73 -6.90 14.09 -5.44
CA HIS A 73 -7.78 14.08 -6.60
C HIS A 73 -7.69 12.74 -7.34
N GLU A 74 -6.48 12.22 -7.46
CA GLU A 74 -6.25 10.95 -8.13
C GLU A 74 -5.79 9.89 -7.14
N VAL A 75 -6.43 8.72 -7.20
CA VAL A 75 -6.08 7.61 -6.30
C VAL A 75 -4.66 7.13 -6.57
N PRO A 76 -3.96 6.76 -5.49
CA PRO A 76 -2.58 6.26 -5.58
C PRO A 76 -2.49 4.89 -6.24
N GLN A 77 -1.69 4.78 -7.29
CA GLN A 77 -1.53 3.51 -8.00
C GLN A 77 -1.16 2.39 -7.03
N ILE A 78 -2.05 1.42 -6.90
CA ILE A 78 -1.82 0.29 -6.01
C ILE A 78 -1.26 -0.90 -6.77
N SER A 79 -0.16 -1.45 -6.27
CA SER A 79 0.48 -2.60 -6.90
C SER A 79 1.11 -3.52 -5.87
N ILE A 80 0.99 -4.83 -6.08
CA ILE A 80 1.55 -5.81 -5.16
C ILE A 80 2.96 -6.20 -5.57
N ARG A 81 3.85 -6.28 -4.59
CA ARG A 81 5.24 -6.65 -4.83
C ARG A 81 5.72 -7.69 -3.83
N ASN A 82 6.49 -8.65 -4.31
CA ASN A 82 7.02 -9.71 -3.46
C ASN A 82 5.89 -10.45 -2.75
N PRO A 83 4.85 -10.83 -3.54
CA PRO A 83 3.70 -11.56 -3.01
C PRO A 83 4.04 -12.99 -2.60
N ARG A 84 3.89 -13.29 -1.32
CA ARG A 84 4.18 -14.62 -0.80
C ARG A 84 2.89 -15.34 -0.40
N GLY A 85 2.70 -16.54 -0.94
CA GLY A 85 1.52 -17.31 -0.62
C GLY A 85 0.31 -16.88 -1.43
N LEU A 86 0.06 -15.57 -1.47
CA LEU A 86 -1.07 -15.03 -2.21
C LEU A 86 -0.91 -15.27 -3.71
N SER A 87 -1.77 -16.10 -4.26
CA SER A 87 -1.72 -16.43 -5.69
C SER A 87 -2.37 -15.32 -6.51
N ASP A 88 -2.16 -15.37 -7.82
CA ASP A 88 -2.73 -14.37 -8.73
C ASP A 88 -4.16 -14.03 -8.33
N GLU A 89 -4.96 -15.05 -8.08
CA GLU A 89 -6.35 -14.85 -7.68
C GLU A 89 -6.44 -14.01 -6.41
N GLN A 90 -5.98 -14.58 -5.30
CA GLN A 90 -6.01 -13.90 -4.01
C GLN A 90 -5.56 -12.44 -4.16
N ILE A 91 -4.45 -12.25 -4.87
CA ILE A 91 -3.91 -10.91 -5.09
C ILE A 91 -4.93 -10.01 -5.78
N HIS A 92 -5.46 -10.47 -6.90
CA HIS A 92 -6.45 -9.71 -7.65
C HIS A 92 -7.42 -9.00 -6.71
N THR A 93 -7.87 -9.72 -5.69
CA THR A 93 -8.80 -9.16 -4.71
C THR A 93 -8.19 -7.97 -3.99
N ILE A 94 -7.04 -8.19 -3.36
CA ILE A 94 -6.36 -7.13 -2.63
C ILE A 94 -6.50 -5.79 -3.34
N LEU A 95 -5.97 -5.71 -4.56
CA LEU A 95 -6.04 -4.49 -5.35
C LEU A 95 -7.47 -3.95 -5.39
N GLN A 96 -8.38 -4.75 -5.92
CA GLN A 96 -9.78 -4.35 -6.02
C GLN A 96 -10.23 -3.64 -4.76
N VAL A 97 -9.94 -4.24 -3.61
CA VAL A 97 -10.31 -3.65 -2.33
C VAL A 97 -9.52 -2.39 -2.05
N LEU A 98 -8.23 -2.54 -1.78
CA LEU A 98 -7.36 -1.40 -1.49
C LEU A 98 -7.73 -0.20 -2.37
N GLY A 99 -8.12 -0.49 -3.62
CA GLY A 99 -8.49 0.57 -4.53
C GLY A 99 -9.82 1.21 -4.17
N HIS A 100 -10.78 0.38 -3.77
CA HIS A 100 -12.10 0.86 -3.41
C HIS A 100 -12.01 1.93 -2.32
N VAL A 101 -11.13 1.70 -1.35
CA VAL A 101 -10.94 2.64 -0.25
C VAL A 101 -10.42 3.98 -0.75
N ALA A 102 -9.54 3.93 -1.74
CA ALA A 102 -8.96 5.15 -2.32
C ALA A 102 -10.02 5.94 -3.07
N LYS A 103 -10.67 5.29 -4.03
CA LYS A 103 -11.70 5.95 -4.83
C LYS A 103 -12.75 6.60 -3.93
N ALA A 104 -13.06 5.95 -2.82
CA ALA A 104 -14.04 6.47 -1.88
C ALA A 104 -13.46 7.61 -1.05
N GLY A 105 -12.13 7.64 -0.94
CA GLY A 105 -11.47 8.68 -0.18
C GLY A 105 -10.78 9.71 -1.06
N LEU A 106 -11.41 10.02 -2.19
CA LEU A 106 -10.86 10.99 -3.13
C LEU A 106 -10.95 12.41 -2.57
N GLY A 107 -9.93 13.21 -2.82
CA GLY A 107 -9.93 14.59 -2.34
C GLY A 107 -9.49 14.68 -0.89
N THR A 108 -9.05 13.57 -0.32
CA THR A 108 -8.62 13.54 1.06
C THR A 108 -7.48 12.54 1.26
N ALA A 109 -7.05 12.36 2.50
CA ALA A 109 -5.97 11.44 2.82
C ALA A 109 -6.48 10.00 2.86
N MET A 110 -5.76 9.11 2.18
CA MET A 110 -6.14 7.70 2.13
C MET A 110 -4.95 6.82 2.48
N LEU A 111 -3.75 7.28 2.15
CA LEU A 111 -2.53 6.53 2.43
C LEU A 111 -2.65 5.75 3.74
N TYR A 112 -3.11 6.44 4.78
CA TYR A 112 -3.28 5.82 6.09
C TYR A 112 -4.42 4.80 6.07
N GLU A 113 -5.50 5.14 5.38
CA GLU A 113 -6.65 4.25 5.29
C GLU A 113 -6.30 2.99 4.48
N LEU A 114 -5.97 3.18 3.22
CA LEU A 114 -5.61 2.06 2.34
C LEU A 114 -4.81 1.01 3.10
N ILE A 115 -3.87 1.47 3.92
CA ILE A 115 -3.04 0.57 4.71
C ILE A 115 -3.88 -0.26 5.67
N GLU A 116 -4.55 0.42 6.60
CA GLU A 116 -5.41 -0.25 7.57
C GLU A 116 -6.09 -1.46 6.96
N LYS A 117 -6.78 -1.24 5.86
CA LYS A 117 -7.49 -2.32 5.17
C LYS A 117 -6.52 -3.44 4.77
N GLY A 118 -5.50 -3.09 4.01
CA GLY A 118 -4.52 -4.07 3.58
C GLY A 118 -4.23 -5.10 4.65
N LYS A 119 -3.99 -4.63 5.87
CA LYS A 119 -3.70 -5.51 7.00
C LYS A 119 -4.76 -6.59 7.14
N GLU A 120 -6.03 -6.17 7.12
CA GLU A 120 -7.15 -7.10 7.24
C GLU A 120 -7.17 -8.08 6.07
N ILE A 121 -7.34 -7.56 4.86
CA ILE A 121 -7.37 -8.39 3.67
C ILE A 121 -6.34 -9.50 3.74
N LEU A 122 -5.27 -9.27 4.48
CA LEU A 122 -4.21 -10.25 4.64
C LEU A 122 -4.54 -11.24 5.75
N THR A 123 -4.50 -10.77 6.99
CA THR A 123 -4.80 -11.61 8.14
C THR A 123 -6.01 -12.50 7.87
N ASP A 124 -6.95 -12.00 7.07
CA ASP A 124 -8.15 -12.74 6.74
C ASP A 124 -7.82 -13.93 5.84
N ASN A 125 -6.98 -13.69 4.84
CA ASN A 125 -6.59 -14.75 3.91
C ASN A 125 -5.09 -15.00 3.99
N ASN A 126 -4.61 -15.34 5.18
CA ASN A 126 -3.19 -15.62 5.40
C ASN A 126 -2.88 -17.10 5.20
N ILE A 127 -3.69 -17.76 4.37
CA ILE A 127 -3.51 -19.17 4.09
C ILE A 127 -2.37 -19.40 3.10
N PRO A 128 -1.43 -20.28 3.46
CA PRO A 128 -0.28 -20.60 2.62
C PRO A 128 -0.68 -21.39 1.38
N HIS A 129 0.22 -21.44 0.40
CA HIS A 129 -0.04 -22.16 -0.84
C HIS A 129 1.27 -22.66 -1.46
N GLY A 130 1.18 -23.72 -2.24
CA GLY A 130 2.36 -24.28 -2.87
C GLY A 130 2.29 -25.79 -3.01
N GLN A 131 2.07 -26.47 -1.89
CA GLN A 131 1.97 -27.93 -1.89
C GLN A 131 0.71 -28.39 -1.18
N SER A 132 -0.30 -28.77 -1.97
CA SER A 132 -1.56 -29.24 -1.41
C SER A 132 -2.20 -28.17 -0.53
N GLY A 133 -2.14 -26.92 -0.98
CA GLY A 133 -2.71 -25.82 -0.23
C GLY A 133 -4.07 -25.41 -0.75
N PRO A 134 -5.13 -25.86 -0.07
CA PRO A 134 -6.51 -25.55 -0.46
C PRO A 134 -6.87 -24.08 -0.21
N SER A 135 -7.24 -23.38 -1.27
CA SER A 135 -7.59 -21.97 -1.17
C SER A 135 -9.10 -21.80 -1.08
N SER A 136 -9.54 -20.79 -0.33
CA SER A 136 -10.96 -20.51 -0.16
C SER A 136 -11.25 -19.03 -0.32
N GLY A 137 -12.28 -18.72 -1.11
CA GLY A 137 -12.65 -17.33 -1.34
C GLY A 137 -12.89 -16.58 -0.05
N GLY A 1 21.54 10.75 -11.04
CA GLY A 1 21.55 11.97 -11.82
C GLY A 1 21.00 13.15 -11.04
N SER A 2 20.95 14.30 -11.70
CA SER A 2 20.44 15.52 -11.06
C SER A 2 18.91 15.54 -11.06
N SER A 3 18.32 14.97 -10.02
CA SER A 3 16.87 14.92 -9.89
C SER A 3 16.32 16.22 -9.33
N GLY A 4 15.06 16.53 -9.67
CA GLY A 4 14.45 17.74 -9.19
C GLY A 4 13.14 17.49 -8.47
N SER A 5 13.08 17.89 -7.20
CA SER A 5 11.88 17.69 -6.40
C SER A 5 11.06 18.97 -6.31
N SER A 6 9.75 18.84 -6.47
CA SER A 6 8.85 19.99 -6.41
C SER A 6 7.48 19.58 -5.90
N GLY A 7 6.93 20.38 -4.99
CA GLY A 7 5.63 20.09 -4.43
C GLY A 7 4.70 21.29 -4.46
N GLU A 8 3.67 21.26 -3.62
CA GLU A 8 2.71 22.36 -3.56
C GLU A 8 2.54 22.85 -2.12
N GLU A 9 1.72 23.89 -1.94
CA GLU A 9 1.48 24.45 -0.63
C GLU A 9 0.28 23.77 0.05
N ASP A 10 -0.83 23.74 -0.66
CA ASP A 10 -2.05 23.13 -0.14
C ASP A 10 -2.09 21.64 -0.46
N TRP A 11 -0.94 20.98 -0.31
CA TRP A 11 -0.85 19.55 -0.58
C TRP A 11 -0.92 18.74 0.71
N VAL A 12 -1.98 17.94 0.84
CA VAL A 12 -2.16 17.10 2.02
C VAL A 12 -1.33 15.84 1.95
N LEU A 13 -0.92 15.47 0.73
CA LEU A 13 -0.11 14.28 0.52
C LEU A 13 1.12 14.30 1.41
N PRO A 14 1.87 15.41 1.37
CA PRO A 14 3.09 15.57 2.16
C PRO A 14 2.79 15.71 3.66
N SER A 15 1.73 16.45 3.97
CA SER A 15 1.35 16.67 5.36
C SER A 15 1.13 15.33 6.08
N GLU A 16 0.23 14.52 5.54
CA GLU A 16 -0.08 13.23 6.13
C GLU A 16 1.19 12.40 6.34
N VAL A 17 2.00 12.31 5.29
CA VAL A 17 3.26 11.56 5.35
C VAL A 17 4.02 11.88 6.64
N GLU A 18 4.13 13.16 6.95
CA GLU A 18 4.83 13.59 8.16
C GLU A 18 4.41 12.75 9.36
N VAL A 19 3.11 12.49 9.48
CA VAL A 19 2.59 11.70 10.59
C VAL A 19 3.00 10.23 10.45
N LEU A 20 2.81 9.67 9.26
CA LEU A 20 3.15 8.28 9.01
C LEU A 20 4.59 8.00 9.40
N GLU A 21 5.52 8.75 8.81
CA GLU A 21 6.94 8.57 9.10
C GLU A 21 7.16 8.40 10.60
N SER A 22 6.29 8.99 11.40
CA SER A 22 6.39 8.90 12.85
C SER A 22 5.92 7.54 13.35
N ILE A 23 4.88 7.02 12.71
CA ILE A 23 4.33 5.72 13.09
C ILE A 23 5.04 4.59 12.36
N TYR A 24 5.03 4.64 11.04
CA TYR A 24 5.68 3.62 10.22
C TYR A 24 7.04 4.10 9.72
N LEU A 25 7.81 4.72 10.61
CA LEU A 25 9.12 5.23 10.26
C LEU A 25 9.86 4.25 9.34
N ASP A 26 9.90 2.99 9.74
CA ASP A 26 10.56 1.96 8.95
C ASP A 26 9.54 1.05 8.25
N GLU A 27 8.57 0.58 9.02
CA GLU A 27 7.54 -0.30 8.49
C GLU A 27 7.19 0.09 7.06
N LEU A 28 7.06 1.39 6.82
CA LEU A 28 6.73 1.90 5.49
C LEU A 28 7.85 2.77 4.95
N GLN A 29 8.12 2.63 3.65
CA GLN A 29 9.17 3.41 3.00
C GLN A 29 8.59 4.55 2.19
N VAL A 30 9.21 5.72 2.27
CA VAL A 30 8.74 6.89 1.53
C VAL A 30 9.79 7.35 0.52
N ILE A 31 9.35 7.51 -0.73
CA ILE A 31 10.25 7.95 -1.79
C ILE A 31 9.65 9.13 -2.56
N LYS A 32 9.99 10.34 -2.16
CA LYS A 32 9.50 11.54 -2.81
C LYS A 32 10.47 12.02 -3.88
N GLY A 33 9.93 12.44 -5.02
CA GLY A 33 10.77 12.92 -6.11
C GLY A 33 11.48 11.80 -6.83
N ASN A 34 10.98 11.43 -8.00
CA ASN A 34 11.58 10.36 -8.79
C ASN A 34 10.88 10.22 -10.14
N GLY A 35 11.53 10.68 -11.19
CA GLY A 35 10.95 10.60 -12.52
C GLY A 35 10.72 11.96 -13.14
N ARG A 36 9.68 12.08 -13.95
CA ARG A 36 9.35 13.34 -14.61
C ARG A 36 8.40 14.16 -13.76
N THR A 37 7.28 13.56 -13.38
CA THR A 37 6.28 14.25 -12.56
C THR A 37 6.68 14.25 -11.09
N SER A 38 7.94 13.93 -10.83
CA SER A 38 8.46 13.90 -9.46
C SER A 38 7.40 13.38 -8.49
N PRO A 39 6.83 12.20 -8.82
CA PRO A 39 5.80 11.57 -7.99
C PRO A 39 6.35 11.05 -6.67
N TRP A 40 5.45 10.71 -5.76
CA TRP A 40 5.85 10.19 -4.45
C TRP A 40 5.52 8.71 -4.32
N GLU A 41 6.55 7.87 -4.40
CA GLU A 41 6.37 6.43 -4.29
C GLU A 41 6.54 5.97 -2.84
N ILE A 42 5.53 5.26 -2.33
CA ILE A 42 5.56 4.76 -0.97
C ILE A 42 5.32 3.25 -0.93
N TYR A 43 6.00 2.57 -0.01
CA TYR A 43 5.86 1.13 0.13
C TYR A 43 5.62 0.74 1.58
N ILE A 44 5.16 -0.48 1.80
CA ILE A 44 4.89 -0.97 3.14
C ILE A 44 4.72 -2.49 3.14
N THR A 45 4.99 -3.11 4.30
CA THR A 45 4.86 -4.56 4.44
C THR A 45 3.93 -4.91 5.59
N LEU A 46 2.83 -5.58 5.27
CA LEU A 46 1.85 -5.99 6.28
C LEU A 46 2.08 -7.43 6.71
N HIS A 47 1.59 -7.77 7.89
CA HIS A 47 1.74 -9.13 8.42
C HIS A 47 0.42 -9.64 8.97
N PRO A 48 0.17 -10.95 8.78
CA PRO A 48 -1.07 -11.59 9.26
C PRO A 48 -1.11 -11.70 10.78
N ALA A 49 -2.23 -12.16 11.30
CA ALA A 49 -2.41 -12.32 12.73
C ALA A 49 -1.54 -13.46 13.28
N THR A 50 -0.35 -13.11 13.74
CA THR A 50 0.57 -14.10 14.29
C THR A 50 1.24 -13.60 15.56
N ALA A 51 2.02 -14.46 16.20
CA ALA A 51 2.70 -14.11 17.43
C ALA A 51 4.16 -14.57 17.40
N GLU A 52 4.39 -15.72 16.78
CA GLU A 52 5.74 -16.26 16.68
C GLU A 52 6.23 -16.25 15.24
N ASP A 53 5.65 -15.37 14.43
CA ASP A 53 6.02 -15.26 13.02
C ASP A 53 6.76 -13.95 12.77
N GLN A 54 7.58 -13.54 13.73
CA GLN A 54 8.34 -12.30 13.61
C GLN A 54 9.74 -12.57 13.05
N ASP A 55 10.41 -13.57 13.63
CA ASP A 55 11.76 -13.94 13.19
C ASP A 55 11.74 -14.53 11.79
N SER A 56 10.80 -15.45 11.57
CA SER A 56 10.67 -16.11 10.27
C SER A 56 9.32 -15.80 9.64
N GLN A 57 9.34 -15.05 8.54
CA GLN A 57 8.11 -14.68 7.84
C GLN A 57 7.88 -15.59 6.64
N TYR A 58 6.62 -15.76 6.26
CA TYR A 58 6.26 -16.61 5.13
C TYR A 58 5.35 -15.86 4.16
N VAL A 59 4.16 -15.50 4.63
CA VAL A 59 3.19 -14.79 3.81
C VAL A 59 3.27 -13.28 4.06
N CYS A 60 3.56 -12.52 3.02
CA CYS A 60 3.66 -11.07 3.13
C CYS A 60 3.51 -10.41 1.75
N PHE A 61 2.85 -9.26 1.72
CA PHE A 61 2.65 -8.53 0.48
C PHE A 61 3.02 -7.06 0.64
N THR A 62 4.01 -6.61 -0.13
CA THR A 62 4.47 -5.23 -0.08
C THR A 62 3.51 -4.31 -0.84
N LEU A 63 2.55 -3.75 -0.13
CA LEU A 63 1.58 -2.85 -0.72
C LEU A 63 2.27 -1.62 -1.32
N VAL A 64 2.46 -1.65 -2.64
CA VAL A 64 3.11 -0.54 -3.33
C VAL A 64 2.13 0.59 -3.60
N LEU A 65 2.32 1.71 -2.92
CA LEU A 65 1.45 2.86 -3.09
C LEU A 65 2.18 4.00 -3.79
N GLN A 66 1.89 4.18 -5.08
CA GLN A 66 2.52 5.23 -5.86
C GLN A 66 1.62 6.46 -5.95
N VAL A 67 1.98 7.51 -5.22
CA VAL A 67 1.20 8.74 -5.22
C VAL A 67 1.59 9.64 -6.38
N PRO A 68 0.67 9.80 -7.34
CA PRO A 68 0.89 10.63 -8.53
C PRO A 68 0.95 12.13 -8.18
N ALA A 69 1.08 12.95 -9.21
CA ALA A 69 1.14 14.40 -9.02
C ALA A 69 -0.26 14.99 -8.83
N GLU A 70 -1.27 14.21 -9.19
CA GLU A 70 -2.66 14.66 -9.05
C GLU A 70 -3.17 14.40 -7.63
N TYR A 71 -2.75 13.28 -7.05
CA TYR A 71 -3.17 12.92 -5.70
C TYR A 71 -3.39 14.17 -4.84
N PRO A 72 -4.41 14.12 -3.97
CA PRO A 72 -5.29 12.95 -3.86
C PRO A 72 -6.18 12.75 -5.08
N HIS A 73 -6.46 13.85 -5.77
CA HIS A 73 -7.30 13.80 -6.96
C HIS A 73 -7.17 12.46 -7.67
N GLU A 74 -5.95 11.95 -7.75
CA GLU A 74 -5.68 10.68 -8.40
C GLU A 74 -5.17 9.65 -7.40
N VAL A 75 -5.98 8.62 -7.15
CA VAL A 75 -5.61 7.57 -6.21
C VAL A 75 -4.23 7.01 -6.53
N PRO A 76 -3.50 6.58 -5.49
CA PRO A 76 -2.16 6.01 -5.65
C PRO A 76 -2.19 4.63 -6.31
N GLN A 77 -1.44 4.50 -7.40
CA GLN A 77 -1.37 3.24 -8.13
C GLN A 77 -1.02 2.08 -7.19
N ILE A 78 -2.01 1.24 -6.90
CA ILE A 78 -1.81 0.10 -6.02
C ILE A 78 -1.32 -1.12 -6.79
N SER A 79 -0.30 -1.79 -6.26
CA SER A 79 0.26 -2.97 -6.90
C SER A 79 1.00 -3.83 -5.90
N ILE A 80 0.87 -5.15 -6.04
CA ILE A 80 1.53 -6.08 -5.14
C ILE A 80 2.94 -6.39 -5.62
N ARG A 81 3.92 -6.18 -4.73
CA ARG A 81 5.32 -6.43 -5.07
C ARG A 81 5.88 -7.56 -4.22
N ASN A 82 6.68 -8.43 -4.84
CA ASN A 82 7.27 -9.56 -4.13
C ASN A 82 6.22 -10.33 -3.35
N PRO A 83 5.14 -10.74 -4.04
CA PRO A 83 4.04 -11.49 -3.43
C PRO A 83 4.46 -12.92 -3.06
N ARG A 84 4.46 -13.20 -1.76
CA ARG A 84 4.83 -14.53 -1.26
C ARG A 84 3.60 -15.29 -0.77
N GLY A 85 3.44 -16.51 -1.24
CA GLY A 85 2.31 -17.32 -0.82
C GLY A 85 1.04 -16.96 -1.56
N LEU A 86 0.73 -15.67 -1.61
CA LEU A 86 -0.47 -15.19 -2.29
C LEU A 86 -0.45 -15.58 -3.77
N SER A 87 -1.64 -15.71 -4.36
CA SER A 87 -1.76 -16.08 -5.76
C SER A 87 -2.63 -15.07 -6.51
N ASP A 88 -2.52 -15.09 -7.84
CA ASP A 88 -3.30 -14.18 -8.67
C ASP A 88 -4.69 -13.96 -8.09
N GLU A 89 -5.33 -15.04 -7.67
CA GLU A 89 -6.67 -14.96 -7.09
C GLU A 89 -6.68 -14.03 -5.87
N GLN A 90 -5.98 -14.44 -4.82
CA GLN A 90 -5.91 -13.66 -3.59
C GLN A 90 -5.60 -12.20 -3.90
N ILE A 91 -4.56 -11.99 -4.71
CA ILE A 91 -4.15 -10.63 -5.08
C ILE A 91 -5.31 -9.86 -5.70
N HIS A 92 -5.84 -10.38 -6.79
CA HIS A 92 -6.96 -9.74 -7.48
C HIS A 92 -7.90 -9.07 -6.48
N THR A 93 -8.21 -9.79 -5.41
CA THR A 93 -9.11 -9.28 -4.38
C THR A 93 -8.47 -8.11 -3.64
N ILE A 94 -7.25 -8.31 -3.15
CA ILE A 94 -6.53 -7.27 -2.42
C ILE A 94 -6.57 -5.95 -3.19
N LEU A 95 -6.16 -5.98 -4.45
CA LEU A 95 -6.14 -4.79 -5.27
C LEU A 95 -7.52 -4.14 -5.34
N GLN A 96 -8.48 -4.87 -5.89
CA GLN A 96 -9.85 -4.38 -6.00
C GLN A 96 -10.28 -3.67 -4.73
N VAL A 97 -10.02 -4.30 -3.59
CA VAL A 97 -10.38 -3.73 -2.30
C VAL A 97 -9.56 -2.48 -2.00
N LEU A 98 -8.29 -2.67 -1.69
CA LEU A 98 -7.39 -1.56 -1.40
C LEU A 98 -7.72 -0.34 -2.28
N GLY A 99 -7.90 -0.59 -3.57
CA GLY A 99 -8.21 0.49 -4.49
C GLY A 99 -9.54 1.14 -4.19
N HIS A 100 -10.54 0.31 -3.88
CA HIS A 100 -11.88 0.82 -3.57
C HIS A 100 -11.82 1.89 -2.49
N VAL A 101 -11.10 1.60 -1.41
CA VAL A 101 -10.96 2.53 -0.30
C VAL A 101 -10.38 3.86 -0.77
N ALA A 102 -9.42 3.78 -1.68
CA ALA A 102 -8.77 4.98 -2.22
C ALA A 102 -9.76 5.81 -3.03
N LYS A 103 -10.31 5.21 -4.08
CA LYS A 103 -11.27 5.90 -4.93
C LYS A 103 -12.40 6.52 -4.11
N ALA A 104 -12.82 5.81 -3.07
CA ALA A 104 -13.88 6.29 -2.20
C ALA A 104 -13.38 7.43 -1.30
N GLY A 105 -12.06 7.55 -1.20
CA GLY A 105 -11.48 8.60 -0.37
C GLY A 105 -10.65 9.58 -1.18
N LEU A 106 -11.17 9.96 -2.34
CA LEU A 106 -10.47 10.91 -3.21
C LEU A 106 -10.54 12.32 -2.65
N GLY A 107 -9.56 13.14 -2.99
CA GLY A 107 -9.53 14.50 -2.51
C GLY A 107 -8.93 14.62 -1.12
N THR A 108 -9.18 13.61 -0.29
CA THR A 108 -8.67 13.61 1.07
C THR A 108 -7.64 12.50 1.27
N ALA A 109 -6.93 12.56 2.39
CA ALA A 109 -5.91 11.56 2.70
C ALA A 109 -6.48 10.15 2.61
N MET A 110 -5.75 9.26 1.95
CA MET A 110 -6.18 7.87 1.80
C MET A 110 -5.06 6.91 2.16
N LEU A 111 -3.84 7.24 1.73
CA LEU A 111 -2.68 6.40 2.00
C LEU A 111 -2.83 5.68 3.34
N TYR A 112 -2.81 6.46 4.43
CA TYR A 112 -2.93 5.90 5.76
C TYR A 112 -4.00 4.80 5.81
N GLU A 113 -5.21 5.16 5.38
CA GLU A 113 -6.32 4.21 5.36
C GLU A 113 -5.98 2.98 4.52
N LEU A 114 -5.67 3.21 3.25
CA LEU A 114 -5.33 2.11 2.35
C LEU A 114 -4.53 1.04 3.08
N ILE A 115 -3.54 1.46 3.85
CA ILE A 115 -2.70 0.54 4.60
C ILE A 115 -3.54 -0.28 5.59
N GLU A 116 -4.23 0.42 6.48
CA GLU A 116 -5.07 -0.23 7.48
C GLU A 116 -5.86 -1.39 6.86
N LYS A 117 -6.63 -1.06 5.83
CA LYS A 117 -7.44 -2.07 5.14
C LYS A 117 -6.59 -3.27 4.76
N GLY A 118 -5.50 -3.03 4.04
CA GLY A 118 -4.63 -4.11 3.62
C GLY A 118 -4.29 -5.05 4.76
N LYS A 119 -4.24 -4.51 5.98
CA LYS A 119 -3.92 -5.30 7.15
C LYS A 119 -5.01 -6.34 7.43
N GLU A 120 -6.26 -5.94 7.23
CA GLU A 120 -7.39 -6.83 7.45
C GLU A 120 -7.53 -7.84 6.31
N ILE A 121 -7.34 -7.36 5.08
CA ILE A 121 -7.44 -8.20 3.90
C ILE A 121 -6.54 -9.43 4.03
N LEU A 122 -5.31 -9.20 4.47
CA LEU A 122 -4.34 -10.29 4.64
C LEU A 122 -4.68 -11.13 5.87
N THR A 123 -4.96 -10.45 6.98
CA THR A 123 -5.30 -11.13 8.22
C THR A 123 -6.40 -12.17 8.00
N ASP A 124 -7.23 -11.93 7.01
CA ASP A 124 -8.32 -12.84 6.68
C ASP A 124 -7.83 -14.01 5.84
N ASN A 125 -7.19 -13.68 4.72
CA ASN A 125 -6.66 -14.70 3.81
C ASN A 125 -5.22 -15.03 4.14
N ASN A 126 -4.88 -14.96 5.43
CA ASN A 126 -3.51 -15.25 5.88
C ASN A 126 -3.14 -16.70 5.57
N ILE A 127 -4.13 -17.59 5.64
CA ILE A 127 -3.90 -19.00 5.37
C ILE A 127 -3.57 -19.23 3.90
N PRO A 128 -2.43 -19.89 3.64
CA PRO A 128 -1.98 -20.20 2.28
C PRO A 128 -2.86 -21.23 1.59
N HIS A 129 -2.49 -21.60 0.37
CA HIS A 129 -3.24 -22.57 -0.40
C HIS A 129 -2.45 -23.88 -0.54
N GLY A 130 -1.30 -23.80 -1.20
CA GLY A 130 -0.47 -24.97 -1.39
C GLY A 130 -0.56 -25.50 -2.81
N GLN A 131 0.45 -25.19 -3.62
CA GLN A 131 0.48 -25.65 -5.00
C GLN A 131 1.05 -27.07 -5.10
N SER A 132 0.36 -27.93 -5.84
CA SER A 132 0.78 -29.31 -6.01
C SER A 132 0.14 -29.93 -7.24
N GLY A 133 0.96 -30.58 -8.07
CA GLY A 133 0.45 -31.20 -9.28
C GLY A 133 0.74 -30.40 -10.53
N PRO A 134 1.36 -31.04 -11.52
CA PRO A 134 1.70 -30.37 -12.79
C PRO A 134 0.48 -30.05 -13.63
N SER A 135 0.00 -28.82 -13.52
CA SER A 135 -1.17 -28.39 -14.27
C SER A 135 -0.76 -27.54 -15.47
N SER A 136 -1.48 -27.70 -16.59
CA SER A 136 -1.20 -26.96 -17.80
C SER A 136 -2.19 -25.82 -17.98
N GLY A 137 -1.93 -24.97 -18.98
CA GLY A 137 -2.81 -23.84 -19.24
C GLY A 137 -4.27 -24.24 -19.22
N GLY A 1 14.80 19.56 -23.32
CA GLY A 1 14.98 20.51 -22.24
C GLY A 1 13.96 20.35 -21.14
N SER A 2 14.39 20.51 -19.90
CA SER A 2 13.50 20.37 -18.75
C SER A 2 12.95 21.73 -18.33
N SER A 3 11.66 21.76 -18.01
CA SER A 3 11.00 23.00 -17.60
C SER A 3 10.27 22.81 -16.27
N GLY A 4 10.57 23.67 -15.31
CA GLY A 4 9.94 23.59 -14.01
C GLY A 4 9.17 24.84 -13.65
N SER A 5 8.15 24.70 -12.81
CA SER A 5 7.34 25.83 -12.39
C SER A 5 6.63 25.54 -11.07
N SER A 6 6.17 26.59 -10.40
CA SER A 6 5.49 26.45 -9.12
C SER A 6 4.61 25.21 -9.12
N GLY A 7 4.40 24.65 -7.93
CA GLY A 7 3.57 23.45 -7.81
C GLY A 7 2.10 23.78 -7.69
N GLU A 8 1.54 23.54 -6.51
CA GLU A 8 0.12 23.80 -6.27
C GLU A 8 -0.08 24.64 -5.01
N GLU A 9 -1.31 25.06 -4.77
CA GLU A 9 -1.63 25.87 -3.60
C GLU A 9 -1.33 25.12 -2.31
N ASP A 10 -1.83 23.89 -2.23
CA ASP A 10 -1.62 23.06 -1.05
C ASP A 10 -1.51 21.59 -1.44
N TRP A 11 -1.22 20.74 -0.45
CA TRP A 11 -1.09 19.31 -0.69
C TRP A 11 -1.08 18.54 0.62
N VAL A 12 -2.08 17.66 0.80
CA VAL A 12 -2.18 16.86 2.01
C VAL A 12 -1.27 15.64 1.94
N LEU A 13 -1.01 15.18 0.72
CA LEU A 13 -0.15 14.02 0.52
C LEU A 13 1.12 14.11 1.37
N PRO A 14 1.81 15.25 1.28
CA PRO A 14 3.03 15.50 2.04
C PRO A 14 2.78 15.66 3.53
N SER A 15 1.67 16.31 3.86
CA SER A 15 1.31 16.54 5.26
C SER A 15 1.11 15.22 5.99
N GLU A 16 0.26 14.36 5.44
CA GLU A 16 -0.01 13.06 6.04
C GLU A 16 1.28 12.27 6.24
N VAL A 17 2.18 12.37 5.26
CA VAL A 17 3.46 11.66 5.33
C VAL A 17 4.20 12.00 6.62
N GLU A 18 4.35 13.29 6.89
CA GLU A 18 5.04 13.74 8.09
C GLU A 18 4.62 12.92 9.31
N VAL A 19 3.33 12.69 9.45
CA VAL A 19 2.80 11.91 10.56
C VAL A 19 3.15 10.43 10.41
N LEU A 20 2.87 9.87 9.24
CA LEU A 20 3.15 8.47 8.97
C LEU A 20 4.59 8.12 9.35
N GLU A 21 5.54 8.86 8.78
CA GLU A 21 6.95 8.64 9.05
C GLU A 21 7.19 8.46 10.54
N SER A 22 6.39 9.14 11.35
CA SER A 22 6.52 9.06 12.80
C SER A 22 6.03 7.72 13.32
N ILE A 23 4.99 7.19 12.69
CA ILE A 23 4.43 5.90 13.10
C ILE A 23 5.13 4.76 12.37
N TYR A 24 5.06 4.77 11.04
CA TYR A 24 5.69 3.73 10.23
C TYR A 24 7.05 4.19 9.73
N LEU A 25 7.84 4.80 10.61
CA LEU A 25 9.17 5.28 10.25
C LEU A 25 9.90 4.26 9.39
N ASP A 26 9.87 2.99 9.82
CA ASP A 26 10.53 1.93 9.08
C ASP A 26 9.51 1.05 8.36
N GLU A 27 8.56 0.52 9.12
CA GLU A 27 7.52 -0.34 8.56
C GLU A 27 7.17 0.10 7.14
N LEU A 28 7.18 1.41 6.91
CA LEU A 28 6.85 1.96 5.60
C LEU A 28 7.95 2.88 5.11
N GLN A 29 8.18 2.91 3.80
CA GLN A 29 9.21 3.75 3.21
C GLN A 29 8.59 4.89 2.43
N VAL A 30 9.27 6.04 2.40
CA VAL A 30 8.79 7.20 1.68
C VAL A 30 9.84 7.75 0.72
N ILE A 31 9.45 7.95 -0.53
CA ILE A 31 10.37 8.47 -1.54
C ILE A 31 9.78 9.69 -2.24
N LYS A 32 10.47 10.82 -2.12
CA LYS A 32 10.02 12.05 -2.75
C LYS A 32 10.21 12.00 -4.26
N GLY A 33 9.47 12.84 -4.97
CA GLY A 33 9.58 12.88 -6.43
C GLY A 33 9.90 14.25 -6.95
N ASN A 34 10.32 14.32 -8.21
CA ASN A 34 10.67 15.59 -8.83
C ASN A 34 10.15 15.67 -10.26
N GLY A 35 10.03 16.88 -10.78
CA GLY A 35 9.53 17.06 -12.14
C GLY A 35 8.09 17.51 -12.17
N ARG A 36 7.46 17.40 -13.34
CA ARG A 36 6.07 17.81 -13.50
C ARG A 36 5.16 17.01 -12.57
N THR A 37 5.02 15.72 -12.86
CA THR A 37 4.18 14.85 -12.04
C THR A 37 4.74 14.69 -10.64
N SER A 38 6.07 14.75 -10.52
CA SER A 38 6.74 14.61 -9.24
C SER A 38 5.97 13.66 -8.33
N PRO A 39 5.72 12.45 -8.82
CA PRO A 39 4.99 11.42 -8.07
C PRO A 39 5.79 10.88 -6.89
N TRP A 40 5.11 10.65 -5.78
CA TRP A 40 5.76 10.14 -4.58
C TRP A 40 5.57 8.63 -4.46
N GLU A 41 6.65 7.92 -4.16
CA GLU A 41 6.59 6.46 -4.02
C GLU A 41 6.70 6.05 -2.55
N ILE A 42 5.81 5.16 -2.13
CA ILE A 42 5.81 4.69 -0.76
C ILE A 42 5.63 3.17 -0.70
N TYR A 43 6.35 2.54 0.23
CA TYR A 43 6.27 1.09 0.40
C TYR A 43 5.96 0.72 1.84
N ILE A 44 5.56 -0.53 2.05
CA ILE A 44 5.22 -1.02 3.39
C ILE A 44 4.99 -2.52 3.38
N THR A 45 5.20 -3.15 4.53
CA THR A 45 5.01 -4.59 4.66
C THR A 45 3.86 -4.91 5.61
N LEU A 46 2.75 -5.38 5.05
CA LEU A 46 1.58 -5.72 5.85
C LEU A 46 1.54 -7.21 6.15
N HIS A 47 1.45 -7.56 7.43
CA HIS A 47 1.39 -8.95 7.86
C HIS A 47 0.22 -9.19 8.80
N PRO A 48 -0.37 -10.39 8.70
CA PRO A 48 -1.52 -10.77 9.53
C PRO A 48 -1.13 -10.98 10.99
N ALA A 49 -2.08 -11.43 11.80
CA ALA A 49 -1.84 -11.68 13.21
C ALA A 49 -2.08 -13.14 13.56
N THR A 50 -1.03 -13.95 13.45
CA THR A 50 -1.13 -15.37 13.76
C THR A 50 -0.11 -15.77 14.81
N ALA A 51 -0.11 -17.06 15.18
CA ALA A 51 0.82 -17.57 16.18
C ALA A 51 2.08 -18.14 15.52
N GLU A 52 2.95 -18.73 16.32
CA GLU A 52 4.19 -19.31 15.81
C GLU A 52 3.97 -19.98 14.46
N ASP A 53 2.75 -20.48 14.24
CA ASP A 53 2.40 -21.14 12.99
C ASP A 53 2.98 -20.39 11.80
N GLN A 54 2.87 -19.06 11.83
CA GLN A 54 3.37 -18.23 10.75
C GLN A 54 4.67 -17.53 11.17
N ASP A 55 5.79 -18.24 11.04
CA ASP A 55 7.09 -17.68 11.41
C ASP A 55 7.84 -17.23 10.16
N SER A 56 8.73 -16.25 10.35
CA SER A 56 9.51 -15.72 9.24
C SER A 56 8.62 -15.09 8.18
N GLN A 57 7.65 -14.29 8.64
CA GLN A 57 6.72 -13.63 7.73
C GLN A 57 6.41 -14.51 6.53
N TYR A 58 6.13 -15.78 6.79
CA TYR A 58 5.83 -16.73 5.73
C TYR A 58 4.94 -16.09 4.67
N VAL A 59 3.84 -15.48 5.10
CA VAL A 59 2.92 -14.82 4.18
C VAL A 59 2.97 -13.31 4.35
N CYS A 60 3.29 -12.61 3.27
CA CYS A 60 3.36 -11.16 3.29
C CYS A 60 3.35 -10.58 1.87
N PHE A 61 3.17 -9.27 1.77
CA PHE A 61 3.14 -8.60 0.48
C PHE A 61 3.50 -7.13 0.62
N THR A 62 4.60 -6.72 -0.02
CA THR A 62 5.05 -5.34 0.03
C THR A 62 4.06 -4.41 -0.66
N LEU A 63 3.08 -3.92 0.09
CA LEU A 63 2.07 -3.02 -0.46
C LEU A 63 2.71 -1.77 -1.04
N VAL A 64 2.44 -1.49 -2.32
CA VAL A 64 2.99 -0.32 -2.98
C VAL A 64 1.97 0.80 -3.05
N LEU A 65 2.44 2.04 -2.89
CA LEU A 65 1.57 3.21 -2.93
C LEU A 65 2.17 4.31 -3.79
N GLN A 66 1.65 4.44 -5.01
CA GLN A 66 2.13 5.45 -5.94
C GLN A 66 1.20 6.67 -5.94
N VAL A 67 1.66 7.75 -5.32
CA VAL A 67 0.88 8.98 -5.25
C VAL A 67 1.24 9.92 -6.38
N PRO A 68 0.34 10.04 -7.37
CA PRO A 68 0.55 10.91 -8.54
C PRO A 68 0.47 12.38 -8.18
N ALA A 69 0.49 13.25 -9.19
CA ALA A 69 0.42 14.69 -8.98
C ALA A 69 -1.00 15.12 -8.64
N GLU A 70 -1.98 14.46 -9.25
CA GLU A 70 -3.38 14.79 -9.02
C GLU A 70 -3.76 14.53 -7.56
N TYR A 71 -3.30 13.41 -7.02
CA TYR A 71 -3.59 13.06 -5.64
C TYR A 71 -3.73 14.31 -4.77
N PRO A 72 -4.69 14.27 -3.83
CA PRO A 72 -5.57 13.10 -3.64
C PRO A 72 -6.54 12.91 -4.79
N HIS A 73 -6.94 14.02 -5.41
CA HIS A 73 -7.88 13.98 -6.54
C HIS A 73 -7.79 12.64 -7.26
N GLU A 74 -6.56 12.20 -7.53
CA GLU A 74 -6.33 10.94 -8.22
C GLU A 74 -5.89 9.85 -7.25
N VAL A 75 -6.52 8.68 -7.34
CA VAL A 75 -6.19 7.57 -6.47
C VAL A 75 -4.78 7.05 -6.73
N PRO A 76 -4.08 6.67 -5.66
CA PRO A 76 -2.70 6.16 -5.75
C PRO A 76 -2.64 4.79 -6.41
N GLN A 77 -1.72 4.64 -7.35
CA GLN A 77 -1.55 3.38 -8.06
C GLN A 77 -1.17 2.25 -7.10
N ILE A 78 -2.13 1.41 -6.77
CA ILE A 78 -1.89 0.29 -5.85
C ILE A 78 -1.45 -0.95 -6.61
N SER A 79 -0.33 -1.53 -6.18
CA SER A 79 0.21 -2.72 -6.82
C SER A 79 0.90 -3.63 -5.79
N ILE A 80 0.79 -4.93 -6.00
CA ILE A 80 1.40 -5.90 -5.09
C ILE A 80 2.82 -6.23 -5.53
N ARG A 81 3.76 -6.10 -4.59
CA ARG A 81 5.16 -6.40 -4.88
C ARG A 81 5.66 -7.56 -4.02
N ASN A 82 6.40 -8.47 -4.65
CA ASN A 82 6.93 -9.64 -3.95
C ASN A 82 5.83 -10.36 -3.19
N PRO A 83 4.75 -10.72 -3.90
CA PRO A 83 3.61 -11.42 -3.32
C PRO A 83 3.95 -12.87 -2.94
N ARG A 84 3.90 -13.16 -1.65
CA ARG A 84 4.21 -14.50 -1.16
C ARG A 84 2.94 -15.22 -0.72
N GLY A 85 2.75 -16.44 -1.21
CA GLY A 85 1.58 -17.21 -0.85
C GLY A 85 0.35 -16.79 -1.63
N LEU A 86 0.15 -15.47 -1.75
CA LEU A 86 -0.99 -14.93 -2.46
C LEU A 86 -0.83 -15.12 -3.97
N SER A 87 -1.81 -15.78 -4.58
CA SER A 87 -1.78 -16.03 -6.02
C SER A 87 -2.62 -15.00 -6.76
N ASP A 88 -2.58 -15.06 -8.09
CA ASP A 88 -3.33 -14.13 -8.93
C ASP A 88 -4.72 -13.89 -8.35
N GLU A 89 -5.41 -14.97 -7.98
CA GLU A 89 -6.75 -14.87 -7.42
C GLU A 89 -6.75 -13.99 -6.17
N GLN A 90 -6.00 -14.42 -5.15
CA GLN A 90 -5.92 -13.67 -3.91
C GLN A 90 -5.57 -12.21 -4.15
N ILE A 91 -4.47 -11.99 -4.85
CA ILE A 91 -4.03 -10.63 -5.17
C ILE A 91 -5.15 -9.83 -5.82
N HIS A 92 -5.83 -10.44 -6.77
CA HIS A 92 -6.93 -9.79 -7.48
C HIS A 92 -7.88 -9.13 -6.49
N THR A 93 -8.34 -9.89 -5.51
CA THR A 93 -9.26 -9.38 -4.50
C THR A 93 -8.62 -8.26 -3.69
N ILE A 94 -7.43 -8.53 -3.16
CA ILE A 94 -6.71 -7.54 -2.37
C ILE A 94 -6.71 -6.18 -3.06
N LEU A 95 -6.29 -6.16 -4.31
CA LEU A 95 -6.24 -4.93 -5.09
C LEU A 95 -7.62 -4.30 -5.22
N GLN A 96 -8.53 -5.02 -5.87
CA GLN A 96 -9.89 -4.55 -6.06
C GLN A 96 -10.36 -3.75 -4.84
N VAL A 97 -10.16 -4.31 -3.66
CA VAL A 97 -10.55 -3.65 -2.42
C VAL A 97 -9.75 -2.39 -2.19
N LEU A 98 -8.45 -2.54 -1.94
CA LEU A 98 -7.57 -1.41 -1.70
C LEU A 98 -7.91 -0.25 -2.64
N GLY A 99 -8.18 -0.57 -3.89
CA GLY A 99 -8.52 0.44 -4.87
C GLY A 99 -9.82 1.15 -4.55
N HIS A 100 -10.85 0.37 -4.25
CA HIS A 100 -12.16 0.93 -3.93
C HIS A 100 -12.05 1.95 -2.80
N VAL A 101 -11.29 1.61 -1.77
CA VAL A 101 -11.10 2.49 -0.63
C VAL A 101 -10.53 3.84 -1.06
N ALA A 102 -9.56 3.80 -1.97
CA ALA A 102 -8.94 5.01 -2.46
C ALA A 102 -9.95 5.90 -3.19
N LYS A 103 -10.56 5.35 -4.24
CA LYS A 103 -11.56 6.09 -5.01
C LYS A 103 -12.65 6.64 -4.11
N ALA A 104 -13.05 5.83 -3.13
CA ALA A 104 -14.10 6.22 -2.19
C ALA A 104 -13.62 7.35 -1.28
N GLY A 105 -12.32 7.39 -1.02
CA GLY A 105 -11.76 8.42 -0.18
C GLY A 105 -10.94 9.45 -0.95
N LEU A 106 -11.51 9.93 -2.05
CA LEU A 106 -10.84 10.92 -2.88
C LEU A 106 -10.84 12.29 -2.22
N GLY A 107 -9.93 13.15 -2.64
CA GLY A 107 -9.83 14.49 -2.08
C GLY A 107 -9.45 14.47 -0.61
N THR A 108 -9.17 13.29 -0.09
CA THR A 108 -8.78 13.14 1.32
C THR A 108 -7.58 12.21 1.46
N ALA A 109 -7.14 12.01 2.69
CA ALA A 109 -6.00 11.14 2.97
C ALA A 109 -6.42 9.67 2.96
N MET A 110 -6.00 8.94 1.93
CA MET A 110 -6.34 7.53 1.81
C MET A 110 -5.12 6.66 2.09
N LEU A 111 -3.93 7.19 1.79
CA LEU A 111 -2.69 6.47 2.02
C LEU A 111 -2.79 5.58 3.25
N TYR A 112 -2.78 6.20 4.43
CA TYR A 112 -2.87 5.47 5.68
C TYR A 112 -3.94 4.36 5.59
N GLU A 113 -5.13 4.74 5.14
CA GLU A 113 -6.22 3.78 5.01
C GLU A 113 -5.81 2.60 4.15
N LEU A 114 -5.62 2.85 2.86
CA LEU A 114 -5.23 1.79 1.93
C LEU A 114 -4.23 0.84 2.57
N ILE A 115 -3.36 1.37 3.42
CA ILE A 115 -2.36 0.56 4.11
C ILE A 115 -3.01 -0.27 5.23
N GLU A 116 -3.38 0.39 6.31
CA GLU A 116 -4.01 -0.28 7.44
C GLU A 116 -5.00 -1.33 6.96
N LYS A 117 -5.70 -1.03 5.88
CA LYS A 117 -6.68 -1.96 5.31
C LYS A 117 -6.03 -3.29 4.97
N GLY A 118 -5.07 -3.27 4.05
CA GLY A 118 -4.40 -4.48 3.65
C GLY A 118 -4.16 -5.43 4.82
N LYS A 119 -3.64 -4.88 5.92
CA LYS A 119 -3.37 -5.68 7.10
C LYS A 119 -4.57 -6.55 7.46
N GLU A 120 -5.77 -5.97 7.38
CA GLU A 120 -6.99 -6.68 7.69
C GLU A 120 -7.28 -7.76 6.65
N ILE A 121 -7.45 -7.34 5.40
CA ILE A 121 -7.72 -8.27 4.31
C ILE A 121 -6.99 -9.59 4.52
N LEU A 122 -5.66 -9.52 4.54
CA LEU A 122 -4.84 -10.72 4.72
C LEU A 122 -5.27 -11.48 5.97
N THR A 123 -5.36 -10.77 7.09
CA THR A 123 -5.76 -11.37 8.36
C THR A 123 -6.82 -12.44 8.15
N ASP A 124 -7.76 -12.17 7.25
CA ASP A 124 -8.82 -13.12 6.95
C ASP A 124 -8.31 -14.29 6.12
N ASN A 125 -7.72 -13.98 4.97
CA ASN A 125 -7.18 -15.01 4.10
C ASN A 125 -5.70 -15.25 4.38
N ASN A 126 -5.35 -15.33 5.66
CA ASN A 126 -3.97 -15.55 6.06
C ASN A 126 -3.68 -17.04 6.24
N ILE A 127 -4.52 -17.88 5.64
CA ILE A 127 -4.36 -19.32 5.73
C ILE A 127 -3.46 -19.85 4.62
N PRO A 128 -2.43 -20.62 5.01
CA PRO A 128 -1.48 -21.20 4.05
C PRO A 128 -2.11 -22.29 3.19
N HIS A 129 -1.78 -22.29 1.90
CA HIS A 129 -2.31 -23.28 0.98
C HIS A 129 -1.56 -24.60 1.10
N GLY A 130 -2.29 -25.70 1.02
CA GLY A 130 -1.67 -27.01 1.12
C GLY A 130 -0.63 -27.25 0.05
N GLN A 131 0.12 -28.34 0.19
CA GLN A 131 1.16 -28.67 -0.78
C GLN A 131 0.81 -29.97 -1.52
N SER A 132 0.73 -29.88 -2.83
CA SER A 132 0.41 -31.04 -3.66
C SER A 132 1.66 -31.60 -4.33
N GLY A 133 1.50 -32.72 -5.03
CA GLY A 133 2.62 -33.34 -5.70
C GLY A 133 2.95 -32.66 -7.02
N PRO A 134 2.52 -33.27 -8.13
CA PRO A 134 2.76 -32.73 -9.47
C PRO A 134 1.95 -31.46 -9.74
N SER A 135 0.85 -31.30 -9.02
CA SER A 135 -0.01 -30.13 -9.18
C SER A 135 0.77 -28.85 -8.92
N SER A 136 1.44 -28.79 -7.77
CA SER A 136 2.22 -27.62 -7.40
C SER A 136 3.34 -27.36 -8.42
N GLY A 137 3.74 -26.10 -8.53
CA GLY A 137 4.80 -25.75 -9.46
C GLY A 137 5.98 -25.08 -8.78
N GLY A 1 13.72 16.41 -19.68
CA GLY A 1 13.63 17.02 -18.37
C GLY A 1 13.19 18.47 -18.43
N SER A 2 12.78 19.01 -17.29
CA SER A 2 12.32 20.40 -17.22
C SER A 2 12.60 20.99 -15.84
N SER A 3 12.43 22.31 -15.72
CA SER A 3 12.66 23.00 -14.46
C SER A 3 11.39 23.67 -13.96
N GLY A 4 10.83 23.13 -12.88
CA GLY A 4 9.61 23.69 -12.32
C GLY A 4 9.77 24.08 -10.87
N SER A 5 9.48 23.16 -9.97
CA SER A 5 9.58 23.41 -8.54
C SER A 5 8.86 24.70 -8.16
N SER A 6 7.69 24.92 -8.75
CA SER A 6 6.91 26.12 -8.48
C SER A 6 6.32 26.09 -7.08
N GLY A 7 5.53 25.04 -6.79
CA GLY A 7 4.92 24.91 -5.48
C GLY A 7 3.61 24.15 -5.53
N GLU A 8 2.96 24.02 -4.37
CA GLU A 8 1.70 23.31 -4.28
C GLU A 8 0.61 24.19 -3.66
N GLU A 9 -0.60 23.65 -3.57
CA GLU A 9 -1.72 24.39 -2.98
C GLU A 9 -2.33 23.62 -1.83
N ASP A 10 -1.72 23.73 -0.65
CA ASP A 10 -2.21 23.03 0.54
C ASP A 10 -2.20 21.52 0.33
N TRP A 11 -1.12 21.02 -0.27
CA TRP A 11 -0.99 19.59 -0.53
C TRP A 11 -1.05 18.80 0.77
N VAL A 12 -2.08 17.97 0.91
CA VAL A 12 -2.24 17.15 2.10
C VAL A 12 -1.39 15.89 2.03
N LEU A 13 -1.02 15.51 0.81
CA LEU A 13 -0.20 14.32 0.61
C LEU A 13 1.04 14.36 1.49
N PRO A 14 1.78 15.48 1.43
CA PRO A 14 3.00 15.68 2.22
C PRO A 14 2.71 15.81 3.71
N SER A 15 1.56 16.39 4.04
CA SER A 15 1.17 16.60 5.42
C SER A 15 0.95 15.27 6.12
N GLU A 16 0.11 14.43 5.53
CA GLU A 16 -0.18 13.12 6.10
C GLU A 16 1.09 12.31 6.31
N VAL A 17 1.92 12.23 5.27
CA VAL A 17 3.16 11.50 5.33
C VAL A 17 3.91 11.80 6.63
N GLU A 18 4.13 13.09 6.90
CA GLU A 18 4.83 13.51 8.10
C GLU A 18 4.49 12.61 9.28
N VAL A 19 3.21 12.22 9.36
CA VAL A 19 2.75 11.35 10.44
C VAL A 19 3.08 9.89 10.16
N LEU A 20 2.89 9.49 8.91
CA LEU A 20 3.16 8.11 8.50
C LEU A 20 4.60 7.72 8.84
N GLU A 21 5.49 8.71 8.83
CA GLU A 21 6.90 8.46 9.14
C GLU A 21 7.10 8.30 10.64
N SER A 22 6.36 9.07 11.42
CA SER A 22 6.48 9.01 12.88
C SER A 22 5.95 7.67 13.41
N ILE A 23 5.00 7.10 12.69
CA ILE A 23 4.41 5.82 13.08
C ILE A 23 5.08 4.66 12.35
N TYR A 24 5.38 4.86 11.08
CA TYR A 24 6.04 3.83 10.27
C TYR A 24 7.42 4.28 9.83
N LEU A 25 8.17 4.85 10.76
CA LEU A 25 9.53 5.33 10.46
C LEU A 25 10.26 4.35 9.55
N ASP A 26 10.20 3.07 9.89
CA ASP A 26 10.86 2.03 9.10
C ASP A 26 9.83 1.10 8.47
N GLU A 27 8.81 0.75 9.24
CA GLU A 27 7.75 -0.15 8.75
C GLU A 27 7.33 0.24 7.34
N LEU A 28 7.52 1.51 7.00
CA LEU A 28 7.14 2.01 5.68
C LEU A 28 8.23 2.92 5.11
N GLN A 29 8.32 2.98 3.79
CA GLN A 29 9.32 3.80 3.13
C GLN A 29 8.65 4.85 2.24
N VAL A 30 9.31 6.00 2.09
CA VAL A 30 8.78 7.08 1.27
C VAL A 30 9.86 7.66 0.36
N ILE A 31 9.47 8.01 -0.87
CA ILE A 31 10.41 8.59 -1.83
C ILE A 31 9.89 9.91 -2.38
N LYS A 32 10.80 10.84 -2.61
CA LYS A 32 10.43 12.15 -3.14
C LYS A 32 11.05 12.36 -4.52
N GLY A 33 10.20 12.66 -5.50
CA GLY A 33 10.68 12.88 -6.86
C GLY A 33 11.55 11.75 -7.36
N ASN A 34 10.98 10.89 -8.21
CA ASN A 34 11.71 9.77 -8.76
C ASN A 34 11.52 9.68 -10.28
N GLY A 35 10.39 10.19 -10.76
CA GLY A 35 10.11 10.17 -12.18
C GLY A 35 9.93 11.55 -12.76
N ARG A 36 9.21 11.64 -13.87
CA ARG A 36 8.97 12.92 -14.53
C ARG A 36 8.09 13.82 -13.68
N THR A 37 6.95 13.27 -13.25
CA THR A 37 6.02 14.01 -12.41
C THR A 37 6.47 14.06 -10.96
N SER A 38 7.73 13.69 -10.73
CA SER A 38 8.29 13.69 -9.39
C SER A 38 7.25 13.24 -8.36
N PRO A 39 6.63 12.09 -8.63
CA PRO A 39 5.60 11.53 -7.74
C PRO A 39 6.18 11.02 -6.42
N TRP A 40 5.30 10.65 -5.50
CA TRP A 40 5.73 10.15 -4.20
C TRP A 40 5.38 8.68 -4.03
N GLU A 41 6.40 7.83 -4.06
CA GLU A 41 6.20 6.39 -3.92
C GLU A 41 6.40 5.96 -2.47
N ILE A 42 5.50 5.11 -1.98
CA ILE A 42 5.59 4.61 -0.61
C ILE A 42 5.38 3.10 -0.56
N TYR A 43 6.31 2.41 0.09
CA TYR A 43 6.24 0.96 0.21
C TYR A 43 6.04 0.55 1.67
N ILE A 44 5.49 -0.65 1.86
CA ILE A 44 5.25 -1.16 3.21
C ILE A 44 4.99 -2.66 3.18
N THR A 45 5.52 -3.37 4.18
CA THR A 45 5.34 -4.82 4.27
C THR A 45 4.20 -5.17 5.21
N LEU A 46 3.15 -5.75 4.65
CA LEU A 46 1.98 -6.15 5.43
C LEU A 46 2.18 -7.53 6.04
N HIS A 47 1.85 -7.66 7.33
CA HIS A 47 1.98 -8.91 8.04
C HIS A 47 0.77 -9.19 8.91
N PRO A 48 0.42 -10.48 9.06
CA PRO A 48 -0.73 -10.89 9.87
C PRO A 48 -0.49 -10.69 11.36
N ALA A 49 -1.57 -10.72 12.14
CA ALA A 49 -1.48 -10.53 13.58
C ALA A 49 -1.60 -11.87 14.30
N THR A 50 -0.51 -12.27 14.96
CA THR A 50 -0.49 -13.53 15.69
C THR A 50 0.38 -13.44 16.93
N ALA A 51 0.54 -14.55 17.63
CA ALA A 51 1.36 -14.58 18.85
C ALA A 51 2.34 -15.75 18.81
N GLU A 52 1.81 -16.97 18.74
CA GLU A 52 2.65 -18.16 18.69
C GLU A 52 2.83 -18.65 17.27
N ASP A 53 2.80 -17.71 16.32
CA ASP A 53 2.96 -18.04 14.92
C ASP A 53 4.00 -17.14 14.26
N GLN A 54 5.14 -16.97 14.92
CA GLN A 54 6.20 -16.12 14.40
C GLN A 54 7.06 -16.88 13.39
N ASP A 55 6.74 -16.70 12.12
CA ASP A 55 7.48 -17.37 11.04
C ASP A 55 8.42 -16.39 10.34
N SER A 56 9.12 -16.88 9.33
CA SER A 56 10.06 -16.05 8.58
C SER A 56 9.32 -15.15 7.59
N GLN A 57 8.28 -14.49 8.09
CA GLN A 57 7.49 -13.59 7.25
C GLN A 57 7.08 -14.28 5.95
N TYR A 58 6.69 -15.54 6.05
CA TYR A 58 6.27 -16.32 4.89
C TYR A 58 5.21 -15.56 4.09
N VAL A 59 4.08 -15.30 4.72
CA VAL A 59 2.98 -14.59 4.08
C VAL A 59 3.12 -13.09 4.27
N CYS A 60 3.49 -12.39 3.20
CA CYS A 60 3.65 -10.93 3.25
C CYS A 60 3.69 -10.34 1.85
N PHE A 61 2.88 -9.31 1.62
CA PHE A 61 2.82 -8.65 0.33
C PHE A 61 3.20 -7.18 0.44
N THR A 62 4.31 -6.81 -0.21
CA THR A 62 4.77 -5.43 -0.17
C THR A 62 3.82 -4.50 -0.92
N LEU A 63 2.89 -3.91 -0.19
CA LEU A 63 1.91 -3.00 -0.79
C LEU A 63 2.60 -1.74 -1.31
N VAL A 64 2.46 -1.49 -2.60
CA VAL A 64 3.06 -0.32 -3.23
C VAL A 64 2.04 0.81 -3.38
N LEU A 65 2.45 2.02 -3.00
CA LEU A 65 1.57 3.18 -3.10
C LEU A 65 2.22 4.29 -3.91
N GLN A 66 1.76 4.45 -5.15
CA GLN A 66 2.29 5.48 -6.04
C GLN A 66 1.40 6.72 -6.04
N VAL A 67 1.85 7.77 -5.36
CA VAL A 67 1.09 9.01 -5.29
C VAL A 67 1.51 9.97 -6.40
N PRO A 68 0.62 10.13 -7.39
CA PRO A 68 0.87 11.03 -8.53
C PRO A 68 0.84 12.49 -8.13
N ALA A 69 1.01 13.37 -9.12
CA ALA A 69 1.00 14.81 -8.87
C ALA A 69 -0.43 15.32 -8.67
N GLU A 70 -1.40 14.55 -9.14
CA GLU A 70 -2.80 14.92 -9.01
C GLU A 70 -3.29 14.70 -7.58
N TYR A 71 -2.88 13.59 -7.00
CA TYR A 71 -3.29 13.26 -5.63
C TYR A 71 -3.46 14.51 -4.79
N PRO A 72 -4.49 14.52 -3.93
CA PRO A 72 -5.40 13.38 -3.80
C PRO A 72 -6.30 13.20 -5.02
N HIS A 73 -6.60 14.30 -5.69
CA HIS A 73 -7.44 14.27 -6.88
C HIS A 73 -7.29 12.95 -7.61
N GLU A 74 -6.07 12.44 -7.69
CA GLU A 74 -5.80 11.18 -8.37
C GLU A 74 -5.40 10.10 -7.36
N VAL A 75 -6.17 9.02 -7.33
CA VAL A 75 -5.90 7.91 -6.42
C VAL A 75 -4.54 7.29 -6.71
N PRO A 76 -3.84 6.85 -5.64
CA PRO A 76 -2.53 6.23 -5.75
C PRO A 76 -2.59 4.84 -6.38
N GLN A 77 -1.68 4.58 -7.31
CA GLN A 77 -1.65 3.29 -7.99
C GLN A 77 -1.22 2.18 -7.04
N ILE A 78 -2.17 1.38 -6.60
CA ILE A 78 -1.89 0.29 -5.68
C ILE A 78 -1.46 -0.97 -6.44
N SER A 79 -0.24 -1.44 -6.16
CA SER A 79 0.29 -2.62 -6.82
C SER A 79 1.01 -3.52 -5.82
N ILE A 80 0.85 -4.83 -5.98
CA ILE A 80 1.50 -5.79 -5.09
C ILE A 80 2.90 -6.13 -5.57
N ARG A 81 3.84 -6.21 -4.65
CA ARG A 81 5.22 -6.52 -4.97
C ARG A 81 5.72 -7.72 -4.16
N ASN A 82 6.49 -8.58 -4.80
CA ASN A 82 7.03 -9.77 -4.14
C ASN A 82 5.94 -10.49 -3.35
N PRO A 83 4.84 -10.82 -4.04
CA PRO A 83 3.71 -11.53 -3.43
C PRO A 83 4.04 -12.97 -3.08
N ARG A 84 4.17 -13.24 -1.79
CA ARG A 84 4.48 -14.59 -1.32
C ARG A 84 3.30 -15.21 -0.59
N GLY A 85 3.05 -16.49 -0.86
CA GLY A 85 1.94 -17.17 -0.22
C GLY A 85 0.62 -16.94 -0.94
N LEU A 86 0.38 -15.70 -1.34
CA LEU A 86 -0.85 -15.34 -2.04
C LEU A 86 -0.77 -15.73 -3.51
N SER A 87 -1.93 -16.05 -4.09
CA SER A 87 -1.99 -16.44 -5.49
C SER A 87 -2.62 -15.34 -6.33
N ASP A 88 -2.57 -15.51 -7.66
CA ASP A 88 -3.15 -14.53 -8.57
C ASP A 88 -4.56 -14.15 -8.15
N GLU A 89 -5.34 -15.15 -7.76
CA GLU A 89 -6.73 -14.93 -7.34
C GLU A 89 -6.77 -14.09 -6.07
N GLN A 90 -6.19 -14.62 -5.00
CA GLN A 90 -6.17 -13.92 -3.72
C GLN A 90 -5.70 -12.48 -3.89
N ILE A 91 -4.57 -12.31 -4.57
CA ILE A 91 -4.02 -10.98 -4.81
C ILE A 91 -5.04 -10.07 -5.51
N HIS A 92 -5.56 -10.54 -6.63
CA HIS A 92 -6.55 -9.77 -7.38
C HIS A 92 -7.52 -9.07 -6.45
N THR A 93 -8.03 -9.81 -5.47
CA THR A 93 -8.98 -9.25 -4.50
C THR A 93 -8.32 -8.18 -3.65
N ILE A 94 -7.15 -8.50 -3.09
CA ILE A 94 -6.42 -7.56 -2.25
C ILE A 94 -6.31 -6.20 -2.92
N LEU A 95 -6.10 -6.21 -4.23
CA LEU A 95 -5.98 -4.97 -4.99
C LEU A 95 -7.33 -4.29 -5.16
N GLN A 96 -8.25 -4.99 -5.82
CA GLN A 96 -9.59 -4.45 -6.05
C GLN A 96 -10.08 -3.67 -4.83
N VAL A 97 -9.97 -4.29 -3.66
CA VAL A 97 -10.40 -3.66 -2.42
C VAL A 97 -9.61 -2.38 -2.15
N LEU A 98 -8.33 -2.53 -1.83
CA LEU A 98 -7.47 -1.38 -1.55
C LEU A 98 -7.84 -0.20 -2.44
N GLY A 99 -8.04 -0.46 -3.72
CA GLY A 99 -8.39 0.59 -4.65
C GLY A 99 -9.73 1.23 -4.32
N HIS A 100 -10.72 0.40 -4.00
CA HIS A 100 -12.05 0.88 -3.67
C HIS A 100 -11.97 1.97 -2.60
N VAL A 101 -11.11 1.77 -1.61
CA VAL A 101 -10.94 2.74 -0.53
C VAL A 101 -10.39 4.06 -1.05
N ALA A 102 -9.46 3.98 -1.99
CA ALA A 102 -8.86 5.17 -2.57
C ALA A 102 -9.89 5.98 -3.33
N LYS A 103 -10.64 5.32 -4.20
CA LYS A 103 -11.67 5.98 -5.00
C LYS A 103 -12.64 6.75 -4.10
N ALA A 104 -12.96 6.17 -2.95
CA ALA A 104 -13.87 6.80 -2.00
C ALA A 104 -13.14 7.81 -1.12
N GLY A 105 -11.82 7.77 -1.16
CA GLY A 105 -11.02 8.68 -0.37
C GLY A 105 -10.33 9.73 -1.21
N LEU A 106 -10.93 10.07 -2.33
CA LEU A 106 -10.37 11.08 -3.24
C LEU A 106 -10.50 12.48 -2.65
N GLY A 107 -9.58 13.36 -3.03
CA GLY A 107 -9.62 14.73 -2.53
C GLY A 107 -9.02 14.85 -1.14
N THR A 108 -9.23 13.83 -0.31
CA THR A 108 -8.72 13.83 1.05
C THR A 108 -7.64 12.78 1.23
N ALA A 109 -7.16 12.63 2.45
CA ALA A 109 -6.13 11.65 2.76
C ALA A 109 -6.67 10.22 2.66
N MET A 110 -5.92 9.35 1.99
CA MET A 110 -6.33 7.96 1.84
C MET A 110 -5.17 7.02 2.12
N LEU A 111 -3.97 7.41 1.70
CA LEU A 111 -2.78 6.60 1.91
C LEU A 111 -2.88 5.82 3.22
N TYR A 112 -2.76 6.53 4.33
CA TYR A 112 -2.84 5.91 5.66
C TYR A 112 -3.90 4.82 5.68
N GLU A 113 -5.09 5.15 5.19
CA GLU A 113 -6.20 4.20 5.16
C GLU A 113 -5.85 2.99 4.28
N LEU A 114 -5.60 3.25 3.01
CA LEU A 114 -5.26 2.20 2.07
C LEU A 114 -4.41 1.12 2.74
N ILE A 115 -3.38 1.55 3.46
CA ILE A 115 -2.49 0.63 4.16
C ILE A 115 -3.27 -0.22 5.17
N GLU A 116 -4.01 0.45 6.05
CA GLU A 116 -4.80 -0.25 7.06
C GLU A 116 -5.61 -1.39 6.44
N LYS A 117 -6.44 -1.05 5.46
CA LYS A 117 -7.27 -2.05 4.80
C LYS A 117 -6.49 -3.35 4.59
N GLY A 118 -5.29 -3.24 4.05
CA GLY A 118 -4.47 -4.41 3.82
C GLY A 118 -4.38 -5.31 5.03
N LYS A 119 -4.25 -4.70 6.20
CA LYS A 119 -4.15 -5.44 7.45
C LYS A 119 -5.36 -6.36 7.65
N GLU A 120 -6.55 -5.76 7.56
CA GLU A 120 -7.78 -6.52 7.72
C GLU A 120 -7.83 -7.70 6.76
N ILE A 121 -7.63 -7.42 5.48
CA ILE A 121 -7.64 -8.46 4.46
C ILE A 121 -6.73 -9.62 4.84
N LEU A 122 -5.44 -9.31 5.00
CA LEU A 122 -4.45 -10.32 5.36
C LEU A 122 -5.02 -11.29 6.39
N THR A 123 -5.43 -10.76 7.54
CA THR A 123 -5.99 -11.58 8.61
C THR A 123 -6.85 -12.70 8.04
N ASP A 124 -7.71 -12.36 7.09
CA ASP A 124 -8.59 -13.35 6.47
C ASP A 124 -7.80 -14.29 5.56
N ASN A 125 -7.11 -13.71 4.57
CA ASN A 125 -6.31 -14.49 3.64
C ASN A 125 -4.89 -14.67 4.15
N ASN A 126 -4.77 -14.91 5.45
CA ASN A 126 -3.46 -15.10 6.07
C ASN A 126 -2.86 -16.44 5.67
N ILE A 127 -3.74 -17.43 5.44
CA ILE A 127 -3.29 -18.76 5.04
C ILE A 127 -2.80 -18.77 3.60
N PRO A 128 -1.60 -19.34 3.39
CA PRO A 128 -0.99 -19.43 2.06
C PRO A 128 -1.73 -20.41 1.15
N HIS A 129 -1.17 -20.64 -0.04
CA HIS A 129 -1.77 -21.56 -0.99
C HIS A 129 -0.82 -22.71 -1.31
N GLY A 130 -1.30 -23.68 -2.08
CA GLY A 130 -0.48 -24.83 -2.44
C GLY A 130 -0.88 -26.09 -1.70
N GLN A 131 -1.62 -26.96 -2.37
CA GLN A 131 -2.08 -28.20 -1.77
C GLN A 131 -0.91 -29.19 -1.62
N SER A 132 -0.48 -29.39 -0.38
CA SER A 132 0.62 -30.31 -0.10
C SER A 132 0.28 -31.72 -0.55
N GLY A 133 1.18 -32.32 -1.32
CA GLY A 133 0.96 -33.68 -1.80
C GLY A 133 2.06 -34.16 -2.72
N PRO A 134 2.56 -35.37 -2.48
CA PRO A 134 3.63 -35.97 -3.29
C PRO A 134 3.16 -36.34 -4.69
N SER A 135 3.57 -35.54 -5.67
CA SER A 135 3.19 -35.77 -7.06
C SER A 135 4.21 -36.68 -7.76
N SER A 136 3.81 -37.93 -7.98
CA SER A 136 4.68 -38.90 -8.64
C SER A 136 4.59 -38.78 -10.16
N GLY A 137 5.33 -37.82 -10.71
CA GLY A 137 5.31 -37.61 -12.15
C GLY A 137 5.24 -36.14 -12.52
N GLY A 1 -17.42 20.88 -16.44
CA GLY A 1 -16.04 21.05 -16.04
C GLY A 1 -15.72 20.34 -14.73
N SER A 2 -14.46 19.97 -14.55
CA SER A 2 -14.02 19.28 -13.35
C SER A 2 -12.64 19.73 -12.92
N SER A 3 -12.19 19.27 -11.76
CA SER A 3 -10.87 19.64 -11.25
C SER A 3 -9.77 19.05 -12.11
N GLY A 4 -8.75 19.85 -12.38
CA GLY A 4 -7.64 19.41 -13.21
C GLY A 4 -6.45 20.33 -13.14
N SER A 5 -6.71 21.64 -13.19
CA SER A 5 -5.64 22.63 -13.13
C SER A 5 -5.31 22.99 -11.69
N SER A 6 -4.47 22.18 -11.06
CA SER A 6 -4.08 22.41 -9.67
C SER A 6 -2.60 22.81 -9.58
N GLY A 7 -2.35 24.11 -9.43
CA GLY A 7 -0.99 24.60 -9.34
C GLY A 7 -0.77 25.46 -8.12
N GLU A 8 -0.45 24.83 -6.99
CA GLU A 8 -0.21 25.55 -5.75
C GLU A 8 0.60 24.71 -4.77
N GLU A 9 0.92 25.29 -3.62
CA GLU A 9 1.69 24.58 -2.60
C GLU A 9 0.80 23.63 -1.81
N ASP A 10 -0.39 24.09 -1.45
CA ASP A 10 -1.34 23.28 -0.69
C ASP A 10 -1.24 21.82 -1.11
N TRP A 11 -1.05 20.94 -0.14
CA TRP A 11 -0.94 19.51 -0.40
C TRP A 11 -0.99 18.70 0.89
N VAL A 12 -2.03 17.90 1.06
CA VAL A 12 -2.19 17.08 2.25
C VAL A 12 -1.36 15.81 2.16
N LEU A 13 -1.04 15.39 0.94
CA LEU A 13 -0.24 14.20 0.71
C LEU A 13 1.00 14.20 1.60
N PRO A 14 1.74 15.30 1.57
CA PRO A 14 2.97 15.45 2.37
C PRO A 14 2.67 15.57 3.86
N SER A 15 1.62 16.31 4.19
CA SER A 15 1.24 16.51 5.59
C SER A 15 0.99 15.17 6.28
N GLU A 16 0.22 14.30 5.62
CA GLU A 16 -0.09 12.99 6.17
C GLU A 16 1.19 12.17 6.36
N VAL A 17 2.10 12.27 5.40
CA VAL A 17 3.35 11.53 5.45
C VAL A 17 4.11 11.83 6.75
N GLU A 18 4.13 13.10 7.13
CA GLU A 18 4.82 13.52 8.34
C GLU A 18 4.43 12.64 9.52
N VAL A 19 3.12 12.48 9.74
CA VAL A 19 2.62 11.66 10.83
C VAL A 19 2.84 10.18 10.55
N LEU A 20 2.89 9.82 9.27
CA LEU A 20 3.09 8.43 8.87
C LEU A 20 4.54 8.01 9.08
N GLU A 21 5.45 8.99 8.99
CA GLU A 21 6.88 8.72 9.17
C GLU A 21 7.20 8.52 10.65
N SER A 22 6.48 9.21 11.52
CA SER A 22 6.70 9.11 12.96
C SER A 22 6.25 7.74 13.48
N ILE A 23 5.24 7.17 12.82
CA ILE A 23 4.71 5.87 13.21
C ILE A 23 5.38 4.74 12.42
N TYR A 24 5.34 4.86 11.10
CA TYR A 24 5.93 3.85 10.23
C TYR A 24 7.30 4.31 9.71
N LEU A 25 8.09 4.90 10.60
CA LEU A 25 9.42 5.39 10.25
C LEU A 25 10.10 4.44 9.26
N ASP A 26 10.14 3.16 9.61
CA ASP A 26 10.76 2.16 8.75
C ASP A 26 9.70 1.25 8.12
N GLU A 27 8.78 0.77 8.96
CA GLU A 27 7.72 -0.11 8.48
C GLU A 27 7.24 0.32 7.09
N LEU A 28 7.30 1.61 6.82
CA LEU A 28 6.87 2.16 5.54
C LEU A 28 7.94 3.07 4.95
N GLN A 29 8.17 2.94 3.65
CA GLN A 29 9.17 3.76 2.96
C GLN A 29 8.51 4.93 2.22
N VAL A 30 9.27 5.98 1.99
CA VAL A 30 8.77 7.16 1.30
C VAL A 30 9.74 7.63 0.23
N ILE A 31 9.22 7.95 -0.95
CA ILE A 31 10.03 8.42 -2.06
C ILE A 31 9.54 9.75 -2.59
N LYS A 32 10.43 10.75 -2.62
CA LYS A 32 10.08 12.07 -3.10
C LYS A 32 10.49 12.24 -4.56
N GLY A 33 9.64 12.91 -5.33
CA GLY A 33 9.92 13.13 -6.74
C GLY A 33 10.60 11.94 -7.39
N ASN A 34 11.48 12.21 -8.34
CA ASN A 34 12.20 11.15 -9.04
C ASN A 34 11.28 10.42 -10.02
N GLY A 35 10.62 11.19 -10.88
CA GLY A 35 9.71 10.61 -11.85
C GLY A 35 9.25 11.63 -12.88
N ARG A 36 8.47 11.16 -13.86
CA ARG A 36 7.96 12.02 -14.91
C ARG A 36 7.14 13.17 -14.32
N THR A 37 6.48 12.90 -13.21
CA THR A 37 5.66 13.92 -12.54
C THR A 37 6.06 14.08 -11.08
N SER A 38 7.32 13.77 -10.78
CA SER A 38 7.83 13.88 -9.42
C SER A 38 6.83 13.31 -8.41
N PRO A 39 6.31 12.11 -8.71
CA PRO A 39 5.33 11.45 -7.84
C PRO A 39 5.95 10.97 -6.53
N TRP A 40 5.10 10.52 -5.61
CA TRP A 40 5.56 10.03 -4.32
C TRP A 40 5.31 8.54 -4.17
N GLU A 41 6.39 7.75 -4.22
CA GLU A 41 6.27 6.31 -4.10
C GLU A 41 6.52 5.87 -2.66
N ILE A 42 5.60 5.06 -2.13
CA ILE A 42 5.73 4.56 -0.76
C ILE A 42 5.53 3.04 -0.71
N TYR A 43 6.47 2.36 -0.06
CA TYR A 43 6.41 0.91 0.07
C TYR A 43 6.12 0.50 1.50
N ILE A 44 5.68 -0.74 1.68
CA ILE A 44 5.37 -1.26 3.01
C ILE A 44 5.08 -2.76 2.97
N THR A 45 5.37 -3.44 4.08
CA THR A 45 5.14 -4.88 4.16
C THR A 45 4.14 -5.21 5.27
N LEU A 46 2.89 -5.46 4.88
CA LEU A 46 1.85 -5.80 5.84
C LEU A 46 1.84 -7.29 6.14
N HIS A 47 2.00 -7.64 7.41
CA HIS A 47 2.00 -9.04 7.82
C HIS A 47 0.86 -9.32 8.79
N PRO A 48 0.29 -10.53 8.69
CA PRO A 48 -0.81 -10.95 9.57
C PRO A 48 -0.38 -11.16 11.00
N ALA A 49 -1.32 -11.57 11.85
CA ALA A 49 -1.03 -11.82 13.25
C ALA A 49 -1.59 -13.16 13.71
N THR A 50 -0.87 -14.23 13.42
CA THR A 50 -1.31 -15.57 13.79
C THR A 50 -0.30 -16.23 14.74
N ALA A 51 -0.79 -17.13 15.58
CA ALA A 51 0.07 -17.83 16.53
C ALA A 51 1.33 -18.35 15.85
N GLU A 52 1.16 -19.32 14.95
CA GLU A 52 2.28 -19.90 14.23
C GLU A 52 3.00 -18.85 13.38
N ASP A 53 2.23 -17.86 12.92
CA ASP A 53 2.80 -16.79 12.09
C ASP A 53 2.96 -15.52 12.91
N GLN A 54 3.52 -15.66 14.11
CA GLN A 54 3.74 -14.51 14.99
C GLN A 54 4.91 -13.66 14.49
N ASP A 55 6.01 -14.31 14.14
CA ASP A 55 7.20 -13.61 13.65
C ASP A 55 7.67 -14.21 12.33
N SER A 56 7.45 -15.51 12.17
CA SER A 56 7.86 -16.21 10.95
C SER A 56 7.49 -15.40 9.71
N GLN A 57 6.32 -14.77 9.75
CA GLN A 57 5.85 -13.95 8.63
C GLN A 57 5.77 -14.79 7.35
N TYR A 58 5.12 -15.95 7.45
CA TYR A 58 4.97 -16.85 6.31
C TYR A 58 4.50 -16.07 5.08
N VAL A 59 3.27 -15.56 5.16
CA VAL A 59 2.70 -14.80 4.05
C VAL A 59 2.99 -13.31 4.19
N CYS A 60 3.23 -12.65 3.07
CA CYS A 60 3.52 -11.22 3.07
C CYS A 60 3.38 -10.63 1.67
N PHE A 61 3.18 -9.32 1.59
CA PHE A 61 3.02 -8.64 0.32
C PHE A 61 3.41 -7.16 0.43
N THR A 62 4.47 -6.78 -0.27
CA THR A 62 4.94 -5.40 -0.24
C THR A 62 3.96 -4.46 -0.94
N LEU A 63 3.01 -3.93 -0.17
CA LEU A 63 2.01 -3.02 -0.72
C LEU A 63 2.67 -1.74 -1.25
N VAL A 64 2.65 -1.58 -2.57
CA VAL A 64 3.24 -0.40 -3.20
C VAL A 64 2.19 0.66 -3.45
N LEU A 65 2.43 1.85 -2.91
CA LEU A 65 1.50 2.97 -3.07
C LEU A 65 2.12 4.08 -3.91
N GLN A 66 1.72 4.16 -5.18
CA GLN A 66 2.23 5.18 -6.08
C GLN A 66 1.35 6.41 -6.08
N VAL A 67 1.71 7.39 -5.27
CA VAL A 67 0.95 8.64 -5.17
C VAL A 67 1.34 9.61 -6.27
N PRO A 68 0.42 9.84 -7.22
CA PRO A 68 0.65 10.75 -8.34
C PRO A 68 0.70 12.21 -7.91
N ALA A 69 0.84 13.12 -8.87
CA ALA A 69 0.90 14.54 -8.58
C ALA A 69 -0.49 15.12 -8.35
N GLU A 70 -1.50 14.42 -8.85
CA GLU A 70 -2.88 14.86 -8.70
C GLU A 70 -3.41 14.54 -7.31
N TYR A 71 -3.00 13.41 -6.76
CA TYR A 71 -3.43 12.98 -5.45
C TYR A 71 -3.63 14.18 -4.53
N PRO A 72 -4.65 14.10 -3.66
CA PRO A 72 -5.53 12.93 -3.58
C PRO A 72 -6.43 12.80 -4.80
N HIS A 73 -6.73 13.92 -5.44
CA HIS A 73 -7.58 13.92 -6.62
C HIS A 73 -7.45 12.62 -7.39
N GLU A 74 -6.22 12.12 -7.50
CA GLU A 74 -5.95 10.88 -8.21
C GLU A 74 -5.44 9.80 -7.27
N VAL A 75 -6.24 8.77 -7.06
CA VAL A 75 -5.87 7.67 -6.18
C VAL A 75 -4.50 7.11 -6.55
N PRO A 76 -3.74 6.69 -5.53
CA PRO A 76 -2.40 6.12 -5.72
C PRO A 76 -2.44 4.74 -6.38
N GLN A 77 -1.57 4.54 -7.36
CA GLN A 77 -1.50 3.26 -8.06
C GLN A 77 -1.05 2.14 -7.14
N ILE A 78 -1.99 1.33 -6.68
CA ILE A 78 -1.69 0.23 -5.78
C ILE A 78 -1.21 -1.00 -6.56
N SER A 79 -0.09 -1.56 -6.14
CA SER A 79 0.47 -2.73 -6.81
C SER A 79 1.18 -3.63 -5.80
N ILE A 80 1.04 -4.94 -5.98
CA ILE A 80 1.67 -5.91 -5.10
C ILE A 80 3.08 -6.24 -5.56
N ARG A 81 4.05 -6.07 -4.66
CA ARG A 81 5.45 -6.35 -4.98
C ARG A 81 5.96 -7.52 -4.15
N ASN A 82 6.63 -8.46 -4.80
CA ASN A 82 7.19 -9.62 -4.12
C ASN A 82 6.10 -10.37 -3.36
N PRO A 83 5.02 -10.72 -4.07
CA PRO A 83 3.89 -11.45 -3.47
C PRO A 83 4.24 -12.88 -3.11
N ARG A 84 4.17 -13.20 -1.82
CA ARG A 84 4.48 -14.54 -1.35
C ARG A 84 3.27 -15.19 -0.68
N GLY A 85 2.95 -16.40 -1.09
CA GLY A 85 1.81 -17.10 -0.51
C GLY A 85 0.52 -16.80 -1.25
N LEU A 86 0.23 -15.52 -1.43
CA LEU A 86 -0.98 -15.10 -2.12
C LEU A 86 -0.91 -15.42 -3.61
N SER A 87 -1.99 -15.98 -4.14
CA SER A 87 -2.04 -16.33 -5.56
C SER A 87 -2.83 -15.29 -6.36
N ASP A 88 -2.65 -15.29 -7.67
CA ASP A 88 -3.34 -14.35 -8.54
C ASP A 88 -4.77 -14.11 -8.05
N GLU A 89 -5.46 -15.18 -7.68
CA GLU A 89 -6.82 -15.09 -7.20
C GLU A 89 -6.91 -14.19 -5.97
N GLN A 90 -6.24 -14.60 -4.90
CA GLN A 90 -6.25 -13.84 -3.66
C GLN A 90 -5.85 -12.39 -3.92
N ILE A 91 -4.69 -12.20 -4.53
CA ILE A 91 -4.19 -10.86 -4.84
C ILE A 91 -5.27 -10.01 -5.50
N HIS A 92 -5.84 -10.53 -6.60
CA HIS A 92 -6.89 -9.82 -7.32
C HIS A 92 -7.82 -9.09 -6.36
N THR A 93 -8.30 -9.81 -5.35
CA THR A 93 -9.20 -9.23 -4.36
C THR A 93 -8.53 -8.05 -3.63
N ILE A 94 -7.31 -8.28 -3.15
CA ILE A 94 -6.58 -7.24 -2.44
C ILE A 94 -6.57 -5.94 -3.24
N LEU A 95 -6.10 -6.01 -4.48
CA LEU A 95 -6.04 -4.83 -5.34
C LEU A 95 -7.39 -4.13 -5.41
N GLN A 96 -8.39 -4.82 -5.94
CA GLN A 96 -9.72 -4.26 -6.05
C GLN A 96 -10.10 -3.48 -4.79
N VAL A 97 -9.98 -4.13 -3.65
CA VAL A 97 -10.31 -3.50 -2.37
C VAL A 97 -9.49 -2.21 -2.18
N LEU A 98 -8.18 -2.37 -2.00
CA LEU A 98 -7.30 -1.23 -1.80
C LEU A 98 -7.66 -0.09 -2.74
N GLY A 99 -7.92 -0.42 -4.00
CA GLY A 99 -8.28 0.59 -4.98
C GLY A 99 -9.62 1.26 -4.66
N HIS A 100 -10.63 0.44 -4.33
CA HIS A 100 -11.95 0.97 -4.01
C HIS A 100 -11.86 2.00 -2.89
N VAL A 101 -11.14 1.66 -1.83
CA VAL A 101 -10.99 2.56 -0.70
C VAL A 101 -10.44 3.91 -1.14
N ALA A 102 -9.52 3.89 -2.09
CA ALA A 102 -8.92 5.11 -2.60
C ALA A 102 -9.95 5.97 -3.33
N LYS A 103 -10.51 5.43 -4.40
CA LYS A 103 -11.51 6.14 -5.19
C LYS A 103 -12.64 6.66 -4.29
N ALA A 104 -12.94 5.90 -3.24
CA ALA A 104 -13.99 6.29 -2.31
C ALA A 104 -13.51 7.38 -1.36
N GLY A 105 -12.20 7.40 -1.11
CA GLY A 105 -11.64 8.39 -0.21
C GLY A 105 -10.82 9.44 -0.95
N LEU A 106 -11.40 9.98 -2.02
CA LEU A 106 -10.72 11.00 -2.82
C LEU A 106 -10.78 12.36 -2.13
N GLY A 107 -9.82 13.23 -2.46
CA GLY A 107 -9.79 14.55 -1.87
C GLY A 107 -9.16 14.55 -0.49
N THR A 108 -9.41 13.50 0.29
CA THR A 108 -8.86 13.40 1.62
C THR A 108 -7.68 12.41 1.66
N ALA A 109 -7.12 12.22 2.85
CA ALA A 109 -6.01 11.31 3.01
C ALA A 109 -6.46 9.85 2.98
N MET A 110 -5.94 9.09 2.01
CA MET A 110 -6.30 7.68 1.86
C MET A 110 -5.14 6.78 2.26
N LEU A 111 -3.92 7.22 1.93
CA LEU A 111 -2.73 6.45 2.26
C LEU A 111 -2.91 5.67 3.56
N TYR A 112 -2.98 6.39 4.67
CA TYR A 112 -3.15 5.77 5.97
C TYR A 112 -4.25 4.70 5.93
N GLU A 113 -5.35 5.03 5.26
CA GLU A 113 -6.47 4.11 5.15
C GLU A 113 -6.08 2.87 4.34
N LEU A 114 -5.78 3.08 3.06
CA LEU A 114 -5.38 1.99 2.18
C LEU A 114 -4.55 0.96 2.94
N ILE A 115 -3.64 1.44 3.77
CA ILE A 115 -2.78 0.56 4.56
C ILE A 115 -3.60 -0.31 5.51
N GLU A 116 -4.32 0.34 6.41
CA GLU A 116 -5.15 -0.35 7.39
C GLU A 116 -5.87 -1.54 6.74
N LYS A 117 -6.48 -1.28 5.58
CA LYS A 117 -7.20 -2.32 4.85
C LYS A 117 -6.30 -3.51 4.56
N GLY A 118 -5.29 -3.28 3.71
CA GLY A 118 -4.37 -4.33 3.36
C GLY A 118 -4.11 -5.28 4.51
N LYS A 119 -3.93 -4.72 5.70
CA LYS A 119 -3.67 -5.54 6.90
C LYS A 119 -4.91 -6.32 7.30
N GLU A 120 -6.04 -5.63 7.38
CA GLU A 120 -7.30 -6.28 7.75
C GLU A 120 -7.69 -7.35 6.75
N ILE A 121 -7.27 -7.17 5.50
CA ILE A 121 -7.57 -8.14 4.45
C ILE A 121 -6.88 -9.47 4.71
N LEU A 122 -5.56 -9.46 4.66
CA LEU A 122 -4.78 -10.68 4.90
C LEU A 122 -5.12 -11.29 6.25
N THR A 123 -5.23 -10.44 7.26
CA THR A 123 -5.56 -10.90 8.61
C THR A 123 -6.61 -12.01 8.57
N ASP A 124 -7.49 -11.96 7.57
CA ASP A 124 -8.54 -12.96 7.43
C ASP A 124 -8.01 -14.19 6.71
N ASN A 125 -7.25 -13.97 5.63
CA ASN A 125 -6.69 -15.07 4.86
C ASN A 125 -5.24 -15.32 5.25
N ASN A 126 -4.92 -15.09 6.51
CA ASN A 126 -3.56 -15.29 7.02
C ASN A 126 -3.15 -16.76 6.91
N ILE A 127 -4.05 -17.65 7.31
CA ILE A 127 -3.79 -19.07 7.25
C ILE A 127 -4.02 -19.63 5.85
N PRO A 128 -3.01 -20.31 5.31
CA PRO A 128 -3.09 -20.91 3.97
C PRO A 128 -4.05 -22.09 3.91
N HIS A 129 -4.77 -22.31 5.01
CA HIS A 129 -5.74 -23.41 5.09
C HIS A 129 -7.16 -22.88 5.20
N GLY A 130 -8.10 -23.61 4.61
CA GLY A 130 -9.49 -23.20 4.65
C GLY A 130 -10.40 -24.12 3.85
N GLN A 131 -10.57 -23.80 2.57
CA GLN A 131 -11.42 -24.60 1.69
C GLN A 131 -11.14 -24.28 0.23
N SER A 132 -10.85 -25.32 -0.56
CA SER A 132 -10.57 -25.15 -1.98
C SER A 132 -11.73 -25.65 -2.83
N GLY A 133 -12.39 -24.72 -3.51
CA GLY A 133 -13.51 -25.08 -4.36
C GLY A 133 -14.83 -25.04 -3.62
N PRO A 134 -15.75 -25.94 -3.98
CA PRO A 134 -17.07 -26.03 -3.36
C PRO A 134 -17.00 -26.53 -1.91
N SER A 135 -18.06 -26.27 -1.15
CA SER A 135 -18.12 -26.69 0.24
C SER A 135 -18.34 -28.20 0.35
N SER A 136 -18.24 -28.73 1.56
CA SER A 136 -18.43 -30.15 1.79
C SER A 136 -19.73 -30.64 1.15
N GLY A 137 -19.67 -31.84 0.57
CA GLY A 137 -20.85 -32.40 -0.07
C GLY A 137 -21.36 -33.64 0.63
N GLY A 1 5.51 21.72 -10.28
CA GLY A 1 5.90 23.11 -10.21
C GLY A 1 6.32 23.67 -11.56
N SER A 2 6.69 24.94 -11.59
CA SER A 2 7.12 25.59 -12.83
C SER A 2 5.99 25.54 -13.87
N SER A 3 4.77 25.80 -13.42
CA SER A 3 3.62 25.79 -14.31
C SER A 3 3.66 24.58 -15.24
N GLY A 4 4.07 23.43 -14.70
CA GLY A 4 4.15 22.22 -15.50
C GLY A 4 2.99 21.28 -15.25
N SER A 5 2.98 20.68 -14.06
CA SER A 5 1.91 19.75 -13.70
C SER A 5 0.74 20.47 -13.07
N SER A 6 -0.47 19.99 -13.33
CA SER A 6 -1.68 20.60 -12.79
C SER A 6 -1.81 20.31 -11.31
N GLY A 7 -2.54 21.17 -10.60
CA GLY A 7 -2.74 21.00 -9.17
C GLY A 7 -2.89 22.30 -8.44
N GLU A 8 -2.87 22.24 -7.11
CA GLU A 8 -3.02 23.44 -6.29
C GLU A 8 -1.78 23.66 -5.43
N GLU A 9 -1.74 24.80 -4.74
CA GLU A 9 -0.61 25.14 -3.89
C GLU A 9 -0.62 24.28 -2.62
N ASP A 10 -1.80 23.95 -2.14
CA ASP A 10 -1.95 23.14 -0.94
C ASP A 10 -1.90 21.65 -1.28
N TRP A 11 -1.25 20.87 -0.42
CA TRP A 11 -1.13 19.43 -0.63
C TRP A 11 -1.20 18.68 0.68
N VAL A 12 -2.13 17.73 0.77
CA VAL A 12 -2.30 16.93 1.98
C VAL A 12 -1.45 15.67 1.94
N LEU A 13 -1.10 15.24 0.73
CA LEU A 13 -0.27 14.05 0.55
C LEU A 13 0.98 14.11 1.42
N PRO A 14 1.71 15.23 1.32
CA PRO A 14 2.94 15.45 2.09
C PRO A 14 2.66 15.65 3.57
N SER A 15 1.52 16.25 3.89
CA SER A 15 1.14 16.50 5.28
C SER A 15 0.92 15.20 6.03
N GLU A 16 0.29 14.24 5.35
CA GLU A 16 0.01 12.93 5.96
C GLU A 16 1.31 12.15 6.16
N VAL A 17 2.21 12.24 5.19
CA VAL A 17 3.47 11.53 5.27
C VAL A 17 4.23 11.90 6.53
N GLU A 18 4.20 13.19 6.89
CA GLU A 18 4.88 13.67 8.09
C GLU A 18 4.46 12.87 9.32
N VAL A 19 3.17 12.55 9.38
CA VAL A 19 2.63 11.78 10.50
C VAL A 19 2.80 10.29 10.29
N LEU A 20 2.84 9.88 9.03
CA LEU A 20 3.01 8.48 8.68
C LEU A 20 4.44 8.01 8.91
N GLU A 21 5.39 8.96 8.81
CA GLU A 21 6.80 8.65 9.01
C GLU A 21 7.11 8.48 10.49
N SER A 22 6.44 9.27 11.33
CA SER A 22 6.65 9.20 12.77
C SER A 22 6.16 7.87 13.34
N ILE A 23 5.14 7.31 12.69
CA ILE A 23 4.58 6.04 13.13
C ILE A 23 5.23 4.87 12.40
N TYR A 24 5.52 5.07 11.12
CA TYR A 24 6.14 4.04 10.30
C TYR A 24 7.51 4.48 9.79
N LEU A 25 8.30 5.09 10.68
CA LEU A 25 9.63 5.57 10.32
C LEU A 25 10.36 4.54 9.46
N ASP A 26 10.33 3.29 9.90
CA ASP A 26 11.00 2.21 9.17
C ASP A 26 9.97 1.25 8.57
N GLU A 27 8.99 0.86 9.37
CA GLU A 27 7.94 -0.06 8.91
C GLU A 27 7.49 0.30 7.49
N LEU A 28 7.65 1.57 7.13
CA LEU A 28 7.26 2.04 5.81
C LEU A 28 8.36 2.89 5.19
N GLN A 29 8.38 2.96 3.86
CA GLN A 29 9.38 3.73 3.14
C GLN A 29 8.71 4.79 2.27
N VAL A 30 9.30 5.98 2.23
CA VAL A 30 8.77 7.09 1.44
C VAL A 30 9.81 7.61 0.46
N ILE A 31 9.43 7.69 -0.82
CA ILE A 31 10.33 8.17 -1.85
C ILE A 31 9.81 9.48 -2.46
N LYS A 32 10.74 10.33 -2.87
CA LYS A 32 10.38 11.61 -3.49
C LYS A 32 10.86 11.68 -4.94
N GLY A 33 9.96 12.07 -5.84
CA GLY A 33 10.32 12.17 -7.24
C GLY A 33 10.79 10.85 -7.81
N ASN A 34 10.07 10.35 -8.82
CA ASN A 34 10.42 9.09 -9.45
C ASN A 34 10.55 9.26 -10.97
N GLY A 35 9.43 9.57 -11.62
CA GLY A 35 9.44 9.75 -13.06
C GLY A 35 9.61 11.20 -13.45
N ARG A 36 8.70 11.69 -14.30
CA ARG A 36 8.76 13.08 -14.76
C ARG A 36 7.84 13.96 -13.92
N THR A 37 6.71 13.40 -13.51
CA THR A 37 5.73 14.13 -12.71
C THR A 37 6.18 14.23 -11.26
N SER A 38 7.43 13.83 -11.00
CA SER A 38 7.98 13.88 -9.64
C SER A 38 6.98 13.33 -8.64
N PRO A 39 6.43 12.14 -8.93
CA PRO A 39 5.45 11.48 -8.05
C PRO A 39 6.08 10.99 -6.74
N TRP A 40 5.23 10.59 -5.80
CA TRP A 40 5.69 10.11 -4.51
C TRP A 40 5.36 8.63 -4.33
N GLU A 41 6.38 7.80 -4.24
CA GLU A 41 6.19 6.36 -4.06
C GLU A 41 6.37 5.95 -2.60
N ILE A 42 5.52 5.06 -2.13
CA ILE A 42 5.60 4.59 -0.75
C ILE A 42 5.30 3.10 -0.66
N TYR A 43 6.09 2.39 0.14
CA TYR A 43 5.92 0.95 0.31
C TYR A 43 5.71 0.60 1.78
N ILE A 44 5.35 -0.65 2.03
CA ILE A 44 5.12 -1.12 3.39
C ILE A 44 4.95 -2.63 3.44
N THR A 45 5.09 -3.21 4.63
CA THR A 45 4.96 -4.65 4.80
C THR A 45 3.66 -4.99 5.54
N LEU A 46 3.06 -6.12 5.18
CA LEU A 46 1.82 -6.56 5.81
C LEU A 46 1.99 -7.93 6.46
N HIS A 47 1.45 -8.08 7.67
CA HIS A 47 1.56 -9.34 8.40
C HIS A 47 0.25 -9.64 9.13
N PRO A 48 -0.08 -10.94 9.23
CA PRO A 48 -1.31 -11.37 9.92
C PRO A 48 -1.23 -11.18 11.43
N ALA A 49 -2.39 -10.99 12.05
CA ALA A 49 -2.45 -10.79 13.49
C ALA A 49 -2.28 -12.12 14.24
N THR A 50 -1.03 -12.48 14.50
CA THR A 50 -0.73 -13.72 15.21
C THR A 50 0.42 -13.52 16.20
N ALA A 51 0.54 -14.47 17.13
CA ALA A 51 1.60 -14.41 18.13
C ALA A 51 2.99 -14.41 17.49
N GLU A 52 4.02 -14.33 18.32
CA GLU A 52 5.39 -14.32 17.82
C GLU A 52 5.86 -15.74 17.52
N ASP A 53 5.21 -16.38 16.55
CA ASP A 53 5.57 -17.75 16.18
C ASP A 53 5.84 -17.83 14.67
N GLN A 54 5.02 -17.16 13.88
CA GLN A 54 5.18 -17.17 12.43
C GLN A 54 6.25 -16.17 12.00
N ASP A 55 7.36 -16.15 12.72
CA ASP A 55 8.46 -15.25 12.41
C ASP A 55 8.74 -15.21 10.91
N SER A 56 9.19 -16.34 10.37
CA SER A 56 9.49 -16.44 8.96
C SER A 56 8.49 -15.63 8.13
N GLN A 57 9.00 -15.00 7.07
CA GLN A 57 8.15 -14.19 6.20
C GLN A 57 7.53 -15.03 5.10
N TYR A 58 6.88 -16.12 5.50
CA TYR A 58 6.24 -17.02 4.54
C TYR A 58 5.09 -16.32 3.82
N VAL A 59 4.16 -15.77 4.59
CA VAL A 59 3.02 -15.07 4.02
C VAL A 59 3.13 -13.56 4.24
N CYS A 60 3.38 -12.84 3.15
CA CYS A 60 3.52 -11.39 3.22
C CYS A 60 3.48 -10.77 1.82
N PHE A 61 3.04 -9.51 1.75
CA PHE A 61 2.95 -8.81 0.47
C PHE A 61 3.28 -7.34 0.64
N THR A 62 4.37 -6.90 0.01
CA THR A 62 4.80 -5.51 0.10
C THR A 62 3.85 -4.60 -0.67
N LEU A 63 2.86 -4.07 0.03
CA LEU A 63 1.88 -3.18 -0.59
C LEU A 63 2.55 -1.90 -1.08
N VAL A 64 2.44 -1.64 -2.39
CA VAL A 64 3.03 -0.45 -2.99
C VAL A 64 2.00 0.67 -3.09
N LEU A 65 2.47 1.90 -2.91
CA LEU A 65 1.59 3.07 -2.99
C LEU A 65 2.21 4.15 -3.86
N GLN A 66 1.72 4.28 -5.09
CA GLN A 66 2.22 5.29 -6.02
C GLN A 66 1.31 6.51 -6.04
N VAL A 67 1.72 7.55 -5.34
CA VAL A 67 0.95 8.79 -5.29
C VAL A 67 1.34 9.73 -6.41
N PRO A 68 0.43 9.89 -7.40
CA PRO A 68 0.66 10.76 -8.55
C PRO A 68 0.64 12.23 -8.17
N ALA A 69 0.79 13.10 -9.17
CA ALA A 69 0.79 14.54 -8.94
C ALA A 69 -0.63 15.06 -8.72
N GLU A 70 -1.61 14.29 -9.18
CA GLU A 70 -3.02 14.68 -9.04
C GLU A 70 -3.49 14.45 -7.60
N TYR A 71 -3.08 13.33 -7.01
CA TYR A 71 -3.46 13.00 -5.65
C TYR A 71 -3.61 14.27 -4.80
N PRO A 72 -4.63 14.28 -3.93
CA PRO A 72 -5.56 13.16 -3.78
C PRO A 72 -6.48 13.00 -4.99
N HIS A 73 -6.72 14.11 -5.69
CA HIS A 73 -7.58 14.09 -6.86
C HIS A 73 -7.48 12.76 -7.59
N GLU A 74 -6.27 12.20 -7.64
CA GLU A 74 -6.05 10.92 -8.31
C GLU A 74 -5.61 9.86 -7.31
N VAL A 75 -6.31 8.73 -7.32
CA VAL A 75 -6.00 7.63 -6.42
C VAL A 75 -4.62 7.05 -6.71
N PRO A 76 -3.89 6.69 -5.65
CA PRO A 76 -2.54 6.11 -5.77
C PRO A 76 -2.58 4.71 -6.35
N GLN A 77 -1.79 4.48 -7.41
CA GLN A 77 -1.73 3.17 -8.05
C GLN A 77 -1.24 2.12 -7.08
N ILE A 78 -2.16 1.30 -6.56
CA ILE A 78 -1.81 0.25 -5.62
C ILE A 78 -1.38 -1.02 -6.35
N SER A 79 -0.16 -1.48 -6.05
CA SER A 79 0.37 -2.68 -6.69
C SER A 79 1.11 -3.55 -5.67
N ILE A 80 0.98 -4.86 -5.82
CA ILE A 80 1.64 -5.80 -4.92
C ILE A 80 3.06 -6.09 -5.36
N ARG A 81 4.02 -5.92 -4.44
CA ARG A 81 5.42 -6.18 -4.74
C ARG A 81 5.93 -7.39 -3.98
N ASN A 82 6.64 -8.27 -4.67
CA ASN A 82 7.18 -9.47 -4.06
C ASN A 82 6.09 -10.28 -3.37
N PRO A 83 5.03 -10.60 -4.12
CA PRO A 83 3.90 -11.37 -3.60
C PRO A 83 4.27 -12.82 -3.32
N ARG A 84 4.21 -13.20 -2.04
CA ARG A 84 4.54 -14.57 -1.65
C ARG A 84 3.38 -15.20 -0.88
N GLY A 85 3.15 -16.49 -1.13
CA GLY A 85 2.07 -17.20 -0.46
C GLY A 85 0.74 -16.98 -1.14
N LEU A 86 0.44 -15.73 -1.47
CA LEU A 86 -0.82 -15.40 -2.12
C LEU A 86 -0.84 -15.90 -3.57
N SER A 87 -2.03 -15.95 -4.16
CA SER A 87 -2.18 -16.41 -5.53
C SER A 87 -2.87 -15.36 -6.38
N ASP A 88 -2.88 -15.58 -7.70
CA ASP A 88 -3.52 -14.65 -8.62
C ASP A 88 -4.90 -14.23 -8.12
N GLU A 89 -5.64 -15.19 -7.59
CA GLU A 89 -6.98 -14.93 -7.08
C GLU A 89 -6.92 -14.02 -5.86
N GLN A 90 -6.39 -14.55 -4.77
CA GLN A 90 -6.28 -13.77 -3.53
C GLN A 90 -5.77 -12.37 -3.81
N ILE A 91 -4.61 -12.28 -4.45
CA ILE A 91 -4.01 -10.99 -4.77
C ILE A 91 -5.00 -10.10 -5.52
N HIS A 92 -5.51 -10.60 -6.65
CA HIS A 92 -6.47 -9.85 -7.46
C HIS A 92 -7.44 -9.09 -6.56
N THR A 93 -8.11 -9.81 -5.67
CA THR A 93 -9.07 -9.19 -4.76
C THR A 93 -8.44 -8.07 -3.97
N ILE A 94 -7.33 -8.38 -3.30
CA ILE A 94 -6.62 -7.39 -2.49
C ILE A 94 -6.64 -6.01 -3.16
N LEU A 95 -6.35 -5.99 -4.46
CA LEU A 95 -6.33 -4.75 -5.21
C LEU A 95 -7.73 -4.13 -5.27
N GLN A 96 -8.66 -4.83 -5.92
CA GLN A 96 -10.03 -4.36 -6.05
C GLN A 96 -10.46 -3.62 -4.79
N VAL A 97 -10.04 -4.13 -3.64
CA VAL A 97 -10.39 -3.51 -2.36
C VAL A 97 -9.58 -2.25 -2.11
N LEU A 98 -8.27 -2.42 -1.91
CA LEU A 98 -7.39 -1.28 -1.66
C LEU A 98 -7.75 -0.11 -2.56
N GLY A 99 -8.03 -0.39 -3.83
CA GLY A 99 -8.39 0.66 -4.77
C GLY A 99 -9.69 1.34 -4.40
N HIS A 100 -10.72 0.54 -4.11
CA HIS A 100 -12.02 1.07 -3.73
C HIS A 100 -11.89 2.12 -2.63
N VAL A 101 -11.09 1.80 -1.61
CA VAL A 101 -10.88 2.71 -0.50
C VAL A 101 -10.37 4.06 -0.98
N ALA A 102 -9.41 4.03 -1.90
CA ALA A 102 -8.84 5.25 -2.44
C ALA A 102 -9.90 6.11 -3.13
N LYS A 103 -10.52 5.55 -4.17
CA LYS A 103 -11.55 6.25 -4.91
C LYS A 103 -12.62 6.81 -3.97
N ALA A 104 -12.97 6.03 -2.95
CA ALA A 104 -13.98 6.44 -1.98
C ALA A 104 -13.46 7.57 -1.11
N GLY A 105 -12.13 7.74 -1.09
CA GLY A 105 -11.53 8.79 -0.29
C GLY A 105 -10.78 9.81 -1.14
N LEU A 106 -11.37 10.19 -2.26
CA LEU A 106 -10.74 11.15 -3.16
C LEU A 106 -10.80 12.56 -2.58
N GLY A 107 -9.82 13.38 -2.91
CA GLY A 107 -9.78 14.74 -2.40
C GLY A 107 -9.39 14.81 -0.95
N THR A 108 -9.12 13.65 -0.34
CA THR A 108 -8.73 13.58 1.06
C THR A 108 -7.57 12.62 1.27
N ALA A 109 -7.18 12.44 2.52
CA ALA A 109 -6.09 11.53 2.86
C ALA A 109 -6.55 10.07 2.84
N MET A 110 -5.91 9.26 2.01
CA MET A 110 -6.25 7.85 1.91
C MET A 110 -5.04 6.97 2.25
N LEU A 111 -3.85 7.48 1.98
CA LEU A 111 -2.62 6.74 2.26
C LEU A 111 -2.78 5.89 3.52
N TYR A 112 -2.88 6.56 4.67
CA TYR A 112 -3.04 5.86 5.93
C TYR A 112 -4.10 4.77 5.84
N GLU A 113 -5.27 5.14 5.32
CA GLU A 113 -6.37 4.19 5.17
C GLU A 113 -5.95 3.00 4.33
N LEU A 114 -5.68 3.23 3.05
CA LEU A 114 -5.26 2.17 2.14
C LEU A 114 -4.37 1.16 2.86
N ILE A 115 -3.37 1.66 3.57
CA ILE A 115 -2.45 0.80 4.31
C ILE A 115 -3.20 -0.07 5.30
N GLU A 116 -4.03 0.55 6.13
CA GLU A 116 -4.81 -0.17 7.13
C GLU A 116 -5.53 -1.35 6.51
N LYS A 117 -6.40 -1.07 5.55
CA LYS A 117 -7.16 -2.13 4.87
C LYS A 117 -6.29 -3.36 4.63
N GLY A 118 -5.18 -3.17 3.92
CA GLY A 118 -4.28 -4.27 3.64
C GLY A 118 -4.06 -5.17 4.85
N LYS A 119 -4.02 -4.56 6.03
CA LYS A 119 -3.82 -5.30 7.26
C LYS A 119 -4.98 -6.26 7.53
N GLU A 120 -6.20 -5.72 7.48
CA GLU A 120 -7.40 -6.52 7.71
C GLU A 120 -7.52 -7.63 6.67
N ILE A 121 -7.13 -7.31 5.44
CA ILE A 121 -7.20 -8.27 4.34
C ILE A 121 -6.39 -9.53 4.67
N LEU A 122 -5.09 -9.35 4.86
CA LEU A 122 -4.19 -10.46 5.16
C LEU A 122 -4.89 -11.47 6.08
N THR A 123 -5.45 -10.97 7.18
CA THR A 123 -6.14 -11.82 8.14
C THR A 123 -6.89 -12.95 7.43
N ASP A 124 -7.61 -12.59 6.36
CA ASP A 124 -8.37 -13.57 5.59
C ASP A 124 -7.45 -14.54 4.87
N ASN A 125 -6.54 -14.00 4.07
CA ASN A 125 -5.60 -14.82 3.32
C ASN A 125 -4.26 -14.91 4.05
N ASN A 126 -4.23 -15.68 5.13
CA ASN A 126 -3.01 -15.85 5.91
C ASN A 126 -2.64 -17.33 6.02
N ILE A 127 -3.43 -18.08 6.77
CA ILE A 127 -3.18 -19.50 6.95
C ILE A 127 -3.19 -20.24 5.61
N PRO A 128 -2.08 -20.94 5.32
CA PRO A 128 -1.94 -21.71 4.08
C PRO A 128 -2.85 -22.92 4.03
N HIS A 129 -2.86 -23.60 2.90
CA HIS A 129 -3.69 -24.80 2.73
C HIS A 129 -2.86 -26.07 2.85
N GLY A 130 -1.81 -26.16 2.03
CA GLY A 130 -0.94 -27.32 2.06
C GLY A 130 -0.67 -27.88 0.67
N GLN A 131 0.59 -27.78 0.23
CA GLN A 131 0.97 -28.27 -1.07
C GLN A 131 2.04 -29.37 -0.95
N SER A 132 1.96 -30.35 -1.84
CA SER A 132 2.91 -31.46 -1.83
C SER A 132 4.34 -30.95 -1.72
N GLY A 133 5.16 -31.64 -0.94
CA GLY A 133 6.54 -31.24 -0.76
C GLY A 133 7.33 -32.22 0.09
N PRO A 134 8.41 -32.76 -0.49
CA PRO A 134 9.27 -33.72 0.21
C PRO A 134 10.06 -33.08 1.34
N SER A 135 9.87 -33.59 2.55
CA SER A 135 10.57 -33.06 3.72
C SER A 135 11.93 -33.72 3.89
N SER A 136 11.95 -35.05 3.86
CA SER A 136 13.19 -35.81 4.01
C SER A 136 13.01 -37.25 3.51
N GLY A 137 13.96 -37.71 2.70
CA GLY A 137 13.89 -39.05 2.17
C GLY A 137 13.65 -39.07 0.67
N GLY A 1 18.15 26.26 -18.96
CA GLY A 1 17.81 25.06 -18.21
C GLY A 1 16.41 25.12 -17.64
N SER A 2 16.31 25.16 -16.32
CA SER A 2 15.02 25.20 -15.64
C SER A 2 15.13 25.90 -14.29
N SER A 3 14.18 26.77 -14.00
CA SER A 3 14.17 27.51 -12.74
C SER A 3 13.46 26.71 -11.65
N GLY A 4 14.21 25.82 -11.01
CA GLY A 4 13.65 25.00 -9.95
C GLY A 4 12.47 24.17 -10.42
N SER A 5 11.35 24.27 -9.72
CA SER A 5 10.14 23.52 -10.07
C SER A 5 8.97 24.47 -10.31
N SER A 6 9.02 25.65 -9.69
CA SER A 6 7.96 26.63 -9.84
C SER A 6 6.59 25.95 -9.86
N GLY A 7 6.33 25.12 -8.86
CA GLY A 7 5.06 24.42 -8.78
C GLY A 7 4.12 25.05 -7.77
N GLU A 8 3.60 24.23 -6.87
CA GLU A 8 2.69 24.71 -5.84
C GLU A 8 3.12 24.27 -4.45
N GLU A 9 2.34 24.62 -3.44
CA GLU A 9 2.65 24.26 -2.06
C GLU A 9 1.53 23.44 -1.45
N ASP A 10 0.30 23.93 -1.59
CA ASP A 10 -0.86 23.24 -1.05
C ASP A 10 -0.85 21.76 -1.42
N TRP A 11 -0.63 20.90 -0.43
CA TRP A 11 -0.59 19.47 -0.67
C TRP A 11 -0.64 18.70 0.65
N VAL A 12 -1.72 17.96 0.86
CA VAL A 12 -1.90 17.18 2.08
C VAL A 12 -1.14 15.86 2.00
N LEU A 13 -0.91 15.39 0.77
CA LEU A 13 -0.19 14.14 0.56
C LEU A 13 1.09 14.08 1.39
N PRO A 14 1.90 15.14 1.29
CA PRO A 14 3.16 15.25 2.03
C PRO A 14 2.93 15.43 3.53
N SER A 15 2.09 16.40 3.88
CA SER A 15 1.79 16.67 5.29
C SER A 15 1.45 15.39 6.04
N GLU A 16 0.59 14.58 5.44
CA GLU A 16 0.18 13.32 6.06
C GLU A 16 1.37 12.39 6.26
N VAL A 17 2.22 12.29 5.23
CA VAL A 17 3.40 11.44 5.30
C VAL A 17 4.21 11.72 6.56
N GLU A 18 4.40 13.00 6.86
CA GLU A 18 5.15 13.41 8.04
C GLU A 18 4.76 12.57 9.25
N VAL A 19 3.46 12.38 9.43
CA VAL A 19 2.94 11.59 10.55
C VAL A 19 3.29 10.12 10.39
N LEU A 20 2.99 9.58 9.22
CA LEU A 20 3.27 8.17 8.93
C LEU A 20 4.71 7.81 9.29
N GLU A 21 5.66 8.54 8.69
CA GLU A 21 7.07 8.31 8.95
C GLU A 21 7.34 8.15 10.44
N SER A 22 6.55 8.84 11.25
CA SER A 22 6.70 8.77 12.71
C SER A 22 6.21 7.43 13.24
N ILE A 23 5.19 6.87 12.60
CA ILE A 23 4.64 5.58 13.01
C ILE A 23 5.33 4.44 12.30
N TYR A 24 5.26 4.45 10.97
CA TYR A 24 5.88 3.40 10.16
C TYR A 24 7.26 3.84 9.65
N LEU A 25 8.02 4.47 10.54
CA LEU A 25 9.35 4.95 10.20
C LEU A 25 10.08 3.93 9.31
N ASP A 26 10.08 2.67 9.74
CA ASP A 26 10.73 1.61 8.98
C ASP A 26 9.70 0.71 8.31
N GLU A 27 8.67 0.32 9.06
CA GLU A 27 7.62 -0.54 8.54
C GLU A 27 7.22 -0.12 7.13
N LEU A 28 7.38 1.18 6.84
CA LEU A 28 7.04 1.71 5.52
C LEU A 28 8.11 2.68 5.03
N GLN A 29 8.28 2.76 3.72
CA GLN A 29 9.26 3.65 3.12
C GLN A 29 8.61 4.62 2.14
N VAL A 30 9.03 5.88 2.20
CA VAL A 30 8.49 6.90 1.32
C VAL A 30 9.55 7.43 0.36
N ILE A 31 9.17 7.58 -0.91
CA ILE A 31 10.09 8.07 -1.93
C ILE A 31 9.54 9.34 -2.59
N LYS A 32 10.42 10.32 -2.78
CA LYS A 32 10.03 11.57 -3.42
C LYS A 32 10.55 11.65 -4.85
N GLY A 33 9.80 12.33 -5.71
CA GLY A 33 10.20 12.46 -7.10
C GLY A 33 10.67 11.15 -7.69
N ASN A 34 9.75 10.43 -8.33
CA ASN A 34 10.08 9.14 -8.95
C ASN A 34 9.49 9.05 -10.35
N GLY A 35 9.78 10.04 -11.18
CA GLY A 35 9.27 10.05 -12.54
C GLY A 35 9.24 11.44 -13.14
N ARG A 36 8.49 11.60 -14.22
CA ARG A 36 8.39 12.89 -14.90
C ARG A 36 7.53 13.85 -14.09
N THR A 37 6.52 13.31 -13.41
CA THR A 37 5.63 14.13 -12.60
C THR A 37 6.08 14.19 -11.15
N SER A 38 7.35 13.84 -10.93
CA SER A 38 7.92 13.86 -9.59
C SER A 38 6.92 13.33 -8.57
N PRO A 39 6.33 12.16 -8.87
CA PRO A 39 5.35 11.51 -8.00
C PRO A 39 5.97 10.98 -6.72
N TRP A 40 5.13 10.54 -5.79
CA TRP A 40 5.60 10.00 -4.51
C TRP A 40 5.27 8.52 -4.39
N GLU A 41 6.31 7.70 -4.27
CA GLU A 41 6.14 6.26 -4.15
C GLU A 41 6.38 5.79 -2.72
N ILE A 42 5.42 5.08 -2.15
CA ILE A 42 5.52 4.59 -0.79
C ILE A 42 5.32 3.08 -0.74
N TYR A 43 6.09 2.40 0.11
CA TYR A 43 5.99 0.95 0.25
C TYR A 43 5.77 0.57 1.71
N ILE A 44 4.96 -0.46 1.93
CA ILE A 44 4.67 -0.93 3.27
C ILE A 44 4.48 -2.45 3.30
N THR A 45 4.84 -3.06 4.41
CA THR A 45 4.71 -4.51 4.57
C THR A 45 3.66 -4.86 5.61
N LEU A 46 2.52 -5.35 5.15
CA LEU A 46 1.43 -5.73 6.06
C LEU A 46 1.53 -7.20 6.44
N HIS A 47 1.41 -7.47 7.74
CA HIS A 47 1.48 -8.84 8.24
C HIS A 47 0.22 -9.20 9.02
N PRO A 48 -0.18 -10.48 8.92
CA PRO A 48 -1.38 -10.99 9.60
C PRO A 48 -1.21 -11.04 11.11
N ALA A 49 -2.28 -11.37 11.82
CA ALA A 49 -2.25 -11.46 13.27
C ALA A 49 -2.49 -12.90 13.74
N THR A 50 -1.41 -13.62 14.01
CA THR A 50 -1.51 -15.00 14.46
C THR A 50 -0.35 -15.35 15.39
N ALA A 51 -0.34 -16.59 15.86
CA ALA A 51 0.71 -17.06 16.77
C ALA A 51 2.07 -17.07 16.07
N GLU A 52 2.17 -17.86 15.00
CA GLU A 52 3.42 -17.96 14.25
C GLU A 52 3.88 -16.58 13.78
N ASP A 53 2.94 -15.78 13.30
CA ASP A 53 3.27 -14.44 12.82
C ASP A 53 4.34 -13.80 13.69
N GLN A 54 4.27 -14.02 14.99
CA GLN A 54 5.23 -13.46 15.93
C GLN A 54 6.66 -13.86 15.53
N ASP A 55 7.35 -12.93 14.87
CA ASP A 55 8.72 -13.17 14.43
C ASP A 55 8.75 -14.19 13.30
N SER A 56 8.00 -13.91 12.24
CA SER A 56 7.94 -14.80 11.09
C SER A 56 7.38 -14.08 9.87
N GLN A 57 8.19 -13.97 8.82
CA GLN A 57 7.76 -13.30 7.60
C GLN A 57 7.31 -14.32 6.56
N TYR A 58 6.51 -15.28 6.98
CA TYR A 58 6.01 -16.31 6.08
C TYR A 58 5.19 -15.70 4.95
N VAL A 59 4.06 -15.10 5.30
CA VAL A 59 3.19 -14.47 4.31
C VAL A 59 3.17 -12.96 4.49
N CYS A 60 3.50 -12.24 3.42
CA CYS A 60 3.52 -10.78 3.46
C CYS A 60 3.52 -10.20 2.04
N PHE A 61 2.93 -9.03 1.89
CA PHE A 61 2.86 -8.37 0.59
C PHE A 61 3.20 -6.89 0.71
N THR A 62 4.25 -6.46 0.03
CA THR A 62 4.67 -5.07 0.07
C THR A 62 3.71 -4.18 -0.72
N LEU A 63 2.65 -3.72 -0.05
CA LEU A 63 1.67 -2.87 -0.68
C LEU A 63 2.32 -1.63 -1.29
N VAL A 64 2.43 -1.62 -2.62
CA VAL A 64 3.03 -0.49 -3.32
C VAL A 64 2.02 0.61 -3.57
N LEU A 65 2.27 1.79 -3.02
CA LEU A 65 1.37 2.92 -3.19
C LEU A 65 2.07 4.06 -3.94
N GLN A 66 1.65 4.28 -5.19
CA GLN A 66 2.22 5.34 -6.01
C GLN A 66 1.30 6.55 -6.08
N VAL A 67 1.59 7.55 -5.26
CA VAL A 67 0.79 8.77 -5.22
C VAL A 67 1.23 9.76 -6.29
N PRO A 68 0.38 9.95 -7.31
CA PRO A 68 0.66 10.87 -8.41
C PRO A 68 0.64 12.33 -7.98
N ALA A 69 0.74 13.24 -8.94
CA ALA A 69 0.73 14.67 -8.66
C ALA A 69 -0.69 15.15 -8.37
N GLU A 70 -1.67 14.58 -9.06
CA GLU A 70 -3.06 14.96 -8.87
C GLU A 70 -3.49 14.74 -7.42
N TYR A 71 -3.21 13.55 -6.89
CA TYR A 71 -3.57 13.22 -5.52
C TYR A 71 -3.59 14.47 -4.64
N PRO A 72 -4.55 14.53 -3.71
CA PRO A 72 -5.54 13.47 -3.53
C PRO A 72 -6.53 13.40 -4.69
N HIS A 73 -6.31 14.23 -5.71
CA HIS A 73 -7.17 14.25 -6.87
C HIS A 73 -6.83 13.11 -7.84
N GLU A 74 -6.31 12.03 -7.29
CA GLU A 74 -5.94 10.87 -8.10
C GLU A 74 -5.44 9.73 -7.22
N VAL A 75 -6.28 8.71 -7.06
CA VAL A 75 -5.93 7.55 -6.24
C VAL A 75 -4.55 7.01 -6.62
N PRO A 76 -3.76 6.63 -5.61
CA PRO A 76 -2.41 6.09 -5.81
C PRO A 76 -2.44 4.70 -6.43
N GLN A 77 -1.65 4.51 -7.48
CA GLN A 77 -1.57 3.22 -8.16
C GLN A 77 -1.16 2.12 -7.19
N ILE A 78 -2.12 1.29 -6.80
CA ILE A 78 -1.84 0.19 -5.87
C ILE A 78 -1.41 -1.07 -6.63
N SER A 79 -0.21 -1.55 -6.32
CA SER A 79 0.32 -2.74 -6.97
C SER A 79 0.97 -3.67 -5.95
N ILE A 80 0.76 -4.96 -6.12
CA ILE A 80 1.32 -5.96 -5.21
C ILE A 80 2.72 -6.38 -5.65
N ARG A 81 3.69 -6.20 -4.76
CA ARG A 81 5.08 -6.55 -5.05
C ARG A 81 5.58 -7.62 -4.09
N ASN A 82 6.62 -8.33 -4.50
CA ASN A 82 7.20 -9.39 -3.67
C ASN A 82 6.11 -10.16 -2.92
N PRO A 83 5.11 -10.65 -3.67
CA PRO A 83 4.00 -11.42 -3.11
C PRO A 83 4.43 -12.78 -2.61
N ARG A 84 4.25 -13.02 -1.31
CA ARG A 84 4.61 -14.29 -0.70
C ARG A 84 3.40 -14.95 -0.04
N GLY A 85 3.23 -16.24 -0.28
CA GLY A 85 2.12 -16.97 0.30
C GLY A 85 0.83 -16.77 -0.49
N LEU A 86 0.53 -15.52 -0.81
CA LEU A 86 -0.68 -15.19 -1.57
C LEU A 86 -0.59 -15.71 -2.99
N SER A 87 -1.75 -15.96 -3.60
CA SER A 87 -1.81 -16.47 -4.96
C SER A 87 -2.40 -15.42 -5.90
N ASP A 88 -2.07 -15.53 -7.18
CA ASP A 88 -2.57 -14.59 -8.19
C ASP A 88 -4.02 -14.24 -7.92
N GLU A 89 -4.83 -15.25 -7.60
CA GLU A 89 -6.25 -15.04 -7.33
C GLU A 89 -6.44 -14.09 -6.16
N GLN A 90 -5.71 -14.34 -5.07
CA GLN A 90 -5.81 -13.50 -3.88
C GLN A 90 -5.30 -12.09 -4.17
N ILE A 91 -4.16 -12.01 -4.85
CA ILE A 91 -3.57 -10.72 -5.19
C ILE A 91 -4.55 -9.85 -5.97
N HIS A 92 -5.29 -10.48 -6.87
CA HIS A 92 -6.27 -9.77 -7.69
C HIS A 92 -7.30 -9.07 -6.81
N THR A 93 -7.79 -9.78 -5.81
CA THR A 93 -8.79 -9.24 -4.89
C THR A 93 -8.21 -8.08 -4.07
N ILE A 94 -7.15 -8.37 -3.33
CA ILE A 94 -6.50 -7.36 -2.49
C ILE A 94 -6.55 -6.00 -3.17
N LEU A 95 -6.08 -5.94 -4.41
CA LEU A 95 -6.07 -4.70 -5.17
C LEU A 95 -7.47 -4.08 -5.23
N GLN A 96 -8.41 -4.82 -5.81
CA GLN A 96 -9.78 -4.35 -5.94
C GLN A 96 -10.18 -3.52 -4.72
N VAL A 97 -10.14 -4.13 -3.55
CA VAL A 97 -10.49 -3.45 -2.31
C VAL A 97 -9.67 -2.18 -2.13
N LEU A 98 -8.37 -2.35 -1.90
CA LEU A 98 -7.47 -1.21 -1.71
C LEU A 98 -7.79 -0.10 -2.70
N GLY A 99 -8.40 -0.46 -3.83
CA GLY A 99 -8.75 0.52 -4.83
C GLY A 99 -10.01 1.29 -4.48
N HIS A 100 -11.04 0.58 -4.05
CA HIS A 100 -12.30 1.21 -3.69
C HIS A 100 -12.12 2.16 -2.52
N VAL A 101 -11.45 1.68 -1.47
CA VAL A 101 -11.21 2.48 -0.28
C VAL A 101 -10.58 3.83 -0.65
N ALA A 102 -9.73 3.82 -1.66
CA ALA A 102 -9.08 5.04 -2.12
C ALA A 102 -10.04 5.92 -2.90
N LYS A 103 -10.63 5.37 -3.94
CA LYS A 103 -11.58 6.11 -4.76
C LYS A 103 -12.70 6.71 -3.91
N ALA A 104 -13.01 6.03 -2.82
CA ALA A 104 -14.07 6.49 -1.92
C ALA A 104 -13.56 7.61 -1.01
N GLY A 105 -12.24 7.75 -0.93
CA GLY A 105 -11.65 8.78 -0.10
C GLY A 105 -10.82 9.77 -0.90
N LEU A 106 -11.34 10.18 -2.06
CA LEU A 106 -10.65 11.12 -2.92
C LEU A 106 -10.67 12.52 -2.32
N GLY A 107 -9.65 13.32 -2.62
CA GLY A 107 -9.58 14.67 -2.11
C GLY A 107 -8.91 14.74 -0.75
N THR A 108 -9.13 13.71 0.06
CA THR A 108 -8.55 13.66 1.40
C THR A 108 -7.44 12.61 1.48
N ALA A 109 -6.88 12.45 2.68
CA ALA A 109 -5.81 11.48 2.89
C ALA A 109 -6.36 10.05 2.89
N MET A 110 -5.78 9.20 2.07
CA MET A 110 -6.21 7.81 1.99
C MET A 110 -5.07 6.86 2.35
N LEU A 111 -3.85 7.26 2.03
CA LEU A 111 -2.67 6.45 2.33
C LEU A 111 -2.87 5.66 3.61
N TYR A 112 -2.83 6.36 4.75
CA TYR A 112 -3.00 5.73 6.05
C TYR A 112 -4.09 4.66 6.00
N GLU A 113 -5.23 5.03 5.41
CA GLU A 113 -6.36 4.11 5.29
C GLU A 113 -5.99 2.89 4.45
N LEU A 114 -5.73 3.14 3.16
CA LEU A 114 -5.36 2.07 2.24
C LEU A 114 -4.50 1.02 2.94
N ILE A 115 -3.59 1.48 3.79
CA ILE A 115 -2.71 0.59 4.53
C ILE A 115 -3.50 -0.28 5.50
N GLU A 116 -4.34 0.35 6.31
CA GLU A 116 -5.15 -0.36 7.28
C GLU A 116 -5.91 -1.51 6.63
N LYS A 117 -6.79 -1.18 5.70
CA LYS A 117 -7.57 -2.17 4.99
C LYS A 117 -6.71 -3.35 4.56
N GLY A 118 -5.62 -3.04 3.87
CA GLY A 118 -4.71 -4.08 3.41
C GLY A 118 -4.50 -5.17 4.44
N LYS A 119 -4.36 -4.77 5.70
CA LYS A 119 -4.16 -5.72 6.79
C LYS A 119 -5.38 -6.63 6.96
N GLU A 120 -6.51 -6.03 7.29
CA GLU A 120 -7.74 -6.78 7.48
C GLU A 120 -7.95 -7.79 6.36
N ILE A 121 -7.42 -7.47 5.17
CA ILE A 121 -7.54 -8.35 4.03
C ILE A 121 -6.62 -9.56 4.16
N LEU A 122 -5.33 -9.30 4.32
CA LEU A 122 -4.34 -10.35 4.48
C LEU A 122 -4.62 -11.19 5.71
N THR A 123 -4.74 -10.53 6.86
CA THR A 123 -5.00 -11.21 8.12
C THR A 123 -6.03 -12.33 7.94
N ASP A 124 -7.19 -11.98 7.40
CA ASP A 124 -8.25 -12.95 7.16
C ASP A 124 -7.76 -14.09 6.26
N ASN A 125 -7.09 -13.72 5.17
CA ASN A 125 -6.57 -14.70 4.23
C ASN A 125 -5.05 -14.64 4.17
N ASN A 126 -4.38 -15.23 5.16
CA ASN A 126 -2.93 -15.23 5.21
C ASN A 126 -2.39 -16.66 5.11
N ILE A 127 -2.93 -17.56 5.92
CA ILE A 127 -2.51 -18.96 5.91
C ILE A 127 -2.13 -19.40 4.50
N PRO A 128 -0.91 -19.96 4.36
CA PRO A 128 -0.41 -20.44 3.07
C PRO A 128 -1.15 -21.69 2.59
N HIS A 129 -2.13 -21.48 1.71
CA HIS A 129 -2.91 -22.59 1.18
C HIS A 129 -2.09 -23.39 0.16
N GLY A 130 -1.62 -22.71 -0.88
CA GLY A 130 -0.83 -23.38 -1.89
C GLY A 130 0.67 -23.22 -1.67
N GLN A 131 1.41 -24.29 -1.93
CA GLN A 131 2.87 -24.26 -1.75
C GLN A 131 3.54 -23.59 -2.93
N SER A 132 4.54 -22.75 -2.64
CA SER A 132 5.27 -22.04 -3.68
C SER A 132 6.10 -23.00 -4.53
N GLY A 133 5.72 -23.12 -5.80
CA GLY A 133 6.43 -24.00 -6.71
C GLY A 133 7.91 -23.66 -6.83
N PRO A 134 8.77 -24.53 -6.29
CA PRO A 134 10.22 -24.33 -6.33
C PRO A 134 10.79 -24.48 -7.73
N SER A 135 10.02 -25.10 -8.62
CA SER A 135 10.45 -25.31 -9.99
C SER A 135 10.72 -23.98 -10.68
N SER A 136 9.81 -23.03 -10.50
CA SER A 136 9.94 -21.70 -11.11
C SER A 136 10.43 -21.82 -12.54
N GLY A 137 9.88 -22.78 -13.28
CA GLY A 137 10.27 -22.98 -14.66
C GLY A 137 9.09 -23.33 -15.55
N GLY A 1 15.71 25.37 -11.68
CA GLY A 1 16.84 24.50 -11.43
C GLY A 1 16.44 23.04 -11.42
N SER A 2 16.82 22.33 -10.36
CA SER A 2 16.51 20.91 -10.23
C SER A 2 15.53 20.67 -9.08
N SER A 3 14.54 21.56 -8.95
CA SER A 3 13.55 21.45 -7.90
C SER A 3 12.14 21.32 -8.47
N GLY A 4 11.25 20.67 -7.72
CA GLY A 4 9.88 20.50 -8.18
C GLY A 4 8.92 21.43 -7.47
N SER A 5 8.03 20.85 -6.68
CA SER A 5 7.04 21.62 -5.94
C SER A 5 6.03 22.27 -6.89
N SER A 6 5.61 21.51 -7.90
CA SER A 6 4.67 22.00 -8.88
C SER A 6 3.26 21.46 -8.60
N GLY A 7 2.47 22.24 -7.88
CA GLY A 7 1.12 21.82 -7.56
C GLY A 7 0.27 22.96 -7.02
N GLU A 8 0.21 23.08 -5.70
CA GLU A 8 -0.57 24.13 -5.06
C GLU A 8 -0.02 24.46 -3.68
N GLU A 9 -0.56 25.51 -3.06
CA GLU A 9 -0.13 25.92 -1.74
C GLU A 9 -0.56 24.92 -0.68
N ASP A 10 -1.71 24.29 -0.90
CA ASP A 10 -2.25 23.30 0.03
C ASP A 10 -1.96 21.88 -0.46
N TRP A 11 -1.78 20.97 0.49
CA TRP A 11 -1.51 19.57 0.15
C TRP A 11 -1.54 18.70 1.40
N VAL A 12 -2.51 17.80 1.46
CA VAL A 12 -2.66 16.90 2.60
C VAL A 12 -1.77 15.67 2.44
N LEU A 13 -1.26 15.47 1.23
CA LEU A 13 -0.40 14.33 0.95
C LEU A 13 0.81 14.31 1.87
N PRO A 14 1.49 15.46 1.98
CA PRO A 14 2.67 15.61 2.85
C PRO A 14 2.32 15.55 4.33
N SER A 15 1.34 16.35 4.72
CA SER A 15 0.91 16.40 6.12
C SER A 15 0.75 15.00 6.69
N GLU A 16 0.20 14.10 5.88
CA GLU A 16 -0.01 12.71 6.31
C GLU A 16 1.32 11.98 6.44
N VAL A 17 2.18 12.15 5.45
CA VAL A 17 3.50 11.51 5.45
C VAL A 17 4.24 11.79 6.75
N GLU A 18 4.24 13.06 7.15
CA GLU A 18 4.92 13.47 8.38
C GLU A 18 4.62 12.50 9.52
N VAL A 19 3.33 12.21 9.72
CA VAL A 19 2.91 11.30 10.78
C VAL A 19 3.21 9.86 10.41
N LEU A 20 2.96 9.51 9.15
CA LEU A 20 3.20 8.15 8.67
C LEU A 20 4.66 7.76 8.88
N GLU A 21 5.55 8.75 8.84
CA GLU A 21 6.98 8.50 9.02
C GLU A 21 7.30 8.29 10.50
N SER A 22 6.61 9.01 11.36
CA SER A 22 6.83 8.92 12.80
C SER A 22 6.33 7.57 13.32
N ILE A 23 5.28 7.06 12.71
CA ILE A 23 4.71 5.78 13.11
C ILE A 23 5.31 4.62 12.33
N TYR A 24 5.40 4.79 11.01
CA TYR A 24 5.96 3.77 10.14
C TYR A 24 7.33 4.19 9.61
N LEU A 25 8.15 4.75 10.48
CA LEU A 25 9.48 5.20 10.10
C LEU A 25 10.19 4.14 9.25
N ASP A 26 10.11 2.89 9.69
CA ASP A 26 10.73 1.79 8.96
C ASP A 26 9.69 0.90 8.30
N GLU A 27 8.66 0.54 9.08
CA GLU A 27 7.59 -0.31 8.56
C GLU A 27 7.17 0.11 7.16
N LEU A 28 7.34 1.40 6.87
CA LEU A 28 6.98 1.95 5.57
C LEU A 28 8.11 2.81 5.00
N GLN A 29 8.21 2.86 3.68
CA GLN A 29 9.24 3.64 3.01
C GLN A 29 8.62 4.69 2.09
N VAL A 30 9.23 5.87 2.06
CA VAL A 30 8.73 6.96 1.22
C VAL A 30 9.83 7.48 0.31
N ILE A 31 9.47 7.73 -0.95
CA ILE A 31 10.42 8.23 -1.94
C ILE A 31 9.85 9.41 -2.71
N LYS A 32 10.22 10.61 -2.32
CA LYS A 32 9.74 11.82 -2.97
C LYS A 32 10.02 11.78 -4.47
N GLY A 33 9.33 12.63 -5.22
CA GLY A 33 9.52 12.67 -6.66
C GLY A 33 10.26 13.91 -7.12
N ASN A 34 10.49 14.01 -8.43
CA ASN A 34 11.19 15.16 -8.99
C ASN A 34 10.68 15.47 -10.39
N GLY A 35 10.64 16.76 -10.73
CA GLY A 35 10.17 17.17 -12.04
C GLY A 35 8.79 17.80 -11.98
N ARG A 36 7.99 17.53 -13.01
CA ARG A 36 6.64 18.08 -13.08
C ARG A 36 5.67 17.26 -12.23
N THR A 37 5.57 15.96 -12.54
CA THR A 37 4.68 15.07 -11.80
C THR A 37 5.16 14.86 -10.38
N SER A 38 6.48 14.89 -10.20
CA SER A 38 7.08 14.70 -8.89
C SER A 38 6.21 13.79 -8.02
N PRO A 39 5.91 12.59 -8.54
CA PRO A 39 5.09 11.60 -7.84
C PRO A 39 5.80 11.01 -6.63
N TRP A 40 5.05 10.77 -5.56
CA TRP A 40 5.61 10.20 -4.34
C TRP A 40 5.35 8.70 -4.27
N GLU A 41 6.43 7.92 -4.29
CA GLU A 41 6.31 6.47 -4.22
C GLU A 41 6.52 5.97 -2.80
N ILE A 42 5.46 5.46 -2.19
CA ILE A 42 5.53 4.94 -0.83
C ILE A 42 5.30 3.44 -0.80
N TYR A 43 6.18 2.73 -0.11
CA TYR A 43 6.08 1.27 -0.01
C TYR A 43 5.80 0.86 1.43
N ILE A 44 5.32 -0.37 1.61
CA ILE A 44 5.02 -0.90 2.93
C ILE A 44 4.70 -2.39 2.87
N THR A 45 5.21 -3.13 3.85
CA THR A 45 4.97 -4.57 3.91
C THR A 45 4.02 -4.92 5.05
N LEU A 46 2.74 -5.06 4.71
CA LEU A 46 1.72 -5.41 5.70
C LEU A 46 1.93 -6.82 6.23
N HIS A 47 1.51 -7.04 7.48
CA HIS A 47 1.65 -8.35 8.10
C HIS A 47 0.42 -8.69 8.94
N PRO A 48 -0.07 -9.93 8.79
CA PRO A 48 -1.26 -10.40 9.52
C PRO A 48 -0.98 -10.59 11.00
N ALA A 49 -1.94 -11.20 11.71
CA ALA A 49 -1.79 -11.43 13.13
C ALA A 49 -2.01 -12.90 13.48
N THR A 50 -0.93 -13.59 13.82
CA THR A 50 -0.99 -15.00 14.17
C THR A 50 -1.50 -15.20 15.59
N ALA A 51 -1.90 -16.43 15.90
CA ALA A 51 -2.42 -16.75 17.23
C ALA A 51 -1.78 -18.01 17.77
N GLU A 52 -2.02 -19.13 17.09
CA GLU A 52 -1.46 -20.42 17.51
C GLU A 52 -0.04 -20.59 16.98
N ASP A 53 0.19 -20.12 15.76
CA ASP A 53 1.51 -20.23 15.14
C ASP A 53 2.26 -18.90 15.24
N GLN A 54 2.26 -18.32 16.43
CA GLN A 54 2.95 -17.05 16.66
C GLN A 54 4.45 -17.26 16.80
N ASP A 55 5.13 -17.32 15.65
CA ASP A 55 6.58 -17.52 15.64
C ASP A 55 7.28 -16.38 14.90
N SER A 56 6.95 -16.23 13.62
CA SER A 56 7.56 -15.18 12.80
C SER A 56 6.74 -14.95 11.53
N GLN A 57 6.82 -13.74 10.98
CA GLN A 57 6.09 -13.40 9.78
C GLN A 57 6.18 -14.52 8.74
N TYR A 58 5.06 -14.83 8.12
CA TYR A 58 5.01 -15.89 7.11
C TYR A 58 4.54 -15.35 5.77
N VAL A 59 3.34 -14.75 5.77
CA VAL A 59 2.78 -14.19 4.55
C VAL A 59 2.78 -12.67 4.59
N CYS A 60 3.18 -12.05 3.50
CA CYS A 60 3.22 -10.59 3.41
C CYS A 60 3.43 -10.14 1.98
N PHE A 61 2.84 -8.99 1.63
CA PHE A 61 2.95 -8.46 0.28
C PHE A 61 3.32 -6.97 0.32
N THR A 62 4.50 -6.65 -0.20
CA THR A 62 4.98 -5.27 -0.22
C THR A 62 4.01 -4.37 -0.98
N LEU A 63 3.07 -3.77 -0.26
CA LEU A 63 2.08 -2.89 -0.87
C LEU A 63 2.76 -1.67 -1.48
N VAL A 64 2.80 -1.61 -2.81
CA VAL A 64 3.42 -0.50 -3.51
C VAL A 64 2.40 0.60 -3.78
N LEU A 65 2.48 1.68 -2.99
CA LEU A 65 1.57 2.80 -3.14
C LEU A 65 2.23 3.94 -3.89
N GLN A 66 1.85 4.11 -5.16
CA GLN A 66 2.42 5.17 -5.99
C GLN A 66 1.51 6.40 -6.00
N VAL A 67 1.85 7.38 -5.16
CA VAL A 67 1.06 8.61 -5.08
C VAL A 67 1.48 9.61 -6.14
N PRO A 68 0.57 9.90 -7.09
CA PRO A 68 0.84 10.84 -8.18
C PRO A 68 0.92 12.28 -7.69
N ALA A 69 0.82 13.22 -8.62
CA ALA A 69 0.88 14.64 -8.30
C ALA A 69 -0.51 15.21 -8.03
N GLU A 70 -1.50 14.63 -8.69
CA GLU A 70 -2.89 15.09 -8.53
C GLU A 70 -3.40 14.78 -7.13
N TYR A 71 -2.97 13.64 -6.59
CA TYR A 71 -3.39 13.23 -5.25
C TYR A 71 -3.57 14.43 -4.34
N PRO A 72 -4.59 14.37 -3.47
CA PRO A 72 -5.50 13.23 -3.39
C PRO A 72 -6.40 13.11 -4.61
N HIS A 73 -6.67 14.26 -5.25
CA HIS A 73 -7.52 14.29 -6.43
C HIS A 73 -7.41 12.98 -7.22
N GLU A 74 -6.19 12.47 -7.33
CA GLU A 74 -5.96 11.23 -8.06
C GLU A 74 -5.55 10.10 -7.11
N VAL A 75 -6.11 8.92 -7.33
CA VAL A 75 -5.81 7.77 -6.49
C VAL A 75 -4.45 7.19 -6.82
N PRO A 76 -3.71 6.77 -5.79
CA PRO A 76 -2.37 6.19 -5.95
C PRO A 76 -2.42 4.80 -6.59
N GLN A 77 -1.57 4.59 -7.59
CA GLN A 77 -1.52 3.31 -8.29
C GLN A 77 -1.04 2.20 -7.35
N ILE A 78 -1.98 1.39 -6.88
CA ILE A 78 -1.64 0.29 -5.97
C ILE A 78 -1.20 -0.94 -6.75
N SER A 79 -0.14 -1.59 -6.28
CA SER A 79 0.39 -2.78 -6.93
C SER A 79 1.02 -3.72 -5.91
N ILE A 80 0.94 -5.02 -6.19
CA ILE A 80 1.51 -6.02 -5.29
C ILE A 80 2.92 -6.42 -5.73
N ARG A 81 3.84 -6.46 -4.78
CA ARG A 81 5.22 -6.83 -5.07
C ARG A 81 5.70 -7.93 -4.13
N ASN A 82 6.60 -8.77 -4.62
CA ASN A 82 7.14 -9.87 -3.83
C ASN A 82 6.03 -10.56 -3.04
N PRO A 83 4.97 -10.99 -3.74
CA PRO A 83 3.83 -11.66 -3.13
C PRO A 83 4.19 -13.06 -2.63
N ARG A 84 4.32 -13.20 -1.31
CA ARG A 84 4.65 -14.49 -0.71
C ARG A 84 3.41 -15.17 -0.16
N GLY A 85 3.19 -16.42 -0.56
CA GLY A 85 2.03 -17.16 -0.10
C GLY A 85 0.78 -16.83 -0.88
N LEU A 86 0.54 -15.55 -1.10
CA LEU A 86 -0.64 -15.10 -1.84
C LEU A 86 -0.63 -15.67 -3.27
N SER A 87 -1.79 -15.63 -3.92
CA SER A 87 -1.92 -16.14 -5.27
C SER A 87 -2.81 -15.22 -6.11
N ASP A 88 -2.74 -15.39 -7.43
CA ASP A 88 -3.52 -14.58 -8.35
C ASP A 88 -4.93 -14.35 -7.79
N GLU A 89 -5.51 -15.40 -7.23
CA GLU A 89 -6.85 -15.31 -6.67
C GLU A 89 -6.89 -14.32 -5.50
N GLN A 90 -6.18 -14.64 -4.43
CA GLN A 90 -6.13 -13.78 -3.26
C GLN A 90 -5.75 -12.35 -3.65
N ILE A 91 -4.59 -12.22 -4.28
CA ILE A 91 -4.11 -10.90 -4.70
C ILE A 91 -5.22 -10.10 -5.38
N HIS A 92 -5.90 -10.74 -6.33
CA HIS A 92 -6.99 -10.08 -7.05
C HIS A 92 -7.87 -9.29 -6.10
N THR A 93 -8.36 -9.96 -5.07
CA THR A 93 -9.23 -9.32 -4.08
C THR A 93 -8.53 -8.14 -3.42
N ILE A 94 -7.32 -8.37 -2.93
CA ILE A 94 -6.55 -7.31 -2.28
C ILE A 94 -6.57 -6.03 -3.10
N LEU A 95 -6.02 -6.10 -4.31
CA LEU A 95 -5.97 -4.94 -5.20
C LEU A 95 -7.35 -4.30 -5.33
N GLN A 96 -8.31 -5.07 -5.84
CA GLN A 96 -9.67 -4.57 -6.01
C GLN A 96 -10.05 -3.61 -4.89
N VAL A 97 -10.07 -4.14 -3.66
CA VAL A 97 -10.42 -3.34 -2.49
C VAL A 97 -9.57 -2.06 -2.43
N LEU A 98 -8.27 -2.24 -2.21
CA LEU A 98 -7.35 -1.12 -2.13
C LEU A 98 -7.67 -0.06 -3.19
N GLY A 99 -8.23 -0.52 -4.31
CA GLY A 99 -8.57 0.39 -5.38
C GLY A 99 -9.82 1.20 -5.08
N HIS A 100 -10.86 0.53 -4.60
CA HIS A 100 -12.12 1.19 -4.27
C HIS A 100 -11.93 2.16 -3.11
N VAL A 101 -11.24 1.70 -2.06
CA VAL A 101 -10.99 2.54 -0.89
C VAL A 101 -10.31 3.84 -1.28
N ALA A 102 -9.50 3.79 -2.33
CA ALA A 102 -8.79 4.97 -2.81
C ALA A 102 -9.76 5.99 -3.42
N LYS A 103 -10.49 5.55 -4.44
CA LYS A 103 -11.46 6.42 -5.11
C LYS A 103 -12.50 6.94 -4.12
N ALA A 104 -12.90 6.08 -3.19
CA ALA A 104 -13.89 6.46 -2.18
C ALA A 104 -13.34 7.53 -1.24
N GLY A 105 -12.02 7.55 -1.08
CA GLY A 105 -11.39 8.51 -0.21
C GLY A 105 -10.63 9.59 -0.98
N LEU A 106 -11.23 10.07 -2.05
CA LEU A 106 -10.61 11.10 -2.88
C LEU A 106 -10.69 12.47 -2.20
N GLY A 107 -9.80 13.38 -2.60
CA GLY A 107 -9.80 14.71 -2.02
C GLY A 107 -9.50 14.70 -0.54
N THR A 108 -9.11 13.54 -0.02
CA THR A 108 -8.79 13.39 1.39
C THR A 108 -7.60 12.46 1.60
N ALA A 109 -7.26 12.22 2.87
CA ALA A 109 -6.15 11.34 3.19
C ALA A 109 -6.56 9.87 3.14
N MET A 110 -6.11 9.18 2.11
CA MET A 110 -6.43 7.76 1.94
C MET A 110 -5.23 6.88 2.29
N LEU A 111 -4.04 7.39 2.03
CA LEU A 111 -2.80 6.66 2.32
C LEU A 111 -2.96 5.82 3.58
N TYR A 112 -3.02 6.48 4.72
CA TYR A 112 -3.17 5.80 6.00
C TYR A 112 -4.20 4.69 5.90
N GLU A 113 -5.36 5.00 5.34
CA GLU A 113 -6.43 4.03 5.18
C GLU A 113 -5.97 2.85 4.34
N LEU A 114 -5.73 3.11 3.06
CA LEU A 114 -5.27 2.08 2.13
C LEU A 114 -4.36 1.08 2.83
N ILE A 115 -3.51 1.58 3.72
CA ILE A 115 -2.58 0.75 4.47
C ILE A 115 -3.32 -0.15 5.45
N GLU A 116 -4.08 0.46 6.35
CA GLU A 116 -4.84 -0.27 7.36
C GLU A 116 -5.67 -1.37 6.70
N LYS A 117 -6.43 -1.01 5.66
CA LYS A 117 -7.26 -1.96 4.95
C LYS A 117 -6.48 -3.21 4.59
N GLY A 118 -5.48 -3.05 3.72
CA GLY A 118 -4.67 -4.18 3.31
C GLY A 118 -4.45 -5.18 4.43
N LYS A 119 -4.02 -4.69 5.58
CA LYS A 119 -3.77 -5.53 6.74
C LYS A 119 -4.97 -6.44 7.02
N GLU A 120 -6.08 -5.83 7.42
CA GLU A 120 -7.29 -6.58 7.72
C GLU A 120 -7.56 -7.64 6.65
N ILE A 121 -7.41 -7.25 5.39
CA ILE A 121 -7.63 -8.16 4.28
C ILE A 121 -6.69 -9.36 4.36
N LEU A 122 -5.42 -9.09 4.66
CA LEU A 122 -4.42 -10.15 4.77
C LEU A 122 -4.79 -11.14 5.87
N THR A 123 -4.70 -10.69 7.12
CA THR A 123 -5.03 -11.54 8.25
C THR A 123 -6.22 -12.44 7.95
N ASP A 124 -7.12 -11.94 7.11
CA ASP A 124 -8.31 -12.70 6.73
C ASP A 124 -7.99 -13.73 5.65
N ASN A 125 -7.19 -13.31 4.67
CA ASN A 125 -6.80 -14.20 3.58
C ASN A 125 -5.32 -14.53 3.65
N ASN A 126 -4.81 -14.68 4.88
CA ASN A 126 -3.40 -15.01 5.08
C ASN A 126 -3.17 -16.50 4.95
N ILE A 127 -3.94 -17.29 5.69
CA ILE A 127 -3.82 -18.74 5.65
C ILE A 127 -3.59 -19.24 4.23
N PRO A 128 -2.55 -20.07 4.05
CA PRO A 128 -2.21 -20.63 2.74
C PRO A 128 -3.23 -21.65 2.27
N HIS A 129 -4.03 -21.26 1.27
CA HIS A 129 -5.05 -22.14 0.72
C HIS A 129 -4.56 -22.80 -0.58
N GLY A 130 -4.08 -21.97 -1.50
CA GLY A 130 -3.59 -22.49 -2.77
C GLY A 130 -2.11 -22.83 -2.72
N GLN A 131 -1.47 -22.84 -3.89
CA GLN A 131 -0.05 -23.18 -3.97
C GLN A 131 0.80 -21.92 -3.82
N SER A 132 2.04 -22.11 -3.36
CA SER A 132 2.97 -21.00 -3.17
C SER A 132 4.40 -21.50 -3.08
N GLY A 133 5.23 -21.06 -4.02
CA GLY A 133 6.62 -21.46 -4.05
C GLY A 133 7.03 -22.06 -5.37
N PRO A 134 7.17 -23.40 -5.42
CA PRO A 134 7.57 -24.12 -6.63
C PRO A 134 6.48 -24.11 -7.69
N SER A 135 6.73 -23.41 -8.79
CA SER A 135 5.77 -23.31 -9.88
C SER A 135 6.41 -22.69 -11.11
N SER A 136 6.14 -23.29 -12.27
CA SER A 136 6.70 -22.79 -13.53
C SER A 136 5.59 -22.32 -14.47
N GLY A 137 5.78 -21.17 -15.08
CA GLY A 137 4.79 -20.63 -16.00
C GLY A 137 4.03 -19.46 -15.41
N GLY A 1 13.98 25.83 -19.30
CA GLY A 1 12.67 25.23 -19.06
C GLY A 1 11.73 26.17 -18.34
N SER A 2 10.88 25.61 -17.49
CA SER A 2 9.91 26.41 -16.73
C SER A 2 9.67 25.80 -15.36
N SER A 3 9.59 26.65 -14.34
CA SER A 3 9.36 26.20 -12.97
C SER A 3 8.09 25.37 -12.89
N GLY A 4 7.00 25.91 -13.44
CA GLY A 4 5.74 25.21 -13.42
C GLY A 4 5.13 25.15 -12.03
N SER A 5 3.95 25.76 -11.87
CA SER A 5 3.27 25.79 -10.58
C SER A 5 1.79 26.12 -10.76
N SER A 6 0.93 25.27 -10.21
CA SER A 6 -0.51 25.48 -10.31
C SER A 6 -0.88 26.91 -9.93
N GLY A 7 -0.13 27.47 -8.98
CA GLY A 7 -0.40 28.83 -8.54
C GLY A 7 -0.38 28.96 -7.03
N GLU A 8 -1.13 28.09 -6.36
CA GLU A 8 -1.21 28.12 -4.91
C GLU A 8 -0.35 27.01 -4.30
N GLU A 9 -0.23 27.03 -2.97
CA GLU A 9 0.56 26.03 -2.27
C GLU A 9 -0.29 25.26 -1.27
N ASP A 10 -0.97 24.22 -1.76
CA ASP A 10 -1.83 23.40 -0.92
C ASP A 10 -1.67 21.92 -1.25
N TRP A 11 -1.41 21.11 -0.23
CA TRP A 11 -1.25 19.67 -0.42
C TRP A 11 -1.30 18.94 0.92
N VAL A 12 -2.20 17.96 1.01
CA VAL A 12 -2.36 17.18 2.23
C VAL A 12 -1.46 15.94 2.20
N LEU A 13 -1.10 15.50 1.01
CA LEU A 13 -0.25 14.33 0.85
C LEU A 13 0.99 14.44 1.72
N PRO A 14 1.68 15.58 1.63
CA PRO A 14 2.91 15.84 2.40
C PRO A 14 2.61 16.02 3.89
N SER A 15 1.53 16.71 4.20
CA SER A 15 1.15 16.96 5.58
C SER A 15 0.72 15.67 6.27
N GLU A 16 0.50 14.62 5.47
CA GLU A 16 0.09 13.33 6.00
C GLU A 16 1.29 12.42 6.19
N VAL A 17 2.26 12.52 5.30
CA VAL A 17 3.47 11.70 5.37
C VAL A 17 4.23 11.97 6.67
N GLU A 18 4.40 13.24 6.99
CA GLU A 18 5.11 13.63 8.22
C GLU A 18 4.61 12.82 9.41
N VAL A 19 3.30 12.61 9.47
CA VAL A 19 2.70 11.86 10.57
C VAL A 19 3.04 10.37 10.46
N LEU A 20 2.89 9.81 9.27
CA LEU A 20 3.17 8.40 9.03
C LEU A 20 4.62 8.08 9.42
N GLU A 21 5.55 8.79 8.82
CA GLU A 21 6.97 8.58 9.11
C GLU A 21 7.21 8.37 10.60
N SER A 22 6.37 9.00 11.41
CA SER A 22 6.48 8.89 12.86
C SER A 22 5.95 7.55 13.35
N ILE A 23 4.89 7.08 12.71
CA ILE A 23 4.28 5.79 13.08
C ILE A 23 4.96 4.64 12.34
N TYR A 24 4.95 4.69 11.02
CA TYR A 24 5.56 3.66 10.20
C TYR A 24 6.94 4.08 9.71
N LEU A 25 7.72 4.68 10.61
CA LEU A 25 9.06 5.13 10.27
C LEU A 25 9.76 4.13 9.37
N ASP A 26 9.71 2.86 9.75
CA ASP A 26 10.35 1.80 8.98
C ASP A 26 9.30 0.94 8.28
N GLU A 27 8.32 0.47 9.04
CA GLU A 27 7.26 -0.37 8.49
C GLU A 27 6.90 0.07 7.08
N LEU A 28 6.99 1.37 6.83
CA LEU A 28 6.68 1.92 5.52
C LEU A 28 7.81 2.80 5.01
N GLN A 29 7.94 2.90 3.69
CA GLN A 29 8.99 3.71 3.07
C GLN A 29 8.39 4.92 2.36
N VAL A 30 9.13 6.03 2.34
CA VAL A 30 8.67 7.24 1.70
C VAL A 30 9.76 7.83 0.81
N ILE A 31 9.37 8.21 -0.42
CA ILE A 31 10.32 8.78 -1.37
C ILE A 31 9.77 10.07 -1.97
N LYS A 32 10.66 11.01 -2.26
CA LYS A 32 10.27 12.28 -2.85
C LYS A 32 10.82 12.42 -4.26
N GLY A 33 9.93 12.70 -5.22
CA GLY A 33 10.35 12.86 -6.60
C GLY A 33 10.83 11.56 -7.21
N ASN A 34 10.33 11.25 -8.40
CA ASN A 34 10.70 10.03 -9.09
C ASN A 34 11.05 10.31 -10.56
N GLY A 35 10.02 10.63 -11.35
CA GLY A 35 10.23 10.91 -12.76
C GLY A 35 10.17 12.40 -13.06
N ARG A 36 9.20 12.78 -13.89
CA ARG A 36 9.03 14.18 -14.26
C ARG A 36 8.02 14.87 -13.34
N THR A 37 6.95 14.15 -13.01
CA THR A 37 5.91 14.69 -12.13
C THR A 37 6.34 14.64 -10.67
N SER A 38 7.62 14.38 -10.44
CA SER A 38 8.15 14.29 -9.08
C SER A 38 7.13 13.70 -8.13
N PRO A 39 6.61 12.51 -8.48
CA PRO A 39 5.60 11.81 -7.67
C PRO A 39 6.18 11.30 -6.35
N TRP A 40 5.30 10.96 -5.42
CA TRP A 40 5.72 10.46 -4.11
C TRP A 40 5.41 8.96 -3.99
N GLU A 41 6.46 8.14 -4.00
CA GLU A 41 6.30 6.70 -3.88
C GLU A 41 6.44 6.25 -2.43
N ILE A 42 5.62 5.28 -2.05
CA ILE A 42 5.65 4.76 -0.68
C ILE A 42 5.44 3.25 -0.67
N TYR A 43 6.30 2.55 0.06
CA TYR A 43 6.20 1.09 0.17
C TYR A 43 5.84 0.67 1.59
N ILE A 44 5.50 -0.61 1.74
CA ILE A 44 5.13 -1.14 3.05
C ILE A 44 4.98 -2.66 2.99
N THR A 45 5.36 -3.33 4.07
CA THR A 45 5.27 -4.78 4.16
C THR A 45 4.38 -5.22 5.31
N LEU A 46 3.15 -5.62 4.99
CA LEU A 46 2.21 -6.06 6.00
C LEU A 46 2.47 -7.51 6.40
N HIS A 47 1.99 -7.89 7.59
CA HIS A 47 2.18 -9.24 8.09
C HIS A 47 0.96 -9.69 8.89
N PRO A 48 0.63 -11.00 8.79
CA PRO A 48 -0.51 -11.58 9.50
C PRO A 48 -0.28 -11.65 11.00
N ALA A 49 -1.26 -12.20 11.72
CA ALA A 49 -1.16 -12.34 13.16
C ALA A 49 -0.69 -13.73 13.56
N THR A 50 0.62 -13.94 13.52
CA THR A 50 1.20 -15.23 13.86
C THR A 50 0.86 -15.62 15.30
N ALA A 51 0.96 -16.91 15.60
CA ALA A 51 0.66 -17.41 16.93
C ALA A 51 1.06 -16.39 18.01
N GLU A 52 2.36 -16.25 18.23
CA GLU A 52 2.86 -15.31 19.23
C GLU A 52 3.41 -14.06 18.57
N ASP A 53 3.59 -14.12 17.25
CA ASP A 53 4.12 -13.00 16.49
C ASP A 53 5.62 -12.83 16.72
N GLN A 54 6.37 -13.90 16.47
CA GLN A 54 7.81 -13.88 16.65
C GLN A 54 8.53 -14.05 15.32
N ASP A 55 9.86 -14.17 15.37
CA ASP A 55 10.66 -14.34 14.17
C ASP A 55 10.04 -15.37 13.24
N SER A 56 9.35 -14.91 12.21
CA SER A 56 8.71 -15.80 11.25
C SER A 56 8.20 -15.02 10.05
N GLN A 57 8.56 -15.48 8.85
CA GLN A 57 8.13 -14.83 7.62
C GLN A 57 7.60 -15.85 6.61
N TYR A 58 6.29 -16.02 6.59
CA TYR A 58 5.66 -16.97 5.68
C TYR A 58 4.95 -16.24 4.54
N VAL A 59 3.91 -15.48 4.88
CA VAL A 59 3.15 -14.73 3.89
C VAL A 59 3.35 -13.24 4.07
N CYS A 60 3.46 -12.52 2.96
CA CYS A 60 3.65 -11.07 2.99
C CYS A 60 3.46 -10.46 1.61
N PHE A 61 2.78 -9.32 1.56
CA PHE A 61 2.52 -8.64 0.29
C PHE A 61 2.92 -7.17 0.39
N THR A 62 3.92 -6.79 -0.41
CA THR A 62 4.40 -5.42 -0.42
C THR A 62 3.43 -4.50 -1.16
N LEU A 63 2.66 -3.73 -0.40
CA LEU A 63 1.69 -2.81 -0.99
C LEU A 63 2.37 -1.57 -1.53
N VAL A 64 2.62 -1.56 -2.84
CA VAL A 64 3.27 -0.43 -3.49
C VAL A 64 2.29 0.72 -3.68
N LEU A 65 2.49 1.80 -2.92
CA LEU A 65 1.63 2.97 -3.02
C LEU A 65 2.34 4.11 -3.74
N GLN A 66 1.95 4.36 -4.98
CA GLN A 66 2.54 5.43 -5.77
C GLN A 66 1.62 6.64 -5.85
N VAL A 67 1.95 7.67 -5.08
CA VAL A 67 1.15 8.89 -5.06
C VAL A 67 1.53 9.83 -6.21
N PRO A 68 0.62 9.97 -7.17
CA PRO A 68 0.84 10.84 -8.34
C PRO A 68 0.84 12.31 -7.98
N ALA A 69 0.93 13.16 -8.99
CA ALA A 69 0.93 14.60 -8.77
C ALA A 69 -0.49 15.13 -8.56
N GLU A 70 -1.48 14.35 -8.97
CA GLU A 70 -2.88 14.74 -8.83
C GLU A 70 -3.35 14.52 -7.39
N TYR A 71 -2.93 13.41 -6.80
CA TYR A 71 -3.32 13.08 -5.43
C TYR A 71 -3.51 14.35 -4.60
N PRO A 72 -4.52 14.32 -3.72
CA PRO A 72 -5.40 13.18 -3.55
C PRO A 72 -6.31 12.96 -4.76
N HIS A 73 -6.68 14.05 -5.42
CA HIS A 73 -7.55 13.99 -6.59
C HIS A 73 -7.39 12.65 -7.31
N GLU A 74 -6.15 12.21 -7.45
CA GLU A 74 -5.86 10.94 -8.11
C GLU A 74 -5.39 9.89 -7.12
N VAL A 75 -6.00 8.71 -7.17
CA VAL A 75 -5.64 7.62 -6.28
C VAL A 75 -4.26 7.08 -6.59
N PRO A 76 -3.52 6.68 -5.53
CA PRO A 76 -2.17 6.14 -5.68
C PRO A 76 -2.16 4.76 -6.33
N GLN A 77 -1.37 4.62 -7.39
CA GLN A 77 -1.28 3.35 -8.09
C GLN A 77 -0.95 2.21 -7.13
N ILE A 78 -1.84 1.23 -7.05
CA ILE A 78 -1.64 0.08 -6.17
C ILE A 78 -1.15 -1.13 -6.95
N SER A 79 -0.18 -1.84 -6.38
CA SER A 79 0.38 -3.02 -7.02
C SER A 79 1.06 -3.92 -5.99
N ILE A 80 0.96 -5.23 -6.20
CA ILE A 80 1.56 -6.20 -5.30
C ILE A 80 2.96 -6.57 -5.75
N ARG A 81 3.93 -6.37 -4.86
CA ARG A 81 5.32 -6.69 -5.16
C ARG A 81 5.85 -7.79 -4.24
N ASN A 82 6.44 -8.82 -4.84
CA ASN A 82 6.99 -9.93 -4.08
C ASN A 82 5.88 -10.69 -3.36
N PRO A 83 4.85 -11.10 -4.11
CA PRO A 83 3.70 -11.83 -3.57
C PRO A 83 4.07 -13.26 -3.15
N ARG A 84 4.03 -13.51 -1.85
CA ARG A 84 4.37 -14.83 -1.32
C ARG A 84 3.19 -15.42 -0.56
N GLY A 85 2.89 -16.69 -0.85
CA GLY A 85 1.78 -17.35 -0.18
C GLY A 85 0.45 -17.10 -0.87
N LEU A 86 0.23 -15.85 -1.29
CA LEU A 86 -1.00 -15.49 -1.97
C LEU A 86 -0.99 -15.95 -3.42
N SER A 87 -2.17 -16.11 -4.00
CA SER A 87 -2.30 -16.55 -5.38
C SER A 87 -3.07 -15.53 -6.21
N ASP A 88 -3.07 -15.72 -7.52
CA ASP A 88 -3.77 -14.82 -8.43
C ASP A 88 -5.13 -14.44 -7.88
N GLU A 89 -5.85 -15.45 -7.38
CA GLU A 89 -7.18 -15.22 -6.82
C GLU A 89 -7.11 -14.28 -5.62
N GLN A 90 -6.53 -14.76 -4.54
CA GLN A 90 -6.40 -13.96 -3.32
C GLN A 90 -5.87 -12.57 -3.63
N ILE A 91 -4.69 -12.52 -4.25
CA ILE A 91 -4.06 -11.25 -4.61
C ILE A 91 -5.07 -10.31 -5.27
N HIS A 92 -5.84 -10.86 -6.22
CA HIS A 92 -6.84 -10.07 -6.93
C HIS A 92 -7.70 -9.28 -5.96
N THR A 93 -8.14 -9.95 -4.89
CA THR A 93 -8.98 -9.31 -3.89
C THR A 93 -8.30 -8.08 -3.31
N ILE A 94 -7.06 -8.24 -2.87
CA ILE A 94 -6.30 -7.14 -2.29
C ILE A 94 -6.44 -5.87 -3.14
N LEU A 95 -5.95 -5.93 -4.37
CA LEU A 95 -6.01 -4.79 -5.28
C LEU A 95 -7.43 -4.23 -5.33
N GLN A 96 -8.38 -5.08 -5.73
CA GLN A 96 -9.78 -4.66 -5.82
C GLN A 96 -10.14 -3.72 -4.69
N VAL A 97 -9.97 -4.19 -3.46
CA VAL A 97 -10.29 -3.37 -2.28
C VAL A 97 -9.48 -2.09 -2.27
N LEU A 98 -8.17 -2.22 -2.06
CA LEU A 98 -7.28 -1.07 -2.01
C LEU A 98 -7.65 -0.06 -3.09
N GLY A 99 -8.29 -0.53 -4.15
CA GLY A 99 -8.70 0.35 -5.23
C GLY A 99 -9.96 1.13 -4.91
N HIS A 100 -10.95 0.43 -4.36
CA HIS A 100 -12.22 1.06 -4.00
C HIS A 100 -12.02 2.07 -2.88
N VAL A 101 -11.34 1.64 -1.82
CA VAL A 101 -11.09 2.51 -0.67
C VAL A 101 -10.40 3.80 -1.11
N ALA A 102 -9.49 3.69 -2.08
CA ALA A 102 -8.78 4.84 -2.58
C ALA A 102 -9.72 5.84 -3.24
N LYS A 103 -10.40 5.39 -4.28
CA LYS A 103 -11.34 6.24 -5.01
C LYS A 103 -12.43 6.77 -4.08
N ALA A 104 -12.89 5.91 -3.17
CA ALA A 104 -13.93 6.29 -2.21
C ALA A 104 -13.44 7.39 -1.28
N GLY A 105 -12.11 7.49 -1.14
CA GLY A 105 -11.54 8.50 -0.26
C GLY A 105 -10.75 9.55 -1.04
N LEU A 106 -11.30 9.98 -2.17
CA LEU A 106 -10.65 10.99 -3.00
C LEU A 106 -10.71 12.36 -2.34
N GLY A 107 -9.73 13.21 -2.66
CA GLY A 107 -9.69 14.54 -2.09
C GLY A 107 -9.33 14.54 -0.62
N THR A 108 -9.07 13.36 -0.07
CA THR A 108 -8.71 13.23 1.33
C THR A 108 -7.50 12.31 1.50
N ALA A 109 -7.08 12.13 2.75
CA ALA A 109 -5.94 11.27 3.04
C ALA A 109 -6.34 9.80 3.04
N MET A 110 -5.99 9.11 1.96
CA MET A 110 -6.32 7.69 1.82
C MET A 110 -5.10 6.82 2.13
N LEU A 111 -3.91 7.35 1.85
CA LEU A 111 -2.67 6.63 2.10
C LEU A 111 -2.80 5.74 3.33
N TYR A 112 -2.94 6.37 4.50
CA TYR A 112 -3.07 5.64 5.76
C TYR A 112 -4.14 4.56 5.64
N GLU A 113 -5.34 4.97 5.22
CA GLU A 113 -6.45 4.04 5.07
C GLU A 113 -6.04 2.82 4.26
N LEU A 114 -5.78 3.02 2.97
CA LEU A 114 -5.38 1.94 2.09
C LEU A 114 -4.47 0.95 2.82
N ILE A 115 -3.57 1.47 3.65
CA ILE A 115 -2.65 0.63 4.41
C ILE A 115 -3.40 -0.18 5.46
N GLU A 116 -3.85 0.49 6.52
CA GLU A 116 -4.58 -0.17 7.59
C GLU A 116 -5.60 -1.15 7.04
N LYS A 117 -6.02 -0.92 5.79
CA LYS A 117 -7.00 -1.77 5.14
C LYS A 117 -6.38 -3.12 4.78
N GLY A 118 -5.29 -3.09 4.03
CA GLY A 118 -4.62 -4.31 3.63
C GLY A 118 -4.39 -5.26 4.79
N LYS A 119 -4.00 -4.71 5.93
CA LYS A 119 -3.74 -5.51 7.12
C LYS A 119 -4.87 -6.50 7.36
N GLU A 120 -6.11 -6.04 7.19
CA GLU A 120 -7.28 -6.89 7.38
C GLU A 120 -7.40 -7.90 6.25
N ILE A 121 -7.36 -7.42 5.01
CA ILE A 121 -7.47 -8.29 3.86
C ILE A 121 -6.54 -9.49 3.98
N LEU A 122 -5.31 -9.24 4.42
CA LEU A 122 -4.33 -10.31 4.58
C LEU A 122 -4.71 -11.23 5.74
N THR A 123 -4.79 -10.65 6.94
CA THR A 123 -5.14 -11.41 8.13
C THR A 123 -6.33 -12.34 7.86
N ASP A 124 -7.22 -11.89 6.98
CA ASP A 124 -8.40 -12.68 6.63
C ASP A 124 -8.01 -13.95 5.89
N ASN A 125 -7.04 -13.83 4.99
CA ASN A 125 -6.57 -14.97 4.21
C ASN A 125 -5.09 -15.22 4.45
N ASN A 126 -4.77 -15.89 5.55
CA ASN A 126 -3.39 -16.20 5.90
C ASN A 126 -3.08 -17.67 5.63
N ILE A 127 -3.50 -18.16 4.47
CA ILE A 127 -3.27 -19.55 4.12
C ILE A 127 -2.69 -19.66 2.70
N PRO A 128 -1.55 -20.33 2.58
CA PRO A 128 -0.87 -20.53 1.29
C PRO A 128 -1.64 -21.47 0.37
N HIS A 129 -1.09 -21.70 -0.82
CA HIS A 129 -1.72 -22.59 -1.79
C HIS A 129 -1.51 -24.05 -1.42
N GLY A 130 -2.60 -24.81 -1.34
CA GLY A 130 -2.51 -26.21 -1.00
C GLY A 130 -3.74 -26.99 -1.42
N GLN A 131 -3.81 -27.32 -2.70
CA GLN A 131 -4.95 -28.07 -3.23
C GLN A 131 -4.55 -29.52 -3.51
N SER A 132 -5.10 -30.44 -2.73
CA SER A 132 -4.80 -31.85 -2.90
C SER A 132 -3.30 -32.08 -3.08
N GLY A 133 -2.51 -31.44 -2.22
CA GLY A 133 -1.07 -31.58 -2.30
C GLY A 133 -0.34 -30.30 -1.96
N PRO A 134 0.71 -30.41 -1.13
CA PRO A 134 1.51 -29.26 -0.70
C PRO A 134 2.35 -28.68 -1.84
N SER A 135 2.69 -29.53 -2.81
CA SER A 135 3.50 -29.10 -3.95
C SER A 135 2.85 -29.54 -5.25
N SER A 136 2.37 -28.58 -6.03
CA SER A 136 1.73 -28.87 -7.31
C SER A 136 2.55 -28.32 -8.46
N GLY A 137 3.41 -29.19 -9.02
CA GLY A 137 4.25 -28.77 -10.14
C GLY A 137 5.31 -27.78 -9.73
N GLY A 1 6.03 40.84 -7.04
CA GLY A 1 7.06 40.79 -8.06
C GLY A 1 6.88 39.60 -8.99
N SER A 2 7.56 39.63 -10.13
CA SER A 2 7.48 38.55 -11.10
C SER A 2 7.99 37.23 -10.50
N SER A 3 9.15 37.30 -9.86
CA SER A 3 9.76 36.12 -9.25
C SER A 3 9.33 36.00 -7.79
N GLY A 4 8.25 35.26 -7.54
CA GLY A 4 7.76 35.09 -6.19
C GLY A 4 6.25 35.03 -6.12
N SER A 5 5.72 34.90 -4.91
CA SER A 5 4.28 34.82 -4.71
C SER A 5 3.61 34.03 -5.84
N SER A 6 4.25 32.94 -6.24
CA SER A 6 3.72 32.11 -7.32
C SER A 6 2.36 31.53 -6.94
N GLY A 7 2.30 30.89 -5.78
CA GLY A 7 1.05 30.31 -5.32
C GLY A 7 1.09 29.92 -3.85
N GLU A 8 0.30 28.91 -3.49
CA GLU A 8 0.26 28.46 -2.10
C GLU A 8 0.59 26.97 -2.02
N GLU A 9 0.66 26.45 -0.79
CA GLU A 9 0.96 25.04 -0.58
C GLU A 9 -0.30 24.25 -0.25
N ASP A 10 -1.00 23.81 -1.29
CA ASP A 10 -2.23 23.04 -1.13
C ASP A 10 -2.01 21.58 -1.50
N TRP A 11 -1.61 20.77 -0.53
CA TRP A 11 -1.37 19.35 -0.76
C TRP A 11 -1.41 18.57 0.55
N VAL A 12 -2.39 17.69 0.68
CA VAL A 12 -2.53 16.88 1.88
C VAL A 12 -1.59 15.66 1.85
N LEU A 13 -1.21 15.27 0.64
CA LEU A 13 -0.32 14.12 0.46
C LEU A 13 0.90 14.24 1.37
N PRO A 14 1.58 15.40 1.32
CA PRO A 14 2.76 15.67 2.13
C PRO A 14 2.44 15.81 3.61
N SER A 15 1.31 16.47 3.89
CA SER A 15 0.89 16.68 5.27
C SER A 15 0.59 15.35 5.97
N GLU A 16 0.19 14.36 5.18
CA GLU A 16 -0.12 13.04 5.72
C GLU A 16 1.15 12.26 6.04
N VAL A 17 2.08 12.27 5.08
CA VAL A 17 3.36 11.57 5.26
C VAL A 17 3.98 11.90 6.62
N GLU A 18 4.01 13.18 6.95
CA GLU A 18 4.58 13.64 8.21
C GLU A 18 4.15 12.74 9.36
N VAL A 19 2.88 12.32 9.33
CA VAL A 19 2.34 11.45 10.36
C VAL A 19 2.75 10.00 10.14
N LEU A 20 2.54 9.52 8.91
CA LEU A 20 2.89 8.15 8.56
C LEU A 20 4.34 7.85 8.91
N GLU A 21 5.17 8.89 8.97
CA GLU A 21 6.58 8.73 9.29
C GLU A 21 6.77 8.54 10.80
N SER A 22 6.10 9.36 11.59
CA SER A 22 6.19 9.29 13.04
C SER A 22 5.73 7.92 13.54
N ILE A 23 4.85 7.29 12.77
CA ILE A 23 4.32 5.98 13.13
C ILE A 23 5.13 4.86 12.49
N TYR A 24 5.27 4.92 11.17
CA TYR A 24 6.02 3.91 10.43
C TYR A 24 7.38 4.44 10.01
N LEU A 25 7.98 5.26 10.88
CA LEU A 25 9.29 5.84 10.59
C LEU A 25 10.18 4.85 9.83
N ASP A 26 10.10 3.59 10.21
CA ASP A 26 10.89 2.54 9.57
C ASP A 26 9.98 1.47 8.96
N GLU A 27 8.94 1.11 9.70
CA GLU A 27 8.01 0.09 9.24
C GLU A 27 7.60 0.33 7.79
N LEU A 28 7.70 1.59 7.36
CA LEU A 28 7.35 1.96 5.99
C LEU A 28 8.33 2.98 5.43
N GLN A 29 8.42 3.05 4.10
CA GLN A 29 9.31 3.98 3.45
C GLN A 29 8.54 4.99 2.60
N VAL A 30 8.99 6.23 2.60
CA VAL A 30 8.35 7.29 1.83
C VAL A 30 9.36 8.10 1.04
N ILE A 31 9.07 8.33 -0.24
CA ILE A 31 9.95 9.09 -1.11
C ILE A 31 9.33 10.43 -1.48
N LYS A 32 9.74 11.48 -0.78
CA LYS A 32 9.23 12.83 -1.04
C LYS A 32 9.63 13.30 -2.43
N GLY A 33 9.10 14.44 -2.84
CA GLY A 33 9.43 14.99 -4.15
C GLY A 33 8.88 16.39 -4.35
N ASN A 34 9.05 16.93 -5.55
CA ASN A 34 8.57 18.27 -5.86
C ASN A 34 8.63 18.54 -7.36
N GLY A 35 7.60 19.20 -7.87
CA GLY A 35 7.55 19.51 -9.29
C GLY A 35 6.30 18.97 -9.95
N ARG A 36 5.99 19.48 -11.14
CA ARG A 36 4.81 19.06 -11.88
C ARG A 36 4.57 17.56 -11.71
N THR A 37 5.45 16.76 -12.33
CA THR A 37 5.33 15.31 -12.25
C THR A 37 6.31 14.73 -11.23
N SER A 38 6.16 15.14 -9.97
CA SER A 38 7.03 14.68 -8.91
C SER A 38 6.25 13.86 -7.88
N PRO A 39 5.67 12.74 -8.34
CA PRO A 39 4.89 11.85 -7.48
C PRO A 39 5.75 11.11 -6.46
N TRP A 40 5.25 10.99 -5.24
CA TRP A 40 5.98 10.31 -4.17
C TRP A 40 5.77 8.80 -4.26
N GLU A 41 6.69 8.04 -3.66
CA GLU A 41 6.61 6.58 -3.68
C GLU A 41 6.74 6.02 -2.26
N ILE A 42 5.71 5.31 -1.81
CA ILE A 42 5.71 4.72 -0.48
C ILE A 42 5.52 3.21 -0.55
N TYR A 43 6.36 2.48 0.18
CA TYR A 43 6.27 1.02 0.20
C TYR A 43 5.92 0.51 1.59
N ILE A 44 5.49 -0.74 1.67
CA ILE A 44 5.11 -1.35 2.95
C ILE A 44 4.85 -2.83 2.79
N THR A 45 5.32 -3.62 3.75
CA THR A 45 5.13 -5.07 3.73
C THR A 45 4.30 -5.53 4.91
N LEU A 46 3.04 -5.86 4.66
CA LEU A 46 2.14 -6.34 5.70
C LEU A 46 2.35 -7.81 5.98
N HIS A 47 2.06 -8.23 7.21
CA HIS A 47 2.21 -9.63 7.60
C HIS A 47 1.10 -10.05 8.55
N PRO A 48 0.67 -11.32 8.45
CA PRO A 48 -0.39 -11.87 9.30
C PRO A 48 0.07 -12.04 10.75
N ALA A 49 -0.87 -12.41 11.61
CA ALA A 49 -0.58 -12.61 13.02
C ALA A 49 -1.01 -13.99 13.49
N THR A 50 -0.12 -14.96 13.34
CA THR A 50 -0.41 -16.34 13.75
C THR A 50 -0.80 -16.41 15.21
N ALA A 51 -1.40 -17.53 15.61
CA ALA A 51 -1.82 -17.72 16.99
C ALA A 51 -0.81 -17.14 17.97
N GLU A 52 0.32 -17.84 18.11
CA GLU A 52 1.37 -17.39 19.01
C GLU A 52 2.70 -17.23 18.27
N ASP A 53 2.91 -18.07 17.26
CA ASP A 53 4.13 -18.03 16.46
C ASP A 53 4.61 -16.59 16.28
N GLN A 54 3.77 -15.76 15.67
CA GLN A 54 4.09 -14.36 15.44
C GLN A 54 5.59 -14.20 15.15
N ASP A 55 6.15 -15.16 14.42
CA ASP A 55 7.57 -15.11 14.07
C ASP A 55 7.76 -15.24 12.57
N SER A 56 7.30 -16.35 12.00
CA SER A 56 7.43 -16.59 10.57
C SER A 56 6.35 -15.84 9.80
N GLN A 57 6.73 -15.32 8.63
CA GLN A 57 5.80 -14.58 7.80
C GLN A 57 5.70 -15.20 6.41
N TYR A 58 5.50 -16.51 6.36
CA TYR A 58 5.40 -17.24 5.10
C TYR A 58 4.70 -16.37 4.05
N VAL A 59 3.44 -16.06 4.29
CA VAL A 59 2.66 -15.25 3.36
C VAL A 59 2.92 -13.76 3.58
N CYS A 60 3.14 -13.04 2.48
CA CYS A 60 3.40 -11.61 2.55
C CYS A 60 3.14 -10.94 1.20
N PHE A 61 2.90 -9.63 1.23
CA PHE A 61 2.63 -8.88 0.01
C PHE A 61 3.04 -7.42 0.17
N THR A 62 4.01 -6.99 -0.62
CA THR A 62 4.49 -5.62 -0.56
C THR A 62 3.52 -4.66 -1.25
N LEU A 63 2.79 -3.90 -0.45
CA LEU A 63 1.83 -2.94 -0.99
C LEU A 63 2.52 -1.71 -1.54
N VAL A 64 2.73 -1.68 -2.85
CA VAL A 64 3.39 -0.56 -3.50
C VAL A 64 2.43 0.62 -3.67
N LEU A 65 2.59 1.64 -2.84
CA LEU A 65 1.74 2.83 -2.90
C LEU A 65 2.44 3.95 -3.65
N GLN A 66 2.02 4.17 -4.90
CA GLN A 66 2.61 5.22 -5.72
C GLN A 66 1.66 6.41 -5.84
N VAL A 67 2.01 7.50 -5.16
CA VAL A 67 1.19 8.71 -5.19
C VAL A 67 1.51 9.58 -6.40
N PRO A 68 0.55 9.68 -7.33
CA PRO A 68 0.70 10.47 -8.55
C PRO A 68 0.74 11.96 -8.28
N ALA A 69 0.99 12.75 -9.32
CA ALA A 69 1.05 14.20 -9.19
C ALA A 69 -0.34 14.79 -8.96
N GLU A 70 -1.36 14.08 -9.44
CA GLU A 70 -2.74 14.53 -9.29
C GLU A 70 -3.24 14.30 -7.87
N TYR A 71 -2.78 13.21 -7.26
CA TYR A 71 -3.18 12.87 -5.90
C TYR A 71 -3.43 14.13 -5.07
N PRO A 72 -4.47 14.08 -4.22
CA PRO A 72 -5.31 12.89 -4.07
C PRO A 72 -6.19 12.64 -5.29
N HIS A 73 -6.47 13.71 -6.04
CA HIS A 73 -7.29 13.61 -7.23
C HIS A 73 -7.16 12.24 -7.88
N GLU A 74 -5.92 11.79 -8.02
CA GLU A 74 -5.64 10.48 -8.63
C GLU A 74 -5.12 9.49 -7.59
N VAL A 75 -5.96 8.54 -7.22
CA VAL A 75 -5.58 7.53 -6.23
C VAL A 75 -4.17 7.02 -6.49
N PRO A 76 -3.49 6.60 -5.42
CA PRO A 76 -2.12 6.07 -5.50
C PRO A 76 -2.06 4.71 -6.17
N GLN A 77 -1.20 4.59 -7.18
CA GLN A 77 -1.05 3.33 -7.91
C GLN A 77 -0.72 2.18 -6.96
N ILE A 78 -1.67 1.25 -6.82
CA ILE A 78 -1.48 0.11 -5.94
C ILE A 78 -1.02 -1.12 -6.73
N SER A 79 0.08 -1.71 -6.30
CA SER A 79 0.63 -2.89 -6.96
C SER A 79 1.31 -3.82 -5.97
N ILE A 80 1.18 -5.13 -6.18
CA ILE A 80 1.77 -6.11 -5.30
C ILE A 80 3.13 -6.57 -5.82
N ARG A 81 4.14 -6.46 -4.97
CA ARG A 81 5.49 -6.86 -5.33
C ARG A 81 5.92 -8.11 -4.58
N ASN A 82 6.81 -8.90 -5.19
CA ASN A 82 7.30 -10.13 -4.58
C ASN A 82 6.18 -10.82 -3.81
N PRO A 83 5.05 -11.06 -4.47
CA PRO A 83 3.89 -11.72 -3.86
C PRO A 83 4.14 -13.19 -3.59
N ARG A 84 4.07 -13.58 -2.32
CA ARG A 84 4.30 -14.96 -1.93
C ARG A 84 3.19 -15.45 -1.00
N GLY A 85 2.64 -16.62 -1.31
CA GLY A 85 1.58 -17.17 -0.48
C GLY A 85 0.21 -17.01 -1.12
N LEU A 86 -0.07 -15.82 -1.63
CA LEU A 86 -1.35 -15.53 -2.26
C LEU A 86 -1.34 -15.94 -3.73
N SER A 87 -2.52 -16.13 -4.30
CA SER A 87 -2.63 -16.51 -5.71
C SER A 87 -3.38 -15.45 -6.50
N ASP A 88 -3.25 -15.52 -7.82
CA ASP A 88 -3.91 -14.55 -8.70
C ASP A 88 -5.29 -14.19 -8.16
N GLU A 89 -6.02 -15.19 -7.70
CA GLU A 89 -7.36 -14.97 -7.15
C GLU A 89 -7.31 -14.11 -5.90
N GLN A 90 -6.71 -14.64 -4.84
CA GLN A 90 -6.60 -13.91 -3.58
C GLN A 90 -6.03 -12.51 -3.82
N ILE A 91 -4.87 -12.45 -4.45
CA ILE A 91 -4.22 -11.18 -4.72
C ILE A 91 -5.20 -10.17 -5.31
N HIS A 92 -5.94 -10.60 -6.34
CA HIS A 92 -6.92 -9.74 -6.99
C HIS A 92 -7.75 -8.98 -5.95
N THR A 93 -8.36 -9.72 -5.03
CA THR A 93 -9.18 -9.13 -3.99
C THR A 93 -8.46 -7.95 -3.34
N ILE A 94 -7.23 -8.17 -2.92
CA ILE A 94 -6.43 -7.11 -2.28
C ILE A 94 -6.56 -5.80 -3.04
N LEU A 95 -6.08 -5.78 -4.27
CA LEU A 95 -6.13 -4.58 -5.10
C LEU A 95 -7.55 -4.04 -5.17
N GLN A 96 -8.46 -4.85 -5.69
CA GLN A 96 -9.86 -4.44 -5.81
C GLN A 96 -10.30 -3.65 -4.59
N VAL A 97 -9.81 -4.04 -3.42
CA VAL A 97 -10.16 -3.36 -2.18
C VAL A 97 -9.31 -2.11 -1.97
N LEU A 98 -8.02 -2.31 -1.74
CA LEU A 98 -7.09 -1.20 -1.53
C LEU A 98 -7.46 -0.01 -2.43
N GLY A 99 -7.66 -0.29 -3.71
CA GLY A 99 -8.01 0.76 -4.65
C GLY A 99 -9.36 1.38 -4.35
N HIS A 100 -10.35 0.53 -4.07
CA HIS A 100 -11.70 1.00 -3.75
C HIS A 100 -11.67 2.05 -2.64
N VAL A 101 -10.96 1.74 -1.56
CA VAL A 101 -10.84 2.66 -0.43
C VAL A 101 -10.30 4.01 -0.87
N ALA A 102 -9.33 3.99 -1.79
CA ALA A 102 -8.73 5.22 -2.29
C ALA A 102 -9.71 5.99 -3.16
N LYS A 103 -10.24 5.34 -4.19
CA LYS A 103 -11.20 5.98 -5.08
C LYS A 103 -12.37 6.55 -4.32
N ALA A 104 -12.80 5.83 -3.28
CA ALA A 104 -13.92 6.28 -2.45
C ALA A 104 -13.52 7.45 -1.57
N GLY A 105 -12.22 7.61 -1.36
CA GLY A 105 -11.73 8.70 -0.54
C GLY A 105 -10.84 9.66 -1.31
N LEU A 106 -11.25 9.99 -2.53
CA LEU A 106 -10.49 10.90 -3.37
C LEU A 106 -10.61 12.34 -2.87
N GLY A 107 -9.63 13.17 -3.22
CA GLY A 107 -9.64 14.56 -2.79
C GLY A 107 -9.14 14.73 -1.38
N THR A 108 -9.12 13.64 -0.61
CA THR A 108 -8.66 13.68 0.76
C THR A 108 -7.60 12.62 1.02
N ALA A 109 -7.19 12.49 2.29
CA ALA A 109 -6.18 11.52 2.66
C ALA A 109 -6.73 10.09 2.58
N MET A 110 -5.98 9.21 1.93
CA MET A 110 -6.39 7.83 1.77
C MET A 110 -5.23 6.88 2.06
N LEU A 111 -4.02 7.32 1.76
CA LEU A 111 -2.83 6.51 2.00
C LEU A 111 -3.00 5.61 3.21
N TYR A 112 -3.04 6.22 4.39
CA TYR A 112 -3.21 5.48 5.63
C TYR A 112 -4.37 4.50 5.52
N GLU A 113 -5.52 4.99 5.06
CA GLU A 113 -6.70 4.16 4.91
C GLU A 113 -6.40 2.92 4.07
N LEU A 114 -5.57 3.10 3.04
CA LEU A 114 -5.21 2.00 2.15
C LEU A 114 -4.33 0.99 2.89
N ILE A 115 -3.50 1.48 3.79
CA ILE A 115 -2.61 0.62 4.56
C ILE A 115 -3.38 -0.13 5.65
N GLU A 116 -3.97 0.63 6.57
CA GLU A 116 -4.74 0.05 7.66
C GLU A 116 -5.69 -1.03 7.15
N LYS A 117 -6.21 -0.83 5.94
CA LYS A 117 -7.13 -1.78 5.34
C LYS A 117 -6.41 -3.06 4.93
N GLY A 118 -5.38 -2.91 4.10
CA GLY A 118 -4.62 -4.06 3.65
C GLY A 118 -4.32 -5.03 4.78
N LYS A 119 -4.21 -4.51 6.00
CA LYS A 119 -3.92 -5.33 7.16
C LYS A 119 -4.99 -6.40 7.35
N GLU A 120 -6.24 -5.96 7.50
CA GLU A 120 -7.35 -6.89 7.70
C GLU A 120 -7.46 -7.85 6.52
N ILE A 121 -7.43 -7.31 5.30
CA ILE A 121 -7.52 -8.12 4.11
C ILE A 121 -6.57 -9.31 4.16
N LEU A 122 -5.43 -9.11 4.79
CA LEU A 122 -4.44 -10.16 4.92
C LEU A 122 -4.69 -11.01 6.17
N THR A 123 -4.46 -10.42 7.34
CA THR A 123 -4.68 -11.12 8.60
C THR A 123 -5.92 -12.00 8.53
N ASP A 124 -6.86 -11.63 7.68
CA ASP A 124 -8.09 -12.39 7.51
C ASP A 124 -7.87 -13.60 6.60
N ASN A 125 -7.15 -13.38 5.50
CA ASN A 125 -6.88 -14.43 4.54
C ASN A 125 -5.42 -14.90 4.65
N ASN A 126 -5.01 -15.21 5.88
CA ASN A 126 -3.65 -15.67 6.12
C ASN A 126 -3.53 -17.17 5.87
N ILE A 127 -4.38 -17.69 5.00
CA ILE A 127 -4.38 -19.12 4.67
C ILE A 127 -3.95 -19.34 3.22
N PRO A 128 -2.97 -20.22 3.02
CA PRO A 128 -2.47 -20.54 1.68
C PRO A 128 -3.47 -21.33 0.86
N HIS A 129 -3.25 -21.39 -0.46
CA HIS A 129 -4.14 -22.10 -1.36
C HIS A 129 -4.16 -23.59 -1.02
N GLY A 130 -5.34 -24.08 -0.63
CA GLY A 130 -5.48 -25.49 -0.28
C GLY A 130 -6.73 -25.77 0.53
N GLN A 131 -7.66 -26.52 -0.06
CA GLN A 131 -8.91 -26.84 0.62
C GLN A 131 -9.05 -28.35 0.77
N SER A 132 -8.92 -28.83 2.01
CA SER A 132 -9.03 -30.26 2.30
C SER A 132 -10.27 -30.55 3.14
N GLY A 133 -11.41 -30.73 2.47
CA GLY A 133 -12.64 -31.02 3.17
C GLY A 133 -13.83 -31.14 2.24
N PRO A 134 -14.00 -32.33 1.66
CA PRO A 134 -15.11 -32.60 0.73
C PRO A 134 -16.46 -32.63 1.43
N SER A 135 -16.44 -32.74 2.75
CA SER A 135 -17.67 -32.79 3.54
C SER A 135 -17.69 -31.67 4.58
N SER A 136 -18.88 -31.34 5.06
CA SER A 136 -19.04 -30.29 6.05
C SER A 136 -19.07 -30.86 7.46
N GLY A 137 -18.71 -30.05 8.44
CA GLY A 137 -18.71 -30.50 9.82
C GLY A 137 -19.92 -31.34 10.16
N GLY A 1 12.98 24.43 -11.90
CA GLY A 1 11.85 23.56 -11.59
C GLY A 1 11.46 23.62 -10.13
N SER A 2 11.82 22.59 -9.38
CA SER A 2 11.49 22.52 -7.95
C SER A 2 12.09 23.71 -7.21
N SER A 3 13.37 23.99 -7.48
CA SER A 3 14.06 25.10 -6.83
C SER A 3 13.92 25.02 -5.31
N GLY A 4 14.03 23.80 -4.79
CA GLY A 4 13.90 23.60 -3.35
C GLY A 4 12.47 23.54 -2.89
N SER A 5 11.75 22.52 -3.33
CA SER A 5 10.34 22.35 -2.96
C SER A 5 9.63 23.69 -2.91
N SER A 6 9.92 24.54 -3.89
CA SER A 6 9.30 25.86 -3.95
C SER A 6 7.94 25.80 -4.62
N GLY A 7 6.89 25.70 -3.81
CA GLY A 7 5.54 25.63 -4.34
C GLY A 7 4.52 26.24 -3.41
N GLU A 8 3.47 25.47 -3.11
CA GLU A 8 2.41 25.95 -2.22
C GLU A 8 2.14 24.94 -1.11
N GLU A 9 1.38 25.35 -0.10
CA GLU A 9 1.05 24.48 1.02
C GLU A 9 -0.38 23.97 0.89
N ASP A 10 -0.76 23.60 -0.32
CA ASP A 10 -2.11 23.08 -0.57
C ASP A 10 -2.06 21.60 -0.96
N TRP A 11 -1.22 20.84 -0.27
CA TRP A 11 -1.09 19.41 -0.54
C TRP A 11 -1.12 18.61 0.75
N VAL A 12 -2.13 17.75 0.87
CA VAL A 12 -2.29 16.91 2.05
C VAL A 12 -1.39 15.67 1.98
N LEU A 13 -1.04 15.28 0.77
CA LEU A 13 -0.19 14.11 0.56
C LEU A 13 1.03 14.17 1.46
N PRO A 14 1.73 15.31 1.46
CA PRO A 14 2.93 15.51 2.29
C PRO A 14 2.59 15.61 3.77
N SER A 15 1.53 16.34 4.09
CA SER A 15 1.11 16.51 5.47
C SER A 15 0.77 15.17 6.11
N GLU A 16 0.48 14.18 5.28
CA GLU A 16 0.14 12.85 5.76
C GLU A 16 1.39 12.01 5.98
N VAL A 17 2.36 12.18 5.10
CA VAL A 17 3.62 11.44 5.19
C VAL A 17 4.35 11.76 6.50
N GLU A 18 4.45 13.04 6.82
CA GLU A 18 5.12 13.47 8.04
C GLU A 18 4.58 12.72 9.25
N VAL A 19 3.27 12.52 9.27
CA VAL A 19 2.62 11.82 10.38
C VAL A 19 2.96 10.33 10.35
N LEU A 20 2.93 9.73 9.16
CA LEU A 20 3.23 8.32 9.01
C LEU A 20 4.67 8.02 9.44
N GLU A 21 5.62 8.68 8.80
CA GLU A 21 7.03 8.48 9.13
C GLU A 21 7.23 8.39 10.63
N SER A 22 6.42 9.13 11.38
CA SER A 22 6.51 9.13 12.84
C SER A 22 5.99 7.82 13.42
N ILE A 23 4.94 7.28 12.81
CA ILE A 23 4.34 6.03 13.27
C ILE A 23 5.02 4.84 12.60
N TYR A 24 4.97 4.79 11.28
CA TYR A 24 5.57 3.70 10.51
C TYR A 24 6.96 4.09 10.00
N LEU A 25 7.75 4.70 10.88
CA LEU A 25 9.10 5.13 10.52
C LEU A 25 9.79 4.07 9.67
N ASP A 26 9.76 2.82 10.13
CA ASP A 26 10.39 1.72 9.42
C ASP A 26 9.33 0.87 8.71
N GLU A 27 8.33 0.43 9.46
CA GLU A 27 7.26 -0.40 8.91
C GLU A 27 6.92 0.04 7.49
N LEU A 28 7.11 1.33 7.22
CA LEU A 28 6.82 1.88 5.90
C LEU A 28 7.93 2.82 5.44
N GLN A 29 8.07 2.96 4.13
CA GLN A 29 9.10 3.82 3.55
C GLN A 29 8.49 4.84 2.59
N VAL A 30 9.14 5.98 2.46
CA VAL A 30 8.66 7.04 1.57
C VAL A 30 9.81 7.62 0.75
N ILE A 31 9.52 7.93 -0.51
CA ILE A 31 10.53 8.50 -1.40
C ILE A 31 9.97 9.73 -2.13
N LYS A 32 10.61 10.87 -1.90
CA LYS A 32 10.20 12.12 -2.54
C LYS A 32 10.25 12.00 -4.06
N GLY A 33 9.64 12.96 -4.75
CA GLY A 33 9.64 12.94 -6.20
C GLY A 33 10.12 14.24 -6.80
N ASN A 34 10.35 14.25 -8.11
CA ASN A 34 10.82 15.44 -8.80
C ASN A 34 10.30 15.47 -10.23
N GLY A 35 10.18 16.68 -10.79
CA GLY A 35 9.70 16.82 -12.15
C GLY A 35 8.28 17.34 -12.22
N ARG A 36 7.70 17.33 -13.41
CA ARG A 36 6.34 17.81 -13.60
C ARG A 36 5.38 17.04 -12.70
N THR A 37 5.33 15.73 -12.84
CA THR A 37 4.46 14.89 -12.05
C THR A 37 5.03 14.67 -10.65
N SER A 38 6.36 14.65 -10.55
CA SER A 38 7.03 14.43 -9.27
C SER A 38 6.21 13.52 -8.37
N PRO A 39 5.88 12.32 -8.88
CA PRO A 39 5.09 11.33 -8.15
C PRO A 39 5.87 10.72 -6.99
N TRP A 40 5.22 10.62 -5.83
CA TRP A 40 5.86 10.05 -4.64
C TRP A 40 5.66 8.54 -4.59
N GLU A 41 6.72 7.83 -4.22
CA GLU A 41 6.65 6.37 -4.13
C GLU A 41 6.76 5.91 -2.68
N ILE A 42 5.71 5.25 -2.19
CA ILE A 42 5.69 4.77 -0.83
C ILE A 42 5.51 3.25 -0.78
N TYR A 43 6.25 2.60 0.11
CA TYR A 43 6.17 1.14 0.25
C TYR A 43 5.86 0.75 1.69
N ILE A 44 5.45 -0.50 1.87
CA ILE A 44 5.10 -1.00 3.20
C ILE A 44 4.90 -2.51 3.18
N THR A 45 5.15 -3.15 4.32
CA THR A 45 4.99 -4.60 4.44
C THR A 45 3.96 -4.95 5.51
N LEU A 46 2.75 -5.27 5.07
CA LEU A 46 1.68 -5.63 5.99
C LEU A 46 1.68 -7.13 6.28
N HIS A 47 1.96 -7.49 7.54
CA HIS A 47 2.00 -8.89 7.95
C HIS A 47 0.87 -9.20 8.93
N PRO A 48 0.32 -10.42 8.85
CA PRO A 48 -0.76 -10.85 9.72
C PRO A 48 -0.29 -11.07 11.16
N ALA A 49 -1.24 -11.33 12.05
CA ALA A 49 -0.92 -11.56 13.45
C ALA A 49 -0.60 -13.04 13.71
N THR A 50 0.69 -13.33 13.83
CA THR A 50 1.13 -14.71 14.07
C THR A 50 0.66 -15.19 15.44
N ALA A 51 0.04 -14.30 16.21
CA ALA A 51 -0.46 -14.65 17.53
C ALA A 51 0.67 -15.17 18.43
N GLU A 52 1.78 -14.43 18.45
CA GLU A 52 2.92 -14.81 19.26
C GLU A 52 3.20 -16.31 19.13
N ASP A 53 3.09 -16.83 17.92
CA ASP A 53 3.34 -18.24 17.66
C ASP A 53 4.53 -18.42 16.73
N GLN A 54 4.36 -18.02 15.47
CA GLN A 54 5.43 -18.14 14.49
C GLN A 54 5.87 -16.77 13.99
N ASP A 55 6.69 -16.09 14.79
CA ASP A 55 7.19 -14.77 14.44
C ASP A 55 7.42 -14.66 12.93
N SER A 56 7.95 -15.74 12.35
CA SER A 56 8.24 -15.75 10.91
C SER A 56 7.13 -15.08 10.13
N GLN A 57 7.49 -14.47 9.00
CA GLN A 57 6.52 -13.78 8.16
C GLN A 57 6.35 -14.50 6.83
N TYR A 58 6.24 -15.82 6.89
CA TYR A 58 6.07 -16.63 5.69
C TYR A 58 5.23 -15.90 4.65
N VAL A 59 4.03 -15.49 5.05
CA VAL A 59 3.13 -14.77 4.16
C VAL A 59 3.28 -13.26 4.32
N CYS A 60 3.44 -12.57 3.19
CA CYS A 60 3.60 -11.12 3.20
C CYS A 60 3.42 -10.54 1.81
N PHE A 61 3.07 -9.26 1.73
CA PHE A 61 2.88 -8.59 0.45
C PHE A 61 3.23 -7.11 0.56
N THR A 62 4.24 -6.70 -0.19
CA THR A 62 4.68 -5.30 -0.19
C THR A 62 3.70 -4.41 -0.95
N LEU A 63 2.80 -3.77 -0.21
CA LEU A 63 1.81 -2.89 -0.81
C LEU A 63 2.46 -1.61 -1.33
N VAL A 64 2.54 -1.49 -2.65
CA VAL A 64 3.13 -0.32 -3.27
C VAL A 64 2.09 0.78 -3.48
N LEU A 65 2.34 1.94 -2.89
CA LEU A 65 1.43 3.07 -3.01
C LEU A 65 2.09 4.24 -3.75
N GLN A 66 1.70 4.43 -5.00
CA GLN A 66 2.26 5.51 -5.81
C GLN A 66 1.34 6.73 -5.81
N VAL A 67 1.80 7.80 -5.19
CA VAL A 67 1.02 9.04 -5.12
C VAL A 67 1.38 9.99 -6.26
N PRO A 68 0.49 10.09 -7.25
CA PRO A 68 0.69 10.95 -8.42
C PRO A 68 0.60 12.44 -8.05
N ALA A 69 0.61 13.29 -9.08
CA ALA A 69 0.52 14.73 -8.86
C ALA A 69 -0.90 15.15 -8.51
N GLU A 70 -1.87 14.56 -9.20
CA GLU A 70 -3.28 14.88 -8.96
C GLU A 70 -3.67 14.58 -7.52
N TYR A 71 -3.17 13.47 -6.99
CA TYR A 71 -3.46 13.08 -5.62
C TYR A 71 -3.59 14.31 -4.72
N PRO A 72 -4.54 14.26 -3.78
CA PRO A 72 -5.44 13.10 -3.62
C PRO A 72 -6.42 12.96 -4.78
N HIS A 73 -6.76 14.08 -5.40
CA HIS A 73 -7.69 14.08 -6.52
C HIS A 73 -7.60 12.77 -7.30
N GLU A 74 -6.38 12.29 -7.50
CA GLU A 74 -6.17 11.04 -8.23
C GLU A 74 -5.75 9.93 -7.28
N VAL A 75 -6.38 8.77 -7.42
CA VAL A 75 -6.07 7.61 -6.58
C VAL A 75 -4.66 7.10 -6.85
N PRO A 76 -3.96 6.69 -5.78
CA PRO A 76 -2.60 6.17 -5.88
C PRO A 76 -2.55 4.80 -6.56
N GLN A 77 -1.66 4.67 -7.54
CA GLN A 77 -1.52 3.41 -8.27
C GLN A 77 -1.10 2.29 -7.33
N ILE A 78 -2.07 1.48 -6.92
CA ILE A 78 -1.81 0.36 -6.02
C ILE A 78 -1.29 -0.85 -6.79
N SER A 79 -0.23 -1.46 -6.28
CA SER A 79 0.36 -2.63 -6.93
C SER A 79 1.10 -3.49 -5.91
N ILE A 80 0.95 -4.81 -6.03
CA ILE A 80 1.61 -5.74 -5.12
C ILE A 80 3.02 -6.07 -5.60
N ARG A 81 3.97 -6.05 -4.67
CA ARG A 81 5.36 -6.34 -4.99
C ARG A 81 5.88 -7.51 -4.14
N ASN A 82 6.46 -8.49 -4.81
CA ASN A 82 7.00 -9.66 -4.11
C ASN A 82 5.90 -10.44 -3.41
N PRO A 83 4.82 -10.74 -4.15
CA PRO A 83 3.68 -11.47 -3.61
C PRO A 83 4.00 -12.93 -3.33
N ARG A 84 4.10 -13.28 -2.05
CA ARG A 84 4.42 -14.64 -1.65
C ARG A 84 3.25 -15.27 -0.89
N GLY A 85 3.03 -16.56 -1.11
CA GLY A 85 1.95 -17.26 -0.45
C GLY A 85 0.61 -17.00 -1.10
N LEU A 86 0.33 -15.74 -1.38
CA LEU A 86 -0.94 -15.35 -2.02
C LEU A 86 -0.98 -15.81 -3.47
N SER A 87 -2.13 -16.32 -3.89
CA SER A 87 -2.30 -16.79 -5.26
C SER A 87 -2.87 -15.69 -6.15
N ASP A 88 -2.71 -15.85 -7.46
CA ASP A 88 -3.22 -14.88 -8.42
C ASP A 88 -4.63 -14.43 -8.05
N GLU A 89 -5.50 -15.39 -7.79
CA GLU A 89 -6.88 -15.10 -7.43
C GLU A 89 -6.94 -14.22 -6.19
N GLN A 90 -6.34 -14.70 -5.10
CA GLN A 90 -6.33 -13.95 -3.85
C GLN A 90 -5.82 -12.53 -4.06
N ILE A 91 -4.71 -12.40 -4.78
CA ILE A 91 -4.13 -11.10 -5.05
C ILE A 91 -5.16 -10.15 -5.67
N HIS A 92 -5.74 -10.59 -6.78
CA HIS A 92 -6.75 -9.78 -7.48
C HIS A 92 -7.64 -9.06 -6.48
N THR A 93 -8.17 -9.80 -5.51
CA THR A 93 -9.04 -9.23 -4.49
C THR A 93 -8.36 -8.09 -3.75
N ILE A 94 -7.22 -8.40 -3.13
CA ILE A 94 -6.47 -7.41 -2.38
C ILE A 94 -6.49 -6.05 -3.09
N LEU A 95 -6.19 -6.07 -4.39
CA LEU A 95 -6.17 -4.85 -5.18
C LEU A 95 -7.56 -4.23 -5.25
N GLN A 96 -8.53 -4.98 -5.75
CA GLN A 96 -9.90 -4.50 -5.87
C GLN A 96 -10.27 -3.63 -4.67
N VAL A 97 -10.12 -4.18 -3.47
CA VAL A 97 -10.45 -3.45 -2.25
C VAL A 97 -9.62 -2.18 -2.14
N LEU A 98 -8.33 -2.35 -1.82
CA LEU A 98 -7.43 -1.21 -1.68
C LEU A 98 -7.79 -0.10 -2.67
N GLY A 99 -8.08 -0.49 -3.91
CA GLY A 99 -8.44 0.48 -4.93
C GLY A 99 -9.75 1.18 -4.62
N HIS A 100 -10.75 0.40 -4.25
CA HIS A 100 -12.06 0.96 -3.93
C HIS A 100 -11.96 2.00 -2.82
N VAL A 101 -11.16 1.70 -1.80
CA VAL A 101 -10.98 2.61 -0.68
C VAL A 101 -10.50 3.97 -1.15
N ALA A 102 -9.52 3.97 -2.04
CA ALA A 102 -8.97 5.21 -2.58
C ALA A 102 -10.04 6.03 -3.29
N LYS A 103 -10.66 5.43 -4.30
CA LYS A 103 -11.71 6.11 -5.06
C LYS A 103 -12.75 6.71 -4.13
N ALA A 104 -13.14 5.94 -3.10
CA ALA A 104 -14.12 6.41 -2.14
C ALA A 104 -13.52 7.43 -1.19
N GLY A 105 -12.19 7.43 -1.07
CA GLY A 105 -11.52 8.37 -0.20
C GLY A 105 -10.72 9.40 -0.96
N LEU A 106 -11.29 9.92 -2.02
CA LEU A 106 -10.62 10.94 -2.84
C LEU A 106 -10.65 12.29 -2.16
N GLY A 107 -9.75 13.18 -2.58
CA GLY A 107 -9.68 14.50 -2.00
C GLY A 107 -9.30 14.48 -0.53
N THR A 108 -8.87 13.32 -0.06
CA THR A 108 -8.48 13.16 1.35
C THR A 108 -7.26 12.25 1.47
N ALA A 109 -6.82 12.03 2.71
CA ALA A 109 -5.68 11.17 2.97
C ALA A 109 -6.08 9.70 2.99
N MET A 110 -5.90 9.03 1.85
CA MET A 110 -6.25 7.61 1.75
C MET A 110 -5.04 6.74 2.04
N LEU A 111 -3.86 7.26 1.77
CA LEU A 111 -2.62 6.51 2.01
C LEU A 111 -2.74 5.64 3.25
N TYR A 112 -2.80 6.28 4.41
CA TYR A 112 -2.92 5.56 5.67
C TYR A 112 -4.00 4.49 5.59
N GLU A 113 -5.20 4.90 5.19
CA GLU A 113 -6.32 3.98 5.07
C GLU A 113 -5.92 2.74 4.26
N LEU A 114 -5.64 2.95 2.99
CA LEU A 114 -5.25 1.86 2.10
C LEU A 114 -4.36 0.86 2.84
N ILE A 115 -3.46 1.37 3.67
CA ILE A 115 -2.55 0.53 4.43
C ILE A 115 -3.29 -0.25 5.51
N GLU A 116 -3.72 0.46 6.55
CA GLU A 116 -4.45 -0.17 7.65
C GLU A 116 -5.46 -1.19 7.12
N LYS A 117 -6.05 -0.89 5.97
CA LYS A 117 -7.03 -1.78 5.35
C LYS A 117 -6.41 -3.13 5.03
N GLY A 118 -5.41 -3.13 4.15
CA GLY A 118 -4.75 -4.36 3.77
C GLY A 118 -4.52 -5.28 4.95
N LYS A 119 -3.96 -4.74 6.02
CA LYS A 119 -3.68 -5.52 7.22
C LYS A 119 -4.82 -6.51 7.49
N GLU A 120 -6.05 -6.02 7.43
CA GLU A 120 -7.22 -6.86 7.68
C GLU A 120 -7.37 -7.91 6.57
N ILE A 121 -7.35 -7.45 5.33
CA ILE A 121 -7.48 -8.35 4.19
C ILE A 121 -6.71 -9.64 4.40
N LEU A 122 -5.41 -9.52 4.59
CA LEU A 122 -4.55 -10.68 4.82
C LEU A 122 -4.96 -11.42 6.09
N THR A 123 -5.08 -10.67 7.19
CA THR A 123 -5.48 -11.25 8.47
C THR A 123 -6.50 -12.37 8.28
N ASP A 124 -7.44 -12.15 7.38
CA ASP A 124 -8.48 -13.13 7.10
C ASP A 124 -7.92 -14.29 6.27
N ASN A 125 -7.16 -13.95 5.23
CA ASN A 125 -6.57 -14.96 4.36
C ASN A 125 -5.09 -15.15 4.66
N ASN A 126 -4.76 -15.23 5.95
CA ASN A 126 -3.38 -15.41 6.38
C ASN A 126 -3.02 -16.89 6.45
N ILE A 127 -3.98 -17.70 6.88
CA ILE A 127 -3.76 -19.14 6.99
C ILE A 127 -3.13 -19.71 5.73
N PRO A 128 -2.08 -20.53 5.90
CA PRO A 128 -1.37 -21.15 4.79
C PRO A 128 -2.20 -22.22 4.08
N HIS A 129 -1.83 -22.54 2.85
CA HIS A 129 -2.55 -23.55 2.07
C HIS A 129 -1.58 -24.55 1.47
N GLY A 130 -0.54 -24.04 0.81
CA GLY A 130 0.44 -24.92 0.19
C GLY A 130 0.14 -25.17 -1.27
N GLN A 131 -1.07 -25.64 -1.55
CA GLN A 131 -1.48 -25.94 -2.92
C GLN A 131 -1.00 -24.85 -3.87
N SER A 132 -1.23 -23.60 -3.50
CA SER A 132 -0.83 -22.46 -4.32
C SER A 132 0.50 -22.74 -5.01
N GLY A 133 1.46 -23.25 -4.25
CA GLY A 133 2.77 -23.55 -4.81
C GLY A 133 2.68 -24.13 -6.20
N PRO A 134 3.52 -23.62 -7.11
CA PRO A 134 3.56 -24.08 -8.50
C PRO A 134 4.13 -25.49 -8.63
N SER A 135 4.41 -26.12 -7.49
CA SER A 135 4.96 -27.47 -7.48
C SER A 135 4.51 -28.25 -8.71
N SER A 136 5.47 -28.59 -9.56
CA SER A 136 5.18 -29.34 -10.78
C SER A 136 5.83 -30.72 -10.74
N GLY A 137 5.36 -31.61 -11.61
CA GLY A 137 5.92 -32.95 -11.67
C GLY A 137 5.04 -33.91 -12.45
N GLY A 1 -3.40 7.30 -18.88
CA GLY A 1 -2.98 8.68 -18.62
C GLY A 1 -1.48 8.83 -18.61
N SER A 2 -0.88 8.72 -17.42
CA SER A 2 0.57 8.86 -17.27
C SER A 2 1.01 10.28 -17.61
N SER A 3 0.24 11.26 -17.14
CA SER A 3 0.56 12.65 -17.40
C SER A 3 0.31 13.50 -16.16
N GLY A 4 1.09 14.58 -16.02
CA GLY A 4 0.93 15.46 -14.87
C GLY A 4 1.01 16.92 -15.24
N SER A 5 2.09 17.58 -14.84
CA SER A 5 2.29 19.00 -15.13
C SER A 5 1.30 19.85 -14.34
N SER A 6 1.09 19.49 -13.08
CA SER A 6 0.17 20.22 -12.22
C SER A 6 0.74 20.39 -10.82
N GLY A 7 0.22 21.38 -10.09
CA GLY A 7 0.70 21.63 -8.74
C GLY A 7 -0.06 22.74 -8.07
N GLU A 8 -0.04 22.75 -6.73
CA GLU A 8 -0.73 23.77 -5.95
C GLU A 8 0.07 24.15 -4.71
N GLU A 9 -0.35 25.24 -4.07
CA GLU A 9 0.34 25.71 -2.87
C GLU A 9 0.10 24.76 -1.70
N ASP A 10 -1.08 24.18 -1.65
CA ASP A 10 -1.44 23.25 -0.58
C ASP A 10 -1.44 21.82 -1.09
N TRP A 11 -1.31 20.86 -0.17
CA TRP A 11 -1.30 19.46 -0.52
C TRP A 11 -1.41 18.58 0.72
N VAL A 12 -2.37 17.65 0.69
CA VAL A 12 -2.58 16.74 1.81
C VAL A 12 -1.66 15.53 1.73
N LEU A 13 -1.12 15.29 0.54
CA LEU A 13 -0.22 14.16 0.32
C LEU A 13 0.88 14.13 1.37
N PRO A 14 1.54 15.28 1.59
CA PRO A 14 2.61 15.42 2.57
C PRO A 14 2.11 15.33 4.00
N SER A 15 1.09 16.12 4.31
CA SER A 15 0.52 16.14 5.65
C SER A 15 0.23 14.73 6.14
N GLU A 16 -0.20 13.87 5.22
CA GLU A 16 -0.50 12.48 5.56
C GLU A 16 0.78 11.68 5.82
N VAL A 17 1.80 11.93 5.00
CA VAL A 17 3.08 11.24 5.14
C VAL A 17 3.72 11.55 6.49
N GLU A 18 3.67 12.82 6.89
CA GLU A 18 4.25 13.24 8.16
C GLU A 18 3.80 12.32 9.29
N VAL A 19 2.49 12.12 9.40
CA VAL A 19 1.92 11.26 10.44
C VAL A 19 2.37 9.82 10.26
N LEU A 20 2.24 9.31 9.04
CA LEU A 20 2.63 7.94 8.73
C LEU A 20 4.05 7.66 9.19
N GLU A 21 5.01 8.41 8.63
CA GLU A 21 6.42 8.25 8.99
C GLU A 21 6.57 8.03 10.49
N SER A 22 5.73 8.70 11.28
CA SER A 22 5.79 8.57 12.73
C SER A 22 5.37 7.18 13.17
N ILE A 23 4.36 6.63 12.50
CA ILE A 23 3.88 5.29 12.82
C ILE A 23 4.66 4.22 12.09
N TYR A 24 4.69 4.31 10.77
CA TYR A 24 5.41 3.34 9.94
C TYR A 24 6.77 3.90 9.51
N LEU A 25 7.50 4.47 10.45
CA LEU A 25 8.81 5.04 10.17
C LEU A 25 9.65 4.09 9.31
N ASP A 26 9.72 2.83 9.74
CA ASP A 26 10.49 1.82 9.02
C ASP A 26 9.55 0.87 8.27
N GLU A 27 8.59 0.31 8.98
CA GLU A 27 7.64 -0.62 8.38
C GLU A 27 7.26 -0.17 6.97
N LEU A 28 7.34 1.13 6.73
CA LEU A 28 7.01 1.69 5.42
C LEU A 28 8.05 2.71 4.99
N GLN A 29 8.20 2.88 3.67
CA GLN A 29 9.16 3.82 3.12
C GLN A 29 8.48 4.81 2.18
N VAL A 30 9.09 5.98 2.01
CA VAL A 30 8.54 7.00 1.13
C VAL A 30 9.63 7.62 0.26
N ILE A 31 9.35 7.79 -1.02
CA ILE A 31 10.30 8.37 -1.96
C ILE A 31 9.75 9.64 -2.58
N LYS A 32 10.60 10.64 -2.73
CA LYS A 32 10.20 11.92 -3.31
C LYS A 32 10.70 12.03 -4.75
N GLY A 33 9.77 12.15 -5.69
CA GLY A 33 10.14 12.26 -7.09
C GLY A 33 10.72 10.98 -7.64
N ASN A 34 10.00 10.36 -8.58
CA ASN A 34 10.45 9.12 -9.19
C ASN A 34 9.50 8.69 -10.32
N GLY A 35 9.96 8.84 -11.55
CA GLY A 35 9.15 8.46 -12.69
C GLY A 35 8.92 9.62 -13.65
N ARG A 36 7.77 9.62 -14.33
CA ARG A 36 7.44 10.67 -15.28
C ARG A 36 6.85 11.88 -14.57
N THR A 37 5.73 11.66 -13.89
CA THR A 37 5.05 12.73 -13.17
C THR A 37 5.66 12.94 -11.79
N SER A 38 6.93 12.57 -11.65
CA SER A 38 7.63 12.70 -10.37
C SER A 38 6.73 12.31 -9.21
N PRO A 39 6.09 11.13 -9.32
CA PRO A 39 5.18 10.62 -8.29
C PRO A 39 5.94 10.20 -7.02
N TRP A 40 5.18 9.90 -5.98
CA TRP A 40 5.77 9.49 -4.71
C TRP A 40 5.69 7.97 -4.54
N GLU A 41 6.86 7.32 -4.50
CA GLU A 41 6.92 5.88 -4.34
C GLU A 41 7.02 5.50 -2.87
N ILE A 42 5.98 4.84 -2.35
CA ILE A 42 5.96 4.42 -0.96
C ILE A 42 5.75 2.92 -0.85
N TYR A 43 6.62 2.27 -0.08
CA TYR A 43 6.54 0.82 0.11
C TYR A 43 6.15 0.48 1.55
N ILE A 44 5.61 -0.72 1.75
CA ILE A 44 5.19 -1.16 3.07
C ILE A 44 4.97 -2.66 3.09
N THR A 45 5.58 -3.35 4.05
CA THR A 45 5.45 -4.79 4.18
C THR A 45 4.50 -5.14 5.33
N LEU A 46 3.28 -5.54 4.98
CA LEU A 46 2.29 -5.91 5.98
C LEU A 46 2.33 -7.41 6.26
N HIS A 47 1.97 -7.78 7.48
CA HIS A 47 1.97 -9.19 7.88
C HIS A 47 0.71 -9.52 8.68
N PRO A 48 0.18 -10.74 8.46
CA PRO A 48 -1.03 -11.21 9.15
C PRO A 48 -0.78 -11.46 10.64
N ALA A 49 -1.80 -11.98 11.31
CA ALA A 49 -1.70 -12.28 12.74
C ALA A 49 -2.38 -13.61 13.07
N THR A 50 -1.57 -14.63 13.32
CA THR A 50 -2.09 -15.95 13.65
C THR A 50 -1.49 -16.48 14.94
N ALA A 51 -2.20 -17.38 15.60
CA ALA A 51 -1.73 -17.96 16.85
C ALA A 51 -0.34 -18.58 16.69
N GLU A 52 0.44 -18.56 17.76
CA GLU A 52 1.79 -19.12 17.73
C GLU A 52 2.48 -18.79 16.41
N ASP A 53 2.16 -17.63 15.85
CA ASP A 53 2.76 -17.19 14.60
C ASP A 53 3.19 -15.73 14.68
N GLN A 54 2.37 -14.91 15.32
CA GLN A 54 2.66 -13.49 15.46
C GLN A 54 4.16 -13.26 15.61
N ASP A 55 4.80 -14.07 16.46
CA ASP A 55 6.24 -13.95 16.69
C ASP A 55 7.01 -13.99 15.36
N SER A 56 6.80 -15.06 14.60
CA SER A 56 7.48 -15.23 13.33
C SER A 56 6.64 -14.65 12.19
N GLN A 57 7.21 -14.64 10.99
CA GLN A 57 6.51 -14.11 9.82
C GLN A 57 6.94 -14.85 8.55
N TYR A 58 5.96 -15.27 7.77
CA TYR A 58 6.23 -15.99 6.53
C TYR A 58 5.66 -15.24 5.33
N VAL A 59 4.34 -15.14 5.27
CA VAL A 59 3.67 -14.45 4.17
C VAL A 59 3.75 -12.93 4.35
N CYS A 60 3.99 -12.23 3.26
CA CYS A 60 4.09 -10.78 3.29
C CYS A 60 4.04 -10.19 1.88
N PHE A 61 3.23 -9.15 1.70
CA PHE A 61 3.09 -8.51 0.40
C PHE A 61 3.50 -7.04 0.47
N THR A 62 4.56 -6.69 -0.26
CA THR A 62 5.05 -5.32 -0.27
C THR A 62 4.07 -4.39 -0.97
N LEU A 63 3.05 -3.96 -0.26
CA LEU A 63 2.04 -3.06 -0.81
C LEU A 63 2.70 -1.81 -1.39
N VAL A 64 2.83 -1.77 -2.72
CA VAL A 64 3.44 -0.64 -3.40
C VAL A 64 2.43 0.49 -3.58
N LEU A 65 2.51 1.50 -2.72
CA LEU A 65 1.61 2.65 -2.80
C LEU A 65 2.18 3.75 -3.68
N GLN A 66 1.66 3.84 -4.91
CA GLN A 66 2.13 4.85 -5.85
C GLN A 66 1.19 6.05 -5.87
N VAL A 67 1.69 7.18 -5.39
CA VAL A 67 0.90 8.41 -5.36
C VAL A 67 1.30 9.36 -6.47
N PRO A 68 0.40 9.54 -7.45
CA PRO A 68 0.64 10.42 -8.60
C PRO A 68 0.64 11.90 -8.21
N ALA A 69 0.76 12.77 -9.20
CA ALA A 69 0.76 14.21 -8.94
C ALA A 69 -0.65 14.72 -8.70
N GLU A 70 -1.61 14.21 -9.46
CA GLU A 70 -3.00 14.62 -9.32
C GLU A 70 -3.48 14.43 -7.89
N TYR A 71 -3.04 13.34 -7.27
CA TYR A 71 -3.43 13.03 -5.90
C TYR A 71 -3.52 14.30 -5.05
N PRO A 72 -4.49 14.33 -4.14
CA PRO A 72 -5.45 13.23 -3.95
C PRO A 72 -6.41 13.09 -5.14
N HIS A 73 -6.67 14.21 -5.81
CA HIS A 73 -7.57 14.21 -6.96
C HIS A 73 -7.57 12.85 -7.66
N GLU A 74 -6.38 12.27 -7.80
CA GLU A 74 -6.23 10.97 -8.44
C GLU A 74 -5.82 9.91 -7.44
N VAL A 75 -6.37 8.70 -7.60
CA VAL A 75 -6.06 7.59 -6.71
C VAL A 75 -4.72 6.96 -7.06
N PRO A 76 -3.97 6.57 -6.02
CA PRO A 76 -2.64 5.96 -6.19
C PRO A 76 -2.74 4.55 -6.77
N GLN A 77 -1.74 4.17 -7.56
CA GLN A 77 -1.72 2.86 -8.19
C GLN A 77 -1.17 1.81 -7.23
N ILE A 78 -2.06 0.99 -6.70
CA ILE A 78 -1.67 -0.06 -5.76
C ILE A 78 -1.30 -1.35 -6.49
N SER A 79 -0.12 -1.88 -6.18
CA SER A 79 0.35 -3.11 -6.82
C SER A 79 1.05 -4.01 -5.80
N ILE A 80 0.90 -5.32 -5.99
CA ILE A 80 1.52 -6.28 -5.09
C ILE A 80 2.88 -6.72 -5.61
N ARG A 81 3.92 -6.49 -4.81
CA ARG A 81 5.27 -6.86 -5.19
C ARG A 81 5.80 -7.98 -4.30
N ASN A 82 6.81 -8.70 -4.79
CA ASN A 82 7.41 -9.80 -4.04
C ASN A 82 6.33 -10.58 -3.28
N PRO A 83 5.29 -11.01 -4.01
CA PRO A 83 4.18 -11.77 -3.43
C PRO A 83 4.60 -13.18 -3.02
N ARG A 84 4.59 -13.45 -1.72
CA ARG A 84 4.97 -14.76 -1.20
C ARG A 84 3.74 -15.52 -0.72
N GLY A 85 3.54 -16.72 -1.27
CA GLY A 85 2.40 -17.53 -0.88
C GLY A 85 1.11 -17.09 -1.54
N LEU A 86 0.89 -15.77 -1.57
CA LEU A 86 -0.31 -15.22 -2.18
C LEU A 86 -0.41 -15.61 -3.65
N SER A 87 -1.63 -15.80 -4.14
CA SER A 87 -1.86 -16.18 -5.52
C SER A 87 -2.53 -15.05 -6.29
N ASP A 88 -2.36 -15.04 -7.60
CA ASP A 88 -2.96 -14.02 -8.46
C ASP A 88 -4.38 -13.71 -8.02
N GLU A 89 -5.16 -14.74 -7.75
CA GLU A 89 -6.54 -14.58 -7.32
C GLU A 89 -6.63 -13.66 -6.11
N GLN A 90 -6.04 -14.08 -5.01
CA GLN A 90 -6.05 -13.29 -3.78
C GLN A 90 -5.57 -11.86 -4.05
N ILE A 91 -4.49 -11.74 -4.81
CA ILE A 91 -3.94 -10.43 -5.14
C ILE A 91 -5.00 -9.53 -5.76
N HIS A 92 -5.79 -10.07 -6.67
CA HIS A 92 -6.86 -9.32 -7.33
C HIS A 92 -7.73 -8.61 -6.30
N THR A 93 -8.18 -9.35 -5.30
CA THR A 93 -9.03 -8.80 -4.25
C THR A 93 -8.29 -7.73 -3.46
N ILE A 94 -7.17 -8.12 -2.85
CA ILE A 94 -6.37 -7.19 -2.05
C ILE A 94 -6.35 -5.80 -2.70
N LEU A 95 -5.94 -5.74 -3.96
CA LEU A 95 -5.86 -4.48 -4.68
C LEU A 95 -7.25 -3.82 -4.76
N GLN A 96 -8.18 -4.51 -5.42
CA GLN A 96 -9.54 -3.99 -5.56
C GLN A 96 -9.99 -3.27 -4.30
N VAL A 97 -9.90 -3.96 -3.17
CA VAL A 97 -10.30 -3.38 -1.89
C VAL A 97 -9.55 -2.08 -1.62
N LEU A 98 -8.24 -2.19 -1.45
CA LEU A 98 -7.41 -1.02 -1.19
C LEU A 98 -7.80 0.16 -2.08
N GLY A 99 -7.99 -0.14 -3.37
CA GLY A 99 -8.37 0.89 -4.31
C GLY A 99 -9.69 1.55 -3.96
N HIS A 100 -10.70 0.73 -3.68
CA HIS A 100 -12.01 1.24 -3.33
C HIS A 100 -11.91 2.31 -2.25
N VAL A 101 -11.10 2.03 -1.22
CA VAL A 101 -10.92 2.97 -0.12
C VAL A 101 -10.38 4.31 -0.63
N ALA A 102 -9.44 4.26 -1.56
CA ALA A 102 -8.86 5.46 -2.12
C ALA A 102 -9.91 6.29 -2.87
N LYS A 103 -10.48 5.70 -3.91
CA LYS A 103 -11.49 6.37 -4.71
C LYS A 103 -12.56 7.00 -3.82
N ALA A 104 -12.97 6.25 -2.79
CA ALA A 104 -13.99 6.73 -1.87
C ALA A 104 -13.48 7.93 -1.06
N GLY A 105 -12.16 7.97 -0.86
CA GLY A 105 -11.57 9.06 -0.11
C GLY A 105 -10.75 10.00 -0.97
N LEU A 106 -11.30 10.35 -2.13
CA LEU A 106 -10.61 11.25 -3.06
C LEU A 106 -10.60 12.68 -2.54
N GLY A 107 -9.74 13.51 -3.12
CA GLY A 107 -9.65 14.90 -2.70
C GLY A 107 -9.32 15.03 -1.22
N THR A 108 -8.92 13.93 -0.61
CA THR A 108 -8.58 13.92 0.81
C THR A 108 -7.50 12.88 1.12
N ALA A 109 -7.08 12.81 2.38
CA ALA A 109 -6.06 11.86 2.80
C ALA A 109 -6.60 10.44 2.76
N MET A 110 -5.86 9.56 2.10
CA MET A 110 -6.26 8.16 1.99
C MET A 110 -5.07 7.23 2.26
N LEU A 111 -3.89 7.64 1.82
CA LEU A 111 -2.69 6.85 2.00
C LEU A 111 -2.76 6.04 3.30
N TYR A 112 -2.95 6.74 4.41
CA TYR A 112 -3.05 6.08 5.71
C TYR A 112 -4.08 4.96 5.69
N GLU A 113 -5.30 5.29 5.26
CA GLU A 113 -6.38 4.32 5.19
C GLU A 113 -5.98 3.12 4.33
N LEU A 114 -5.66 3.39 3.08
CA LEU A 114 -5.26 2.33 2.15
C LEU A 114 -4.42 1.28 2.86
N ILE A 115 -3.43 1.73 3.62
CA ILE A 115 -2.55 0.83 4.36
C ILE A 115 -3.34 -0.01 5.36
N GLU A 116 -3.97 0.68 6.31
CA GLU A 116 -4.76 -0.01 7.34
C GLU A 116 -5.57 -1.16 6.73
N LYS A 117 -6.22 -0.88 5.60
CA LYS A 117 -7.02 -1.89 4.93
C LYS A 117 -6.17 -3.13 4.61
N GLY A 118 -5.11 -2.93 3.85
CA GLY A 118 -4.24 -4.05 3.49
C GLY A 118 -4.04 -5.02 4.62
N LYS A 119 -3.73 -4.50 5.81
CA LYS A 119 -3.51 -5.32 6.99
C LYS A 119 -4.71 -6.22 7.25
N GLU A 120 -5.87 -5.60 7.46
CA GLU A 120 -7.09 -6.35 7.72
C GLU A 120 -7.35 -7.38 6.62
N ILE A 121 -7.38 -6.91 5.39
CA ILE A 121 -7.62 -7.78 4.24
C ILE A 121 -6.92 -9.12 4.42
N LEU A 122 -5.59 -9.09 4.49
CA LEU A 122 -4.80 -10.30 4.67
C LEU A 122 -5.28 -11.10 5.87
N THR A 123 -5.43 -10.41 7.00
CA THR A 123 -5.89 -11.05 8.23
C THR A 123 -6.94 -12.12 7.94
N ASP A 124 -7.81 -11.85 6.98
CA ASP A 124 -8.86 -12.79 6.60
C ASP A 124 -8.28 -13.96 5.82
N ASN A 125 -7.52 -13.65 4.78
CA ASN A 125 -6.91 -14.68 3.94
C ASN A 125 -5.40 -14.78 4.23
N ASN A 126 -5.07 -15.42 5.35
CA ASN A 126 -3.67 -15.59 5.74
C ASN A 126 -3.20 -17.01 5.47
N ILE A 127 -3.99 -17.99 5.92
CA ILE A 127 -3.65 -19.39 5.72
C ILE A 127 -2.98 -19.61 4.37
N PRO A 128 -1.84 -20.32 4.38
CA PRO A 128 -1.08 -20.62 3.17
C PRO A 128 -1.79 -21.61 2.26
N HIS A 129 -2.74 -22.35 2.83
CA HIS A 129 -3.51 -23.33 2.07
C HIS A 129 -3.71 -22.87 0.63
N GLY A 130 -3.04 -23.53 -0.30
CA GLY A 130 -3.16 -23.17 -1.70
C GLY A 130 -2.55 -24.20 -2.62
N GLN A 131 -2.27 -23.81 -3.87
CA GLN A 131 -1.68 -24.71 -4.84
C GLN A 131 -0.22 -25.00 -4.51
N SER A 132 0.58 -23.94 -4.43
CA SER A 132 2.00 -24.08 -4.12
C SER A 132 2.22 -25.09 -3.00
N GLY A 133 3.25 -25.92 -3.14
CA GLY A 133 3.55 -26.92 -2.14
C GLY A 133 3.34 -28.33 -2.65
N PRO A 134 4.34 -28.87 -3.35
CA PRO A 134 4.28 -30.23 -3.90
C PRO A 134 4.33 -31.30 -2.82
N SER A 135 4.99 -30.98 -1.71
CA SER A 135 5.12 -31.91 -0.60
C SER A 135 5.78 -33.22 -1.05
N SER A 136 6.81 -33.08 -1.88
CA SER A 136 7.54 -34.24 -2.39
C SER A 136 8.21 -35.00 -1.26
N GLY A 137 7.62 -36.13 -0.88
CA GLY A 137 8.18 -36.95 0.19
C GLY A 137 7.58 -38.34 0.24
N GLY A 1 10.29 17.02 -20.36
CA GLY A 1 10.00 16.47 -19.05
C GLY A 1 9.32 17.47 -18.14
N SER A 2 8.64 16.96 -17.11
CA SER A 2 7.94 17.82 -16.17
C SER A 2 8.28 17.45 -14.73
N SER A 3 8.95 18.35 -14.03
CA SER A 3 9.34 18.12 -12.65
C SER A 3 8.80 19.22 -11.74
N GLY A 4 7.57 19.06 -11.30
CA GLY A 4 6.95 20.05 -10.43
C GLY A 4 7.36 21.46 -10.77
N SER A 5 7.05 21.88 -11.99
CA SER A 5 7.39 23.22 -12.45
C SER A 5 6.36 24.24 -11.97
N SER A 6 5.10 24.01 -12.34
CA SER A 6 4.02 24.91 -11.95
C SER A 6 4.03 25.16 -10.45
N GLY A 7 4.01 24.08 -9.68
CA GLY A 7 4.01 24.21 -8.23
C GLY A 7 2.63 24.38 -7.66
N GLU A 8 2.43 23.93 -6.42
CA GLU A 8 1.15 24.03 -5.75
C GLU A 8 1.27 24.80 -4.45
N GLU A 9 0.13 25.16 -3.86
CA GLU A 9 0.11 25.90 -2.61
C GLU A 9 -0.13 24.96 -1.43
N ASP A 10 -1.23 24.23 -1.48
CA ASP A 10 -1.56 23.29 -0.41
C ASP A 10 -1.44 21.85 -0.90
N TRP A 11 -1.27 20.92 0.05
CA TRP A 11 -1.14 19.51 -0.29
C TRP A 11 -1.22 18.64 0.96
N VAL A 12 -2.23 17.78 1.01
CA VAL A 12 -2.43 16.89 2.14
C VAL A 12 -1.56 15.65 2.03
N LEU A 13 -1.22 15.28 0.80
CA LEU A 13 -0.38 14.10 0.56
C LEU A 13 0.80 14.07 1.51
N PRO A 14 1.52 15.21 1.62
CA PRO A 14 2.68 15.33 2.50
C PRO A 14 2.30 15.33 3.97
N SER A 15 1.32 16.17 4.33
CA SER A 15 0.87 16.26 5.71
C SER A 15 0.74 14.89 6.34
N GLU A 16 0.12 13.96 5.60
CA GLU A 16 -0.08 12.60 6.09
C GLU A 16 1.27 11.91 6.30
N VAL A 17 2.11 11.94 5.26
CA VAL A 17 3.42 11.31 5.33
C VAL A 17 4.13 11.64 6.64
N GLU A 18 3.99 12.89 7.08
CA GLU A 18 4.62 13.33 8.32
C GLU A 18 4.30 12.37 9.46
N VAL A 19 3.01 12.09 9.65
CA VAL A 19 2.59 11.18 10.71
C VAL A 19 2.91 9.74 10.37
N LEU A 20 2.95 9.44 9.07
CA LEU A 20 3.25 8.08 8.61
C LEU A 20 4.72 7.74 8.85
N GLU A 21 5.57 8.76 8.80
CA GLU A 21 7.00 8.57 9.02
C GLU A 21 7.31 8.33 10.49
N SER A 22 6.56 9.01 11.36
CA SER A 22 6.75 8.86 12.80
C SER A 22 6.32 7.47 13.27
N ILE A 23 5.24 6.97 12.69
CA ILE A 23 4.73 5.66 13.05
C ILE A 23 5.41 4.56 12.25
N TYR A 24 5.45 4.74 10.92
CA TYR A 24 6.09 3.76 10.04
C TYR A 24 7.40 4.29 9.50
N LEU A 25 8.24 4.84 10.38
CA LEU A 25 9.53 5.38 9.98
C LEU A 25 10.27 4.41 9.08
N ASP A 26 10.27 3.14 9.46
CA ASP A 26 10.95 2.10 8.69
C ASP A 26 9.94 1.14 8.07
N GLU A 27 9.02 0.66 8.90
CA GLU A 27 8.00 -0.27 8.44
C GLU A 27 7.47 0.12 7.06
N LEU A 28 7.59 1.41 6.73
CA LEU A 28 7.14 1.92 5.44
C LEU A 28 8.16 2.89 4.85
N GLN A 29 8.27 2.89 3.53
CA GLN A 29 9.19 3.78 2.84
C GLN A 29 8.45 4.82 2.00
N VAL A 30 9.06 5.99 1.83
CA VAL A 30 8.46 7.06 1.06
C VAL A 30 9.47 7.69 0.11
N ILE A 31 9.01 7.99 -1.10
CA ILE A 31 9.89 8.60 -2.11
C ILE A 31 9.36 9.97 -2.53
N LYS A 32 10.28 10.89 -2.84
CA LYS A 32 9.90 12.23 -3.26
C LYS A 32 10.38 12.50 -4.69
N GLY A 33 9.43 12.67 -5.59
CA GLY A 33 9.75 12.94 -6.98
C GLY A 33 10.39 11.74 -7.66
N ASN A 34 9.63 11.09 -8.53
CA ASN A 34 10.12 9.92 -9.25
C ASN A 34 10.64 10.31 -10.63
N GLY A 35 9.84 11.08 -11.37
CA GLY A 35 10.23 11.51 -12.69
C GLY A 35 9.09 12.15 -13.46
N ARG A 36 8.36 11.33 -14.20
CA ARG A 36 7.24 11.83 -14.99
C ARG A 36 6.60 13.05 -14.33
N THR A 37 5.87 12.81 -13.24
CA THR A 37 5.22 13.89 -12.51
C THR A 37 5.79 14.04 -11.10
N SER A 38 7.03 13.62 -10.93
CA SER A 38 7.69 13.69 -9.63
C SER A 38 6.74 13.26 -8.51
N PRO A 39 6.06 12.12 -8.73
CA PRO A 39 5.12 11.57 -7.75
C PRO A 39 5.81 11.04 -6.49
N TRP A 40 5.01 10.60 -5.53
CA TRP A 40 5.55 10.07 -4.28
C TRP A 40 5.32 8.57 -4.18
N GLU A 41 6.40 7.80 -4.26
CA GLU A 41 6.31 6.34 -4.18
C GLU A 41 6.47 5.88 -2.75
N ILE A 42 5.42 5.27 -2.20
CA ILE A 42 5.45 4.77 -0.83
C ILE A 42 5.26 3.25 -0.80
N TYR A 43 6.05 2.58 0.02
CA TYR A 43 5.97 1.13 0.15
C TYR A 43 5.67 0.73 1.59
N ILE A 44 5.36 -0.56 1.79
CA ILE A 44 5.06 -1.07 3.12
C ILE A 44 4.94 -2.59 3.10
N THR A 45 5.23 -3.21 4.25
CA THR A 45 5.16 -4.66 4.36
C THR A 45 4.09 -5.07 5.38
N LEU A 46 2.91 -5.40 4.88
CA LEU A 46 1.80 -5.82 5.74
C LEU A 46 2.05 -7.20 6.32
N HIS A 47 1.70 -7.39 7.58
CA HIS A 47 1.89 -8.67 8.25
C HIS A 47 0.67 -9.03 9.09
N PRO A 48 0.20 -10.28 8.96
CA PRO A 48 -0.96 -10.78 9.70
C PRO A 48 -0.68 -10.93 11.18
N ALA A 49 -1.64 -11.52 11.90
CA ALA A 49 -1.49 -11.73 13.33
C ALA A 49 -1.63 -13.21 13.69
N THR A 50 -0.50 -13.89 13.84
CA THR A 50 -0.50 -15.31 14.18
C THR A 50 -0.66 -15.52 15.68
N ALA A 51 -1.13 -16.70 16.06
CA ALA A 51 -1.32 -17.03 17.48
C ALA A 51 -0.79 -18.41 17.79
N GLU A 52 0.52 -18.50 18.06
CA GLU A 52 1.14 -19.78 18.38
C GLU A 52 0.64 -20.88 17.45
N ASP A 53 0.19 -20.48 16.27
CA ASP A 53 -0.32 -21.44 15.29
C ASP A 53 0.54 -21.43 14.03
N GLN A 54 0.96 -20.25 13.61
CA GLN A 54 1.79 -20.11 12.41
C GLN A 54 2.67 -18.86 12.51
N ASP A 55 3.39 -18.58 11.43
CA ASP A 55 4.27 -17.41 11.39
C ASP A 55 3.75 -16.38 10.39
N SER A 56 4.14 -15.12 10.60
CA SER A 56 3.71 -14.04 9.72
C SER A 56 4.70 -13.86 8.56
N GLN A 57 5.98 -13.85 8.89
CA GLN A 57 7.03 -13.67 7.89
C GLN A 57 6.74 -14.54 6.66
N TYR A 58 6.00 -15.62 6.86
CA TYR A 58 5.66 -16.53 5.77
C TYR A 58 4.84 -15.81 4.70
N VAL A 59 3.76 -15.17 5.12
CA VAL A 59 2.89 -14.45 4.21
C VAL A 59 3.07 -12.94 4.35
N CYS A 60 3.41 -12.29 3.25
CA CYS A 60 3.62 -10.84 3.25
C CYS A 60 3.68 -10.29 1.83
N PHE A 61 3.00 -9.18 1.60
CA PHE A 61 2.98 -8.56 0.28
C PHE A 61 3.37 -7.09 0.36
N THR A 62 4.50 -6.74 -0.25
CA THR A 62 4.99 -5.36 -0.24
C THR A 62 3.99 -4.43 -0.92
N LEU A 63 3.01 -3.96 -0.17
CA LEU A 63 2.00 -3.05 -0.70
C LEU A 63 2.64 -1.80 -1.27
N VAL A 64 2.72 -1.73 -2.60
CA VAL A 64 3.31 -0.58 -3.28
C VAL A 64 2.25 0.45 -3.62
N LEU A 65 2.27 1.58 -2.90
CA LEU A 65 1.32 2.65 -3.12
C LEU A 65 1.99 3.85 -3.80
N GLN A 66 1.70 4.03 -5.07
CA GLN A 66 2.28 5.14 -5.84
C GLN A 66 1.32 6.33 -5.88
N VAL A 67 1.70 7.40 -5.20
CA VAL A 67 0.87 8.61 -5.16
C VAL A 67 1.29 9.60 -6.23
N PRO A 68 0.39 9.85 -7.18
CA PRO A 68 0.64 10.79 -8.29
C PRO A 68 0.69 12.24 -7.82
N ALA A 69 0.61 13.16 -8.77
CA ALA A 69 0.64 14.58 -8.45
C ALA A 69 -0.76 15.12 -8.18
N GLU A 70 -1.75 14.54 -8.85
CA GLU A 70 -3.14 14.97 -8.69
C GLU A 70 -3.62 14.69 -7.27
N TYR A 71 -3.24 13.53 -6.74
CA TYR A 71 -3.64 13.15 -5.38
C TYR A 71 -3.77 14.37 -4.48
N PRO A 72 -4.77 14.35 -3.59
CA PRO A 72 -5.69 13.21 -3.47
C PRO A 72 -6.63 13.11 -4.67
N HIS A 73 -6.92 14.25 -5.28
CA HIS A 73 -7.81 14.28 -6.45
C HIS A 73 -7.70 12.99 -7.25
N GLU A 74 -6.48 12.47 -7.36
CA GLU A 74 -6.23 11.24 -8.11
C GLU A 74 -5.81 10.11 -7.18
N VAL A 75 -6.43 8.95 -7.35
CA VAL A 75 -6.11 7.79 -6.52
C VAL A 75 -4.74 7.22 -6.87
N PRO A 76 -4.00 6.80 -5.83
CA PRO A 76 -2.66 6.23 -6.00
C PRO A 76 -2.68 4.86 -6.66
N GLN A 77 -1.73 4.62 -7.56
CA GLN A 77 -1.66 3.34 -8.26
C GLN A 77 -1.14 2.24 -7.34
N ILE A 78 -2.05 1.37 -6.91
CA ILE A 78 -1.69 0.27 -6.02
C ILE A 78 -1.16 -0.93 -6.82
N SER A 79 -0.09 -1.53 -6.32
CA SER A 79 0.50 -2.69 -6.98
C SER A 79 1.14 -3.63 -5.97
N ILE A 80 0.96 -4.93 -6.17
CA ILE A 80 1.51 -5.93 -5.27
C ILE A 80 2.88 -6.39 -5.74
N ARG A 81 3.85 -6.39 -4.83
CA ARG A 81 5.21 -6.80 -5.14
C ARG A 81 5.64 -7.98 -4.27
N ASN A 82 6.52 -8.81 -4.80
CA ASN A 82 7.02 -9.97 -4.06
C ASN A 82 5.92 -10.58 -3.21
N PRO A 83 4.77 -10.87 -3.84
CA PRO A 83 3.62 -11.46 -3.16
C PRO A 83 3.86 -12.90 -2.74
N ARG A 84 3.86 -13.15 -1.44
CA ARG A 84 4.09 -14.49 -0.91
C ARG A 84 2.90 -14.96 -0.08
N GLY A 85 2.78 -16.27 0.09
CA GLY A 85 1.69 -16.83 0.86
C GLY A 85 0.36 -16.79 0.11
N LEU A 86 0.07 -15.65 -0.50
CA LEU A 86 -1.18 -15.49 -1.25
C LEU A 86 -1.02 -16.03 -2.67
N SER A 87 -2.14 -16.16 -3.37
CA SER A 87 -2.13 -16.67 -4.74
C SER A 87 -2.63 -15.61 -5.72
N ASP A 88 -2.31 -15.79 -6.99
CA ASP A 88 -2.72 -14.85 -8.03
C ASP A 88 -4.15 -14.36 -7.78
N GLU A 89 -5.01 -15.27 -7.34
CA GLU A 89 -6.40 -14.92 -7.08
C GLU A 89 -6.51 -13.98 -5.89
N GLN A 90 -6.19 -14.49 -4.70
CA GLN A 90 -6.25 -13.69 -3.48
C GLN A 90 -5.63 -12.31 -3.71
N ILE A 91 -4.45 -12.29 -4.31
CA ILE A 91 -3.77 -11.03 -4.58
C ILE A 91 -4.66 -10.06 -5.35
N HIS A 92 -5.12 -10.50 -6.52
CA HIS A 92 -5.99 -9.68 -7.35
C HIS A 92 -7.01 -8.92 -6.50
N THR A 93 -7.82 -9.66 -5.76
CA THR A 93 -8.83 -9.06 -4.90
C THR A 93 -8.25 -7.94 -4.06
N ILE A 94 -7.20 -8.24 -3.32
CA ILE A 94 -6.54 -7.25 -2.47
C ILE A 94 -6.51 -5.88 -3.16
N LEU A 95 -5.94 -5.84 -4.35
CA LEU A 95 -5.85 -4.61 -5.12
C LEU A 95 -7.21 -3.94 -5.26
N GLN A 96 -8.15 -4.64 -5.89
CA GLN A 96 -9.49 -4.11 -6.09
C GLN A 96 -9.93 -3.30 -4.88
N VAL A 97 -10.05 -3.96 -3.73
CA VAL A 97 -10.47 -3.29 -2.50
C VAL A 97 -9.63 -2.05 -2.24
N LEU A 98 -8.34 -2.25 -1.99
CA LEU A 98 -7.43 -1.15 -1.72
C LEU A 98 -7.73 0.04 -2.63
N GLY A 99 -7.95 -0.25 -3.91
CA GLY A 99 -8.25 0.80 -4.86
C GLY A 99 -9.53 1.53 -4.53
N HIS A 100 -10.60 0.79 -4.25
CA HIS A 100 -11.89 1.37 -3.92
C HIS A 100 -11.75 2.38 -2.78
N VAL A 101 -11.00 2.00 -1.75
CA VAL A 101 -10.78 2.86 -0.59
C VAL A 101 -10.31 4.25 -1.03
N ALA A 102 -9.36 4.29 -1.96
CA ALA A 102 -8.82 5.55 -2.46
C ALA A 102 -9.92 6.38 -3.13
N LYS A 103 -10.55 5.81 -4.14
CA LYS A 103 -11.61 6.49 -4.87
C LYS A 103 -12.70 6.96 -3.91
N ALA A 104 -13.05 6.11 -2.95
CA ALA A 104 -14.08 6.45 -1.96
C ALA A 104 -13.58 7.51 -1.00
N GLY A 105 -12.26 7.61 -0.85
CA GLY A 105 -11.69 8.60 0.05
C GLY A 105 -10.91 9.67 -0.68
N LEU A 106 -11.45 10.11 -1.81
CA LEU A 106 -10.80 11.15 -2.62
C LEU A 106 -10.88 12.51 -1.91
N GLY A 107 -9.97 13.41 -2.27
CA GLY A 107 -9.95 14.73 -1.67
C GLY A 107 -9.27 14.75 -0.32
N THR A 108 -9.42 13.66 0.44
CA THR A 108 -8.81 13.56 1.76
C THR A 108 -7.67 12.55 1.75
N ALA A 109 -7.03 12.38 2.91
CA ALA A 109 -5.92 11.46 3.04
C ALA A 109 -6.41 10.01 3.04
N MET A 110 -5.95 9.24 2.05
CA MET A 110 -6.35 7.84 1.94
C MET A 110 -5.18 6.92 2.27
N LEU A 111 -3.96 7.36 1.94
CA LEU A 111 -2.77 6.57 2.20
C LEU A 111 -2.93 5.74 3.47
N TYR A 112 -2.95 6.41 4.62
CA TYR A 112 -3.10 5.73 5.89
C TYR A 112 -4.18 4.65 5.82
N GLU A 113 -5.34 5.03 5.29
CA GLU A 113 -6.46 4.09 5.16
C GLU A 113 -6.05 2.88 4.32
N LEU A 114 -5.65 3.13 3.08
CA LEU A 114 -5.24 2.07 2.18
C LEU A 114 -4.39 1.02 2.91
N ILE A 115 -3.35 1.50 3.59
CA ILE A 115 -2.47 0.60 4.33
C ILE A 115 -3.26 -0.31 5.26
N GLU A 116 -3.91 0.28 6.26
CA GLU A 116 -4.70 -0.47 7.22
C GLU A 116 -5.54 -1.53 6.51
N LYS A 117 -6.37 -1.09 5.57
CA LYS A 117 -7.22 -2.00 4.82
C LYS A 117 -6.51 -3.32 4.54
N GLY A 118 -5.37 -3.24 3.87
CA GLY A 118 -4.61 -4.44 3.55
C GLY A 118 -4.33 -5.28 4.78
N LYS A 119 -4.04 -4.62 5.90
CA LYS A 119 -3.75 -5.32 7.14
C LYS A 119 -4.92 -6.21 7.56
N GLU A 120 -6.14 -5.70 7.38
CA GLU A 120 -7.33 -6.45 7.73
C GLU A 120 -7.57 -7.58 6.75
N ILE A 121 -7.51 -7.26 5.46
CA ILE A 121 -7.73 -8.26 4.41
C ILE A 121 -6.90 -9.51 4.67
N LEU A 122 -5.58 -9.37 4.61
CA LEU A 122 -4.68 -10.50 4.84
C LEU A 122 -5.09 -11.28 6.08
N THR A 123 -5.20 -10.59 7.21
CA THR A 123 -5.59 -11.22 8.46
C THR A 123 -6.68 -12.28 8.23
N ASP A 124 -7.67 -11.92 7.43
CA ASP A 124 -8.76 -12.83 7.12
C ASP A 124 -8.27 -14.05 6.36
N ASN A 125 -7.56 -13.80 5.26
CA ASN A 125 -7.03 -14.87 4.43
C ASN A 125 -5.56 -15.12 4.75
N ASN A 126 -5.22 -15.06 6.03
CA ASN A 126 -3.84 -15.28 6.47
C ASN A 126 -3.43 -16.73 6.23
N ILE A 127 -4.34 -17.66 6.49
CA ILE A 127 -4.07 -19.08 6.30
C ILE A 127 -3.79 -19.39 4.84
N PRO A 128 -2.74 -20.21 4.60
CA PRO A 128 -2.35 -20.61 3.26
C PRO A 128 -3.35 -21.56 2.61
N HIS A 129 -4.00 -21.09 1.54
CA HIS A 129 -4.99 -21.90 0.84
C HIS A 129 -4.46 -22.30 -0.54
N GLY A 130 -4.79 -23.53 -0.95
CA GLY A 130 -4.34 -24.02 -2.23
C GLY A 130 -2.86 -24.32 -2.26
N GLN A 131 -2.50 -25.58 -2.05
CA GLN A 131 -1.10 -25.98 -2.04
C GLN A 131 -0.73 -26.66 -3.36
N SER A 132 0.39 -26.24 -3.94
CA SER A 132 0.85 -26.80 -5.21
C SER A 132 2.00 -27.78 -4.98
N GLY A 133 2.45 -28.43 -6.06
CA GLY A 133 3.52 -29.38 -5.95
C GLY A 133 4.21 -29.63 -7.28
N PRO A 134 5.52 -29.36 -7.33
CA PRO A 134 6.31 -29.54 -8.55
C PRO A 134 6.51 -31.01 -8.91
N SER A 135 5.90 -31.44 -10.00
CA SER A 135 6.00 -32.83 -10.45
C SER A 135 6.59 -32.91 -11.85
N SER A 136 7.92 -32.83 -11.94
CA SER A 136 8.60 -32.89 -13.23
C SER A 136 9.96 -33.55 -13.08
N GLY A 137 10.21 -34.58 -13.89
CA GLY A 137 11.48 -35.28 -13.84
C GLY A 137 11.53 -36.31 -12.72
#